data_6MKS
#
_entry.id   6MKS
#
_cell.length_a   1.0
_cell.length_b   1.0
_cell.length_c   1.0
_cell.angle_alpha   90.00
_cell.angle_beta   90.00
_cell.angle_gamma   90.00
#
_symmetry.space_group_name_H-M   'P 1'
#
_entity_poly.entity_id   1
_entity_poly.type   'polypeptide(L)'
_entity_poly.pdbx_seq_one_letter_code
;GTGMNFIKDNSRALIQRMGMTVIKQITDDLFVWNVLNREEVNIICCEKVEQDAARGIIHMILKKGSESCNLFLKSLKEWN
YPLFQDLNGQSLFHQTSEGKLMVSKGEELFTGVVPILVELDGDVNGHKFSVSGEGEGDATYGKLTLKFICTTGKLPVPWP
TLVTTLTYGVQCFSRYPDHMKQHDFFKSAMPEGYVQERTIFFKDDGNYKTRAEVKFEGDTLVNRIELKGIDFKEDGNILG
HKLEYNYNSHNVYIMADKQKNGIKANFKIRHNIEDGSVQLADHYQQNTPIGDGPVLLPDNHYLSTQSALSKDPNEKRDHM
VLLEFVTAAGITLEHHHHHH
;
_entity_poly.pdbx_strand_id   A,B,C,D,E,F,G,H,I,J,K,L,M,N,O,P,Q,R,S,T,U,V,W,X,Y,Z,a,b,c,d,e
#
# COMPACT_ATOMS: atom_id res chain seq x y z
N MET A 4 16.07 13.56 22.61
CA MET A 4 17.09 14.11 21.66
C MET A 4 16.49 15.14 20.73
N ASN A 5 17.28 16.18 20.50
CA ASN A 5 16.87 17.31 19.67
C ASN A 5 17.43 17.26 18.28
N PHE A 6 18.55 16.56 18.08
CA PHE A 6 19.18 16.51 16.76
C PHE A 6 18.26 15.88 15.75
N ILE A 7 17.60 14.78 16.12
CA ILE A 7 16.61 14.18 15.24
C ILE A 7 15.49 15.18 14.97
N LYS A 8 14.95 15.75 16.03
CA LYS A 8 13.78 16.60 15.92
C LYS A 8 14.08 17.85 15.12
N ASP A 9 15.21 18.49 15.42
CA ASP A 9 15.57 19.73 14.74
C ASP A 9 15.78 19.51 13.25
N ASN A 10 16.34 18.37 12.88
CA ASN A 10 16.61 18.03 11.49
C ASN A 10 15.58 17.09 10.91
N SER A 11 14.47 16.86 11.60
CA SER A 11 13.49 15.90 11.13
C SER A 11 12.91 16.29 9.78
N ARG A 12 12.90 17.58 9.44
CA ARG A 12 12.56 17.99 8.08
C ARG A 12 13.42 17.25 7.07
N ALA A 13 14.74 17.44 7.21
CA ALA A 13 15.69 16.83 6.29
C ALA A 13 15.63 15.32 6.37
N LEU A 14 15.54 14.78 7.58
CA LEU A 14 15.53 13.33 7.73
C LEU A 14 14.32 12.72 7.04
N ILE A 15 13.15 13.34 7.17
CA ILE A 15 11.97 12.82 6.50
C ILE A 15 12.17 12.88 5.00
N GLN A 16 12.71 14.00 4.51
CA GLN A 16 12.73 14.18 3.06
C GLN A 16 13.88 13.47 2.37
N ARG A 17 14.90 13.03 3.10
CA ARG A 17 16.14 12.58 2.50
C ARG A 17 16.52 11.13 2.76
N MET A 18 16.13 10.55 3.90
CA MET A 18 16.42 9.15 4.13
C MET A 18 15.75 8.29 3.08
N GLY A 19 16.55 7.55 2.33
CA GLY A 19 15.99 6.60 1.40
C GLY A 19 15.19 5.53 2.11
N MET A 20 14.24 4.96 1.37
CA MET A 20 13.52 3.80 1.85
C MET A 20 14.47 2.72 2.33
N THR A 21 15.55 2.52 1.58
CA THR A 21 16.58 1.56 1.97
C THR A 21 17.11 1.90 3.35
N VAL A 22 17.52 3.16 3.52
CA VAL A 22 18.09 3.62 4.76
C VAL A 22 17.12 3.36 5.90
N ILE A 23 15.84 3.60 5.66
CA ILE A 23 14.85 3.42 6.69
C ILE A 23 14.74 1.95 7.07
N LYS A 24 14.65 1.08 6.06
CA LYS A 24 14.52 -0.34 6.34
C LYS A 24 15.72 -0.86 7.11
N GLN A 25 16.89 -0.36 6.79
CA GLN A 25 18.12 -0.88 7.37
C GLN A 25 18.29 -0.43 8.79
N ILE A 26 18.04 0.87 9.02
CA ILE A 26 17.98 1.38 10.37
C ILE A 26 17.00 0.56 11.17
N THR A 27 15.81 0.34 10.60
CA THR A 27 14.78 -0.43 11.26
C THR A 27 15.29 -1.82 11.64
N ASP A 28 16.04 -2.44 10.74
CA ASP A 28 16.56 -3.77 11.02
C ASP A 28 17.52 -3.73 12.19
N ASP A 29 18.47 -2.80 12.17
CA ASP A 29 19.42 -2.68 13.27
C ASP A 29 18.69 -2.46 14.59
N LEU A 30 17.66 -1.62 14.55
CA LEU A 30 16.93 -1.25 15.75
C LEU A 30 16.12 -2.43 16.28
N PHE A 31 15.56 -3.23 15.38
CA PHE A 31 14.87 -4.45 15.78
C PHE A 31 15.83 -5.42 16.43
N VAL A 32 17.02 -5.58 15.85
CA VAL A 32 18.01 -6.47 16.42
C VAL A 32 18.45 -5.95 17.77
N TRP A 33 18.53 -4.63 17.90
CA TRP A 33 18.92 -4.00 19.14
C TRP A 33 17.76 -3.83 20.12
N ASN A 34 16.59 -4.38 19.80
CA ASN A 34 15.47 -4.46 20.73
C ASN A 34 15.00 -3.07 21.15
N VAL A 35 14.81 -2.19 20.18
CA VAL A 35 14.06 -0.96 20.36
C VAL A 35 12.86 -0.88 19.43
N LEU A 36 12.61 -1.92 18.65
CA LEU A 36 11.46 -1.95 17.77
C LEU A 36 10.79 -3.31 17.85
N ASN A 37 9.50 -3.25 18.05
CA ASN A 37 8.62 -4.39 17.90
C ASN A 37 8.52 -4.73 16.42
N ARG A 38 8.55 -6.02 16.10
CA ARG A 38 8.23 -6.52 14.77
C ARG A 38 7.02 -5.84 14.15
N GLU A 39 5.99 -5.51 14.93
CA GLU A 39 4.90 -4.74 14.34
C GLU A 39 5.37 -3.37 13.93
N GLU A 40 6.13 -2.70 14.79
CA GLU A 40 6.64 -1.38 14.45
C GLU A 40 7.50 -1.45 13.21
N VAL A 41 8.27 -2.52 13.09
CA VAL A 41 9.05 -2.78 11.88
C VAL A 41 8.13 -2.87 10.68
N ASN A 42 7.10 -3.69 10.78
CA ASN A 42 6.22 -3.93 9.66
C ASN A 42 5.44 -2.69 9.27
N ILE A 43 5.17 -1.82 10.24
CA ILE A 43 4.37 -0.64 9.96
C ILE A 43 5.24 0.41 9.30
N ILE A 44 6.49 0.52 9.71
CA ILE A 44 7.41 1.39 8.99
C ILE A 44 7.58 0.86 7.57
N CYS A 45 7.74 -0.45 7.43
CA CYS A 45 8.08 -1.02 6.14
C CYS A 45 6.90 -1.06 5.19
N CYS A 46 5.67 -1.09 5.71
CA CYS A 46 4.51 -1.23 4.85
C CYS A 46 4.12 0.05 4.14
N GLU A 47 4.63 1.20 4.57
CA GLU A 47 4.31 2.44 3.88
C GLU A 47 4.85 2.40 2.47
N LYS A 48 3.96 2.50 1.48
CA LYS A 48 4.39 2.58 0.10
C LYS A 48 5.18 3.85 -0.18
N VAL A 49 5.06 4.86 0.67
CA VAL A 49 5.76 6.12 0.51
C VAL A 49 6.95 6.14 1.44
N GLU A 50 8.07 6.60 0.90
CA GLU A 50 9.30 6.78 1.67
C GLU A 50 9.07 7.67 2.87
N GLN A 51 8.55 8.86 2.62
CA GLN A 51 8.51 9.88 3.66
C GLN A 51 7.55 9.50 4.77
N ASP A 52 6.50 8.75 4.46
CA ASP A 52 5.61 8.30 5.52
C ASP A 52 6.30 7.29 6.42
N ALA A 53 7.06 6.37 5.84
CA ALA A 53 7.90 5.48 6.62
C ALA A 53 8.88 6.26 7.48
N ALA A 54 9.42 7.32 6.91
CA ALA A 54 10.36 8.16 7.65
C ALA A 54 9.68 8.80 8.85
N ARG A 55 8.48 9.34 8.63
CA ARG A 55 7.75 9.93 9.74
C ARG A 55 7.47 8.90 10.81
N GLY A 56 7.03 7.72 10.39
CA GLY A 56 6.76 6.66 11.34
C GLY A 56 7.95 6.39 12.22
N ILE A 57 9.11 6.15 11.61
CA ILE A 57 10.28 5.81 12.41
C ILE A 57 10.69 6.99 13.27
N ILE A 58 10.66 8.20 12.73
CA ILE A 58 11.21 9.31 13.48
C ILE A 58 10.36 9.58 14.71
N HIS A 59 9.06 9.73 14.54
CA HIS A 59 8.21 10.02 15.68
C HIS A 59 8.27 8.89 16.69
N MET A 60 8.28 7.65 16.21
CA MET A 60 8.41 6.50 17.07
C MET A 60 9.66 6.57 17.93
N ILE A 61 10.81 6.81 17.32
CA ILE A 61 12.06 6.81 18.05
C ILE A 61 12.10 7.98 19.01
N LEU A 62 11.57 9.13 18.62
CA LEU A 62 11.55 10.27 19.52
C LEU A 62 10.75 9.95 20.77
N LYS A 63 9.65 9.22 20.60
CA LYS A 63 8.87 8.83 21.76
C LYS A 63 9.58 7.81 22.62
N LYS A 64 10.54 7.06 22.08
CA LYS A 64 11.20 5.99 22.82
C LYS A 64 12.46 6.42 23.54
N GLY A 65 12.76 7.71 23.57
CA GLY A 65 13.77 8.20 24.49
C GLY A 65 15.16 8.36 23.91
N SER A 66 16.03 8.84 24.81
CA SER A 66 17.38 9.24 24.45
C SER A 66 18.17 8.09 23.87
N GLU A 67 18.13 6.94 24.53
CA GLU A 67 18.94 5.82 24.07
C GLU A 67 18.47 5.26 22.72
N SER A 68 17.15 5.17 22.51
CA SER A 68 16.64 4.76 21.21
C SER A 68 17.08 5.75 20.14
N CYS A 69 17.07 7.04 20.47
CA CYS A 69 17.49 8.05 19.51
C CYS A 69 18.98 7.94 19.20
N ASN A 70 19.80 7.66 20.22
CA ASN A 70 21.22 7.49 20.01
C ASN A 70 21.50 6.31 19.09
N LEU A 71 20.78 5.21 19.30
CA LEU A 71 20.95 4.05 18.45
C LEU A 71 20.51 4.36 17.02
N PHE A 72 19.41 5.09 16.88
CA PHE A 72 18.95 5.52 15.57
C PHE A 72 20.03 6.28 14.84
N LEU A 73 20.64 7.24 15.52
CA LEU A 73 21.67 8.04 14.87
C LEU A 73 22.93 7.24 14.60
N LYS A 74 23.23 6.27 15.45
CA LYS A 74 24.35 5.37 15.21
C LYS A 74 24.19 4.66 13.87
N SER A 75 23.08 3.96 13.72
CA SER A 75 22.90 3.22 12.48
C SER A 75 22.65 4.14 11.30
N LEU A 76 22.09 5.33 11.54
CA LEU A 76 21.96 6.29 10.45
C LEU A 76 23.31 6.70 9.93
N LYS A 77 24.26 6.93 10.84
CA LYS A 77 25.61 7.25 10.43
C LYS A 77 26.20 6.12 9.62
N GLU A 78 25.99 4.88 10.06
CA GLU A 78 26.54 3.75 9.33
C GLU A 78 25.97 3.66 7.93
N TRP A 79 24.65 3.56 7.83
CA TRP A 79 24.02 3.17 6.58
C TRP A 79 23.86 4.33 5.60
N ASN A 80 23.74 5.56 6.09
CA ASN A 80 23.58 6.74 5.26
C ASN A 80 24.50 7.85 5.73
N TYR A 81 25.77 7.50 5.87
CA TYR A 81 26.86 8.40 6.20
C TYR A 81 26.85 9.73 5.45
N PRO A 82 26.56 9.76 4.14
CA PRO A 82 26.53 11.06 3.45
C PRO A 82 25.53 12.01 4.03
N LEU A 83 24.31 11.55 4.25
CA LEU A 83 23.28 12.42 4.82
C LEU A 83 23.68 12.88 6.20
N PHE A 84 24.17 11.96 7.02
CA PHE A 84 24.54 12.29 8.38
C PHE A 84 25.61 13.37 8.43
N GLN A 85 26.63 13.22 7.58
CA GLN A 85 27.68 14.24 7.53
C GLN A 85 27.16 15.55 7.00
N ASP A 86 26.22 15.51 6.05
CA ASP A 86 25.66 16.75 5.52
C ASP A 86 24.84 17.47 6.57
N LEU A 87 24.11 16.71 7.39
CA LEU A 87 23.33 17.30 8.46
C LEU A 87 24.22 17.95 9.51
N ASN A 88 25.34 17.32 9.83
CA ASN A 88 26.28 17.84 10.80
C ASN A 88 27.23 18.86 10.20
N GLY A 89 26.96 19.34 8.99
CA GLY A 89 27.83 20.32 8.38
C GLY A 89 29.23 19.81 8.12
N GLN A 90 29.39 18.51 7.95
CA GLN A 90 30.68 17.88 7.74
C GLN A 90 30.83 17.46 6.30
N SER A 91 32.08 17.34 5.88
CA SER A 91 32.41 16.91 4.53
C SER A 91 32.25 15.41 4.40
N LEU A 92 32.50 14.92 3.20
CA LEU A 92 32.55 13.49 2.92
C LEU A 92 33.98 13.00 3.03
N PHE A 93 34.17 11.93 3.79
CA PHE A 93 35.40 11.15 3.77
C PHE A 93 35.14 9.78 3.20
N MET B 4 -8.34 25.31 -14.98
CA MET B 4 -8.46 24.79 -16.37
C MET B 4 -9.51 23.71 -16.48
N ASN B 5 -10.24 23.76 -17.59
CA ASN B 5 -11.33 22.84 -17.85
C ASN B 5 -10.96 21.74 -18.82
N PHE B 6 -9.95 21.96 -19.66
CA PHE B 6 -9.56 20.97 -20.64
C PHE B 6 -9.12 19.68 -19.97
N ILE B 7 -8.32 19.79 -18.93
CA ILE B 7 -7.92 18.62 -18.16
C ILE B 7 -9.16 17.97 -17.57
N LYS B 8 -9.99 18.76 -16.91
CA LYS B 8 -11.12 18.23 -16.17
C LYS B 8 -12.12 17.59 -17.11
N ASP B 9 -12.44 18.26 -18.21
CA ASP B 9 -13.44 17.76 -19.14
C ASP B 9 -12.99 16.45 -19.76
N ASN B 10 -11.70 16.31 -20.04
CA ASN B 10 -11.14 15.12 -20.65
C ASN B 10 -10.48 14.20 -19.63
N SER B 11 -10.67 14.45 -18.34
CA SER B 11 -9.99 13.66 -17.33
C SER B 11 -10.37 12.19 -17.38
N ARG B 12 -11.55 11.87 -17.90
CA ARG B 12 -11.88 10.47 -18.19
C ARG B 12 -10.81 9.84 -19.08
N ALA B 13 -10.63 10.45 -20.25
CA ALA B 13 -9.66 9.93 -21.21
C ALA B 13 -8.26 9.99 -20.66
N LEU B 14 -7.91 11.09 -20.00
CA LEU B 14 -6.56 11.23 -19.48
C LEU B 14 -6.25 10.14 -18.46
N ILE B 15 -7.20 9.86 -17.56
CA ILE B 15 -6.96 8.80 -16.60
C ILE B 15 -6.80 7.47 -17.30
N GLN B 16 -7.64 7.21 -18.30
CA GLN B 16 -7.64 5.87 -18.87
C GLN B 16 -6.54 5.64 -19.89
N ARG B 17 -5.91 6.69 -20.41
CA ARG B 17 -5.05 6.57 -21.59
C ARG B 17 -3.61 6.96 -21.37
N MET B 18 -3.30 7.88 -20.45
CA MET B 18 -1.91 8.21 -20.20
C MET B 18 -1.16 6.99 -19.68
N GLY B 19 -0.15 6.58 -20.41
CA GLY B 19 0.71 5.52 -19.94
C GLY B 19 1.40 5.89 -18.65
N MET B 20 1.75 4.86 -17.89
CA MET B 20 2.59 5.05 -16.71
C MET B 20 3.84 5.85 -17.06
N THR B 21 4.44 5.55 -18.21
CA THR B 21 5.59 6.29 -18.69
C THR B 21 5.26 7.75 -18.81
N VAL B 22 4.18 8.05 -19.51
CA VAL B 22 3.75 9.42 -19.74
C VAL B 22 3.58 10.13 -18.41
N ILE B 23 3.02 9.44 -17.42
CA ILE B 23 2.78 10.05 -16.13
C ILE B 23 4.09 10.37 -15.45
N LYS B 24 5.02 9.41 -15.44
CA LYS B 24 6.30 9.63 -14.78
C LYS B 24 7.04 10.78 -15.42
N GLN B 25 6.95 10.89 -16.73
CA GLN B 25 7.74 11.88 -17.45
C GLN B 25 7.17 13.26 -17.26
N ILE B 26 5.86 13.38 -17.37
CA ILE B 26 5.20 14.62 -17.02
C ILE B 26 5.60 15.02 -15.61
N THR B 27 5.54 14.06 -14.70
CA THR B 27 5.89 14.31 -13.31
C THR B 27 7.30 14.85 -13.20
N ASP B 28 8.22 14.28 -13.97
CA ASP B 28 9.60 14.73 -13.93
C ASP B 28 9.71 16.18 -14.40
N ASP B 29 9.10 16.49 -15.54
CA ASP B 29 9.13 17.86 -16.03
C ASP B 29 8.56 18.82 -15.01
N LEU B 30 7.47 18.42 -14.37
CA LEU B 30 6.77 19.27 -13.44
C LEU B 30 7.59 19.48 -12.17
N PHE B 31 8.29 18.44 -11.73
CA PHE B 31 9.21 18.57 -10.60
C PHE B 31 10.33 19.54 -10.93
N VAL B 32 10.89 19.41 -12.12
CA VAL B 32 11.97 20.31 -12.53
C VAL B 32 11.43 21.73 -12.62
N TRP B 33 10.20 21.87 -13.07
CA TRP B 33 9.55 23.16 -13.19
C TRP B 33 8.97 23.66 -11.88
N ASN B 34 9.17 22.93 -10.78
CA ASN B 34 8.81 23.39 -9.45
C ASN B 34 7.31 23.63 -9.32
N VAL B 35 6.53 22.64 -9.75
CA VAL B 35 5.12 22.54 -9.41
C VAL B 35 4.81 21.25 -8.69
N LEU B 36 5.81 20.43 -8.41
CA LEU B 36 5.61 19.19 -7.68
C LEU B 36 6.69 19.03 -6.64
N ASN B 37 6.24 18.76 -5.44
CA ASN B 37 7.09 18.30 -4.36
C ASN B 37 7.55 16.89 -4.66
N ARG B 38 8.82 16.61 -4.39
CA ARG B 38 9.36 15.26 -4.41
C ARG B 38 8.44 14.24 -3.76
N GLU B 39 7.73 14.59 -2.69
CA GLU B 39 6.76 13.64 -2.15
C GLU B 39 5.63 13.43 -3.15
N GLU B 40 5.12 14.50 -3.73
CA GLU B 40 4.05 14.37 -4.71
C GLU B 40 4.51 13.51 -5.87
N VAL B 41 5.77 13.68 -6.27
CA VAL B 41 6.37 12.84 -7.28
C VAL B 41 6.33 11.39 -6.85
N ASN B 42 6.81 11.11 -5.64
CA ASN B 42 6.91 9.74 -5.17
C ASN B 42 5.54 9.11 -5.00
N ILE B 43 4.52 9.91 -4.71
CA ILE B 43 3.21 9.36 -4.47
C ILE B 43 2.53 9.05 -5.79
N ILE B 44 2.75 9.89 -6.80
CA ILE B 44 2.27 9.53 -8.12
C ILE B 44 2.98 8.27 -8.59
N CYS B 45 4.29 8.21 -8.37
CA CYS B 45 5.09 7.13 -8.94
C CYS B 45 4.90 5.81 -8.19
N CYS B 46 4.49 5.86 -6.92
CA CYS B 46 4.40 4.64 -6.14
C CYS B 46 3.16 3.83 -6.43
N GLU B 47 2.17 4.41 -7.10
CA GLU B 47 0.97 3.65 -7.44
C GLU B 47 1.33 2.53 -8.39
N LYS B 48 1.10 1.29 -7.96
CA LYS B 48 1.30 0.14 -8.83
C LYS B 48 0.36 0.16 -10.03
N VAL B 49 -0.74 0.92 -9.95
CA VAL B 49 -1.72 1.00 -11.01
C VAL B 49 -1.49 2.30 -11.77
N GLU B 50 -1.54 2.21 -13.10
CA GLU B 50 -1.44 3.36 -13.97
C GLU B 50 -2.50 4.39 -13.64
N GLN B 51 -3.74 3.98 -13.63
CA GLN B 51 -4.84 4.92 -13.57
C GLN B 51 -4.89 5.62 -12.23
N ASP B 52 -4.45 4.96 -11.16
CA ASP B 52 -4.41 5.63 -9.87
C ASP B 52 -3.36 6.72 -9.86
N ALA B 53 -2.19 6.45 -10.45
CA ALA B 53 -1.19 7.49 -10.64
C ALA B 53 -1.75 8.63 -11.46
N ALA B 54 -2.54 8.30 -12.48
CA ALA B 54 -3.14 9.31 -13.31
C ALA B 54 -4.09 10.18 -12.50
N ARG B 55 -4.92 9.56 -11.69
CA ARG B 55 -5.83 10.32 -10.84
C ARG B 55 -5.05 11.22 -9.91
N GLY B 56 -4.01 10.68 -9.29
CA GLY B 56 -3.18 11.47 -8.41
C GLY B 56 -2.69 12.73 -9.07
N ILE B 57 -2.05 12.57 -10.23
CA ILE B 57 -1.48 13.73 -10.89
C ILE B 57 -2.58 14.68 -11.33
N ILE B 58 -3.68 14.16 -11.86
CA ILE B 58 -4.67 15.06 -12.45
C ILE B 58 -5.31 15.90 -11.36
N HIS B 59 -5.81 15.28 -10.31
CA HIS B 59 -6.46 16.04 -9.26
C HIS B 59 -5.49 17.01 -8.61
N MET B 60 -4.25 16.55 -8.40
CA MET B 60 -3.22 17.42 -7.85
C MET B 60 -3.03 18.67 -8.69
N ILE B 61 -2.85 18.50 -10.00
CA ILE B 61 -2.57 19.64 -10.86
C ILE B 61 -3.79 20.56 -10.94
N LEU B 62 -4.98 19.98 -10.95
CA LEU B 62 -6.18 20.81 -10.99
C LEU B 62 -6.24 21.69 -9.76
N LYS B 63 -5.85 21.14 -8.61
CA LYS B 63 -5.85 21.94 -7.40
C LYS B 63 -4.77 23.02 -7.42
N LYS B 64 -3.72 22.85 -8.23
CA LYS B 64 -2.59 23.78 -8.21
C LYS B 64 -2.72 24.91 -9.23
N GLY B 65 -3.86 25.05 -9.88
CA GLY B 65 -4.14 26.25 -10.63
C GLY B 65 -3.83 26.23 -12.10
N SER B 66 -4.14 27.37 -12.71
CA SER B 66 -4.08 27.52 -14.16
C SER B 66 -2.68 27.26 -14.70
N GLU B 67 -1.69 27.86 -14.08
CA GLU B 67 -0.33 27.73 -14.60
C GLU B 67 0.22 26.31 -14.47
N SER B 68 -0.05 25.64 -13.34
CA SER B 68 0.34 24.25 -13.21
C SER B 68 -0.35 23.40 -14.26
N CYS B 69 -1.61 23.70 -14.56
CA CYS B 69 -2.33 22.95 -15.57
C CYS B 69 -1.76 23.20 -16.96
N ASN B 70 -1.37 24.44 -17.24
CA ASN B 70 -0.78 24.76 -18.53
C ASN B 70 0.52 24.01 -18.71
N LEU B 71 1.34 23.96 -17.67
CA LEU B 71 2.59 23.22 -17.74
C LEU B 71 2.34 21.72 -17.94
N PHE B 72 1.34 21.20 -17.23
CA PHE B 72 0.94 19.80 -17.40
C PHE B 72 0.62 19.51 -18.86
N LEU B 73 -0.19 20.36 -19.47
CA LEU B 73 -0.58 20.12 -20.85
C LEU B 73 0.59 20.31 -21.81
N LYS B 74 1.49 21.23 -21.48
CA LYS B 74 2.70 21.41 -22.28
C LYS B 74 3.49 20.11 -22.36
N SER B 75 3.85 19.57 -21.22
CA SER B 75 4.65 18.35 -21.24
C SER B 75 3.82 17.16 -21.71
N LEU B 76 2.51 17.17 -21.51
CA LEU B 76 1.69 16.10 -22.05
C LEU B 76 1.74 16.11 -23.56
N LYS B 77 1.71 17.29 -24.16
CA LYS B 77 1.84 17.40 -25.60
C LYS B 77 3.18 16.86 -26.05
N GLU B 78 4.24 17.20 -25.32
CA GLU B 78 5.56 16.72 -25.70
C GLU B 78 5.64 15.21 -25.65
N TRP B 79 5.37 14.64 -24.49
CA TRP B 79 5.69 13.24 -24.22
C TRP B 79 4.66 12.27 -24.77
N ASN B 80 3.41 12.69 -24.90
CA ASN B 80 2.33 11.84 -25.40
C ASN B 80 1.49 12.62 -26.41
N TYR B 81 2.18 13.20 -27.38
CA TYR B 81 1.60 13.91 -28.51
C TYR B 81 0.43 13.18 -29.17
N PRO B 82 0.47 11.86 -29.38
CA PRO B 82 -0.70 11.20 -30.00
C PRO B 82 -1.98 11.38 -29.20
N LEU B 83 -1.91 11.15 -27.90
CA LEU B 83 -3.09 11.30 -27.06
C LEU B 83 -3.58 12.74 -27.10
N PHE B 84 -2.66 13.68 -26.96
CA PHE B 84 -3.03 15.09 -26.93
C PHE B 84 -3.73 15.50 -28.20
N GLN B 85 -3.21 15.08 -29.35
CA GLN B 85 -3.86 15.41 -30.60
C GLN B 85 -5.21 14.72 -30.74
N ASP B 86 -5.32 13.50 -30.22
CA ASP B 86 -6.60 12.80 -30.30
C ASP B 86 -7.64 13.49 -29.43
N LEU B 87 -7.22 13.99 -28.28
CA LEU B 87 -8.15 14.70 -27.40
C LEU B 87 -8.62 15.99 -28.04
N ASN B 88 -7.72 16.71 -28.72
CA ASN B 88 -8.07 17.94 -29.40
C ASN B 88 -8.69 17.72 -30.76
N GLY B 89 -9.08 16.50 -31.08
CA GLY B 89 -9.69 16.23 -32.37
C GLY B 89 -8.77 16.50 -33.53
N GLN B 90 -7.47 16.40 -33.32
CA GLN B 90 -6.47 16.67 -34.34
C GLN B 90 -5.87 15.37 -34.84
N SER B 91 -5.34 15.44 -36.05
CA SER B 91 -4.68 14.30 -36.66
C SER B 91 -3.28 14.13 -36.10
N LEU B 92 -2.60 13.10 -36.57
CA LEU B 92 -1.20 12.86 -36.27
C LEU B 92 -0.33 13.48 -37.34
N PHE B 93 0.66 14.26 -36.91
CA PHE B 93 1.75 14.68 -37.78
C PHE B 93 3.04 14.06 -37.31
N MET C 4 -14.40 -21.30 21.77
CA MET C 4 -13.08 -21.96 21.85
C MET C 4 -12.06 -21.11 22.56
N ASN C 5 -11.24 -21.79 23.36
CA ASN C 5 -10.24 -21.14 24.17
C ASN C 5 -8.83 -21.24 23.58
N PHE C 6 -8.59 -22.25 22.75
CA PHE C 6 -7.27 -22.43 22.17
C PHE C 6 -6.86 -21.24 21.35
N ILE C 7 -7.77 -20.73 20.52
CA ILE C 7 -7.49 -19.52 19.77
C ILE C 7 -7.22 -18.37 20.73
N LYS C 8 -8.12 -18.19 21.68
CA LYS C 8 -8.05 -17.03 22.57
C LYS C 8 -6.80 -17.08 23.42
N ASP C 9 -6.51 -18.24 24.00
CA ASP C 9 -5.36 -18.37 24.89
C ASP C 9 -4.06 -18.10 24.15
N ASN C 10 -3.98 -18.53 22.89
CA ASN C 10 -2.79 -18.36 22.07
C ASN C 10 -2.90 -17.19 21.10
N SER C 11 -3.92 -16.35 21.26
CA SER C 11 -4.14 -15.26 20.31
C SER C 11 -2.97 -14.30 20.28
N ARG C 12 -2.21 -14.19 21.36
CA ARG C 12 -0.96 -13.44 21.32
C ARG C 12 -0.07 -13.96 20.19
N ALA C 13 0.25 -15.24 20.27
CA ALA C 13 1.12 -15.86 19.28
C ALA C 13 0.49 -15.83 17.90
N LEU C 14 -0.80 -16.12 17.82
CA LEU C 14 -1.45 -16.16 16.52
C LEU C 14 -1.41 -14.79 15.85
N ILE C 15 -1.65 -13.72 16.60
CA ILE C 15 -1.58 -12.39 16.01
C ILE C 15 -0.17 -12.12 15.55
N GLN C 16 0.82 -12.48 16.35
CA GLN C 16 2.17 -12.05 16.02
C GLN C 16 2.86 -12.93 14.99
N ARG C 17 2.35 -14.13 14.72
CA ARG C 17 3.09 -15.12 13.96
C ARG C 17 2.44 -15.56 12.66
N MET C 18 1.12 -15.54 12.55
CA MET C 18 0.49 -15.90 11.29
C MET C 18 0.91 -14.93 10.20
N GLY C 19 1.55 -15.46 9.17
CA GLY C 19 1.87 -14.63 8.03
C GLY C 19 0.63 -14.10 7.36
N MET C 20 0.80 -12.97 6.67
CA MET C 20 -0.26 -12.43 5.84
C MET C 20 -0.79 -13.49 4.89
N THR C 21 0.11 -14.28 4.32
CA THR C 21 -0.28 -15.39 3.47
C THR C 21 -1.22 -16.32 4.19
N VAL C 22 -0.80 -16.75 5.36
CA VAL C 22 -1.57 -17.69 6.17
C VAL C 22 -2.96 -17.12 6.42
N ILE C 23 -3.02 -15.82 6.69
CA ILE C 23 -4.30 -15.20 6.99
C ILE C 23 -5.19 -15.22 5.77
N LYS C 24 -4.64 -14.83 4.62
CA LYS C 24 -5.44 -14.78 3.40
C LYS C 24 -5.96 -16.16 3.04
N GLN C 25 -5.15 -17.18 3.28
CA GLN C 25 -5.49 -18.52 2.84
C GLN C 25 -6.54 -19.13 3.75
N ILE C 26 -6.35 -18.96 5.05
CA ILE C 26 -7.39 -19.32 6.01
C ILE C 26 -8.68 -18.64 5.62
N THR C 27 -8.59 -17.34 5.35
CA THR C 27 -9.76 -16.56 4.97
C THR C 27 -10.44 -17.16 3.76
N ASP C 28 -9.65 -17.60 2.78
CA ASP C 28 -10.22 -18.18 1.58
C ASP C 28 -10.98 -19.46 1.90
N ASP C 29 -10.34 -20.36 2.66
CA ASP C 29 -11.00 -21.60 3.05
C ASP C 29 -12.29 -21.31 3.79
N LEU C 30 -12.26 -20.33 4.66
CA LEU C 30 -13.41 -20.00 5.50
C LEU C 30 -14.54 -19.41 4.68
N PHE C 31 -14.19 -18.59 3.68
CA PHE C 31 -15.18 -18.06 2.75
C PHE C 31 -15.83 -19.18 1.97
N VAL C 32 -15.03 -20.11 1.48
CA VAL C 32 -15.57 -21.25 0.74
C VAL C 32 -16.45 -22.08 1.65
N TRP C 33 -16.06 -22.20 2.91
CA TRP C 33 -16.83 -22.96 3.89
C TRP C 33 -17.97 -22.16 4.49
N ASN C 34 -18.21 -20.95 4.01
CA ASN C 34 -19.39 -20.16 4.38
C ASN C 34 -19.41 -19.85 5.87
N VAL C 35 -18.28 -19.37 6.37
CA VAL C 35 -18.22 -18.70 7.67
C VAL C 35 -17.72 -17.27 7.56
N LEU C 36 -17.47 -16.80 6.34
CA LEU C 36 -17.04 -15.44 6.15
C LEU C 36 -17.78 -14.83 4.98
N ASN C 37 -18.33 -13.66 5.24
CA ASN C 37 -18.85 -12.78 4.23
C ASN C 37 -17.69 -12.23 3.41
N ARG C 38 -17.87 -12.16 2.10
CA ARG C 38 -16.97 -11.44 1.21
C ARG C 38 -16.51 -10.10 1.77
N GLU C 39 -17.38 -9.36 2.45
CA GLU C 39 -16.90 -8.14 3.09
C GLU C 39 -15.91 -8.46 4.18
N GLU C 40 -16.22 -9.44 5.02
CA GLU C 40 -15.29 -9.82 6.07
C GLU C 40 -13.96 -10.25 5.49
N VAL C 41 -14.02 -10.95 4.36
CA VAL C 41 -12.81 -11.32 3.62
C VAL C 41 -12.04 -10.06 3.24
N ASN C 42 -12.73 -9.11 2.61
CA ASN C 42 -12.08 -7.92 2.10
C ASN C 42 -11.52 -7.07 3.21
N ILE C 43 -12.14 -7.12 4.39
CA ILE C 43 -11.70 -6.27 5.48
C ILE C 43 -10.49 -6.89 6.14
N ILE C 44 -10.45 -8.21 6.25
CA ILE C 44 -9.22 -8.85 6.71
C ILE C 44 -8.11 -8.58 5.71
N CYS C 45 -8.41 -8.68 4.42
CA CYS C 45 -7.38 -8.61 3.41
C CYS C 45 -6.89 -7.19 3.18
N CYS C 46 -7.71 -6.19 3.47
CA CYS C 46 -7.34 -4.81 3.16
C CYS C 46 -6.36 -4.22 4.16
N GLU C 47 -6.17 -4.83 5.32
CA GLU C 47 -5.22 -4.31 6.28
C GLU C 47 -3.82 -4.39 5.70
N LYS C 48 -3.18 -3.24 5.56
CA LYS C 48 -1.79 -3.21 5.10
C LYS C 48 -0.86 -3.89 6.11
N VAL C 49 -1.29 -4.03 7.35
CA VAL C 49 -0.49 -4.63 8.41
C VAL C 49 -0.96 -6.06 8.61
N GLU C 50 0.01 -6.96 8.72
CA GLU C 50 -0.25 -8.36 9.02
C GLU C 50 -1.06 -8.52 10.29
N GLN C 51 -0.57 -7.94 11.37
CA GLN C 51 -1.12 -8.23 12.67
C GLN C 51 -2.52 -7.66 12.82
N ASP C 52 -2.83 -6.58 12.13
CA ASP C 52 -4.19 -6.06 12.17
C ASP C 52 -5.16 -6.99 11.46
N ALA C 53 -4.74 -7.54 10.31
CA ALA C 53 -5.52 -8.58 9.66
C ALA C 53 -5.71 -9.76 10.58
N ALA C 54 -4.66 -10.12 11.32
CA ALA C 54 -4.75 -11.23 12.24
C ALA C 54 -5.77 -10.95 13.32
N ARG C 55 -5.74 -9.75 13.89
CA ARG C 55 -6.72 -9.40 14.90
C ARG C 55 -8.12 -9.46 14.34
N GLY C 56 -8.30 -8.92 13.14
CA GLY C 56 -9.60 -8.96 12.50
C GLY C 56 -10.14 -10.37 12.42
N ILE C 57 -9.34 -11.28 11.85
CA ILE C 57 -9.84 -12.63 11.68
C ILE C 57 -10.06 -13.28 13.03
N ILE C 58 -9.15 -13.09 13.98
CA ILE C 58 -9.26 -13.84 15.22
C ILE C 58 -10.50 -13.43 15.99
N HIS C 59 -10.66 -12.13 16.20
CA HIS C 59 -11.82 -11.68 16.96
C HIS C 59 -13.11 -12.06 16.25
N MET C 60 -13.12 -11.92 14.92
CA MET C 60 -14.27 -12.30 14.13
C MET C 60 -14.64 -13.76 14.36
N ILE C 61 -13.67 -14.66 14.24
CA ILE C 61 -13.96 -16.08 14.36
C ILE C 61 -14.38 -16.42 15.77
N LEU C 62 -13.77 -15.79 16.76
CA LEU C 62 -14.17 -16.05 18.15
C LEU C 62 -15.62 -15.68 18.35
N LYS C 63 -16.05 -14.58 17.74
CA LYS C 63 -17.45 -14.20 17.86
C LYS C 63 -18.38 -15.15 17.12
N LYS C 64 -17.88 -15.88 16.13
CA LYS C 64 -18.73 -16.74 15.31
C LYS C 64 -18.85 -18.17 15.82
N GLY C 65 -18.34 -18.46 17.00
CA GLY C 65 -18.67 -19.70 17.66
C GLY C 65 -17.70 -20.85 17.47
N SER C 66 -18.07 -21.95 18.12
CA SER C 66 -17.22 -23.13 18.22
C SER C 66 -16.88 -23.69 16.86
N GLU C 67 -17.89 -23.86 16.02
CA GLU C 67 -17.65 -24.49 14.72
C GLU C 67 -16.79 -23.62 13.80
N SER C 68 -17.03 -22.30 13.79
CA SER C 68 -16.17 -21.42 13.01
C SER C 68 -14.73 -21.49 13.52
N CYS C 69 -14.57 -21.60 14.83
CA CYS C 69 -13.23 -21.70 15.40
C CYS C 69 -12.57 -23.01 15.04
N ASN C 70 -13.33 -24.10 15.03
CA ASN C 70 -12.79 -25.39 14.64
C ASN C 70 -12.32 -25.37 13.20
N LEU C 71 -13.12 -24.77 12.33
CA LEU C 71 -12.72 -24.66 10.93
C LEU C 71 -11.47 -23.79 10.78
N PHE C 72 -11.41 -22.71 11.54
CA PHE C 72 -10.23 -21.85 11.55
C PHE C 72 -8.98 -22.65 11.88
N LEU C 73 -9.06 -23.45 12.94
CA LEU C 73 -7.90 -24.22 13.35
C LEU C 73 -7.58 -25.33 12.37
N LYS C 74 -8.61 -25.89 11.72
CA LYS C 74 -8.39 -26.88 10.68
C LYS C 74 -7.50 -26.32 9.58
N SER C 75 -7.94 -25.21 8.99
CA SER C 75 -7.16 -24.65 7.89
C SER C 75 -5.86 -24.06 8.39
N LEU C 76 -5.81 -23.59 9.63
CA LEU C 76 -4.54 -23.12 10.17
C LEU C 76 -3.53 -24.25 10.24
N LYS C 77 -3.98 -25.43 10.64
CA LYS C 77 -3.11 -26.59 10.65
C LYS C 77 -2.63 -26.90 9.26
N GLU C 78 -3.53 -26.83 8.28
CA GLU C 78 -3.13 -27.14 6.91
C GLU C 78 -2.07 -26.16 6.41
N TRP C 79 -2.41 -24.87 6.43
CA TRP C 79 -1.62 -23.88 5.71
C TRP C 79 -0.39 -23.43 6.47
N ASN C 80 -0.42 -23.47 7.79
CA ASN C 80 0.70 -23.05 8.64
C ASN C 80 0.95 -24.08 9.72
N TYR C 81 1.07 -25.32 9.31
CA TYR C 81 1.41 -26.46 10.15
C TYR C 81 2.55 -26.21 11.12
N PRO C 82 3.65 -25.53 10.74
CA PRO C 82 4.72 -25.30 11.72
C PRO C 82 4.25 -24.53 12.93
N LEU C 83 3.53 -23.43 12.70
CA LEU C 83 3.05 -22.62 13.81
C LEU C 83 2.11 -23.43 14.68
N PHE C 84 1.19 -24.15 14.04
CA PHE C 84 0.20 -24.93 14.77
C PHE C 84 0.87 -25.95 15.67
N GLN C 85 1.86 -26.66 15.15
CA GLN C 85 2.56 -27.65 15.96
C GLN C 85 3.36 -26.98 17.06
N ASP C 86 3.92 -25.79 16.80
CA ASP C 86 4.68 -25.10 17.84
C ASP C 86 3.76 -24.65 18.96
N LEU C 87 2.55 -24.21 18.62
CA LEU C 87 1.59 -23.80 19.62
C LEU C 87 1.15 -24.97 20.48
N ASN C 88 0.97 -26.13 19.87
CA ASN C 88 0.56 -27.33 20.60
C ASN C 88 1.75 -28.04 21.23
N GLY C 89 2.91 -27.41 21.29
CA GLY C 89 4.06 -28.05 21.90
C GLY C 89 4.51 -29.30 21.20
N GLN C 90 4.23 -29.40 19.90
CA GLN C 90 4.56 -30.55 19.09
C GLN C 90 5.75 -30.25 18.20
N SER C 91 6.43 -31.31 17.79
CA SER C 91 7.57 -31.21 16.90
C SER C 91 7.10 -31.02 15.47
N LEU C 92 8.06 -30.88 14.57
CA LEU C 92 7.80 -30.84 13.15
C LEU C 92 7.95 -32.24 12.57
N PHE C 93 6.95 -32.65 11.80
CA PHE C 93 7.05 -33.82 10.94
C PHE C 93 6.98 -33.40 9.50
N MET D 4 -22.38 -18.55 -9.81
CA MET D 4 -21.77 -19.89 -10.02
C MET D 4 -21.04 -20.37 -8.79
N ASN D 5 -21.18 -21.67 -8.54
CA ASN D 5 -20.61 -22.31 -7.38
C ASN D 5 -19.33 -23.08 -7.69
N PHE D 6 -19.17 -23.51 -8.95
CA PHE D 6 -17.99 -24.29 -9.32
C PHE D 6 -16.71 -23.51 -9.07
N ILE D 7 -16.70 -22.24 -9.46
CA ILE D 7 -15.56 -21.39 -9.18
C ILE D 7 -15.36 -21.29 -7.67
N LYS D 8 -16.43 -20.97 -6.96
CA LYS D 8 -16.34 -20.68 -5.54
C LYS D 8 -15.91 -21.93 -4.77
N ASP D 9 -16.54 -23.06 -5.09
CA ASP D 9 -16.25 -24.30 -4.36
C ASP D 9 -14.80 -24.71 -4.56
N ASN D 10 -14.26 -24.51 -5.76
CA ASN D 10 -12.90 -24.88 -6.09
C ASN D 10 -11.94 -23.69 -6.03
N SER D 11 -12.38 -22.56 -5.49
CA SER D 11 -11.54 -21.38 -5.51
C SER D 11 -10.25 -21.58 -4.73
N ARG D 12 -10.24 -22.49 -3.76
CA ARG D 12 -8.98 -22.88 -3.13
C ARG D 12 -7.97 -23.32 -4.18
N ALA D 13 -8.36 -24.34 -4.94
CA ALA D 13 -7.48 -24.89 -5.96
C ALA D 13 -7.18 -23.88 -7.04
N LEU D 14 -8.20 -23.13 -7.46
CA LEU D 14 -7.99 -22.16 -8.53
C LEU D 14 -6.99 -21.10 -8.11
N ILE D 15 -7.08 -20.60 -6.88
CA ILE D 15 -6.12 -19.61 -6.41
C ILE D 15 -4.74 -20.22 -6.38
N GLN D 16 -4.62 -21.46 -5.90
CA GLN D 16 -3.29 -21.99 -5.68
C GLN D 16 -2.63 -22.55 -6.92
N ARG D 17 -3.39 -22.81 -8.00
CA ARG D 17 -2.90 -23.58 -9.12
C ARG D 17 -2.87 -22.86 -10.45
N MET D 18 -3.74 -21.90 -10.70
CA MET D 18 -3.68 -21.15 -11.94
C MET D 18 -2.37 -20.41 -12.04
N GLY D 19 -1.59 -20.73 -13.07
CA GLY D 19 -0.38 -19.98 -13.32
C GLY D 19 -0.68 -18.53 -13.61
N MET D 20 0.32 -17.69 -13.35
CA MET D 20 0.25 -16.30 -13.74
C MET D 20 -0.10 -16.17 -15.21
N THR D 21 0.50 -17.02 -16.04
CA THR D 21 0.18 -17.05 -17.46
C THR D 21 -1.30 -17.27 -17.67
N VAL D 22 -1.82 -18.31 -17.03
CA VAL D 22 -3.22 -18.67 -17.17
C VAL D 22 -4.10 -17.49 -16.79
N ILE D 23 -3.71 -16.78 -15.74
CA ILE D 23 -4.50 -15.66 -15.27
C ILE D 23 -4.49 -14.55 -16.30
N LYS D 24 -3.31 -14.21 -16.81
CA LYS D 24 -3.21 -13.13 -17.79
C LYS D 24 -4.01 -13.45 -19.03
N GLN D 25 -4.01 -14.71 -19.43
CA GLN D 25 -4.64 -15.10 -20.68
C GLN D 25 -6.13 -15.12 -20.56
N ILE D 26 -6.62 -15.69 -19.46
CA ILE D 26 -8.04 -15.60 -19.15
C ILE D 26 -8.45 -14.14 -19.14
N THR D 27 -7.66 -13.31 -18.46
CA THR D 27 -7.94 -11.89 -18.39
C THR D 27 -8.05 -11.28 -19.76
N ASP D 28 -7.16 -11.67 -20.67
CA ASP D 28 -7.19 -11.12 -22.02
C ASP D 28 -8.47 -11.51 -22.72
N ASP D 29 -8.83 -12.80 -22.68
CA ASP D 29 -10.07 -13.25 -23.30
C ASP D 29 -11.26 -12.50 -22.75
N LEU D 30 -11.26 -12.30 -21.44
CA LEU D 30 -12.38 -11.67 -20.76
C LEU D 30 -12.48 -10.20 -21.12
N PHE D 31 -11.34 -9.53 -21.26
CA PHE D 31 -11.31 -8.15 -21.72
C PHE D 31 -11.86 -8.04 -23.13
N VAL D 32 -11.45 -8.95 -24.01
CA VAL D 32 -11.95 -8.95 -25.37
C VAL D 32 -13.44 -9.22 -25.38
N TRP D 33 -13.88 -10.08 -24.48
CA TRP D 33 -15.29 -10.42 -24.36
C TRP D 33 -16.07 -9.41 -23.54
N ASN D 34 -15.45 -8.31 -23.13
CA ASN D 34 -16.14 -7.19 -22.48
C ASN D 34 -16.81 -7.62 -21.19
N VAL D 35 -16.06 -8.32 -20.34
CA VAL D 35 -16.41 -8.50 -18.94
C VAL D 35 -15.35 -7.94 -18.01
N LEU D 36 -14.31 -7.33 -18.55
CA LEU D 36 -13.28 -6.72 -17.73
C LEU D 36 -12.92 -5.37 -18.28
N ASN D 37 -12.93 -4.40 -17.38
CA ASN D 37 -12.37 -3.09 -17.61
C ASN D 37 -10.85 -3.22 -17.68
N ARG D 38 -10.25 -2.51 -18.63
CA ARG D 38 -8.80 -2.34 -18.69
C ARG D 38 -8.18 -2.07 -17.32
N GLU D 39 -8.84 -1.32 -16.44
CA GLU D 39 -8.28 -1.18 -15.10
C GLU D 39 -8.29 -2.51 -14.38
N GLU D 40 -9.41 -3.24 -14.46
CA GLU D 40 -9.48 -4.54 -13.81
C GLU D 40 -8.40 -5.46 -14.35
N VAL D 41 -8.15 -5.37 -15.66
CA VAL D 41 -7.06 -6.10 -16.28
C VAL D 41 -5.74 -5.72 -15.63
N ASN D 42 -5.48 -4.42 -15.55
CA ASN D 42 -4.20 -3.95 -15.05
C ASN D 42 -4.01 -4.29 -13.59
N ILE D 43 -5.10 -4.38 -12.83
CA ILE D 43 -5.00 -4.63 -11.42
C ILE D 43 -4.75 -6.11 -11.17
N ILE D 44 -5.37 -6.97 -11.98
CA ILE D 44 -5.03 -8.37 -11.90
C ILE D 44 -3.58 -8.56 -12.30
N CYS D 45 -3.16 -7.88 -13.36
CA CYS D 45 -1.83 -8.12 -13.91
C CYS D 45 -0.73 -7.51 -13.08
N CYS D 46 -1.02 -6.48 -12.30
CA CYS D 46 0.02 -5.78 -11.57
C CYS D 46 0.46 -6.51 -10.31
N GLU D 47 -0.31 -7.49 -9.85
CA GLU D 47 0.09 -8.23 -8.67
C GLU D 47 1.38 -8.99 -8.96
N LYS D 48 2.43 -8.69 -8.21
CA LYS D 48 3.68 -9.44 -8.34
C LYS D 48 3.50 -10.89 -7.93
N VAL D 49 2.46 -11.20 -7.17
CA VAL D 49 2.21 -12.56 -6.69
C VAL D 49 1.12 -13.17 -7.56
N GLU D 50 1.35 -14.42 -7.95
CA GLU D 50 0.37 -15.20 -8.69
C GLU D 50 -0.95 -15.27 -7.97
N GLN D 51 -0.92 -15.71 -6.73
CA GLN D 51 -2.15 -16.04 -6.04
C GLN D 51 -2.97 -14.82 -5.74
N ASP D 52 -2.33 -13.66 -5.57
CA ASP D 52 -3.10 -12.43 -5.37
C ASP D 52 -3.82 -12.04 -6.64
N ALA D 53 -3.15 -12.17 -7.79
CA ALA D 53 -3.83 -11.98 -9.06
C ALA D 53 -4.99 -12.95 -9.21
N ALA D 54 -4.79 -14.18 -8.75
CA ALA D 54 -5.85 -15.17 -8.83
C ALA D 54 -7.04 -14.75 -7.99
N ARG D 55 -6.78 -14.30 -6.77
CA ARG D 55 -7.86 -13.85 -5.91
C ARG D 55 -8.60 -12.68 -6.55
N GLY D 56 -7.84 -11.73 -7.10
CA GLY D 56 -8.45 -10.61 -7.77
C GLY D 56 -9.42 -11.04 -8.83
N ILE D 57 -8.95 -11.89 -9.75
CA ILE D 57 -9.82 -12.29 -10.85
C ILE D 57 -11.00 -13.10 -10.32
N ILE D 58 -10.77 -14.00 -9.37
CA ILE D 58 -11.85 -14.90 -8.98
C ILE D 58 -12.96 -14.11 -8.31
N HIS D 59 -12.61 -13.31 -7.30
CA HIS D 59 -13.65 -12.57 -6.59
C HIS D 59 -14.35 -11.60 -7.54
N MET D 60 -13.59 -10.97 -8.42
CA MET D 60 -14.17 -10.08 -9.41
C MET D 60 -15.21 -10.79 -10.26
N ILE D 61 -14.85 -11.95 -10.82
CA ILE D 61 -15.75 -12.64 -11.72
C ILE D 61 -16.96 -13.15 -10.96
N LEU D 62 -16.78 -13.59 -9.73
CA LEU D 62 -17.91 -14.07 -8.94
C LEU D 62 -18.90 -12.94 -8.73
N LYS D 63 -18.40 -11.72 -8.51
CA LYS D 63 -19.28 -10.60 -8.36
C LYS D 63 -19.99 -10.22 -9.66
N LYS D 64 -19.43 -10.58 -10.81
CA LYS D 64 -19.98 -10.16 -12.09
C LYS D 64 -20.98 -11.15 -12.68
N GLY D 65 -21.37 -12.17 -11.94
CA GLY D 65 -22.52 -12.97 -12.32
C GLY D 65 -22.24 -14.23 -13.10
N SER D 66 -23.35 -14.91 -13.40
CA SER D 66 -23.32 -16.24 -13.99
C SER D 66 -22.60 -16.24 -15.33
N GLU D 67 -22.95 -15.30 -16.20
CA GLU D 67 -22.36 -15.28 -17.53
C GLU D 67 -20.87 -14.98 -17.52
N SER D 68 -20.43 -14.02 -16.69
CA SER D 68 -19.01 -13.75 -16.55
C SER D 68 -18.29 -15.00 -16.04
N CYS D 69 -18.92 -15.72 -15.12
CA CYS D 69 -18.31 -16.93 -14.59
C CYS D 69 -18.23 -18.02 -15.65
N ASN D 70 -19.26 -18.14 -16.47
CA ASN D 70 -19.25 -19.12 -17.55
C ASN D 70 -18.13 -18.83 -18.53
N LEU D 71 -17.95 -17.56 -18.88
CA LEU D 71 -16.88 -17.18 -19.77
C LEU D 71 -15.52 -17.46 -19.16
N PHE D 72 -15.38 -17.17 -17.86
CA PHE D 72 -14.16 -17.48 -17.13
C PHE D 72 -13.81 -18.94 -17.25
N LEU D 73 -14.80 -19.81 -17.02
CA LEU D 73 -14.53 -21.23 -17.07
C LEU D 73 -14.27 -21.70 -18.49
N LYS D 74 -14.91 -21.06 -19.47
CA LYS D 74 -14.64 -21.37 -20.87
C LYS D 74 -13.16 -21.18 -21.18
N SER D 75 -12.67 -19.97 -20.95
CA SER D 75 -11.27 -19.71 -21.27
C SER D 75 -10.33 -20.46 -20.34
N LEU D 76 -10.75 -20.75 -19.11
CA LEU D 76 -9.92 -21.56 -18.24
C LEU D 76 -9.74 -22.94 -18.80
N LYS D 77 -10.81 -23.51 -19.35
CA LYS D 77 -10.72 -24.80 -20.00
C LYS D 77 -9.76 -24.74 -21.17
N GLU D 78 -9.85 -23.67 -21.96
CA GLU D 78 -8.97 -23.56 -23.12
C GLU D 78 -7.51 -23.48 -22.69
N TRP D 79 -7.18 -22.49 -21.87
CA TRP D 79 -5.79 -22.14 -21.64
C TRP D 79 -5.11 -23.04 -20.61
N ASN D 80 -5.86 -23.60 -19.67
CA ASN D 80 -5.32 -24.47 -18.62
C ASN D 80 -6.18 -25.70 -18.48
N TYR D 81 -6.43 -26.35 -19.59
CA TYR D 81 -7.14 -27.62 -19.69
C TYR D 81 -6.74 -28.65 -18.65
N PRO D 82 -5.44 -28.84 -18.34
CA PRO D 82 -5.09 -29.84 -17.32
C PRO D 82 -5.72 -29.56 -15.97
N LEU D 83 -5.63 -28.32 -15.51
CA LEU D 83 -6.21 -27.97 -14.22
C LEU D 83 -7.71 -28.17 -14.25
N PHE D 84 -8.35 -27.71 -15.32
CA PHE D 84 -9.80 -27.80 -15.43
C PHE D 84 -10.26 -29.25 -15.36
N GLN D 85 -9.58 -30.13 -16.09
CA GLN D 85 -9.95 -31.53 -16.05
C GLN D 85 -9.67 -32.15 -14.70
N ASP D 86 -8.60 -31.71 -14.02
CA ASP D 86 -8.31 -32.25 -12.71
C ASP D 86 -9.36 -31.82 -11.70
N LEU D 87 -9.85 -30.59 -11.82
CA LEU D 87 -10.89 -30.10 -10.93
C LEU D 87 -12.18 -30.86 -11.14
N ASN D 88 -12.52 -31.17 -12.38
CA ASN D 88 -13.73 -31.92 -12.70
C ASN D 88 -13.54 -33.42 -12.55
N GLY D 89 -12.46 -33.87 -11.93
CA GLY D 89 -12.24 -35.29 -11.76
C GLY D 89 -12.10 -36.04 -13.05
N GLN D 90 -11.65 -35.37 -14.10
CA GLN D 90 -11.51 -35.95 -15.43
C GLN D 90 -10.04 -36.20 -15.72
N SER D 91 -9.81 -37.14 -16.63
CA SER D 91 -8.47 -37.48 -17.07
C SER D 91 -7.96 -36.45 -18.05
N LEU D 92 -6.72 -36.65 -18.49
CA LEU D 92 -6.13 -35.87 -19.55
C LEU D 92 -6.35 -36.55 -20.88
N PHE D 93 -6.84 -35.79 -21.86
CA PHE D 93 -6.83 -36.20 -23.26
C PHE D 93 -5.90 -35.29 -24.05
N MET E 4 -35.00 7.81 -7.73
CA MET E 4 -34.92 6.53 -8.46
C MET E 4 -34.94 5.34 -7.54
N ASN E 5 -35.65 4.31 -7.98
CA ASN E 5 -35.85 3.10 -7.21
C ASN E 5 -34.96 1.96 -7.65
N PHE E 6 -34.50 1.98 -8.91
CA PHE E 6 -33.67 0.90 -9.42
C PHE E 6 -32.38 0.78 -8.64
N ILE E 7 -31.75 1.91 -8.34
CA ILE E 7 -30.55 1.88 -7.49
C ILE E 7 -30.92 1.33 -6.13
N LYS E 8 -31.96 1.88 -5.53
CA LYS E 8 -32.32 1.55 -4.16
C LYS E 8 -32.72 0.09 -4.04
N ASP E 9 -33.57 -0.37 -4.96
CA ASP E 9 -34.04 -1.74 -4.91
C ASP E 9 -32.93 -2.74 -5.05
N ASN E 10 -31.94 -2.43 -5.89
CA ASN E 10 -30.80 -3.30 -6.14
C ASN E 10 -29.56 -2.88 -5.36
N SER E 11 -29.70 -1.96 -4.41
CA SER E 11 -28.54 -1.45 -3.70
C SER E 11 -27.82 -2.54 -2.94
N ARG E 12 -28.51 -3.61 -2.55
CA ARG E 12 -27.83 -4.78 -2.00
C ARG E 12 -26.76 -5.27 -2.96
N ALA E 13 -27.19 -5.61 -4.17
CA ALA E 13 -26.28 -6.13 -5.17
C ALA E 13 -25.23 -5.10 -5.56
N LEU E 14 -25.65 -3.84 -5.71
CA LEU E 14 -24.70 -2.82 -6.12
C LEU E 14 -23.61 -2.65 -5.07
N ILE E 15 -23.97 -2.64 -3.80
CA ILE E 15 -22.95 -2.53 -2.76
C ILE E 15 -22.02 -3.72 -2.82
N GLN E 16 -22.57 -4.91 -2.99
CA GLN E 16 -21.73 -6.09 -2.85
C GLN E 16 -20.93 -6.42 -4.09
N ARG E 17 -21.26 -5.86 -5.25
CA ARG E 17 -20.72 -6.33 -6.52
C ARG E 17 -19.92 -5.30 -7.30
N MET E 18 -20.20 -4.01 -7.17
CA MET E 18 -19.40 -3.02 -7.86
C MET E 18 -17.97 -3.08 -7.38
N GLY E 19 -17.05 -3.36 -8.28
CA GLY E 19 -15.65 -3.30 -7.94
C GLY E 19 -15.23 -1.91 -7.53
N MET E 20 -14.17 -1.86 -6.74
CA MET E 20 -13.54 -0.59 -6.40
C MET E 20 -13.24 0.22 -7.66
N THR E 21 -12.76 -0.47 -8.69
CA THR E 21 -12.50 0.17 -9.96
C THR E 21 -13.76 0.83 -10.48
N VAL E 22 -14.83 0.06 -10.54
CA VAL E 22 -16.10 0.54 -11.06
C VAL E 22 -16.54 1.77 -10.29
N ILE E 23 -16.33 1.76 -8.98
CA ILE E 23 -16.75 2.87 -8.15
C ILE E 23 -15.93 4.10 -8.50
N LYS E 24 -14.61 3.95 -8.58
CA LYS E 24 -13.75 5.09 -8.87
C LYS E 24 -14.09 5.69 -10.22
N GLN E 25 -14.41 4.84 -11.18
CA GLN E 25 -14.61 5.29 -12.55
C GLN E 25 -15.94 6.01 -12.69
N ILE E 26 -16.98 5.42 -12.11
CA ILE E 26 -18.26 6.10 -12.01
C ILE E 26 -18.05 7.45 -11.36
N THR E 27 -17.32 7.46 -10.25
CA THR E 27 -17.04 8.69 -9.53
C THR E 27 -16.39 9.72 -10.43
N ASP E 28 -15.44 9.27 -11.25
CA ASP E 28 -14.76 10.18 -12.14
C ASP E 28 -15.73 10.79 -13.14
N ASP E 29 -16.54 9.95 -13.79
CA ASP E 29 -17.51 10.46 -14.74
C ASP E 29 -18.45 11.45 -14.09
N LEU E 30 -18.86 11.15 -12.87
CA LEU E 30 -19.82 11.97 -12.16
C LEU E 30 -19.21 13.31 -11.76
N PHE E 31 -17.94 13.29 -11.37
CA PHE E 31 -17.21 14.52 -11.08
C PHE E 31 -17.11 15.38 -12.33
N VAL E 32 -16.77 14.76 -13.45
CA VAL E 32 -16.68 15.51 -14.71
C VAL E 32 -18.04 16.06 -15.07
N TRP E 33 -19.09 15.30 -14.81
CA TRP E 33 -20.46 15.71 -15.08
C TRP E 33 -21.04 16.61 -14.01
N ASN E 34 -20.25 17.00 -13.02
CA ASN E 34 -20.64 18.01 -12.04
C ASN E 34 -21.86 17.56 -11.24
N VAL E 35 -21.81 16.33 -10.73
CA VAL E 35 -22.69 15.87 -9.68
C VAL E 35 -21.94 15.44 -8.45
N LEU E 36 -20.62 15.58 -8.43
CA LEU E 36 -19.83 15.24 -7.27
C LEU E 36 -18.79 16.31 -7.03
N ASN E 37 -18.78 16.75 -5.78
CA ASN E 37 -17.71 17.57 -5.25
C ASN E 37 -16.45 16.73 -5.13
N ARG E 38 -15.31 17.31 -5.50
CA ARG E 38 -14.01 16.72 -5.24
C ARG E 38 -13.89 16.13 -3.84
N GLU E 39 -14.48 16.75 -2.82
CA GLU E 39 -14.47 16.10 -1.52
C GLU E 39 -15.26 14.80 -1.55
N GLU E 40 -16.45 14.83 -2.16
CA GLU E 40 -17.25 13.62 -2.25
C GLU E 40 -16.49 12.54 -2.99
N VAL E 41 -15.76 12.94 -4.02
CA VAL E 41 -14.88 12.03 -4.75
C VAL E 41 -13.86 11.42 -3.79
N ASN E 42 -13.17 12.29 -3.04
CA ASN E 42 -12.10 11.82 -2.18
C ASN E 42 -12.62 10.94 -1.06
N ILE E 43 -13.86 11.16 -0.64
CA ILE E 43 -14.40 10.41 0.47
C ILE E 43 -14.85 9.05 -0.01
N ILE E 44 -15.41 8.98 -1.21
CA ILE E 44 -15.67 7.67 -1.79
C ILE E 44 -14.36 6.92 -1.99
N CYS E 45 -13.35 7.61 -2.50
CA CYS E 45 -12.12 6.94 -2.88
C CYS E 45 -11.27 6.56 -1.68
N CYS E 46 -11.41 7.25 -0.56
CA CYS E 46 -10.53 7.00 0.58
C CYS E 46 -10.91 5.76 1.37
N GLU E 47 -12.11 5.22 1.16
CA GLU E 47 -12.50 4.01 1.87
C GLU E 47 -11.60 2.87 1.45
N LYS E 48 -10.87 2.31 2.40
CA LYS E 48 -10.06 1.13 2.13
C LYS E 48 -10.91 -0.07 1.74
N VAL E 49 -12.20 -0.06 2.08
CA VAL E 49 -13.10 -1.15 1.78
C VAL E 49 -13.94 -0.77 0.56
N GLU E 50 -14.07 -1.73 -0.34
CA GLU E 50 -14.91 -1.58 -1.52
C GLU E 50 -16.33 -1.21 -1.14
N GLN E 51 -16.95 -2.02 -0.30
CA GLN E 51 -18.36 -1.90 -0.06
C GLN E 51 -18.70 -0.61 0.67
N ASP E 52 -17.79 -0.10 1.49
CA ASP E 52 -18.04 1.18 2.13
C ASP E 52 -18.03 2.32 1.12
N ALA E 53 -17.08 2.28 0.19
CA ALA E 53 -17.10 3.23 -0.92
C ALA E 53 -18.39 3.11 -1.71
N ALA E 54 -18.87 1.89 -1.90
CA ALA E 54 -20.11 1.67 -2.61
C ALA E 54 -21.28 2.31 -1.87
N ARG E 55 -21.34 2.10 -0.57
CA ARG E 55 -22.40 2.71 0.22
C ARG E 55 -22.33 4.22 0.12
N GLY E 56 -21.13 4.78 0.24
CA GLY E 56 -20.95 6.21 0.12
C GLY E 56 -21.55 6.73 -1.16
N ILE E 57 -21.14 6.16 -2.29
CA ILE E 57 -21.61 6.67 -3.56
C ILE E 57 -23.11 6.45 -3.69
N ILE E 58 -23.62 5.29 -3.27
CA ILE E 58 -25.02 5.00 -3.55
C ILE E 58 -25.91 5.94 -2.77
N HIS E 59 -25.69 6.04 -1.46
CA HIS E 59 -26.54 6.91 -0.66
C HIS E 59 -26.42 8.35 -1.11
N MET E 60 -25.20 8.77 -1.43
CA MET E 60 -24.97 10.12 -1.93
C MET E 60 -25.80 10.39 -3.18
N ILE E 61 -25.74 9.51 -4.17
CA ILE E 61 -26.43 9.73 -5.42
C ILE E 61 -27.94 9.70 -5.21
N LEU E 62 -28.40 8.80 -4.34
CA LEU E 62 -29.83 8.74 -4.08
C LEU E 62 -30.32 10.06 -3.50
N LYS E 63 -29.51 10.67 -2.65
CA LYS E 63 -29.90 11.96 -2.09
C LYS E 63 -29.85 13.07 -3.13
N LYS E 64 -29.10 12.91 -4.21
CA LYS E 64 -28.92 13.97 -5.19
C LYS E 64 -29.91 13.92 -6.34
N GLY E 65 -30.91 13.05 -6.26
CA GLY E 65 -32.05 13.16 -7.16
C GLY E 65 -31.99 12.30 -8.41
N SER E 66 -33.08 12.44 -9.17
CA SER E 66 -33.34 11.59 -10.33
C SER E 66 -32.23 11.69 -11.36
N GLU E 67 -31.84 12.92 -11.69
CA GLU E 67 -30.85 13.10 -12.75
C GLU E 67 -29.47 12.57 -12.34
N SER E 68 -29.05 12.81 -11.10
CA SER E 68 -27.80 12.23 -10.63
C SER E 68 -27.85 10.72 -10.68
N CYS E 69 -29.01 10.15 -10.35
CA CYS E 69 -29.15 8.70 -10.39
C CYS E 69 -29.10 8.17 -11.82
N ASN E 70 -29.72 8.90 -12.74
CA ASN E 70 -29.67 8.50 -14.15
C ASN E 70 -28.25 8.51 -14.66
N LEU E 71 -27.48 9.53 -14.31
CA LEU E 71 -26.09 9.61 -14.73
C LEU E 71 -25.28 8.47 -14.11
N PHE E 72 -25.55 8.17 -12.84
CA PHE E 72 -24.90 7.05 -12.18
C PHE E 72 -25.13 5.76 -12.95
N LEU E 73 -26.37 5.51 -13.32
CA LEU E 73 -26.67 4.27 -14.03
C LEU E 73 -26.09 4.27 -15.43
N LYS E 74 -26.02 5.44 -16.06
CA LYS E 74 -25.39 5.56 -17.36
C LYS E 74 -23.95 5.07 -17.31
N SER E 75 -23.16 5.67 -16.44
CA SER E 75 -21.76 5.28 -16.37
C SER E 75 -21.61 3.89 -15.79
N LEU E 76 -22.53 3.44 -14.93
CA LEU E 76 -22.47 2.07 -14.45
C LEU E 76 -22.63 1.10 -15.59
N LYS E 77 -23.54 1.39 -16.50
CA LYS E 77 -23.71 0.56 -17.68
C LYS E 77 -22.44 0.53 -18.50
N GLU E 78 -21.82 1.69 -18.67
CA GLU E 78 -20.59 1.75 -19.46
C GLU E 78 -19.49 0.90 -18.83
N TRP E 79 -19.15 1.22 -17.59
CA TRP E 79 -17.92 0.71 -16.99
C TRP E 79 -18.08 -0.71 -16.45
N ASN E 80 -19.28 -1.09 -16.03
CA ASN E 80 -19.54 -2.42 -15.48
C ASN E 80 -20.81 -3.00 -16.08
N TYR E 81 -20.84 -2.98 -17.40
CA TYR E 81 -21.89 -3.58 -18.23
C TYR E 81 -22.33 -4.97 -17.77
N PRO E 82 -21.42 -5.89 -17.40
CA PRO E 82 -21.89 -7.20 -16.96
C PRO E 82 -22.82 -7.15 -15.77
N LEU E 83 -22.44 -6.38 -14.74
CA LEU E 83 -23.28 -6.27 -13.57
C LEU E 83 -24.62 -5.65 -13.92
N PHE E 84 -24.58 -4.58 -14.71
CA PHE E 84 -25.80 -3.88 -15.09
C PHE E 84 -26.77 -4.79 -15.81
N GLN E 85 -26.26 -5.58 -16.75
CA GLN E 85 -27.12 -6.50 -17.48
C GLN E 85 -27.63 -7.61 -16.57
N ASP E 86 -26.81 -8.04 -15.61
CA ASP E 86 -27.26 -9.09 -14.69
C ASP E 86 -28.36 -8.57 -13.79
N LEU E 87 -28.26 -7.30 -13.37
CA LEU E 87 -29.28 -6.71 -12.53
C LEU E 87 -30.60 -6.56 -13.28
N ASN E 88 -30.52 -6.20 -14.55
CA ASN E 88 -31.71 -6.05 -15.38
C ASN E 88 -32.18 -7.37 -15.97
N GLY E 89 -31.66 -8.50 -15.48
CA GLY E 89 -32.10 -9.78 -15.99
C GLY E 89 -31.78 -9.99 -17.45
N GLN E 90 -30.75 -9.33 -17.95
CA GLN E 90 -30.35 -9.39 -19.34
C GLN E 90 -29.10 -10.24 -19.49
N SER E 91 -28.92 -10.76 -20.70
CA SER E 91 -27.76 -11.56 -21.02
C SER E 91 -26.56 -10.65 -21.27
N LEU E 92 -25.44 -11.30 -21.57
CA LEU E 92 -24.23 -10.61 -21.99
C LEU E 92 -24.18 -10.56 -23.51
N PHE E 93 -23.93 -9.37 -24.04
CA PHE E 93 -23.56 -9.21 -25.45
C PHE E 93 -22.15 -8.68 -25.53
N MET F 4 14.58 -18.77 18.11
CA MET F 4 16.05 -18.75 17.91
C MET F 4 16.59 -17.34 17.83
N ASN F 5 17.76 -17.16 18.45
CA ASN F 5 18.41 -15.86 18.53
C ASN F 5 19.55 -15.71 17.54
N PHE F 6 20.14 -16.82 17.10
CA PHE F 6 21.27 -16.75 16.17
C PHE F 6 20.87 -16.07 14.88
N ILE F 7 19.71 -16.42 14.34
CA ILE F 7 19.21 -15.74 13.15
C ILE F 7 19.00 -14.28 13.46
N LYS F 8 18.29 -13.99 14.55
CA LYS F 8 17.90 -12.63 14.86
C LYS F 8 19.13 -11.76 15.13
N ASP F 9 20.05 -12.28 15.94
CA ASP F 9 21.23 -11.50 16.30
C ASP F 9 22.07 -11.16 15.09
N ASN F 10 22.16 -12.09 14.15
CA ASN F 10 22.95 -11.92 12.93
C ASN F 10 22.11 -11.53 11.73
N SER F 11 20.83 -11.18 11.95
CA SER F 11 19.95 -10.89 10.83
C SER F 11 20.44 -9.71 10.01
N ARG F 12 21.20 -8.79 10.61
CA ARG F 12 21.87 -7.76 9.83
C ARG F 12 22.70 -8.38 8.72
N ALA F 13 23.64 -9.22 9.12
CA ALA F 13 24.54 -9.87 8.18
C ALA F 13 23.78 -10.76 7.22
N LEU F 14 22.82 -11.52 7.75
CA LEU F 14 22.07 -12.44 6.89
C LEU F 14 21.31 -11.69 5.82
N ILE F 15 20.68 -10.57 6.17
CA ILE F 15 19.97 -9.80 5.16
C ILE F 15 20.95 -9.29 4.14
N GLN F 16 22.10 -8.80 4.58
CA GLN F 16 22.97 -8.11 3.65
C GLN F 16 23.83 -9.03 2.81
N ARG F 17 23.98 -10.30 3.20
CA ARG F 17 24.99 -11.18 2.63
C ARG F 17 24.46 -12.42 1.93
N MET F 18 23.31 -12.96 2.32
CA MET F 18 22.76 -14.10 1.60
C MET F 18 22.46 -13.72 0.18
N GLY F 19 23.09 -14.40 -0.76
CA GLY F 19 22.77 -14.21 -2.15
C GLY F 19 21.33 -14.59 -2.45
N MET F 20 20.80 -13.98 -3.50
CA MET F 20 19.50 -14.38 -4.01
C MET F 20 19.45 -15.88 -4.24
N THR F 21 20.52 -16.44 -4.78
CA THR F 21 20.62 -17.87 -4.97
C THR F 21 20.42 -18.60 -3.66
N VAL F 22 21.18 -18.20 -2.65
CA VAL F 22 21.13 -18.82 -1.34
C VAL F 22 19.71 -18.78 -0.81
N ILE F 23 19.03 -17.65 -1.02
CA ILE F 23 17.68 -17.50 -0.51
C ILE F 23 16.74 -18.46 -1.21
N LYS F 24 16.83 -18.51 -2.54
CA LYS F 24 15.94 -19.39 -3.30
C LYS F 24 16.14 -20.84 -2.91
N GLN F 25 17.39 -21.22 -2.66
CA GLN F 25 17.72 -22.61 -2.41
C GLN F 25 17.29 -23.03 -1.02
N ILE F 26 17.56 -22.18 -0.03
CA ILE F 26 17.03 -22.38 1.29
C ILE F 26 15.52 -22.53 1.21
N THR F 27 14.89 -21.62 0.47
CA THR F 27 13.44 -21.64 0.31
C THR F 27 12.99 -22.97 -0.25
N ASP F 28 13.71 -23.49 -1.23
CA ASP F 28 13.34 -24.76 -1.83
C ASP F 28 13.41 -25.88 -0.81
N ASP F 29 14.52 -25.96 -0.08
CA ASP F 29 14.66 -26.99 0.95
C ASP F 29 13.54 -26.89 1.97
N LEU F 30 13.19 -25.68 2.35
CA LEU F 30 12.20 -25.44 3.37
C LEU F 30 10.81 -25.82 2.88
N PHE F 31 10.53 -25.54 1.60
CA PHE F 31 9.28 -25.96 1.00
C PHE F 31 9.17 -27.47 0.97
N VAL F 32 10.25 -28.14 0.59
CA VAL F 32 10.26 -29.60 0.57
C VAL F 32 10.08 -30.12 1.97
N TRP F 33 10.66 -29.46 2.94
CA TRP F 33 10.56 -29.84 4.34
C TRP F 33 9.28 -29.36 5.00
N ASN F 34 8.38 -28.74 4.24
CA ASN F 34 7.05 -28.40 4.72
C ASN F 34 7.10 -27.42 5.89
N VAL F 35 7.89 -26.36 5.72
CA VAL F 35 7.80 -25.18 6.57
C VAL F 35 7.49 -23.93 5.77
N LEU F 36 7.26 -24.06 4.48
CA LEU F 36 6.90 -22.93 3.65
C LEU F 36 5.77 -23.31 2.72
N ASN F 37 4.76 -22.47 2.73
CA ASN F 37 3.71 -22.49 1.74
C ASN F 37 4.28 -22.02 0.41
N ARG F 38 3.88 -22.69 -0.67
CA ARG F 38 4.15 -22.23 -2.03
C ARG F 38 3.93 -20.74 -2.20
N GLU F 39 2.92 -20.15 -1.56
CA GLU F 39 2.81 -18.69 -1.64
C GLU F 39 3.99 -18.03 -0.96
N GLU F 40 4.36 -18.49 0.23
CA GLU F 40 5.50 -17.92 0.91
C GLU F 40 6.75 -18.03 0.07
N VAL F 41 6.88 -19.16 -0.63
CA VAL F 41 7.97 -19.36 -1.58
C VAL F 41 7.92 -18.29 -2.65
N ASN F 42 6.76 -18.11 -3.26
CA ASN F 42 6.62 -17.19 -4.37
C ASN F 42 6.84 -15.75 -3.94
N ILE F 43 6.52 -15.45 -2.69
CA ILE F 43 6.63 -14.08 -2.23
C ILE F 43 8.08 -13.76 -1.89
N ILE F 44 8.80 -14.74 -1.35
CA ILE F 44 10.23 -14.55 -1.18
C ILE F 44 10.87 -14.40 -2.55
N CYS F 45 10.47 -15.24 -3.50
CA CYS F 45 11.16 -15.29 -4.79
C CYS F 45 10.80 -14.11 -5.68
N CYS F 46 9.64 -13.49 -5.47
CA CYS F 46 9.20 -12.43 -6.37
C CYS F 46 9.89 -11.11 -6.10
N GLU F 47 10.54 -10.95 -4.96
CA GLU F 47 11.23 -9.69 -4.68
C GLU F 47 12.36 -9.52 -5.68
N LYS F 48 12.30 -8.44 -6.46
CA LYS F 48 13.38 -8.12 -7.37
C LYS F 48 14.68 -7.79 -6.63
N VAL F 49 14.58 -7.45 -5.34
CA VAL F 49 15.73 -7.10 -4.54
C VAL F 49 16.10 -8.30 -3.67
N GLU F 50 17.39 -8.58 -3.61
CA GLU F 50 17.94 -9.62 -2.76
C GLU F 50 17.54 -9.42 -1.31
N GLN F 51 17.82 -8.24 -0.78
CA GLN F 51 17.71 -8.03 0.65
C GLN F 51 16.26 -8.05 1.08
N ASP F 52 15.33 -7.66 0.22
CA ASP F 52 13.92 -7.75 0.59
C ASP F 52 13.47 -9.20 0.67
N ALA F 53 13.93 -10.03 -0.26
CA ALA F 53 13.69 -11.46 -0.15
C ALA F 53 14.28 -12.01 1.13
N ALA F 54 15.46 -11.52 1.49
CA ALA F 54 16.11 -11.96 2.72
C ALA F 54 15.27 -11.60 3.93
N ARG F 55 14.77 -10.37 3.96
CA ARG F 55 13.92 -9.95 5.07
C ARG F 55 12.68 -10.82 5.14
N GLY F 56 12.06 -11.06 3.99
CA GLY F 56 10.89 -11.91 3.94
C GLY F 56 11.14 -13.25 4.58
N ILE F 57 12.18 -13.94 4.13
CA ILE F 57 12.43 -15.27 4.65
C ILE F 57 12.80 -15.19 6.12
N ILE F 58 13.61 -14.22 6.53
CA ILE F 58 14.10 -14.24 7.90
C ILE F 58 12.96 -14.01 8.87
N HIS F 59 12.18 -12.95 8.65
CA HIS F 59 11.10 -12.66 9.58
C HIS F 59 10.08 -13.79 9.57
N MET F 60 9.80 -14.34 8.40
CA MET F 60 8.90 -15.48 8.30
C MET F 60 9.37 -16.64 9.15
N ILE F 61 10.63 -17.03 9.01
CA ILE F 61 11.12 -18.20 9.73
C ILE F 61 11.16 -17.92 11.22
N LEU F 62 11.51 -16.70 11.61
CA LEU F 62 11.53 -16.37 13.02
C LEU F 62 10.15 -16.52 13.62
N LYS F 63 9.13 -16.14 12.87
CA LYS F 63 7.77 -16.31 13.36
C LYS F 63 7.35 -17.77 13.42
N LYS F 64 7.99 -18.65 12.66
CA LYS F 64 7.57 -20.05 12.57
C LYS F 64 8.29 -20.95 13.57
N GLY F 65 9.06 -20.41 14.49
CA GLY F 65 9.52 -21.17 15.63
C GLY F 65 10.89 -21.80 15.51
N SER F 66 11.24 -22.48 16.61
CA SER F 66 12.58 -23.01 16.80
C SER F 66 12.94 -24.01 15.70
N GLU F 67 12.04 -24.94 15.43
CA GLU F 67 12.36 -25.98 14.46
C GLU F 67 12.49 -25.44 13.03
N SER F 68 11.62 -24.51 12.62
CA SER F 68 11.77 -23.87 11.34
C SER F 68 13.11 -23.14 11.26
N CYS F 69 13.50 -22.50 12.36
CA CYS F 69 14.78 -21.80 12.37
C CYS F 69 15.95 -22.75 12.28
N ASN F 70 15.86 -23.88 12.95
CA ASN F 70 16.91 -24.89 12.88
C ASN F 70 17.07 -25.40 11.47
N LEU F 71 15.95 -25.67 10.80
CA LEU F 71 16.01 -26.12 9.42
C LEU F 71 16.60 -25.06 8.51
N PHE F 72 16.22 -23.80 8.75
CA PHE F 72 16.79 -22.69 8.00
C PHE F 72 18.30 -22.67 8.11
N LEU F 73 18.80 -22.81 9.33
CA LEU F 73 20.25 -22.76 9.52
C LEU F 73 20.92 -24.00 8.97
N LYS F 74 20.24 -25.13 8.99
CA LYS F 74 20.76 -26.35 8.37
C LYS F 74 21.05 -26.11 6.90
N SER F 75 20.03 -25.72 6.16
CA SER F 75 20.22 -25.53 4.73
C SER F 75 21.10 -24.32 4.44
N LEU F 76 21.11 -23.31 5.32
CA LEU F 76 22.03 -22.21 5.14
C LEU F 76 23.47 -22.67 5.22
N LYS F 77 23.75 -23.56 6.17
CA LYS F 77 25.08 -24.13 6.26
C LYS F 77 25.43 -24.88 5.00
N GLU F 78 24.48 -25.66 4.48
CA GLU F 78 24.75 -26.42 3.27
C GLU F 78 25.06 -25.51 2.10
N TRP F 79 24.12 -24.62 1.77
CA TRP F 79 24.17 -23.90 0.51
C TRP F 79 25.10 -22.70 0.53
N ASN F 80 25.31 -22.09 1.69
CA ASN F 80 26.17 -20.92 1.83
C ASN F 80 27.08 -21.09 3.05
N TYR F 81 27.75 -22.22 3.09
CA TYR F 81 28.76 -22.57 4.08
C TYR F 81 29.75 -21.46 4.40
N PRO F 82 30.27 -20.71 3.41
CA PRO F 82 31.20 -19.62 3.76
C PRO F 82 30.61 -18.59 4.69
N LEU F 83 29.40 -18.12 4.37
CA LEU F 83 28.76 -17.13 5.21
C LEU F 83 28.51 -17.69 6.60
N PHE F 84 28.00 -18.91 6.66
CA PHE F 84 27.68 -19.54 7.95
C PHE F 84 28.91 -19.64 8.83
N GLN F 85 30.03 -20.08 8.25
CA GLN F 85 31.25 -20.17 9.03
C GLN F 85 31.77 -18.80 9.43
N ASP F 86 31.58 -17.80 8.58
CA ASP F 86 32.03 -16.46 8.93
C ASP F 86 31.20 -15.89 10.07
N LEU F 87 29.90 -16.18 10.07
CA LEU F 87 29.04 -15.72 11.15
C LEU F 87 29.40 -16.38 12.46
N ASN F 88 29.74 -17.66 12.43
CA ASN F 88 30.13 -18.38 13.64
C ASN F 88 31.59 -18.18 13.99
N GLY F 89 32.26 -17.21 13.38
CA GLY F 89 33.66 -16.97 13.69
C GLY F 89 34.56 -18.13 13.36
N GLN F 90 34.17 -18.95 12.40
CA GLN F 90 34.92 -20.13 12.01
C GLN F 90 35.63 -19.89 10.69
N SER F 91 36.68 -20.67 10.47
CA SER F 91 37.44 -20.59 9.24
C SER F 91 36.72 -21.33 8.12
N LEU F 92 37.32 -21.30 6.95
CA LEU F 92 36.87 -22.08 5.82
C LEU F 92 37.62 -23.41 5.77
N PHE F 93 36.86 -24.48 5.64
CA PHE F 93 37.40 -25.78 5.28
C PHE F 93 36.90 -26.20 3.92
N MET G 4 -4.45 36.58 11.79
CA MET G 4 -4.21 36.74 10.33
C MET G 4 -5.48 36.48 9.54
N ASN G 5 -5.65 37.29 8.50
CA ASN G 5 -6.82 37.24 7.66
C ASN G 5 -6.57 36.53 6.33
N PHE G 6 -5.31 36.50 5.89
CA PHE G 6 -5.00 35.88 4.61
C PHE G 6 -5.37 34.41 4.60
N ILE G 7 -5.05 33.70 5.69
CA ILE G 7 -5.46 32.31 5.82
C ILE G 7 -6.97 32.23 5.80
N LYS G 8 -7.61 33.03 6.64
CA LYS G 8 -9.05 32.94 6.82
C LYS G 8 -9.79 33.28 5.54
N ASP G 9 -9.37 34.37 4.90
CA ASP G 9 -10.06 34.82 3.69
C ASP G 9 -9.96 33.80 2.58
N ASN G 10 -8.81 33.14 2.48
CA ASN G 10 -8.58 32.13 1.46
C ASN G 10 -8.75 30.71 1.97
N SER G 11 -9.30 30.54 3.16
CA SER G 11 -9.41 29.21 3.74
C SER G 11 -10.27 28.29 2.89
N ARG G 12 -11.20 28.83 2.10
CA ARG G 12 -11.90 28.02 1.12
C ARG G 12 -10.91 27.30 0.21
N ALA G 13 -10.08 28.10 -0.45
CA ALA G 13 -9.11 27.55 -1.38
C ALA G 13 -8.10 26.67 -0.67
N LEU G 14 -7.64 27.11 0.50
CA LEU G 14 -6.63 26.33 1.22
C LEU G 14 -7.18 24.96 1.59
N ILE G 15 -8.42 24.90 2.07
CA ILE G 15 -9.00 23.61 2.42
C ILE G 15 -9.10 22.75 1.17
N GLN G 16 -9.53 23.34 0.06
CA GLN G 16 -9.84 22.50 -1.09
C GLN G 16 -8.61 22.12 -1.91
N ARG G 17 -7.48 22.80 -1.73
CA ARG G 17 -6.37 22.70 -2.66
C ARG G 17 -5.07 22.17 -2.06
N MET G 18 -4.80 22.40 -0.77
CA MET G 18 -3.60 21.85 -0.17
C MET G 18 -3.63 20.34 -0.22
N GLY G 19 -2.67 19.76 -0.89
CA GLY G 19 -2.53 18.32 -0.89
C GLY G 19 -2.29 17.79 0.51
N MET G 20 -2.66 16.53 0.69
CA MET G 20 -2.33 15.83 1.93
C MET G 20 -0.85 15.93 2.22
N THR G 21 -0.03 15.80 1.18
CA THR G 21 1.41 15.95 1.32
C THR G 21 1.75 17.30 1.90
N VAL G 22 1.21 18.35 1.28
CA VAL G 22 1.46 19.71 1.71
C VAL G 22 1.09 19.88 3.16
N ILE G 23 -0.03 19.27 3.57
CA ILE G 23 -0.48 19.40 4.94
C ILE G 23 0.49 18.73 5.89
N LYS G 24 0.90 17.50 5.56
CA LYS G 24 1.81 16.77 6.43
C LYS G 24 3.13 17.52 6.58
N GLN G 25 3.59 18.12 5.50
CA GLN G 25 4.90 18.74 5.49
C GLN G 25 4.89 20.05 6.26
N ILE G 26 3.86 20.85 6.02
CA ILE G 26 3.65 22.03 6.83
C ILE G 26 3.61 21.63 8.29
N THR G 27 2.84 20.59 8.60
CA THR G 27 2.71 20.10 9.96
C THR G 27 4.06 19.75 10.53
N ASP G 28 4.91 19.11 9.74
CA ASP G 28 6.24 18.74 10.21
C ASP G 28 7.06 19.97 10.55
N ASP G 29 7.09 20.94 9.64
CA ASP G 29 7.84 22.17 9.91
C ASP G 29 7.34 22.85 11.17
N LEU G 30 6.03 22.86 11.34
CA LEU G 30 5.40 23.55 12.46
C LEU G 30 5.70 22.84 13.76
N PHE G 31 5.73 21.51 13.74
CA PHE G 31 6.12 20.73 14.91
C PHE G 31 7.55 21.02 15.28
N VAL G 32 8.44 21.06 14.28
CA VAL G 32 9.84 21.36 14.55
C VAL G 32 9.97 22.77 15.10
N TRP G 33 9.15 23.67 14.59
CA TRP G 33 9.15 25.06 15.04
C TRP G 33 8.35 25.27 16.31
N ASN G 34 7.83 24.21 16.92
CA ASN G 34 7.20 24.27 18.23
C ASN G 34 5.97 25.18 18.22
N VAL G 35 5.11 24.97 17.23
CA VAL G 35 3.75 25.48 17.26
C VAL G 35 2.71 24.38 17.18
N LEU G 36 3.15 23.13 17.17
CA LEU G 36 2.23 22.01 17.15
C LEU G 36 2.68 20.95 18.12
N ASN G 37 1.74 20.54 18.95
CA ASN G 37 1.88 19.36 19.77
C ASN G 37 1.84 18.13 18.87
N ARG G 38 2.70 17.16 19.16
CA ARG G 38 2.64 15.84 18.57
C ARG G 38 1.22 15.30 18.46
N GLU G 39 0.35 15.54 19.44
CA GLU G 39 -1.03 15.12 19.26
C GLU G 39 -1.68 15.89 18.14
N GLU G 40 -1.49 17.20 18.11
CA GLU G 40 -2.06 17.99 17.04
C GLU G 40 -1.57 17.50 15.68
N VAL G 41 -0.29 17.14 15.63
CA VAL G 41 0.29 16.53 14.43
C VAL G 41 -0.47 15.26 14.07
N ASN G 42 -0.64 14.37 15.05
CA ASN G 42 -1.26 13.09 14.78
C ASN G 42 -2.71 13.24 14.40
N ILE G 43 -3.37 14.28 14.89
CA ILE G 43 -4.78 14.43 14.62
C ILE G 43 -4.97 15.03 13.23
N ILE G 44 -4.09 15.92 12.82
CA ILE G 44 -4.13 16.37 11.44
C ILE G 44 -3.84 15.19 10.52
N CYS G 45 -2.84 14.39 10.88
CA CYS G 45 -2.37 13.34 9.98
C CYS G 45 -3.31 12.16 9.94
N CYS G 46 -4.11 11.94 10.97
CA CYS G 46 -4.96 10.75 11.02
C CYS G 46 -6.21 10.87 10.17
N GLU G 47 -6.57 12.08 9.74
CA GLU G 47 -7.74 12.21 8.89
C GLU G 47 -7.51 11.51 7.57
N LYS G 48 -8.35 10.51 7.29
CA LYS G 48 -8.27 9.84 6.00
C LYS G 48 -8.60 10.76 4.85
N VAL G 49 -9.28 11.88 5.11
CA VAL G 49 -9.67 12.84 4.10
C VAL G 49 -8.69 14.01 4.14
N GLU G 50 -8.27 14.42 2.96
CA GLU G 50 -7.42 15.59 2.79
C GLU G 50 -8.03 16.82 3.43
N GLN G 51 -9.25 17.14 3.03
CA GLN G 51 -9.84 18.41 3.38
C GLN G 51 -10.13 18.50 4.87
N ASP G 52 -10.41 17.37 5.52
CA ASP G 52 -10.60 17.40 6.97
C ASP G 52 -9.30 17.70 7.68
N ALA G 53 -8.20 17.11 7.22
CA ALA G 53 -6.88 17.47 7.73
C ALA G 53 -6.61 18.95 7.52
N ALA G 54 -7.01 19.46 6.36
CA ALA G 54 -6.82 20.87 6.06
C ALA G 54 -7.59 21.74 7.04
N ARG G 55 -8.84 21.38 7.29
CA ARG G 55 -9.63 22.14 8.25
C ARG G 55 -8.99 22.10 9.62
N GLY G 56 -8.54 20.92 10.04
CA GLY G 56 -7.88 20.79 11.32
C GLY G 56 -6.73 21.76 11.45
N ILE G 57 -5.81 21.72 10.48
CA ILE G 57 -4.64 22.56 10.59
C ILE G 57 -5.04 24.03 10.51
N ILE G 58 -5.96 24.39 9.63
CA ILE G 58 -6.23 25.80 9.42
C ILE G 58 -6.85 26.40 10.67
N HIS G 59 -7.91 25.78 11.18
CA HIS G 59 -8.57 26.34 12.35
C HIS G 59 -7.62 26.36 13.54
N MET G 60 -6.84 25.30 13.68
CA MET G 60 -5.84 25.24 14.74
C MET G 60 -4.88 26.41 14.67
N ILE G 61 -4.30 26.66 13.50
CA ILE G 61 -3.31 27.72 13.38
C ILE G 61 -3.94 29.08 13.58
N LEU G 62 -5.17 29.26 13.10
CA LEU G 62 -5.84 30.53 13.30
C LEU G 62 -6.04 30.80 14.77
N LYS G 63 -6.35 29.77 15.54
CA LYS G 63 -6.48 29.95 16.97
C LYS G 63 -5.16 30.23 17.65
N LYS G 64 -4.03 29.86 17.06
CA LYS G 64 -2.74 29.99 17.70
C LYS G 64 -2.03 31.30 17.38
N GLY G 65 -2.69 32.23 16.71
CA GLY G 65 -2.18 33.58 16.64
C GLY G 65 -1.37 33.93 15.41
N SER G 66 -0.96 35.20 15.41
CA SER G 66 -0.30 35.81 14.25
C SER G 66 0.97 35.08 13.88
N GLU G 67 1.82 34.82 14.87
CA GLU G 67 3.10 34.20 14.57
C GLU G 67 2.96 32.77 14.06
N SER G 68 2.06 31.98 14.65
CA SER G 68 1.80 30.64 14.13
C SER G 68 1.30 30.72 12.70
N CYS G 69 0.46 31.71 12.41
CA CYS G 69 -0.05 31.87 11.06
C CYS G 69 1.04 32.27 10.08
N ASN G 70 1.95 33.14 10.52
CA ASN G 70 3.06 33.54 9.67
C ASN G 70 3.94 32.35 9.33
N LEU G 71 4.22 31.51 10.34
CA LEU G 71 5.02 30.31 10.09
C LEU G 71 4.30 29.36 9.15
N PHE G 72 2.99 29.22 9.32
CA PHE G 72 2.19 28.40 8.43
C PHE G 72 2.35 28.85 7.00
N LEU G 73 2.23 30.16 6.76
CA LEU G 73 2.33 30.66 5.41
C LEU G 73 3.74 30.56 4.87
N LYS G 74 4.74 30.68 5.75
CA LYS G 74 6.12 30.49 5.35
C LYS G 74 6.32 29.12 4.75
N SER G 75 5.98 28.08 5.52
CA SER G 75 6.19 26.74 5.01
C SER G 75 5.23 26.40 3.88
N LEU G 76 4.05 27.01 3.86
CA LEU G 76 3.16 26.81 2.73
C LEU G 76 3.78 27.33 1.46
N LYS G 77 4.42 28.48 1.53
CA LYS G 77 5.12 29.02 0.38
C LYS G 77 6.21 28.06 -0.07
N GLU G 78 6.95 27.52 0.88
CA GLU G 78 8.03 26.61 0.52
C GLU G 78 7.50 25.36 -0.16
N TRP G 79 6.62 24.64 0.51
CA TRP G 79 6.25 23.30 0.09
C TRP G 79 5.22 23.28 -1.03
N ASN G 80 4.37 24.29 -1.12
CA ASN G 80 3.33 24.37 -2.14
C ASN G 80 3.30 25.77 -2.74
N TYR G 81 4.46 26.22 -3.17
CA TYR G 81 4.67 27.47 -3.89
C TYR G 81 3.65 27.75 -4.98
N PRO G 82 3.26 26.77 -5.81
CA PRO G 82 2.26 27.09 -6.85
C PRO G 82 0.96 27.59 -6.28
N LEU G 83 0.42 26.91 -5.27
CA LEU G 83 -0.83 27.33 -4.67
C LEU G 83 -0.68 28.72 -4.06
N PHE G 84 0.41 28.93 -3.34
CA PHE G 84 0.64 30.19 -2.66
C PHE G 84 0.67 31.34 -3.65
N GLN G 85 1.38 31.16 -4.76
CA GLN G 85 1.44 32.21 -5.77
C GLN G 85 0.10 32.41 -6.44
N ASP G 86 -0.68 31.33 -6.61
CA ASP G 86 -1.99 31.47 -7.23
C ASP G 86 -2.93 32.24 -6.31
N LEU G 87 -2.83 32.00 -5.01
CA LEU G 87 -3.66 32.71 -4.05
C LEU G 87 -3.33 34.19 -4.02
N ASN G 88 -2.03 34.52 -4.12
CA ASN G 88 -1.60 35.91 -4.12
C ASN G 88 -1.69 36.54 -5.50
N GLY G 89 -2.37 35.91 -6.44
CA GLY G 89 -2.50 36.48 -7.77
C GLY G 89 -1.18 36.63 -8.49
N GLN G 90 -0.20 35.82 -8.15
CA GLN G 90 1.13 35.88 -8.73
C GLN G 90 1.33 34.74 -9.71
N SER G 91 2.26 34.95 -10.63
CA SER G 91 2.61 33.94 -11.61
C SER G 91 3.51 32.89 -11.00
N LEU G 92 3.86 31.91 -11.82
CA LEU G 92 4.83 30.89 -11.45
C LEU G 92 6.21 31.32 -11.93
N PHE G 93 7.18 31.26 -11.03
CA PHE G 93 8.59 31.33 -11.38
C PHE G 93 9.27 30.02 -11.08
N MET H 4 22.52 20.53 -5.07
CA MET H 4 22.94 20.87 -6.46
C MET H 4 21.76 20.99 -7.40
N ASN H 5 21.86 21.99 -8.27
CA ASN H 5 20.81 22.30 -9.22
C ASN H 5 21.10 21.78 -10.62
N PHE H 6 22.38 21.58 -10.95
CA PHE H 6 22.73 21.13 -12.30
C PHE H 6 22.12 19.78 -12.59
N ILE H 7 22.18 18.85 -11.64
CA ILE H 7 21.52 17.57 -11.81
C ILE H 7 20.02 17.78 -11.98
N LYS H 8 19.44 18.54 -11.06
CA LYS H 8 17.99 18.70 -11.03
C LYS H 8 17.49 19.40 -12.28
N ASP H 9 18.16 20.48 -12.68
CA ASP H 9 17.72 21.24 -13.83
C ASP H 9 17.78 20.41 -15.10
N ASN H 10 18.79 19.56 -15.22
CA ASN H 10 18.98 18.72 -16.39
C ASN H 10 18.50 17.29 -16.17
N SER H 11 17.77 17.04 -15.07
CA SER H 11 17.36 15.69 -14.77
C SER H 11 16.47 15.09 -15.85
N ARG H 12 15.75 15.93 -16.60
CA ARG H 12 15.05 15.44 -17.77
C ARG H 12 16.01 14.70 -18.71
N ALA H 13 17.04 15.42 -19.14
CA ALA H 13 18.01 14.85 -20.06
C ALA H 13 18.75 13.69 -19.43
N LEU H 14 19.14 13.83 -18.17
CA LEU H 14 19.89 12.78 -17.52
C LEU H 14 19.07 11.49 -17.45
N ILE H 15 17.79 11.60 -17.11
CA ILE H 15 16.95 10.40 -17.06
C ILE H 15 16.86 9.79 -18.44
N GLN H 16 16.68 10.62 -19.46
CA GLN H 16 16.38 10.06 -20.77
C GLN H 16 17.61 9.60 -21.53
N ARG H 17 18.81 10.01 -21.13
CA ARG H 17 20.00 9.84 -21.96
C ARG H 17 21.09 8.99 -21.34
N MET H 18 21.23 8.94 -20.02
CA MET H 18 22.24 8.07 -19.43
C MET H 18 21.95 6.63 -19.76
N GLY H 19 22.89 6.00 -20.45
CA GLY H 19 22.76 4.57 -20.69
C GLY H 19 22.74 3.79 -19.40
N MET H 20 22.12 2.61 -19.48
CA MET H 20 22.18 1.66 -18.37
C MET H 20 23.61 1.43 -17.94
N THR H 21 24.51 1.31 -18.91
CA THR H 21 25.93 1.16 -18.61
C THR H 21 26.41 2.30 -17.76
N VAL H 22 26.15 3.52 -18.22
CA VAL H 22 26.58 4.72 -17.53
C VAL H 22 26.07 4.71 -16.10
N ILE H 23 24.82 4.28 -15.92
CA ILE H 23 24.23 4.27 -14.59
C ILE H 23 24.96 3.28 -13.71
N LYS H 24 25.18 2.06 -14.22
CA LYS H 24 25.84 1.03 -13.42
C LYS H 24 27.24 1.47 -13.02
N GLN H 25 27.92 2.16 -13.92
CA GLN H 25 29.32 2.50 -13.70
C GLN H 25 29.44 3.64 -12.71
N ILE H 26 28.60 4.65 -12.87
CA ILE H 26 28.49 5.70 -11.89
C ILE H 26 28.21 5.08 -10.54
N THR H 27 27.24 4.17 -10.50
CA THR H 27 26.86 3.50 -9.28
C THR H 27 28.05 2.81 -8.65
N ASP H 28 28.87 2.16 -9.47
CA ASP H 28 30.03 1.46 -8.96
C ASP H 28 31.01 2.43 -8.32
N ASP H 29 31.33 3.51 -9.03
CA ASP H 29 32.24 4.52 -8.48
C ASP H 29 31.71 5.07 -7.17
N LEU H 30 30.41 5.31 -7.11
CA LEU H 30 29.79 5.90 -5.95
C LEU H 30 29.79 4.94 -4.77
N PHE H 31 29.58 3.66 -5.04
CA PHE H 31 29.69 2.64 -4.01
C PHE H 31 31.10 2.57 -3.45
N VAL H 32 32.09 2.60 -4.34
CA VAL H 32 33.48 2.58 -3.89
C VAL H 32 33.79 3.83 -3.09
N TRP H 33 33.19 4.95 -3.49
CA TRP H 33 33.39 6.21 -2.80
C TRP H 33 32.48 6.37 -1.59
N ASN H 34 31.72 5.33 -1.24
CA ASN H 34 30.95 5.30 0.00
C ASN H 34 29.91 6.42 0.05
N VAL H 35 29.15 6.55 -1.04
CA VAL H 35 27.91 7.30 -1.04
C VAL H 35 26.72 6.45 -1.41
N LEU H 36 26.93 5.15 -1.62
CA LEU H 36 25.83 4.26 -1.92
C LEU H 36 25.97 2.98 -1.12
N ASN H 37 24.88 2.63 -0.48
CA ASN H 37 24.71 1.33 0.12
C ASN H 37 24.56 0.30 -0.99
N ARG H 38 25.21 -0.86 -0.80
CA ARG H 38 24.99 -2.02 -1.64
C ARG H 38 23.52 -2.27 -1.98
N GLU H 39 22.60 -2.03 -1.05
CA GLU H 39 21.20 -2.14 -1.41
C GLU H 39 20.83 -1.08 -2.43
N GLU H 40 21.26 0.16 -2.21
CA GLU H 40 20.96 1.22 -3.16
C GLU H 40 21.53 0.88 -4.53
N VAL H 41 22.71 0.27 -4.54
CA VAL H 41 23.31 -0.22 -5.77
C VAL H 41 22.40 -1.24 -6.42
N ASN H 42 21.97 -2.23 -5.65
CA ASN H 42 21.17 -3.31 -6.20
C ASN H 42 19.82 -2.83 -6.69
N ILE H 43 19.30 -1.77 -6.07
CA ILE H 43 17.97 -1.30 -6.44
C ILE H 43 18.07 -0.46 -7.70
N ILE H 44 19.13 0.31 -7.85
CA ILE H 44 19.35 0.97 -9.13
C ILE H 44 19.55 -0.07 -10.21
N CYS H 45 20.33 -1.11 -9.92
CA CYS H 45 20.72 -2.06 -10.95
C CYS H 45 19.59 -3.01 -11.30
N CYS H 46 18.65 -3.24 -10.40
CA CYS H 46 17.61 -4.23 -10.65
C CYS H 46 16.51 -3.74 -11.57
N GLU H 47 16.42 -2.44 -11.81
CA GLU H 47 15.41 -1.93 -12.71
C GLU H 47 15.67 -2.45 -14.12
N LYS H 48 14.72 -3.20 -14.66
CA LYS H 48 14.83 -3.66 -16.03
C LYS H 48 14.80 -2.50 -17.02
N VAL H 49 14.32 -1.34 -16.61
CA VAL H 49 14.22 -0.16 -17.46
C VAL H 49 15.38 0.77 -17.12
N GLU H 50 16.01 1.29 -18.16
CA GLU H 50 17.06 2.28 -18.02
C GLU H 50 16.59 3.48 -17.24
N GLN H 51 15.50 4.09 -17.67
CA GLN H 51 15.12 5.37 -17.15
C GLN H 51 14.66 5.27 -15.70
N ASP H 52 14.12 4.13 -15.31
CA ASP H 52 13.76 3.96 -13.89
C ASP H 52 14.99 3.88 -13.02
N ALA H 53 16.02 3.16 -13.48
CA ALA H 53 17.30 3.17 -12.79
C ALA H 53 17.86 4.59 -12.71
N ALA H 54 17.69 5.35 -13.79
CA ALA H 54 18.16 6.71 -13.80
C ALA H 54 17.44 7.55 -12.76
N ARG H 55 16.13 7.42 -12.68
CA ARG H 55 15.37 8.14 -11.68
C ARG H 55 15.82 7.75 -10.29
N GLY H 56 16.00 6.46 -10.06
CA GLY H 56 16.47 6.00 -8.77
C GLY H 56 17.75 6.67 -8.36
N ILE H 57 18.75 6.63 -9.23
CA ILE H 57 20.03 7.21 -8.86
C ILE H 57 19.91 8.71 -8.69
N ILE H 58 19.17 9.38 -9.58
CA ILE H 58 19.18 10.83 -9.54
C ILE H 58 18.53 11.33 -8.27
N HIS H 59 17.31 10.85 -7.98
CA HIS H 59 16.63 11.32 -6.80
C HIS H 59 17.41 10.96 -5.55
N MET H 60 17.99 9.76 -5.52
CA MET H 60 18.81 9.33 -4.41
C MET H 60 19.96 10.30 -4.18
N ILE H 61 20.72 10.62 -5.22
CA ILE H 61 21.89 11.46 -5.06
C ILE H 61 21.47 12.87 -4.66
N LEU H 62 20.36 13.36 -5.22
CA LEU H 62 19.91 14.69 -4.85
C LEU H 62 19.59 14.75 -3.37
N LYS H 63 19.01 13.68 -2.84
CA LYS H 63 18.73 13.65 -1.42
C LYS H 63 19.98 13.56 -0.57
N LYS H 64 21.10 13.07 -1.13
CA LYS H 64 22.31 12.84 -0.36
C LYS H 64 23.27 14.02 -0.37
N GLY H 65 22.87 15.16 -0.91
CA GLY H 65 23.60 16.39 -0.69
C GLY H 65 24.61 16.76 -1.75
N SER H 66 25.23 17.91 -1.48
CA SER H 66 26.12 18.57 -2.44
C SER H 66 27.28 17.68 -2.81
N GLU H 67 27.94 17.10 -1.83
CA GLU H 67 29.13 16.31 -2.12
C GLU H 67 28.81 15.02 -2.90
N SER H 68 27.72 14.34 -2.55
CA SER H 68 27.29 13.19 -3.32
C SER H 68 26.99 13.59 -4.76
N CYS H 69 26.38 14.75 -4.93
CA CYS H 69 26.07 15.23 -6.27
C CYS H 69 27.33 15.57 -7.06
N ASN H 70 28.31 16.16 -6.39
CA ASN H 70 29.58 16.48 -7.04
C ASN H 70 30.26 15.21 -7.51
N LEU H 71 30.27 14.18 -6.66
CA LEU H 71 30.87 12.91 -7.04
C LEU H 71 30.12 12.28 -8.21
N PHE H 72 28.80 12.37 -8.18
CA PHE H 72 27.98 11.87 -9.28
C PHE H 72 28.39 12.52 -10.59
N LEU H 73 28.53 13.84 -10.58
CA LEU H 73 28.89 14.54 -11.80
C LEU H 73 30.31 14.26 -12.22
N LYS H 74 31.20 14.04 -11.26
CA LYS H 74 32.57 13.65 -11.55
C LYS H 74 32.59 12.38 -12.39
N SER H 75 31.99 11.32 -11.85
CA SER H 75 32.03 10.06 -12.58
C SER H 75 31.17 10.11 -13.83
N LEU H 76 30.12 10.94 -13.84
CA LEU H 76 29.35 11.09 -15.06
C LEU H 76 30.21 11.69 -16.16
N LYS H 77 31.02 12.67 -15.81
CA LYS H 77 31.94 13.24 -16.78
C LYS H 77 32.90 12.18 -17.30
N GLU H 78 33.42 11.36 -16.39
CA GLU H 78 34.35 10.32 -16.82
C GLU H 78 33.69 9.34 -17.77
N TRP H 79 32.62 8.70 -17.33
CA TRP H 79 32.09 7.54 -18.02
C TRP H 79 31.22 7.90 -19.21
N ASN H 80 30.57 9.06 -19.19
CA ASN H 80 29.69 9.50 -20.27
C ASN H 80 29.98 10.96 -20.60
N TYR H 81 31.24 11.24 -20.84
CA TYR H 81 31.76 12.53 -21.28
C TYR H 81 30.95 13.18 -22.39
N PRO H 82 30.49 12.45 -23.43
CA PRO H 82 29.70 13.11 -24.47
C PRO H 82 28.45 13.77 -23.94
N LEU H 83 27.69 13.04 -23.13
CA LEU H 83 26.46 13.60 -22.57
C LEU H 83 26.77 14.80 -21.71
N PHE H 84 27.78 14.68 -20.86
CA PHE H 84 28.15 15.75 -19.94
C PHE H 84 28.50 17.02 -20.70
N GLN H 85 29.30 16.88 -21.75
CA GLN H 85 29.65 18.05 -22.54
C GLN H 85 28.46 18.61 -23.28
N ASP H 86 27.54 17.75 -23.73
CA ASP H 86 26.36 18.24 -24.41
C ASP H 86 25.47 19.01 -23.46
N LEU H 87 25.36 18.54 -22.22
CA LEU H 87 24.55 19.23 -21.22
C LEU H 87 25.14 20.60 -20.90
N ASN H 88 26.46 20.69 -20.81
CA ASN H 88 27.13 21.94 -20.52
C ASN H 88 27.32 22.80 -21.75
N GLY H 89 26.66 22.47 -22.86
CA GLY H 89 26.80 23.27 -24.07
C GLY H 89 28.20 23.28 -24.62
N GLN H 90 28.98 22.24 -24.35
CA GLN H 90 30.36 22.14 -24.79
C GLN H 90 30.47 21.16 -25.94
N SER H 91 31.53 21.34 -26.72
CA SER H 91 31.82 20.47 -27.84
C SER H 91 32.44 19.16 -27.34
N LEU H 92 32.72 18.28 -28.30
CA LEU H 92 33.44 17.06 -28.04
C LEU H 92 34.93 17.28 -28.30
N PHE H 93 35.76 16.89 -27.35
CA PHE H 93 37.19 16.75 -27.55
C PHE H 93 37.58 15.29 -27.44
N MET I 4 -2.47 1.53 41.88
CA MET I 4 -1.05 1.79 41.50
C MET I 4 -0.81 3.22 41.12
N ASN I 5 0.34 3.72 41.55
CA ASN I 5 0.74 5.09 41.35
C ASN I 5 1.73 5.26 40.21
N PHE I 6 2.48 4.21 39.88
CA PHE I 6 3.48 4.31 38.82
C PHE I 6 2.84 4.66 37.50
N ILE I 7 1.74 4.01 37.17
CA ILE I 7 1.00 4.36 35.96
C ILE I 7 0.55 5.81 36.05
N LYS I 8 -0.10 6.16 37.16
CA LYS I 8 -0.71 7.46 37.29
C LYS I 8 0.32 8.57 37.26
N ASP I 9 1.40 8.38 38.01
CA ASP I 9 2.44 9.40 38.11
C ASP I 9 3.08 9.65 36.75
N ASN I 10 3.27 8.59 35.96
CA ASN I 10 3.89 8.68 34.66
C ASN I 10 2.88 8.69 33.53
N SER I 11 1.59 8.85 33.84
CA SER I 11 0.57 8.77 32.81
C SER I 11 0.74 9.85 31.75
N ARG I 12 1.36 10.97 32.09
CA ARG I 12 1.74 11.95 31.08
C ARG I 12 2.58 11.29 29.98
N ALA I 13 3.69 10.70 30.40
CA ALA I 13 4.61 10.07 29.47
C ALA I 13 3.95 8.90 28.79
N LEU I 14 3.21 8.08 29.54
CA LEU I 14 2.59 6.92 28.95
C LEU I 14 1.60 7.31 27.87
N ILE I 15 0.79 8.34 28.10
CA ILE I 15 -0.14 8.78 27.08
C ILE I 15 0.62 9.26 25.86
N GLN I 16 1.68 10.03 26.08
CA GLN I 16 2.32 10.67 24.94
C GLN I 16 3.27 9.76 24.17
N ARG I 17 3.69 8.63 24.74
CA ARG I 17 4.80 7.86 24.20
C ARG I 17 4.45 6.45 23.77
N MET I 18 3.47 5.80 24.40
CA MET I 18 3.09 4.45 23.96
C MET I 18 2.59 4.51 22.53
N GLY I 19 3.26 3.79 21.64
CA GLY I 19 2.77 3.66 20.29
C GLY I 19 1.42 2.99 20.24
N MET I 20 0.69 3.30 19.17
CA MET I 20 -0.56 2.59 18.90
C MET I 20 -0.35 1.09 18.94
N THR I 21 0.77 0.64 18.36
CA THR I 21 1.12 -0.77 18.40
C THR I 21 1.19 -1.26 19.82
N VAL I 22 1.95 -0.56 20.65
CA VAL I 22 2.14 -0.93 22.04
C VAL I 22 0.79 -1.03 22.73
N ILE I 23 -0.10 -0.11 22.42
CA ILE I 23 -1.41 -0.11 23.07
C ILE I 23 -2.20 -1.33 22.65
N LYS I 24 -2.23 -1.62 21.35
CA LYS I 24 -2.99 -2.76 20.86
C LYS I 24 -2.48 -4.05 21.46
N GLN I 25 -1.17 -4.14 21.62
CA GLN I 25 -0.55 -5.39 22.04
C GLN I 25 -0.77 -5.62 23.52
N ILE I 26 -0.58 -4.57 24.31
CA ILE I 26 -0.93 -4.62 25.71
C ILE I 26 -2.38 -5.03 25.83
N THR I 27 -3.24 -4.39 25.05
CA THR I 27 -4.67 -4.70 25.08
C THR I 27 -4.91 -6.17 24.80
N ASP I 28 -4.18 -6.73 23.84
CA ASP I 28 -4.36 -8.13 23.50
C ASP I 28 -3.98 -9.02 24.67
N ASP I 29 -2.80 -8.77 25.27
CA ASP I 29 -2.38 -9.55 26.42
C ASP I 29 -3.41 -9.47 27.54
N LEU I 30 -3.94 -8.28 27.75
CA LEU I 30 -4.86 -8.05 28.85
C LEU I 30 -6.19 -8.73 28.60
N PHE I 31 -6.64 -8.74 27.34
CA PHE I 31 -7.83 -9.49 26.98
C PHE I 31 -7.65 -10.97 27.21
N VAL I 32 -6.49 -11.49 26.81
CA VAL I 32 -6.21 -12.91 27.02
C VAL I 32 -6.15 -13.20 28.51
N TRP I 33 -5.61 -12.26 29.28
CA TRP I 33 -5.51 -12.40 30.71
C TRP I 33 -6.80 -12.04 31.44
N ASN I 34 -7.87 -11.74 30.71
CA ASN I 34 -9.19 -11.55 31.29
C ASN I 34 -9.22 -10.38 32.27
N VAL I 35 -8.68 -9.24 31.84
CA VAL I 35 -8.91 -7.96 32.48
C VAL I 35 -9.54 -6.96 31.54
N LEU I 36 -9.85 -7.37 30.32
CA LEU I 36 -10.50 -6.49 29.37
C LEU I 36 -11.61 -7.22 28.66
N ASN I 37 -12.77 -6.59 28.66
CA ASN I 37 -13.88 -6.97 27.83
C ASN I 37 -13.54 -6.67 26.38
N ARG I 38 -13.88 -7.57 25.47
CA ARG I 38 -13.85 -7.33 24.04
C ARG I 38 -14.37 -5.95 23.65
N GLU I 39 -15.41 -5.44 24.31
CA GLU I 39 -15.80 -4.08 24.01
C GLU I 39 -14.72 -3.09 24.43
N GLU I 40 -14.16 -3.27 25.61
CA GLU I 40 -13.09 -2.38 26.05
C GLU I 40 -11.92 -2.43 25.09
N VAL I 41 -11.64 -3.63 24.57
CA VAL I 41 -10.63 -3.80 23.54
C VAL I 41 -10.99 -2.97 22.32
N ASN I 42 -12.22 -3.12 21.84
CA ASN I 42 -12.63 -2.45 20.61
C ASN I 42 -12.66 -0.95 20.78
N ILE I 43 -12.91 -0.48 21.99
CA ILE I 43 -13.02 0.96 22.22
C ILE I 43 -11.64 1.57 22.31
N ILE I 44 -10.70 0.86 22.91
CA ILE I 44 -9.32 1.32 22.86
C ILE I 44 -8.84 1.33 21.41
N CYS I 45 -9.15 0.27 20.67
CA CYS I 45 -8.61 0.10 19.34
C CYS I 45 -9.27 1.02 18.32
N CYS I 46 -10.49 1.45 18.56
CA CYS I 46 -11.21 2.24 17.57
C CYS I 46 -10.78 3.70 17.53
N GLU I 47 -10.07 4.17 18.54
CA GLU I 47 -9.60 5.54 18.52
C GLU I 47 -8.63 5.74 17.37
N LYS I 48 -8.97 6.62 16.44
CA LYS I 48 -8.06 6.96 15.36
C LYS I 48 -6.79 7.64 15.88
N VAL I 49 -6.83 8.19 17.08
CA VAL I 49 -5.70 8.88 17.68
C VAL I 49 -5.03 7.94 18.67
N GLU I 50 -3.71 7.90 18.61
CA GLU I 50 -2.89 7.15 19.55
C GLU I 50 -3.20 7.54 20.98
N GLN I 51 -3.08 8.82 21.28
CA GLN I 51 -3.11 9.27 22.65
C GLN I 51 -4.49 9.08 23.28
N ASP I 52 -5.55 9.14 22.47
CA ASP I 52 -6.88 8.87 23.02
C ASP I 52 -7.02 7.41 23.40
N ALA I 53 -6.50 6.51 22.56
CA ALA I 53 -6.45 5.10 22.93
C ALA I 53 -5.64 4.91 24.20
N ALA I 54 -4.55 5.66 24.33
CA ALA I 54 -3.72 5.56 25.52
C ALA I 54 -4.50 5.99 26.74
N ARG I 55 -5.23 7.10 26.64
CA ARG I 55 -6.02 7.55 27.77
C ARG I 55 -7.07 6.51 28.13
N GLY I 56 -7.73 5.97 27.12
CA GLY I 56 -8.72 4.93 27.37
C GLY I 56 -8.15 3.79 28.18
N ILE I 57 -7.05 3.23 27.72
CA ILE I 57 -6.49 2.08 28.41
C ILE I 57 -6.02 2.49 29.79
N ILE I 58 -5.38 3.64 29.93
CA ILE I 58 -4.76 3.96 31.21
C ILE I 58 -5.84 4.17 32.26
N HIS I 59 -6.82 5.02 31.98
CA HIS I 59 -7.85 5.27 32.97
C HIS I 59 -8.62 4.00 33.28
N MET I 60 -8.89 3.20 32.26
CA MET I 60 -9.57 1.93 32.46
C MET I 60 -8.80 1.04 33.42
N ILE I 61 -7.50 0.86 33.19
CA ILE I 61 -6.73 -0.05 34.02
C ILE I 61 -6.61 0.49 35.43
N LEU I 62 -6.47 1.81 35.57
CA LEU I 62 -6.38 2.39 36.90
C LEU I 62 -7.65 2.11 37.68
N LYS I 63 -8.79 2.16 37.01
CA LYS I 63 -10.04 1.85 37.69
C LYS I 63 -10.16 0.38 38.04
N LYS I 64 -9.44 -0.50 37.36
CA LYS I 64 -9.58 -1.94 37.55
C LYS I 64 -8.61 -2.51 38.58
N GLY I 65 -7.88 -1.67 39.30
CA GLY I 65 -7.19 -2.13 40.48
C GLY I 65 -5.73 -2.52 40.30
N SER I 66 -5.16 -2.91 41.43
CA SER I 66 -3.72 -3.16 41.55
C SER I 66 -3.28 -4.26 40.59
N GLU I 67 -4.00 -5.37 40.59
CA GLU I 67 -3.58 -6.50 39.77
C GLU I 67 -3.69 -6.21 38.27
N SER I 68 -4.75 -5.54 37.83
CA SER I 68 -4.85 -5.12 36.44
C SER I 68 -3.70 -4.20 36.07
N CYS I 69 -3.34 -3.32 36.99
CA CYS I 69 -2.23 -2.40 36.73
C CYS I 69 -0.90 -3.14 36.65
N ASN I 70 -0.71 -4.14 37.52
CA ASN I 70 0.51 -4.94 37.48
C ASN I 70 0.63 -5.66 36.16
N LEU I 71 -0.47 -6.24 35.68
CA LEU I 71 -0.45 -6.92 34.40
C LEU I 71 -0.17 -5.96 33.26
N PHE I 72 -0.76 -4.76 33.34
CA PHE I 72 -0.49 -3.72 32.35
C PHE I 72 0.99 -3.42 32.28
N LEU I 73 1.63 -3.24 33.42
CA LEU I 73 3.04 -2.90 33.43
C LEU I 73 3.89 -4.09 33.00
N LYS I 74 3.45 -5.30 33.30
CA LYS I 74 4.14 -6.50 32.83
C LYS I 74 4.24 -6.49 31.30
N SER I 75 3.09 -6.42 30.64
CA SER I 75 3.12 -6.46 29.20
C SER I 75 3.72 -5.19 28.60
N LEU I 76 3.61 -4.06 29.30
CA LEU I 76 4.27 -2.85 28.83
C LEU I 76 5.77 -3.05 28.80
N LYS I 77 6.31 -3.69 29.83
CA LYS I 77 7.73 -3.99 29.86
C LYS I 77 8.10 -4.88 28.70
N GLU I 78 7.27 -5.89 28.43
CA GLU I 78 7.58 -6.81 27.35
C GLU I 78 7.60 -6.08 26.00
N TRP I 79 6.48 -5.45 25.66
CA TRP I 79 6.27 -4.99 24.30
C TRP I 79 6.95 -3.65 24.01
N ASN I 80 7.13 -2.81 25.02
CA ASN I 80 7.77 -1.50 24.86
C ASN I 80 8.79 -1.28 25.96
N TYR I 81 9.68 -2.25 26.11
CA TYR I 81 10.81 -2.23 27.01
C TYR I 81 11.60 -0.92 27.01
N PRO I 82 11.87 -0.29 25.85
CA PRO I 82 12.61 0.98 25.91
C PRO I 82 11.90 2.05 26.73
N LEU I 83 10.61 2.23 26.49
CA LEU I 83 9.86 3.24 27.23
C LEU I 83 9.86 2.91 28.71
N PHE I 84 9.61 1.64 29.04
CA PHE I 84 9.53 1.22 30.43
C PHE I 84 10.83 1.50 31.15
N GLN I 85 11.95 1.17 30.52
CA GLN I 85 13.25 1.43 31.15
C GLN I 85 13.52 2.92 31.26
N ASP I 86 13.07 3.70 30.28
CA ASP I 86 13.28 5.14 30.35
C ASP I 86 12.46 5.76 31.47
N LEU I 87 11.25 5.25 31.69
CA LEU I 87 10.41 5.74 32.77
C LEU I 87 11.02 5.41 34.13
N ASN I 88 11.59 4.22 34.26
CA ASN I 88 12.23 3.81 35.50
C ASN I 88 13.64 4.33 35.64
N GLY I 89 14.06 5.27 34.79
CA GLY I 89 15.40 5.80 34.90
C GLY I 89 16.48 4.78 34.65
N GLN I 90 16.18 3.74 33.88
CA GLN I 90 17.10 2.66 33.59
C GLN I 90 17.61 2.77 32.18
N SER I 91 18.77 2.17 31.96
CA SER I 91 19.39 2.15 30.65
C SER I 91 18.72 1.10 29.77
N LEU I 92 19.21 1.02 28.53
CA LEU I 92 18.80 -0.02 27.61
C LEU I 92 19.78 -1.18 27.69
N PHE I 93 19.24 -2.39 27.83
CA PHE I 93 19.99 -3.61 27.63
C PHE I 93 19.46 -4.35 26.42
N MET J 4 -9.91 1.67 -32.21
CA MET J 4 -9.95 0.53 -33.17
C MET J 4 -10.31 -0.78 -32.48
N ASN J 5 -11.13 -1.56 -33.17
CA ASN J 5 -11.61 -2.82 -32.66
C ASN J 5 -10.89 -4.02 -33.23
N PHE J 6 -10.29 -3.87 -34.41
CA PHE J 6 -9.60 -5.00 -35.05
C PHE J 6 -8.46 -5.50 -34.17
N ILE J 7 -7.68 -4.58 -33.63
CA ILE J 7 -6.62 -4.97 -32.69
C ILE J 7 -7.24 -5.66 -31.49
N LYS J 8 -8.24 -5.02 -30.90
CA LYS J 8 -8.80 -5.52 -29.65
C LYS J 8 -9.47 -6.86 -29.85
N ASP J 9 -10.26 -7.00 -30.92
CA ASP J 9 -10.99 -8.23 -31.15
C ASP J 9 -10.04 -9.40 -31.38
N ASN J 10 -8.92 -9.14 -32.05
CA ASN J 10 -7.93 -10.16 -32.35
C ASN J 10 -6.75 -10.13 -31.41
N SER J 11 -6.84 -9.36 -30.33
CA SER J 11 -5.69 -9.22 -29.43
C SER J 11 -5.26 -10.55 -28.82
N ARG J 12 -6.19 -11.50 -28.70
CA ARG J 12 -5.79 -12.86 -28.32
C ARG J 12 -4.71 -13.38 -29.26
N ALA J 13 -5.04 -13.42 -30.54
CA ALA J 13 -4.13 -13.93 -31.54
C ALA J 13 -2.88 -13.08 -31.63
N LEU J 14 -3.05 -11.75 -31.58
CA LEU J 14 -1.89 -10.88 -31.70
C LEU J 14 -0.92 -11.10 -30.56
N ILE J 15 -1.43 -11.24 -29.34
CA ILE J 15 -0.53 -11.49 -28.22
C ILE J 15 0.17 -12.82 -28.41
N GLN J 16 -0.55 -13.83 -28.85
CA GLN J 16 0.04 -15.16 -28.85
C GLN J 16 0.92 -15.43 -30.05
N ARG J 17 0.83 -14.63 -31.11
CA ARG J 17 1.43 -14.97 -32.40
C ARG J 17 2.48 -14.01 -32.90
N MET J 18 2.43 -12.73 -32.56
CA MET J 18 3.47 -11.81 -32.98
C MET J 18 4.79 -12.22 -32.39
N GLY J 19 5.75 -12.52 -33.25
CA GLY J 19 7.09 -12.79 -32.78
C GLY J 19 7.69 -11.59 -32.08
N MET J 20 8.64 -11.89 -31.19
CA MET J 20 9.44 -10.83 -30.58
C MET J 20 10.02 -9.91 -31.63
N THR J 21 10.50 -10.49 -32.72
CA THR J 21 11.02 -9.71 -33.84
C THR J 21 9.97 -8.74 -34.33
N VAL J 22 8.79 -9.28 -34.63
CA VAL J 22 7.70 -8.47 -35.15
C VAL J 22 7.40 -7.33 -34.21
N ILE J 23 7.43 -7.60 -32.92
CA ILE J 23 7.12 -6.57 -31.93
C ILE J 23 8.17 -5.49 -31.96
N LYS J 24 9.45 -5.88 -31.95
CA LYS J 24 10.52 -4.89 -31.95
C LYS J 24 10.47 -4.02 -33.19
N GLN J 25 10.12 -4.62 -34.32
CA GLN J 25 10.16 -3.91 -35.58
C GLN J 25 9.01 -2.94 -35.71
N ILE J 26 7.82 -3.41 -35.35
CA ILE J 26 6.67 -2.52 -35.23
C ILE J 26 7.04 -1.36 -34.33
N THR J 27 7.61 -1.68 -33.18
CA THR J 27 8.01 -0.66 -32.22
C THR J 27 8.94 0.35 -32.85
N ASP J 28 9.89 -0.12 -33.66
CA ASP J 28 10.83 0.78 -34.30
C ASP J 28 10.11 1.72 -35.25
N ASP J 29 9.25 1.16 -36.11
CA ASP J 29 8.49 2.00 -37.04
C ASP J 29 7.68 3.04 -36.29
N LEU J 30 7.07 2.62 -35.19
CA LEU J 30 6.20 3.49 -34.43
C LEU J 30 6.98 4.59 -33.74
N PHE J 31 8.16 4.26 -33.25
CA PHE J 31 9.05 5.27 -32.67
C PHE J 31 9.46 6.29 -33.72
N VAL J 32 9.81 5.82 -34.91
CA VAL J 32 10.19 6.72 -35.99
C VAL J 32 9.00 7.58 -36.37
N TRP J 33 7.80 7.01 -36.34
CA TRP J 33 6.58 7.71 -36.65
C TRP J 33 6.04 8.52 -35.49
N ASN J 34 6.76 8.58 -34.37
CA ASN J 34 6.43 9.46 -33.27
C ASN J 34 5.06 9.13 -32.66
N VAL J 35 4.84 7.85 -32.40
CA VAL J 35 3.76 7.40 -31.53
C VAL J 35 4.27 6.62 -30.33
N LEU J 36 5.59 6.51 -30.19
CA LEU J 36 6.16 5.83 -29.04
C LEU J 36 7.32 6.63 -28.50
N ASN J 37 7.26 6.84 -27.21
CA ASN J 37 8.38 7.34 -26.44
C ASN J 37 9.46 6.26 -26.37
N ARG J 38 10.72 6.67 -26.53
CA ARG J 38 11.85 5.81 -26.26
C ARG J 38 11.70 4.97 -24.99
N GLU J 39 11.10 5.51 -23.93
CA GLU J 39 10.84 4.66 -22.77
C GLU J 39 9.84 3.58 -23.12
N GLU J 40 8.76 3.93 -23.80
CA GLU J 40 7.78 2.94 -24.19
C GLU J 40 8.43 1.86 -25.06
N VAL J 41 9.34 2.28 -25.92
CA VAL J 41 10.12 1.35 -26.73
C VAL J 41 10.90 0.41 -25.81
N ASN J 42 11.63 0.98 -24.87
CA ASN J 42 12.50 0.18 -24.01
C ASN J 42 11.69 -0.75 -23.12
N ILE J 43 10.47 -0.37 -22.78
CA ILE J 43 9.68 -1.18 -21.88
C ILE J 43 9.05 -2.33 -22.64
N ILE J 44 8.66 -2.09 -23.88
CA ILE J 44 8.23 -3.21 -24.71
C ILE J 44 9.40 -4.14 -24.93
N CYS J 45 10.58 -3.60 -25.22
CA CYS J 45 11.71 -4.41 -25.61
C CYS J 45 12.33 -5.15 -24.43
N CYS J 46 12.17 -4.64 -23.21
CA CYS J 46 12.85 -5.24 -22.07
C CYS J 46 12.16 -6.49 -21.56
N GLU J 47 10.92 -6.75 -21.97
CA GLU J 47 10.25 -7.96 -21.54
C GLU J 47 10.98 -9.17 -22.09
N LYS J 48 11.47 -10.02 -21.19
CA LYS J 48 12.10 -11.26 -21.60
C LYS J 48 11.11 -12.19 -22.28
N VAL J 49 9.81 -11.99 -22.07
CA VAL J 49 8.77 -12.82 -22.63
C VAL J 49 8.18 -12.09 -23.83
N GLU J 50 7.98 -12.84 -24.91
CA GLU J 50 7.32 -12.34 -26.11
C GLU J 50 5.96 -11.77 -25.80
N GLN J 51 5.12 -12.57 -25.17
CA GLN J 51 3.73 -12.22 -25.04
C GLN J 51 3.54 -11.03 -24.12
N ASP J 52 4.41 -10.85 -23.14
CA ASP J 52 4.32 -9.67 -22.29
C ASP J 52 4.64 -8.41 -23.07
N ALA J 53 5.67 -8.47 -23.92
CA ALA J 53 5.96 -7.37 -24.82
C ALA J 53 4.77 -7.10 -25.73
N ALA J 54 4.11 -8.16 -26.18
CA ALA J 54 2.94 -8.01 -27.03
C ALA J 54 1.83 -7.29 -26.30
N ARG J 55 1.58 -7.69 -25.06
CA ARG J 55 0.55 -7.03 -24.27
C ARG J 55 0.89 -5.57 -24.08
N GLY J 56 2.15 -5.28 -23.75
CA GLY J 56 2.58 -3.92 -23.59
C GLY J 56 2.25 -3.07 -24.80
N ILE J 57 2.69 -3.53 -25.98
CA ILE J 57 2.46 -2.72 -27.16
C ILE J 57 0.98 -2.62 -27.46
N ILE J 58 0.23 -3.71 -27.32
CA ILE J 58 -1.15 -3.69 -27.77
C ILE J 58 -1.95 -2.73 -26.90
N HIS J 59 -1.88 -2.88 -25.59
CA HIS J 59 -2.66 -2.03 -24.71
C HIS J 59 -2.23 -0.58 -24.88
N MET J 60 -0.93 -0.35 -25.01
CA MET J 60 -0.41 0.98 -25.23
C MET J 60 -1.02 1.61 -26.47
N ILE J 61 -1.00 0.91 -27.59
CA ILE J 61 -1.48 1.48 -28.84
C ILE J 61 -2.98 1.70 -28.77
N LEU J 62 -3.70 0.78 -28.13
CA LEU J 62 -5.14 0.95 -28.02
C LEU J 62 -5.45 2.22 -27.25
N LYS J 63 -4.67 2.52 -26.22
CA LYS J 63 -4.87 3.74 -25.48
C LYS J 63 -4.52 4.98 -26.28
N LYS J 64 -3.68 4.86 -27.30
CA LYS J 64 -3.20 6.01 -28.04
C LYS J 64 -4.04 6.34 -29.27
N GLY J 65 -5.18 5.69 -29.45
CA GLY J 65 -6.16 6.17 -30.41
C GLY J 65 -6.11 5.52 -31.78
N SER J 66 -7.05 6.00 -32.60
CA SER J 66 -7.31 5.42 -33.91
C SER J 66 -6.09 5.49 -34.80
N GLU J 67 -5.45 6.64 -34.87
CA GLU J 67 -4.32 6.80 -35.77
C GLU J 67 -3.11 5.96 -35.36
N SER J 68 -2.80 5.90 -34.06
CA SER J 68 -1.74 5.03 -33.58
C SER J 68 -2.06 3.58 -33.93
N CYS J 69 -3.33 3.19 -33.81
CA CYS J 69 -3.72 1.83 -34.14
C CYS J 69 -3.58 1.55 -35.63
N ASN J 70 -3.94 2.53 -36.46
CA ASN J 70 -3.80 2.37 -37.89
C ASN J 70 -2.34 2.18 -38.28
N LEU J 71 -1.47 2.98 -37.68
CA LEU J 71 -0.03 2.83 -37.94
C LEU J 71 0.48 1.48 -37.48
N PHE J 72 0.02 1.03 -36.32
CA PHE J 72 0.37 -0.29 -35.81
C PHE J 72 0.02 -1.36 -36.82
N LEU J 73 -1.20 -1.30 -37.35
CA LEU J 73 -1.62 -2.33 -38.30
C LEU J 73 -0.90 -2.20 -39.63
N LYS J 74 -0.53 -0.98 -40.01
CA LYS J 74 0.27 -0.77 -41.21
C LYS J 74 1.58 -1.53 -41.12
N SER J 75 2.34 -1.25 -40.08
CA SER J 75 3.64 -1.91 -39.96
C SER J 75 3.48 -3.39 -39.64
N LEU J 76 2.40 -3.78 -38.97
CA LEU J 76 2.16 -5.19 -38.75
C LEU J 76 1.97 -5.92 -40.06
N LYS J 77 1.23 -5.30 -40.98
CA LYS J 77 1.07 -5.88 -42.30
C LYS J 77 2.40 -6.02 -43.00
N GLU J 78 3.24 -4.98 -42.89
CA GLU J 78 4.54 -5.03 -43.55
C GLU J 78 5.39 -6.17 -42.98
N TRP J 79 5.64 -6.13 -41.68
CA TRP J 79 6.67 -6.97 -41.09
C TRP J 79 6.21 -8.40 -40.83
N ASN J 80 4.92 -8.61 -40.60
CA ASN J 80 4.36 -9.93 -40.33
C ASN J 80 3.10 -10.14 -41.15
N TYR J 81 3.22 -9.91 -42.44
CA TYR J 81 2.20 -10.14 -43.44
C TYR J 81 1.47 -11.48 -43.31
N PRO J 82 2.15 -12.60 -43.02
CA PRO J 82 1.41 -13.86 -42.88
C PRO J 82 0.36 -13.82 -41.79
N LEU J 83 0.74 -13.32 -40.61
CA LEU J 83 -0.20 -13.25 -39.51
C LEU J 83 -1.35 -12.33 -39.86
N PHE J 84 -1.04 -11.18 -40.44
CA PHE J 84 -2.06 -10.19 -40.77
C PHE J 84 -3.07 -10.78 -41.74
N GLN J 85 -2.60 -11.47 -42.77
CA GLN J 85 -3.52 -12.08 -43.72
C GLN J 85 -4.31 -13.20 -43.07
N ASP J 86 -3.71 -13.94 -42.15
CA ASP J 86 -4.44 -15.02 -41.49
C ASP J 86 -5.54 -14.45 -40.60
N LEU J 87 -5.27 -13.33 -39.94
CA LEU J 87 -6.26 -12.69 -39.11
C LEU J 87 -7.43 -12.17 -39.94
N ASN J 88 -7.14 -11.62 -41.11
CA ASN J 88 -8.17 -11.11 -41.99
C ASN J 88 -8.80 -12.20 -42.85
N GLY J 89 -8.55 -13.47 -42.54
CA GLY J 89 -9.14 -14.55 -43.32
C GLY J 89 -8.68 -14.56 -44.76
N GLN J 90 -7.50 -14.03 -45.03
CA GLN J 90 -6.96 -13.94 -46.37
C GLN J 90 -5.86 -14.97 -46.56
N SER J 91 -5.63 -15.32 -47.82
CA SER J 91 -4.59 -16.26 -48.19
C SER J 91 -3.23 -15.57 -48.17
N LEU J 92 -2.20 -16.36 -48.47
CA LEU J 92 -0.86 -15.86 -48.65
C LEU J 92 -0.62 -15.57 -50.11
N PHE J 93 -0.11 -14.38 -50.40
CA PHE J 93 0.47 -14.06 -51.70
C PHE J 93 1.95 -13.82 -51.56
N MET K 4 -41.15 -9.77 19.19
CA MET K 4 -40.31 -11.00 19.13
C MET K 4 -39.39 -11.11 20.32
N ASN K 5 -39.25 -12.34 20.79
CA ASN K 5 -38.45 -12.65 21.96
C ASN K 5 -37.10 -13.22 21.61
N PHE K 6 -36.96 -13.83 20.44
CA PHE K 6 -35.69 -14.45 20.06
C PHE K 6 -34.58 -13.43 20.00
N ILE K 7 -34.85 -12.26 19.41
CA ILE K 7 -33.87 -11.19 19.41
C ILE K 7 -33.57 -10.78 20.84
N LYS K 8 -34.61 -10.53 21.62
CA LYS K 8 -34.43 -9.98 22.95
C LYS K 8 -33.71 -10.96 23.85
N ASP K 9 -34.12 -12.22 23.81
CA ASP K 9 -33.52 -13.23 24.67
C ASP K 9 -32.05 -13.42 24.37
N ASN K 10 -31.68 -13.34 23.10
CA ASN K 10 -30.31 -13.52 22.66
C ASN K 10 -29.60 -12.20 22.40
N SER K 11 -30.20 -11.08 22.79
CA SER K 11 -29.62 -9.79 22.49
C SER K 11 -28.25 -9.61 23.12
N ARG K 12 -27.96 -10.30 24.21
CA ARG K 12 -26.60 -10.34 24.73
C ARG K 12 -25.63 -10.79 23.64
N ALA K 13 -25.87 -11.98 23.12
CA ALA K 13 -25.00 -12.54 22.10
C ALA K 13 -25.01 -11.71 20.85
N LEU K 14 -26.20 -11.25 20.43
CA LEU K 14 -26.28 -10.47 19.21
C LEU K 14 -25.47 -9.19 19.31
N ILE K 15 -25.54 -8.50 20.45
CA ILE K 15 -24.76 -7.29 20.62
C ILE K 15 -23.28 -7.62 20.57
N GLN K 16 -22.88 -8.70 21.23
CA GLN K 16 -21.46 -8.95 21.38
C GLN K 16 -20.83 -9.60 20.16
N ARG K 17 -21.61 -10.19 19.25
CA ARG K 17 -21.08 -11.06 18.21
C ARG K 17 -21.32 -10.60 16.79
N MET K 18 -22.39 -9.87 16.51
CA MET K 18 -22.59 -9.37 15.16
C MET K 18 -21.47 -8.44 14.77
N GLY K 19 -20.74 -8.80 13.72
CA GLY K 19 -19.74 -7.90 13.20
C GLY K 19 -20.34 -6.61 12.72
N MET K 20 -19.49 -5.57 12.71
CA MET K 20 -19.88 -4.30 12.10
C MET K 20 -20.39 -4.52 10.69
N THR K 21 -19.72 -5.39 9.94
CA THR K 21 -20.15 -5.74 8.60
C THR K 21 -21.57 -6.25 8.62
N VAL K 22 -21.82 -7.24 9.48
CA VAL K 22 -23.12 -7.86 9.58
C VAL K 22 -24.17 -6.80 9.87
N ILE K 23 -23.84 -5.85 10.73
CA ILE K 23 -24.78 -4.82 11.11
C ILE K 23 -25.09 -3.93 9.92
N LYS K 24 -24.05 -3.49 9.20
CA LYS K 24 -24.26 -2.61 8.06
C LYS K 24 -25.11 -3.29 7.00
N GLN K 25 -24.89 -4.59 6.81
CA GLN K 25 -25.53 -5.30 5.73
C GLN K 25 -26.98 -5.57 6.05
N ILE K 26 -27.24 -6.01 7.28
CA ILE K 26 -28.61 -6.11 7.75
C ILE K 26 -29.30 -4.77 7.56
N THR K 27 -28.63 -3.70 7.99
CA THR K 27 -29.18 -2.37 7.87
C THR K 27 -29.53 -2.05 6.44
N ASP K 28 -28.67 -2.43 5.51
CA ASP K 28 -28.93 -2.17 4.10
C ASP K 28 -30.18 -2.90 3.63
N ASP K 29 -30.27 -4.19 3.94
CA ASP K 29 -31.44 -4.97 3.55
C ASP K 29 -32.70 -4.35 4.13
N LEU K 30 -32.63 -3.91 5.37
CA LEU K 30 -33.78 -3.38 6.08
C LEU K 30 -34.20 -2.04 5.50
N PHE K 31 -33.22 -1.22 5.11
CA PHE K 31 -33.52 0.04 4.42
C PHE K 31 -34.21 -0.22 3.10
N VAL K 32 -33.70 -1.18 2.34
CA VAL K 32 -34.31 -1.52 1.06
C VAL K 32 -35.72 -2.05 1.30
N TRP K 33 -35.91 -2.80 2.37
CA TRP K 33 -37.20 -3.35 2.72
C TRP K 33 -38.09 -2.36 3.46
N ASN K 34 -37.65 -1.12 3.61
CA ASN K 34 -38.49 -0.04 4.13
C ASN K 34 -38.94 -0.33 5.56
N VAL K 35 -37.99 -0.71 6.41
CA VAL K 35 -38.16 -0.68 7.85
C VAL K 35 -37.15 0.20 8.54
N LEU K 36 -36.30 0.89 7.77
CA LEU K 36 -35.35 1.81 8.35
C LEU K 36 -35.31 3.08 7.54
N ASN K 37 -35.42 4.17 8.26
CA ASN K 37 -35.15 5.49 7.75
C ASN K 37 -33.66 5.63 7.51
N ARG K 38 -33.30 6.25 6.39
CA ARG K 38 -31.93 6.67 6.12
C ARG K 38 -31.25 7.28 7.33
N GLU K 39 -31.95 8.06 8.15
CA GLU K 39 -31.31 8.53 9.37
C GLU K 39 -31.00 7.38 10.30
N GLU K 40 -31.94 6.47 10.48
CA GLU K 40 -31.70 5.32 11.33
C GLU K 40 -30.52 4.51 10.82
N VAL K 41 -30.41 4.40 9.50
CA VAL K 41 -29.26 3.77 8.87
C VAL K 41 -27.99 4.50 9.27
N ASN K 42 -27.98 5.81 9.10
CA ASN K 42 -26.78 6.59 9.36
C ASN K 42 -26.39 6.57 10.82
N ILE K 43 -27.37 6.43 11.71
CA ILE K 43 -27.08 6.47 13.13
C ILE K 43 -26.53 5.13 13.57
N ILE K 44 -27.05 4.04 13.01
CA ILE K 44 -26.42 2.74 13.27
C ILE K 44 -25.01 2.75 12.72
N CYS K 45 -24.83 3.28 11.52
CA CYS K 45 -23.54 3.19 10.85
C CYS K 45 -22.51 4.13 11.43
N CYS K 46 -22.93 5.22 12.05
CA CYS K 46 -21.97 6.21 12.52
C CYS K 46 -21.29 5.82 13.83
N GLU K 47 -21.79 4.83 14.53
CA GLU K 47 -21.14 4.39 15.76
C GLU K 47 -19.78 3.84 15.43
N LYS K 48 -18.74 4.45 15.98
CA LYS K 48 -17.39 3.93 15.82
C LYS K 48 -17.22 2.57 16.48
N VAL K 49 -18.10 2.23 17.41
CA VAL K 49 -18.05 0.96 18.12
C VAL K 49 -19.07 0.01 17.52
N GLU K 50 -18.64 -1.23 17.32
CA GLU K 50 -19.50 -2.29 16.85
C GLU K 50 -20.72 -2.46 17.73
N GLN K 51 -20.48 -2.66 19.01
CA GLN K 51 -21.54 -3.07 19.90
C GLN K 51 -22.57 -1.96 20.09
N ASP K 52 -22.15 -0.71 20.00
CA ASP K 52 -23.12 0.38 20.08
C ASP K 52 -24.03 0.40 18.86
N ALA K 53 -23.46 0.18 17.68
CA ALA K 53 -24.28 0.00 16.48
C ALA K 53 -25.24 -1.16 16.65
N ALA K 54 -24.75 -2.24 17.27
CA ALA K 54 -25.60 -3.39 17.50
C ALA K 54 -26.76 -3.04 18.40
N ARG K 55 -26.48 -2.34 19.49
CA ARG K 55 -27.55 -1.93 20.39
C ARG K 55 -28.55 -1.06 19.65
N GLY K 56 -28.05 -0.10 18.87
CA GLY K 56 -28.93 0.75 18.10
C GLY K 56 -29.90 -0.04 17.26
N ILE K 57 -29.36 -0.95 16.45
CA ILE K 57 -30.22 -1.69 15.56
C ILE K 57 -31.17 -2.58 16.35
N ILE K 58 -30.68 -3.23 17.40
CA ILE K 58 -31.51 -4.22 18.06
C ILE K 58 -32.69 -3.53 18.74
N HIS K 59 -32.43 -2.51 19.55
CA HIS K 59 -33.51 -1.85 20.24
C HIS K 59 -34.47 -1.22 19.25
N MET K 60 -33.93 -0.63 18.19
CA MET K 60 -34.77 -0.06 17.14
C MET K 60 -35.72 -1.08 16.56
N ILE K 61 -35.20 -2.24 16.16
CA ILE K 61 -36.03 -3.24 15.51
C ILE K 61 -37.05 -3.81 16.49
N LEU K 62 -36.65 -3.98 17.75
CA LEU K 62 -37.59 -4.48 18.73
C LEU K 62 -38.76 -3.53 18.89
N LYS K 63 -38.49 -2.23 18.83
CA LYS K 63 -39.57 -1.27 18.91
C LYS K 63 -40.44 -1.26 17.67
N LYS K 64 -39.94 -1.74 16.53
CA LYS K 64 -40.68 -1.66 15.28
C LYS K 64 -41.51 -2.90 14.99
N GLY K 65 -41.62 -3.82 15.93
CA GLY K 65 -42.62 -4.86 15.83
C GLY K 65 -42.17 -6.18 15.24
N SER K 66 -43.15 -7.09 15.21
CA SER K 66 -42.92 -8.48 14.84
C SER K 66 -42.35 -8.60 13.44
N GLU K 67 -42.95 -7.91 12.48
CA GLU K 67 -42.50 -8.04 11.10
C GLU K 67 -41.10 -7.48 10.87
N SER K 68 -40.80 -6.32 11.47
CA SER K 68 -39.44 -5.79 11.39
C SER K 68 -38.45 -6.77 11.99
N CYS K 69 -38.83 -7.41 13.09
CA CYS K 69 -37.95 -8.37 13.74
C CYS K 69 -37.75 -9.61 12.86
N ASN K 70 -38.82 -10.06 12.21
CA ASN K 70 -38.71 -11.21 11.32
C ASN K 70 -37.77 -10.91 10.17
N LEU K 71 -37.88 -9.72 9.60
CA LEU K 71 -36.99 -9.32 8.51
C LEU K 71 -35.55 -9.23 8.99
N PHE K 72 -35.36 -8.69 10.21
CA PHE K 72 -34.03 -8.64 10.81
C PHE K 72 -33.42 -10.01 10.88
N LEU K 73 -34.18 -10.98 11.38
CA LEU K 73 -33.64 -12.32 11.53
C LEU K 73 -33.43 -12.99 10.18
N LYS K 74 -34.27 -12.67 9.20
CA LYS K 74 -34.08 -13.18 7.85
C LYS K 74 -32.71 -12.79 7.32
N SER K 75 -32.44 -11.49 7.29
CA SER K 75 -31.16 -11.06 6.75
C SER K 75 -30.01 -11.44 7.67
N LEU K 76 -30.24 -11.56 8.98
CA LEU K 76 -29.19 -12.03 9.87
C LEU K 76 -28.80 -13.45 9.51
N LYS K 77 -29.78 -14.28 9.21
CA LYS K 77 -29.49 -15.64 8.77
C LYS K 77 -28.68 -15.62 7.49
N GLU K 78 -29.06 -14.75 6.56
CA GLU K 78 -28.32 -14.70 5.29
C GLU K 78 -26.88 -14.29 5.51
N TRP K 79 -26.67 -13.13 6.11
CA TRP K 79 -25.36 -12.49 6.10
C TRP K 79 -24.43 -13.04 7.17
N ASN K 80 -24.97 -13.55 8.28
CA ASN K 80 -24.16 -14.09 9.37
C ASN K 80 -24.76 -15.41 9.84
N TYR K 81 -24.97 -16.29 8.88
CA TYR K 81 -25.43 -17.66 9.08
C TYR K 81 -24.72 -18.41 10.22
N PRO K 82 -23.39 -18.30 10.38
CA PRO K 82 -22.76 -19.01 11.50
C PRO K 82 -23.31 -18.61 12.85
N LEU K 83 -23.41 -17.30 13.09
CA LEU K 83 -23.93 -16.83 14.36
C LEU K 83 -25.36 -17.30 14.56
N PHE K 84 -26.18 -17.16 13.52
CA PHE K 84 -27.58 -17.53 13.62
C PHE K 84 -27.74 -19.00 13.98
N GLN K 85 -26.97 -19.86 13.33
CA GLN K 85 -27.05 -21.28 13.64
C GLN K 85 -26.53 -21.57 15.03
N ASP K 86 -25.52 -20.83 15.48
CA ASP K 86 -24.99 -21.06 16.82
C ASP K 86 -26.01 -20.64 17.87
N LEU K 87 -26.74 -19.56 17.61
CA LEU K 87 -27.77 -19.10 18.53
C LEU K 87 -28.90 -20.10 18.62
N ASN K 88 -29.29 -20.70 17.49
CA ASN K 88 -30.35 -21.69 17.46
C ASN K 88 -29.86 -23.08 17.83
N GLY K 89 -28.65 -23.21 18.37
CA GLY K 89 -28.15 -24.51 18.75
C GLY K 89 -27.98 -25.45 17.58
N GLN K 90 -27.77 -24.92 16.39
CA GLN K 90 -27.64 -25.70 15.18
C GLN K 90 -26.18 -25.74 14.74
N SER K 91 -25.87 -26.78 13.97
CA SER K 91 -24.53 -26.95 13.43
C SER K 91 -24.33 -26.04 12.23
N LEU K 92 -23.12 -26.11 11.68
CA LEU K 92 -22.80 -25.43 10.44
C LEU K 92 -23.00 -26.38 9.27
N PHE K 93 -23.72 -25.92 8.26
CA PHE K 93 -23.75 -26.57 6.96
C PHE K 93 -23.12 -25.67 5.93
N MET L 4 1.49 -35.35 -6.92
CA MET L 4 2.67 -36.26 -6.85
C MET L 4 3.72 -35.75 -5.91
N ASN L 5 4.30 -36.68 -5.17
CA ASN L 5 5.30 -36.39 -4.16
C ASN L 5 6.72 -36.65 -4.63
N PHE L 6 6.89 -37.54 -5.61
CA PHE L 6 8.22 -37.88 -6.09
C PHE L 6 8.93 -36.66 -6.63
N ILE L 7 8.23 -35.86 -7.43
CA ILE L 7 8.80 -34.61 -7.92
C ILE L 7 9.15 -33.71 -6.75
N LYS L 8 8.18 -33.52 -5.86
CA LYS L 8 8.34 -32.57 -4.77
C LYS L 8 9.45 -32.98 -3.83
N ASP L 9 9.46 -34.26 -3.45
CA ASP L 9 10.46 -34.75 -2.51
C ASP L 9 11.86 -34.62 -3.06
N ASN L 10 12.02 -34.85 -4.36
CA ASN L 10 13.32 -34.77 -5.03
C ASN L 10 13.52 -33.46 -5.76
N SER L 11 12.65 -32.47 -5.55
CA SER L 11 12.73 -31.23 -6.29
C SER L 11 14.05 -30.51 -6.04
N ARG L 12 14.68 -30.73 -4.89
CA ARG L 12 16.04 -30.24 -4.68
C ARG L 12 16.95 -30.72 -5.79
N ALA L 13 17.04 -32.03 -5.94
CA ALA L 13 17.91 -32.63 -6.94
C ALA L 13 17.46 -32.26 -8.33
N LEU L 14 16.16 -32.28 -8.59
CA LEU L 14 15.67 -31.97 -9.92
C LEU L 14 16.04 -30.54 -10.33
N ILE L 15 15.89 -29.60 -9.41
CA ILE L 15 16.26 -28.22 -9.73
C ILE L 15 17.75 -28.14 -10.00
N GLN L 16 18.55 -28.82 -9.20
CA GLN L 16 19.99 -28.62 -9.30
C GLN L 16 20.64 -29.42 -10.42
N ARG L 17 19.97 -30.44 -10.96
CA ARG L 17 20.62 -31.41 -11.82
C ARG L 17 20.07 -31.49 -13.24
N MET L 18 18.80 -31.20 -13.46
CA MET L 18 18.27 -31.22 -14.82
C MET L 18 18.98 -30.19 -15.66
N GLY L 19 19.65 -30.64 -16.71
CA GLY L 19 20.24 -29.72 -17.64
C GLY L 19 19.20 -28.84 -18.31
N MET L 20 19.65 -27.67 -18.75
CA MET L 20 18.81 -26.81 -19.57
C MET L 20 18.22 -27.57 -20.74
N THR L 21 19.04 -28.42 -21.36
CA THR L 21 18.57 -29.27 -22.45
C THR L 21 17.40 -30.12 -22.00
N VAL L 22 17.60 -30.82 -20.89
CA VAL L 22 16.58 -31.70 -20.35
C VAL L 22 15.29 -30.93 -20.12
N ILE L 23 15.42 -29.71 -19.61
CA ILE L 23 14.24 -28.91 -19.32
C ILE L 23 13.52 -28.55 -20.61
N LYS L 24 14.26 -28.08 -21.61
CA LYS L 24 13.64 -27.70 -22.87
C LYS L 24 12.94 -28.87 -23.52
N GLN L 25 13.53 -30.04 -23.41
CA GLN L 25 13.01 -31.21 -24.11
C GLN L 25 11.77 -31.75 -23.43
N ILE L 26 11.83 -31.84 -22.11
CA ILE L 26 10.64 -32.15 -21.34
C ILE L 26 9.54 -31.17 -21.70
N THR L 27 9.88 -29.89 -21.72
CA THR L 27 8.91 -28.86 -22.05
C THR L 27 8.30 -29.10 -23.42
N ASP L 28 9.11 -29.51 -24.39
CA ASP L 28 8.61 -29.77 -25.72
C ASP L 28 7.61 -30.91 -25.70
N ASP L 29 7.98 -32.03 -25.06
CA ASP L 29 7.07 -33.17 -24.99
C ASP L 29 5.77 -32.77 -24.33
N LEU L 30 5.87 -31.96 -23.28
CA LEU L 30 4.70 -31.57 -22.50
C LEU L 30 3.80 -30.64 -23.30
N PHE L 31 4.40 -29.75 -24.09
CA PHE L 31 3.64 -28.90 -24.99
C PHE L 31 2.90 -29.72 -26.03
N VAL L 32 3.59 -30.71 -26.60
CA VAL L 32 2.96 -31.57 -27.59
C VAL L 32 1.84 -32.36 -26.93
N TRP L 33 2.04 -32.76 -25.69
CA TRP L 33 1.06 -33.50 -24.94
C TRP L 33 0.00 -32.61 -24.31
N ASN L 34 0.02 -31.32 -24.58
CA ASN L 34 -1.04 -30.40 -24.18
C ASN L 34 -1.19 -30.34 -22.66
N VAL L 35 -0.07 -30.17 -21.98
CA VAL L 35 -0.06 -29.76 -20.58
C VAL L 35 0.70 -28.45 -20.38
N LEU L 36 1.17 -27.83 -21.45
CA LEU L 36 1.86 -26.57 -21.35
C LEU L 36 1.38 -25.64 -22.44
N ASN L 37 1.01 -24.45 -22.01
CA ASN L 37 0.77 -23.33 -22.90
C ASN L 37 2.10 -22.88 -23.48
N ARG L 38 2.10 -22.57 -24.78
CA ARG L 38 3.22 -21.90 -25.43
C ARG L 38 3.82 -20.78 -24.59
N GLU L 39 3.01 -20.01 -23.87
CA GLU L 39 3.62 -19.02 -22.97
C GLU L 39 4.40 -19.71 -21.87
N GLU L 40 3.82 -20.74 -21.26
CA GLU L 40 4.53 -21.46 -20.22
C GLU L 40 5.83 -22.03 -20.75
N VAL L 41 5.80 -22.51 -21.99
CA VAL L 41 7.00 -22.96 -22.66
C VAL L 41 8.02 -21.84 -22.75
N ASN L 42 7.59 -20.69 -23.24
CA ASN L 42 8.49 -19.58 -23.45
C ASN L 42 9.04 -19.04 -22.15
N ILE L 43 8.28 -19.16 -21.08
CA ILE L 43 8.73 -18.61 -19.81
C ILE L 43 9.72 -19.55 -19.16
N ILE L 44 9.52 -20.85 -19.30
CA ILE L 44 10.55 -21.78 -18.86
C ILE L 44 11.81 -21.56 -19.69
N CYS L 45 11.66 -21.40 -21.00
CA CYS L 45 12.81 -21.36 -21.88
C CYS L 45 13.56 -20.03 -21.79
N CYS L 46 12.89 -18.95 -21.40
CA CYS L 46 13.52 -17.64 -21.41
C CYS L 46 14.46 -17.42 -20.24
N GLU L 47 14.39 -18.25 -19.20
CA GLU L 47 15.29 -18.09 -18.08
C GLU L 47 16.72 -18.34 -18.54
N LYS L 48 17.56 -17.32 -18.40
CA LYS L 48 18.97 -17.48 -18.70
C LYS L 48 19.65 -18.47 -17.77
N VAL L 49 19.06 -18.74 -16.61
CA VAL L 49 19.60 -19.66 -15.63
C VAL L 49 18.88 -20.98 -15.73
N GLU L 50 19.65 -22.06 -15.70
CA GLU L 50 19.12 -23.41 -15.70
C GLU L 50 18.15 -23.62 -14.56
N GLN L 51 18.59 -23.33 -13.35
CA GLN L 51 17.84 -23.73 -12.17
C GLN L 51 16.54 -22.93 -12.06
N ASP L 52 16.52 -21.71 -12.55
CA ASP L 52 15.28 -20.95 -12.55
C ASP L 52 14.26 -21.55 -13.50
N ALA L 53 14.72 -21.97 -14.69
CA ALA L 53 13.86 -22.71 -15.59
C ALA L 53 13.35 -23.99 -14.94
N ALA L 54 14.23 -24.64 -14.18
CA ALA L 54 13.84 -25.86 -13.49
C ALA L 54 12.74 -25.58 -12.47
N ARG L 55 12.92 -24.52 -11.69
CA ARG L 55 11.90 -24.16 -10.72
C ARG L 55 10.59 -23.86 -11.41
N GLY L 56 10.64 -23.09 -12.51
CA GLY L 56 9.45 -22.79 -13.25
C GLY L 56 8.69 -24.03 -13.64
N ILE L 57 9.38 -24.96 -14.30
CA ILE L 57 8.69 -26.15 -14.76
C ILE L 57 8.20 -26.97 -13.59
N ILE L 58 9.00 -27.11 -12.53
CA ILE L 58 8.61 -28.03 -11.47
C ILE L 58 7.37 -27.51 -10.76
N HIS L 59 7.40 -26.26 -10.32
CA HIS L 59 6.26 -25.74 -9.60
C HIS L 59 5.03 -25.73 -10.49
N MET L 60 5.21 -25.38 -11.76
CA MET L 60 4.12 -25.40 -12.71
C MET L 60 3.48 -26.78 -12.79
N ILE L 61 4.28 -27.81 -12.98
CA ILE L 61 3.74 -29.15 -13.16
C ILE L 61 3.09 -29.64 -11.88
N LEU L 62 3.68 -29.30 -10.73
CA LEU L 62 3.07 -29.70 -9.47
C LEU L 62 1.69 -29.10 -9.32
N LYS L 63 1.53 -27.86 -9.76
CA LYS L 63 0.22 -27.25 -9.70
C LYS L 63 -0.76 -27.86 -10.68
N LYS L 64 -0.29 -28.51 -11.74
CA LYS L 64 -1.16 -29.03 -12.78
C LYS L 64 -1.58 -30.48 -12.56
N GLY L 65 -1.27 -31.05 -11.42
CA GLY L 65 -1.90 -32.30 -11.02
C GLY L 65 -1.11 -33.56 -11.35
N SER L 66 -1.75 -34.67 -10.94
CA SER L 66 -1.14 -35.99 -10.98
C SER L 66 -0.73 -36.37 -12.40
N GLU L 67 -1.65 -36.21 -13.34
CA GLU L 67 -1.36 -36.64 -14.70
C GLU L 67 -0.26 -35.81 -15.36
N SER L 68 -0.25 -34.49 -15.16
CA SER L 68 0.83 -33.66 -15.67
C SER L 68 2.15 -34.10 -15.06
N CYS L 69 2.13 -34.45 -13.78
CA CYS L 69 3.35 -34.89 -13.12
C CYS L 69 3.83 -36.24 -13.67
N ASN L 70 2.89 -37.14 -13.94
CA ASN L 70 3.24 -38.43 -14.51
C ASN L 70 3.88 -38.26 -15.87
N LEU L 71 3.32 -37.37 -16.69
CA LEU L 71 3.90 -37.10 -18.00
C LEU L 71 5.28 -36.49 -17.88
N PHE L 72 5.44 -35.58 -16.92
CA PHE L 72 6.75 -34.98 -16.65
C PHE L 72 7.77 -36.05 -16.35
N LEU L 73 7.43 -36.98 -15.48
CA LEU L 73 8.39 -38.01 -15.11
C LEU L 73 8.62 -38.98 -16.25
N LYS L 74 7.61 -39.22 -17.09
CA LYS L 74 7.78 -40.04 -18.27
C LYS L 74 8.88 -39.49 -19.17
N SER L 75 8.71 -38.24 -19.57
CA SER L 75 9.70 -37.66 -20.47
C SER L 75 11.03 -37.41 -19.75
N LEU L 76 11.00 -37.18 -18.45
CA LEU L 76 12.26 -37.06 -17.71
C LEU L 76 13.04 -38.36 -17.78
N LYS L 77 12.34 -39.48 -17.63
CA LYS L 77 13.00 -40.77 -17.76
C LYS L 77 13.59 -40.94 -19.14
N GLU L 78 12.84 -40.53 -20.17
CA GLU L 78 13.35 -40.68 -21.52
C GLU L 78 14.60 -39.84 -21.74
N TRP L 79 14.50 -38.54 -21.51
CA TRP L 79 15.52 -37.61 -21.96
C TRP L 79 16.71 -37.54 -21.02
N ASN L 80 16.51 -37.79 -19.72
CA ASN L 80 17.58 -37.74 -18.72
C ASN L 80 17.51 -38.96 -17.82
N TYR L 81 17.46 -40.12 -18.45
CA TYR L 81 17.50 -41.43 -17.81
C TYR L 81 18.54 -41.56 -16.71
N PRO L 82 19.77 -41.06 -16.86
CA PRO L 82 20.74 -41.19 -15.76
C PRO L 82 20.27 -40.56 -14.48
N LEU L 83 19.79 -39.32 -14.56
CA LEU L 83 19.31 -38.63 -13.37
C LEU L 83 18.14 -39.38 -12.75
N PHE L 84 17.20 -39.80 -13.60
CA PHE L 84 16.00 -40.48 -13.11
C PHE L 84 16.37 -41.75 -12.37
N GLN L 85 17.29 -42.54 -12.92
CA GLN L 85 17.71 -43.76 -12.25
C GLN L 85 18.47 -43.45 -10.97
N ASP L 86 19.24 -42.37 -10.96
CA ASP L 86 19.98 -42.01 -9.75
C ASP L 86 19.01 -41.59 -8.65
N LEU L 87 17.95 -40.87 -9.01
CA LEU L 87 16.96 -40.46 -8.04
C LEU L 87 16.23 -41.65 -7.46
N ASN L 88 15.92 -42.64 -8.30
CA ASN L 88 15.23 -43.84 -7.83
C ASN L 88 16.18 -44.87 -7.23
N GLY L 89 17.42 -44.48 -6.96
CA GLY L 89 18.36 -45.42 -6.38
C GLY L 89 18.67 -46.60 -7.26
N GLN L 90 18.55 -46.42 -8.57
CA GLN L 90 18.77 -47.48 -9.55
C GLN L 90 20.09 -47.26 -10.25
N SER L 91 20.63 -48.35 -10.78
CA SER L 91 21.86 -48.31 -11.54
C SER L 91 21.61 -47.80 -12.95
N LEU L 92 22.69 -47.70 -13.70
CA LEU L 92 22.62 -47.38 -15.12
C LEU L 92 22.59 -48.67 -15.93
N PHE L 93 21.64 -48.75 -16.85
CA PHE L 93 21.65 -49.75 -17.90
C PHE L 93 21.83 -49.08 -19.25
N MET M 4 -36.36 34.15 5.12
CA MET M 4 -36.50 33.36 3.86
C MET M 4 -37.33 32.12 4.07
N ASN M 5 -38.15 31.84 3.06
CA ASN M 5 -39.07 30.72 3.09
C ASN M 5 -38.58 29.53 2.29
N PHE M 6 -37.72 29.76 1.29
CA PHE M 6 -37.24 28.68 0.45
C PHE M 6 -36.51 27.64 1.27
N ILE M 7 -35.64 28.08 2.18
CA ILE M 7 -34.97 27.15 3.08
C ILE M 7 -36.00 26.42 3.91
N LYS M 8 -36.90 27.17 4.53
CA LYS M 8 -37.84 26.60 5.48
C LYS M 8 -38.78 25.63 4.79
N ASP M 9 -39.32 26.03 3.65
CA ASP M 9 -40.28 25.20 2.94
C ASP M 9 -39.65 23.89 2.50
N ASN M 10 -38.39 23.93 2.10
CA ASN M 10 -37.67 22.75 1.63
C ASN M 10 -36.76 22.16 2.70
N SER M 11 -36.88 22.62 3.94
CA SER M 11 -35.97 22.16 4.98
C SER M 11 -36.07 20.66 5.21
N ARG M 12 -37.21 20.05 4.90
CA ARG M 12 -37.29 18.59 4.89
C ARG M 12 -36.21 18.00 4.00
N ALA M 13 -36.24 18.40 2.73
CA ALA M 13 -35.30 17.88 1.75
C ALA M 13 -33.88 18.28 2.11
N LEU M 14 -33.69 19.53 2.54
CA LEU M 14 -32.35 19.99 2.85
C LEU M 14 -31.74 19.18 3.99
N ILE M 15 -32.54 18.91 5.04
CA ILE M 15 -32.02 18.12 6.13
C ILE M 15 -31.67 16.72 5.64
N GLN M 16 -32.53 16.15 4.82
CA GLN M 16 -32.33 14.75 4.49
C GLN M 16 -31.30 14.51 3.38
N ARG M 17 -30.94 15.53 2.63
CA ARG M 17 -30.18 15.36 1.39
C ARG M 17 -28.81 16.01 1.36
N MET M 18 -28.61 17.12 2.07
CA MET M 18 -27.29 17.73 2.09
C MET M 18 -26.29 16.78 2.70
N GLY M 19 -25.28 16.42 1.92
CA GLY M 19 -24.21 15.62 2.46
C GLY M 19 -23.48 16.34 3.58
N MET M 20 -22.86 15.55 4.44
CA MET M 20 -21.98 16.11 5.47
C MET M 20 -20.94 17.02 4.84
N THR M 21 -20.40 16.60 3.69
CA THR M 21 -19.46 17.43 2.96
C THR M 21 -20.07 18.78 2.64
N VAL M 22 -21.25 18.74 2.04
CA VAL M 22 -21.95 19.96 1.64
C VAL M 22 -22.13 20.86 2.83
N ILE M 23 -22.46 20.28 3.99
CA ILE M 23 -22.69 21.07 5.18
C ILE M 23 -21.40 21.73 5.63
N LYS M 24 -20.32 20.96 5.68
CA LYS M 24 -19.05 21.51 6.13
C LYS M 24 -18.59 22.64 5.23
N GLN M 25 -18.83 22.49 3.93
CA GLN M 25 -18.31 23.44 2.96
C GLN M 25 -19.11 24.72 2.99
N ILE M 26 -20.42 24.60 3.03
CA ILE M 26 -21.28 25.75 3.24
C ILE M 26 -20.83 26.46 4.50
N THR M 27 -20.63 25.70 5.57
CA THR M 27 -20.21 26.26 6.84
C THR M 27 -18.92 27.04 6.68
N ASP M 28 -17.98 26.50 5.91
CA ASP M 28 -16.71 27.18 5.70
C ASP M 28 -16.92 28.51 5.00
N ASP M 29 -17.68 28.50 3.91
CA ASP M 29 -17.96 29.74 3.18
C ASP M 29 -18.61 30.76 4.09
N LEU M 30 -19.53 30.30 4.93
CA LEU M 30 -20.30 31.18 5.78
C LEU M 30 -19.42 31.76 6.87
N PHE M 31 -18.50 30.95 7.40
CA PHE M 31 -17.53 31.45 8.37
C PHE M 31 -16.64 32.51 7.75
N VAL M 32 -16.17 32.26 6.54
CA VAL M 32 -15.34 33.24 5.85
C VAL M 32 -16.14 34.50 5.60
N TRP M 33 -17.41 34.35 5.28
CA TRP M 33 -18.29 35.47 5.03
C TRP M 33 -18.84 36.09 6.30
N ASN M 34 -18.41 35.63 7.47
CA ASN M 34 -18.72 36.26 8.74
C ASN M 34 -20.23 36.26 9.02
N VAL M 35 -20.84 35.09 8.85
CA VAL M 35 -22.17 34.81 9.38
C VAL M 35 -22.16 33.63 10.34
N LEU M 36 -20.99 33.08 10.62
CA LEU M 36 -20.90 31.99 11.57
C LEU M 36 -19.71 32.21 12.48
N ASN M 37 -19.99 32.08 13.75
CA ASN M 37 -18.98 32.00 14.78
C ASN M 37 -18.29 30.65 14.66
N ARG M 38 -16.97 30.65 14.82
CA ARG M 38 -16.19 29.43 14.97
C ARG M 38 -16.84 28.40 15.87
N GLU M 39 -17.50 28.82 16.97
CA GLU M 39 -18.23 27.84 17.75
C GLU M 39 -19.38 27.25 16.96
N GLU M 40 -20.14 28.10 16.28
CA GLU M 40 -21.23 27.60 15.47
C GLU M 40 -20.73 26.63 14.42
N VAL M 41 -19.57 26.94 13.85
CA VAL M 41 -18.90 26.04 12.92
C VAL M 41 -18.63 24.70 13.59
N ASN M 42 -18.01 24.74 14.76
CA ASN M 42 -17.61 23.53 15.44
C ASN M 42 -18.80 22.71 15.89
N ILE M 43 -19.92 23.36 16.16
CA ILE M 43 -21.08 22.66 16.65
C ILE M 43 -21.80 22.00 15.50
N ILE M 44 -21.85 22.65 14.34
CA ILE M 44 -22.36 21.98 13.16
C ILE M 44 -21.46 20.80 12.82
N CYS M 45 -20.15 21.00 12.89
CA CYS M 45 -19.22 19.98 12.42
C CYS M 45 -19.10 18.82 13.39
N CYS M 46 -19.38 19.03 14.68
CA CYS M 46 -19.17 17.98 15.65
C CYS M 46 -20.26 16.93 15.66
N GLU M 47 -21.40 17.19 15.03
CA GLU M 47 -22.46 16.20 14.98
C GLU M 47 -21.97 14.99 14.18
N LYS M 48 -21.94 13.84 14.84
CA LYS M 48 -21.60 12.61 14.15
C LYS M 48 -22.63 12.24 13.09
N VAL M 49 -23.83 12.79 13.18
CA VAL M 49 -24.91 12.51 12.25
C VAL M 49 -25.00 13.67 11.26
N GLU M 50 -25.14 13.32 9.99
CA GLU M 50 -25.35 14.29 8.92
C GLU M 50 -26.55 15.17 9.20
N GLN M 51 -27.69 14.55 9.44
CA GLN M 51 -28.93 15.28 9.48
C GLN M 51 -29.00 16.20 10.68
N ASP M 52 -28.34 15.84 11.78
CA ASP M 52 -28.31 16.74 12.93
C ASP M 52 -27.48 17.98 12.63
N ALA M 53 -26.34 17.80 11.95
CA ALA M 53 -25.59 18.94 11.47
C ALA M 53 -26.42 19.80 10.54
N ALA M 54 -27.22 19.15 9.70
CA ALA M 54 -28.09 19.88 8.79
C ALA M 54 -29.09 20.70 9.55
N ARG M 55 -29.72 20.11 10.55
CA ARG M 55 -30.68 20.85 11.36
C ARG M 55 -30.01 22.03 12.04
N GLY M 56 -28.83 21.80 12.60
CA GLY M 56 -28.09 22.87 13.23
C GLY M 56 -27.90 24.05 12.31
N ILE M 57 -27.36 23.79 11.12
CA ILE M 57 -27.08 24.89 10.22
C ILE M 57 -28.38 25.53 9.76
N ILE M 58 -29.40 24.74 9.46
CA ILE M 58 -30.60 25.33 8.86
C ILE M 58 -31.28 26.25 9.86
N HIS M 59 -31.55 25.75 11.06
CA HIS M 59 -32.24 26.57 12.03
C HIS M 59 -31.41 27.79 12.39
N MET M 60 -30.10 27.61 12.51
CA MET M 60 -29.21 28.72 12.78
C MET M 60 -29.34 29.80 11.72
N ILE M 61 -29.25 29.43 10.45
CA ILE M 61 -29.27 30.42 9.38
C ILE M 61 -30.63 31.09 9.31
N LEU M 62 -31.70 30.32 9.53
CA LEU M 62 -33.03 30.91 9.50
C LEU M 62 -33.15 31.98 10.58
N LYS M 63 -32.56 31.73 11.75
CA LYS M 63 -32.60 32.74 12.78
C LYS M 63 -31.74 33.96 12.46
N LYS M 64 -30.76 33.82 11.58
CA LYS M 64 -29.83 34.91 11.29
C LYS M 64 -30.26 35.79 10.13
N GLY M 65 -31.46 35.61 9.60
CA GLY M 65 -32.04 36.59 8.70
C GLY M 65 -31.85 36.34 7.23
N SER M 66 -32.43 37.28 6.48
CA SER M 66 -32.53 37.17 5.02
C SER M 66 -31.18 37.05 4.37
N GLU M 67 -30.25 37.93 4.75
CA GLU M 67 -28.95 37.93 4.10
C GLU M 67 -28.13 36.67 4.40
N SER M 68 -28.16 36.19 5.65
CA SER M 68 -27.51 34.93 5.97
C SER M 68 -28.11 33.80 5.16
N CYS M 69 -29.43 33.83 4.98
CA CYS M 69 -30.09 32.79 4.21
C CYS M 69 -29.70 32.86 2.73
N ASN M 70 -29.60 34.08 2.20
CA ASN M 70 -29.18 34.25 0.81
C ASN M 70 -27.79 33.70 0.60
N LEU M 71 -26.88 33.99 1.53
CA LEU M 71 -25.53 33.47 1.43
C LEU M 71 -25.50 31.95 1.51
N PHE M 72 -26.33 31.40 2.41
CA PHE M 72 -26.46 29.96 2.53
C PHE M 72 -26.85 29.35 1.20
N LEU M 73 -27.86 29.91 0.55
CA LEU M 73 -28.32 29.36 -0.71
C LEU M 73 -27.30 29.57 -1.82
N LYS M 74 -26.55 30.67 -1.77
CA LYS M 74 -25.48 30.91 -2.72
C LYS M 74 -24.48 29.76 -2.69
N SER M 75 -23.91 29.51 -1.52
CA SER M 75 -22.90 28.47 -1.43
C SER M 75 -23.53 27.09 -1.60
N LEU M 76 -24.79 26.91 -1.24
CA LEU M 76 -25.45 25.63 -1.50
C LEU M 76 -25.53 25.37 -2.98
N LYS M 77 -25.84 26.40 -3.76
CA LYS M 77 -25.86 26.25 -5.21
C LYS M 77 -24.49 25.87 -5.71
N GLU M 78 -23.45 26.52 -5.19
CA GLU M 78 -22.11 26.21 -5.65
C GLU M 78 -21.74 24.77 -5.34
N TRP M 79 -21.79 24.40 -4.07
CA TRP M 79 -21.18 23.16 -3.63
C TRP M 79 -22.05 21.93 -3.89
N ASN M 80 -23.37 22.09 -3.91
CA ASN M 80 -24.31 20.99 -4.14
C ASN M 80 -25.37 21.42 -5.15
N TYR M 81 -24.90 21.91 -6.27
CA TYR M 81 -25.70 22.28 -7.43
C TYR M 81 -26.77 21.27 -7.81
N PRO M 82 -26.49 19.96 -7.80
CA PRO M 82 -27.56 19.01 -8.15
C PRO M 82 -28.78 19.11 -7.24
N LEU M 83 -28.55 19.14 -5.94
CA LEU M 83 -29.66 19.24 -5.01
C LEU M 83 -30.41 20.53 -5.22
N PHE M 84 -29.68 21.63 -5.35
CA PHE M 84 -30.29 22.94 -5.51
C PHE M 84 -31.19 22.97 -6.74
N GLN M 85 -30.70 22.45 -7.86
CA GLN M 85 -31.51 22.42 -9.06
C GLN M 85 -32.70 21.49 -8.91
N ASP M 86 -32.54 20.39 -8.18
CA ASP M 86 -33.66 19.48 -7.98
C ASP M 86 -34.74 20.13 -7.13
N LEU M 87 -34.32 20.91 -6.13
CA LEU M 87 -35.28 21.61 -5.27
C LEU M 87 -36.04 22.66 -6.06
N ASN M 88 -35.36 23.36 -6.96
CA ASN M 88 -36.00 24.38 -7.78
C ASN M 88 -36.68 23.80 -9.00
N GLY M 89 -36.87 22.49 -9.06
CA GLY M 89 -37.53 21.88 -10.21
C GLY M 89 -36.79 22.08 -11.50
N GLN M 90 -35.47 22.25 -11.44
CA GLN M 90 -34.64 22.50 -12.60
C GLN M 90 -33.85 21.25 -12.95
N SER M 91 -33.45 21.18 -14.21
CA SER M 91 -32.64 20.07 -14.70
C SER M 91 -31.20 20.25 -14.28
N LEU M 92 -30.38 19.28 -14.66
CA LEU M 92 -28.94 19.35 -14.49
C LEU M 92 -28.31 19.90 -15.76
N PHE M 93 -27.45 20.90 -15.59
CA PHE M 93 -26.53 21.33 -16.64
C PHE M 93 -25.11 21.04 -16.23
N MET N 4 37.19 -7.57 3.19
CA MET N 4 38.40 -7.08 2.46
C MET N 4 38.11 -5.80 1.68
N ASN N 5 39.09 -4.91 1.72
CA ASN N 5 38.99 -3.61 1.09
C ASN N 5 39.71 -3.54 -0.25
N PHE N 6 40.71 -4.39 -0.47
CA PHE N 6 41.47 -4.36 -1.70
C PHE N 6 40.58 -4.62 -2.90
N ILE N 7 39.70 -5.61 -2.81
CA ILE N 7 38.74 -5.86 -3.86
C ILE N 7 37.86 -4.63 -4.05
N LYS N 8 37.29 -4.16 -2.94
CA LYS N 8 36.31 -3.09 -3.01
C LYS N 8 36.93 -1.81 -3.54
N ASP N 9 38.10 -1.45 -3.03
CA ASP N 9 38.76 -0.21 -3.43
C ASP N 9 39.10 -0.22 -4.90
N ASN N 10 39.51 -1.38 -5.42
CA ASN N 10 39.89 -1.53 -6.82
C ASN N 10 38.78 -2.14 -7.66
N SER N 11 37.57 -2.25 -7.12
CA SER N 11 36.49 -2.91 -7.85
C SER N 11 36.16 -2.21 -9.15
N ARG N 12 36.43 -0.91 -9.25
CA ARG N 12 36.34 -0.22 -10.54
C ARG N 12 37.19 -0.94 -11.58
N ALA N 13 38.48 -1.03 -11.29
CA ALA N 13 39.41 -1.65 -12.22
C ALA N 13 39.08 -3.12 -12.42
N LEU N 14 38.74 -3.82 -11.34
CA LEU N 14 38.46 -5.24 -11.46
C LEU N 14 37.26 -5.48 -12.37
N ILE N 15 36.21 -4.68 -12.22
CA ILE N 15 35.06 -4.85 -13.09
C ILE N 15 35.44 -4.57 -14.52
N GLN N 16 36.24 -3.52 -14.75
CA GLN N 16 36.46 -3.12 -16.13
C GLN N 16 37.54 -3.92 -16.83
N ARG N 17 38.38 -4.66 -16.10
CA ARG N 17 39.59 -5.23 -16.67
C ARG N 17 39.66 -6.75 -16.64
N MET N 18 39.04 -7.42 -15.68
CA MET N 18 39.05 -8.87 -15.67
C MET N 18 38.37 -9.40 -16.91
N GLY N 19 39.11 -10.14 -17.72
CA GLY N 19 38.52 -10.81 -18.85
C GLY N 19 37.46 -11.80 -18.43
N MET N 20 36.52 -12.05 -19.35
CA MET N 20 35.55 -13.11 -19.15
C MET N 20 36.24 -14.41 -18.81
N THR N 21 37.35 -14.70 -19.47
CA THR N 21 38.14 -15.88 -19.16
C THR N 21 38.56 -15.89 -17.71
N VAL N 22 39.15 -14.77 -17.28
CA VAL N 22 39.64 -14.64 -15.92
C VAL N 22 38.50 -14.89 -14.94
N ILE N 23 37.32 -14.38 -15.26
CA ILE N 23 36.19 -14.52 -14.37
C ILE N 23 35.78 -15.98 -14.29
N LYS N 24 35.67 -16.66 -15.43
CA LYS N 24 35.26 -18.06 -15.44
C LYS N 24 36.23 -18.91 -14.66
N GLN N 25 37.52 -18.60 -14.78
CA GLN N 25 38.55 -19.43 -14.20
C GLN N 25 38.62 -19.25 -12.71
N ILE N 26 38.57 -18.00 -12.27
CA ILE N 26 38.44 -17.71 -10.86
C ILE N 26 37.24 -18.45 -10.31
N THR N 27 36.11 -18.34 -11.02
CA THR N 27 34.89 -18.99 -10.61
C THR N 27 35.10 -20.48 -10.45
N ASP N 28 35.82 -21.09 -11.38
CA ASP N 28 36.06 -22.52 -11.30
C ASP N 28 36.87 -22.87 -10.06
N ASP N 29 37.96 -22.15 -9.82
CA ASP N 29 38.77 -22.39 -8.64
C ASP N 29 37.93 -22.25 -7.37
N LEU N 30 37.08 -21.24 -7.35
CA LEU N 30 36.28 -20.94 -6.18
C LEU N 30 35.22 -22.00 -5.95
N PHE N 31 34.65 -22.52 -7.03
CA PHE N 31 33.71 -23.63 -6.92
C PHE N 31 34.40 -24.87 -6.37
N VAL N 32 35.60 -25.16 -6.88
CA VAL N 32 36.35 -26.30 -6.38
C VAL N 32 36.70 -26.10 -4.91
N TRP N 33 37.00 -24.87 -4.55
CA TRP N 33 37.32 -24.53 -3.18
C TRP N 33 36.10 -24.32 -2.30
N ASN N 34 34.90 -24.56 -2.83
CA ASN N 34 33.69 -24.56 -2.03
C ASN N 34 33.41 -23.20 -1.40
N VAL N 35 33.50 -22.15 -2.21
CA VAL N 35 32.96 -20.85 -1.87
C VAL N 35 31.92 -20.39 -2.87
N LEU N 36 31.59 -21.23 -3.86
CA LEU N 36 30.57 -20.88 -4.83
C LEU N 36 29.67 -22.08 -5.06
N ASN N 37 28.39 -21.80 -4.97
CA ASN N 37 27.36 -22.71 -5.41
C ASN N 37 27.38 -22.78 -6.93
N ARG N 38 27.22 -23.98 -7.47
CA ARG N 38 26.99 -24.18 -8.89
C ARG N 38 26.02 -23.19 -9.49
N GLU N 39 24.95 -22.79 -8.77
CA GLU N 39 24.11 -21.75 -9.30
C GLU N 39 24.86 -20.43 -9.40
N GLU N 40 25.60 -20.08 -8.36
CA GLU N 40 26.37 -18.85 -8.40
C GLU N 40 27.35 -18.88 -9.56
N VAL N 41 27.94 -20.04 -9.81
CA VAL N 41 28.80 -20.24 -10.96
C VAL N 41 28.04 -19.96 -12.24
N ASN N 42 26.87 -20.57 -12.39
CA ASN N 42 26.11 -20.45 -13.61
C ASN N 42 25.61 -19.03 -13.83
N ILE N 43 25.39 -18.29 -12.75
CA ILE N 43 24.85 -16.96 -12.87
C ILE N 43 25.96 -15.99 -13.24
N ILE N 44 27.15 -16.20 -12.70
CA ILE N 44 28.29 -15.42 -13.17
C ILE N 44 28.54 -15.73 -14.65
N CYS N 45 28.48 -17.01 -15.01
CA CYS N 45 28.88 -17.42 -16.35
C CYS N 45 27.83 -17.07 -17.39
N CYS N 46 26.57 -16.94 -16.99
CA CYS N 46 25.51 -16.72 -17.97
C CYS N 46 25.44 -15.28 -18.47
N GLU N 47 26.09 -14.35 -17.80
CA GLU N 47 26.07 -12.96 -18.26
C GLU N 47 26.77 -12.88 -19.61
N LYS N 48 26.04 -12.45 -20.62
CA LYS N 48 26.65 -12.23 -21.93
C LYS N 48 27.68 -11.12 -21.89
N VAL N 49 27.63 -10.25 -20.89
CA VAL N 49 28.55 -9.14 -20.75
C VAL N 49 29.61 -9.50 -19.72
N GLU N 50 30.85 -9.19 -20.07
CA GLU N 50 31.98 -9.38 -19.17
C GLU N 50 31.78 -8.67 -17.85
N GLN N 51 31.50 -7.38 -17.92
CA GLN N 51 31.51 -6.56 -16.73
C GLN N 51 30.38 -6.92 -15.79
N ASP N 52 29.25 -7.39 -16.33
CA ASP N 52 28.17 -7.82 -15.46
C ASP N 52 28.55 -9.09 -14.69
N ALA N 53 29.22 -10.02 -15.37
CA ALA N 53 29.77 -11.17 -14.69
C ALA N 53 30.76 -10.74 -13.62
N ALA N 54 31.56 -9.73 -13.93
CA ALA N 54 32.52 -9.22 -12.97
C ALA N 54 31.82 -8.67 -11.74
N ARG N 55 30.78 -7.88 -11.95
CA ARG N 55 30.03 -7.35 -10.84
C ARG N 55 29.44 -8.46 -10.00
N GLY N 56 28.84 -9.45 -10.67
CA GLY N 56 28.29 -10.59 -9.96
C GLY N 56 29.30 -11.22 -9.03
N ILE N 57 30.46 -11.59 -9.58
CA ILE N 57 31.43 -12.27 -8.76
C ILE N 57 31.94 -11.35 -7.66
N ILE N 58 32.18 -10.08 -7.96
CA ILE N 58 32.83 -9.23 -6.97
C ILE N 58 31.90 -9.02 -5.79
N HIS N 59 30.67 -8.59 -6.06
CA HIS N 59 29.75 -8.33 -4.96
C HIS N 59 29.49 -9.60 -4.17
N MET N 60 29.34 -10.72 -4.88
CA MET N 60 29.16 -12.01 -4.23
C MET N 60 30.28 -12.31 -3.26
N ILE N 61 31.52 -12.20 -3.72
CA ILE N 61 32.66 -12.56 -2.88
C ILE N 61 32.79 -11.60 -1.71
N LEU N 62 32.51 -10.33 -1.95
CA LEU N 62 32.58 -9.36 -0.86
C LEU N 62 31.59 -9.73 0.24
N LYS N 63 30.41 -10.18 -0.16
CA LYS N 63 29.44 -10.61 0.83
C LYS N 63 29.85 -11.87 1.56
N LYS N 64 30.71 -12.69 0.98
CA LYS N 64 31.07 -13.97 1.55
C LYS N 64 32.30 -13.92 2.45
N GLY N 65 32.82 -12.74 2.75
CA GLY N 65 33.77 -12.61 3.83
C GLY N 65 35.23 -12.63 3.43
N SER N 66 36.05 -12.48 4.47
CA SER N 66 37.48 -12.29 4.32
C SER N 66 38.13 -13.47 3.60
N GLU N 67 37.81 -14.68 4.03
CA GLU N 67 38.46 -15.85 3.44
C GLU N 67 38.07 -16.07 1.99
N SER N 68 36.79 -15.87 1.64
CA SER N 68 36.38 -15.96 0.25
C SER N 68 37.11 -14.91 -0.58
N CYS N 69 37.28 -13.72 -0.01
CA CYS N 69 37.99 -12.67 -0.73
C CYS N 69 39.47 -13.01 -0.91
N ASN N 70 40.08 -13.61 0.10
CA ASN N 70 41.48 -14.01 0.00
C ASN N 70 41.65 -15.05 -1.10
N LEU N 71 40.74 -16.01 -1.15
CA LEU N 71 40.81 -17.03 -2.19
C LEU N 71 40.61 -16.42 -3.57
N PHE N 72 39.68 -15.47 -3.67
CA PHE N 72 39.46 -14.74 -4.91
C PHE N 72 40.74 -14.10 -5.39
N LEU N 73 41.44 -13.41 -4.50
CA LEU N 73 42.65 -12.72 -4.89
C LEU N 73 43.77 -13.70 -5.20
N LYS N 74 43.80 -14.84 -4.51
CA LYS N 74 44.76 -15.89 -4.81
C LYS N 74 44.65 -16.32 -6.26
N SER N 75 43.45 -16.76 -6.65
CA SER N 75 43.30 -17.24 -8.01
C SER N 75 43.37 -16.10 -9.01
N LEU N 76 43.00 -14.89 -8.62
CA LEU N 76 43.17 -13.75 -9.51
C LEU N 76 44.64 -13.53 -9.82
N LYS N 77 45.48 -13.65 -8.80
CA LYS N 77 46.91 -13.53 -9.02
C LYS N 77 47.39 -14.60 -9.97
N GLU N 78 46.91 -15.83 -9.78
CA GLU N 78 47.35 -16.91 -10.66
C GLU N 78 46.94 -16.65 -12.10
N TRP N 79 45.65 -16.48 -12.34
CA TRP N 79 45.12 -16.53 -13.68
C TRP N 79 45.29 -15.22 -14.45
N ASN N 80 45.32 -14.09 -13.75
CA ASN N 80 45.48 -12.78 -14.36
C ASN N 80 46.51 -11.96 -13.61
N TYR N 81 47.68 -12.56 -13.42
CA TYR N 81 48.86 -11.96 -12.83
C TYR N 81 49.17 -10.55 -13.33
N PRO N 82 49.07 -10.25 -14.64
CA PRO N 82 49.35 -8.88 -15.08
C PRO N 82 48.47 -7.84 -14.41
N LEU N 83 47.15 -8.10 -14.40
CA LEU N 83 46.23 -7.16 -13.78
C LEU N 83 46.54 -7.01 -12.30
N PHE N 84 46.75 -8.13 -11.62
CA PHE N 84 47.00 -8.12 -10.19
C PHE N 84 48.23 -7.29 -9.86
N GLN N 85 49.30 -7.47 -10.62
CA GLN N 85 50.51 -6.70 -10.38
C GLN N 85 50.30 -5.23 -10.72
N ASP N 86 49.50 -4.94 -11.73
CA ASP N 86 49.23 -3.54 -12.07
C ASP N 86 48.43 -2.86 -10.98
N LEU N 87 47.49 -3.59 -10.39
CA LEU N 87 46.69 -3.03 -9.30
C LEU N 87 47.54 -2.75 -8.08
N ASN N 88 48.48 -3.64 -7.78
CA ASN N 88 49.37 -3.47 -6.65
C ASN N 88 50.56 -2.57 -6.97
N GLY N 89 50.53 -1.86 -8.09
CA GLY N 89 51.63 -0.98 -8.43
C GLY N 89 52.93 -1.70 -8.64
N GLN N 90 52.88 -2.97 -9.03
CA GLN N 90 54.05 -3.79 -9.23
C GLN N 90 54.31 -3.98 -10.72
N SER N 91 55.56 -4.28 -11.03
CA SER N 91 55.97 -4.53 -12.40
C SER N 91 55.57 -5.94 -12.81
N LEU N 92 55.88 -6.26 -14.06
CA LEU N 92 55.71 -7.60 -14.58
C LEU N 92 57.01 -8.38 -14.44
N PHE N 93 56.91 -9.57 -13.88
CA PHE N 93 57.99 -10.56 -13.94
C PHE N 93 57.55 -11.74 -14.77
N MET O 4 -6.82 33.91 40.89
CA MET O 4 -6.03 34.45 39.75
C MET O 4 -6.89 35.17 38.74
N ASN O 5 -6.34 36.27 38.25
CA ASN O 5 -7.03 37.14 37.31
C ASN O 5 -6.59 36.92 35.87
N PHE O 6 -5.37 36.42 35.67
CA PHE O 6 -4.87 36.23 34.31
C PHE O 6 -5.74 35.27 33.52
N ILE O 7 -6.14 34.17 34.15
CA ILE O 7 -7.07 33.25 33.51
C ILE O 7 -8.37 33.97 33.21
N LYS O 8 -8.93 34.63 34.23
CA LYS O 8 -10.24 35.22 34.12
C LYS O 8 -10.25 36.34 33.08
N ASP O 9 -9.24 37.20 33.14
CA ASP O 9 -9.19 38.33 32.23
C ASP O 9 -9.08 37.88 30.78
N ASN O 10 -8.33 36.81 30.54
CA ASN O 10 -8.12 36.28 29.21
C ASN O 10 -9.01 35.08 28.91
N SER O 11 -9.99 34.80 29.76
CA SER O 11 -10.81 33.62 29.57
C SER O 11 -11.58 33.64 28.26
N ARG O 12 -11.85 34.82 27.72
CA ARG O 12 -12.39 34.91 26.37
C ARG O 12 -11.48 34.17 25.38
N ALA O 13 -10.23 34.59 25.33
CA ALA O 13 -9.27 34.00 24.42
C ALA O 13 -9.02 32.55 24.75
N LEU O 14 -8.90 32.23 26.04
CA LEU O 14 -8.62 30.86 26.43
C LEU O 14 -9.74 29.93 25.99
N ILE O 15 -11.00 30.35 26.17
CA ILE O 15 -12.10 29.51 25.73
C ILE O 15 -12.05 29.34 24.23
N GLN O 16 -11.78 30.42 23.50
CA GLN O 16 -11.93 30.34 22.06
C GLN O 16 -10.73 29.71 21.36
N ARG O 17 -9.58 29.60 22.03
CA ARG O 17 -8.33 29.28 21.35
C ARG O 17 -7.67 27.99 21.81
N MET O 18 -7.84 27.56 23.06
CA MET O 18 -7.26 26.30 23.49
C MET O 18 -7.85 25.16 22.68
N GLY O 19 -6.99 24.45 21.97
CA GLY O 19 -7.44 23.26 21.29
C GLY O 19 -7.95 22.22 22.26
N MET O 20 -8.83 21.36 21.73
CA MET O 20 -9.27 20.20 22.48
C MET O 20 -8.09 19.41 23.02
N THR O 21 -7.07 19.27 22.19
CA THR O 21 -5.84 18.60 22.61
C THR O 21 -5.26 19.27 23.83
N VAL O 22 -5.08 20.58 23.73
CA VAL O 22 -4.51 21.36 24.81
C VAL O 22 -5.31 21.15 26.08
N ILE O 23 -6.63 21.11 25.96
CA ILE O 23 -7.47 20.96 27.12
C ILE O 23 -7.27 19.59 27.74
N LYS O 24 -7.27 18.54 26.92
CA LYS O 24 -7.10 17.19 27.44
C LYS O 24 -5.77 17.04 28.14
N GLN O 25 -4.75 17.68 27.59
CA GLN O 25 -3.39 17.48 28.10
C GLN O 25 -3.19 18.22 29.40
N ILE O 26 -3.67 19.47 29.44
CA ILE O 26 -3.70 20.20 30.69
C ILE O 26 -4.43 19.39 31.73
N THR O 27 -5.59 18.86 31.35
CA THR O 27 -6.40 18.06 32.24
C THR O 27 -5.61 16.88 32.78
N ASP O 28 -4.83 16.24 31.91
CA ASP O 28 -4.04 15.09 32.34
C ASP O 28 -3.00 15.51 33.36
N ASP O 29 -2.26 16.58 33.08
CA ASP O 29 -1.26 17.06 34.03
C ASP O 29 -1.90 17.39 35.36
N LEU O 30 -3.07 18.02 35.31
CA LEU O 30 -3.75 18.46 36.51
C LEU O 30 -4.26 17.28 37.32
N PHE O 31 -4.73 16.25 36.64
CA PHE O 31 -5.14 15.02 37.31
C PHE O 31 -3.96 14.36 38.00
N VAL O 32 -2.83 14.31 37.31
CA VAL O 32 -1.63 13.73 37.90
C VAL O 32 -1.19 14.56 39.08
N TRP O 33 -1.34 15.87 38.98
CA TRP O 33 -0.98 16.78 40.04
C TRP O 33 -2.05 16.91 41.11
N ASN O 34 -3.12 16.12 41.03
CA ASN O 34 -4.13 16.03 42.08
C ASN O 34 -4.81 17.37 42.33
N VAL O 35 -5.25 18.00 41.25
CA VAL O 35 -6.21 19.10 41.32
C VAL O 35 -7.48 18.80 40.54
N LEU O 36 -7.59 17.59 39.98
CA LEU O 36 -8.78 17.21 39.26
C LEU O 36 -9.18 15.80 39.64
N ASN O 37 -10.44 15.66 39.99
CA ASN O 37 -11.07 14.38 40.13
C ASN O 37 -11.24 13.76 38.75
N ARG O 38 -10.99 12.46 38.65
CA ARG O 38 -11.33 11.68 37.47
C ARG O 38 -12.69 12.02 36.89
N GLU O 39 -13.70 12.29 37.72
CA GLU O 39 -14.96 12.74 37.15
C GLU O 39 -14.79 14.08 36.46
N GLU O 40 -14.11 15.01 37.12
CA GLU O 40 -13.90 16.32 36.50
C GLU O 40 -13.16 16.17 35.19
N VAL O 41 -12.20 15.24 35.15
CA VAL O 41 -11.50 14.92 33.92
C VAL O 41 -12.49 14.44 32.87
N ASN O 42 -13.33 13.47 33.23
CA ASN O 42 -14.25 12.89 32.26
C ASN O 42 -15.27 13.90 31.79
N ILE O 43 -15.62 14.86 32.62
CA ILE O 43 -16.65 15.82 32.26
C ILE O 43 -16.07 16.87 31.33
N ILE O 44 -14.82 17.26 31.57
CA ILE O 44 -14.16 18.12 30.60
C ILE O 44 -14.01 17.39 29.28
N CYS O 45 -13.62 16.12 29.34
CA CYS O 45 -13.29 15.38 28.13
C CYS O 45 -14.52 14.97 27.35
N CYS O 46 -15.66 14.83 28.01
CA CYS O 46 -16.85 14.32 27.33
C CYS O 46 -17.54 15.37 26.47
N GLU O 47 -17.22 16.65 26.63
CA GLU O 47 -17.84 17.67 25.81
C GLU O 47 -17.42 17.46 24.36
N LYS O 48 -18.40 17.22 23.49
CA LYS O 48 -18.12 17.11 22.07
C LYS O 48 -17.61 18.42 21.49
N VAL O 49 -17.85 19.54 22.18
CA VAL O 49 -17.42 20.86 21.72
C VAL O 49 -16.17 21.26 22.48
N GLU O 50 -15.21 21.79 21.75
CA GLU O 50 -13.99 22.33 22.32
C GLU O 50 -14.27 23.37 23.38
N GLN O 51 -15.03 24.37 23.00
CA GLN O 51 -15.16 25.55 23.85
C GLN O 51 -15.94 25.22 25.12
N ASP O 52 -16.85 24.26 25.07
CA ASP O 52 -17.55 23.86 26.29
C ASP O 52 -16.60 23.17 27.26
N ALA O 53 -15.72 22.30 26.74
CA ALA O 53 -14.67 21.73 27.55
C ALA O 53 -13.78 22.81 28.15
N ALA O 54 -13.51 23.84 27.35
CA ALA O 54 -12.69 24.95 27.82
C ALA O 54 -13.38 25.66 28.97
N ARG O 55 -14.66 25.94 28.82
CA ARG O 55 -15.40 26.60 29.88
C ARG O 55 -15.38 25.75 31.14
N GLY O 56 -15.62 24.45 30.97
CA GLY O 56 -15.58 23.54 32.11
C GLY O 56 -14.29 23.65 32.88
N ILE O 57 -13.18 23.50 32.18
CA ILE O 57 -11.90 23.53 32.87
C ILE O 57 -11.65 24.89 33.47
N ILE O 58 -11.96 25.97 32.75
CA ILE O 58 -11.57 27.29 33.24
C ILE O 58 -12.33 27.62 34.51
N HIS O 59 -13.66 27.50 34.46
CA HIS O 59 -14.44 27.86 35.64
C HIS O 59 -14.07 26.95 36.81
N MET O 60 -13.86 25.66 36.53
CA MET O 60 -13.45 24.73 37.56
C MET O 60 -12.16 25.18 38.23
N ILE O 61 -11.14 25.49 37.45
CA ILE O 61 -9.85 25.85 38.02
C ILE O 61 -9.95 27.17 38.77
N LEU O 62 -10.73 28.11 38.26
CA LEU O 62 -10.88 29.38 38.95
C LEU O 62 -11.50 29.15 40.31
N LYS O 63 -12.44 28.23 40.41
CA LYS O 63 -13.03 27.93 41.70
C LYS O 63 -12.06 27.22 42.64
N LYS O 64 -11.03 26.57 42.11
CA LYS O 64 -10.13 25.78 42.93
C LYS O 64 -8.91 26.54 43.41
N GLY O 65 -8.85 27.85 43.20
CA GLY O 65 -7.88 28.67 43.89
C GLY O 65 -6.60 28.97 43.13
N SER O 66 -5.77 29.75 43.83
CA SER O 66 -4.56 30.31 43.25
C SER O 66 -3.62 29.21 42.77
N GLU O 67 -3.37 28.22 43.61
CA GLU O 67 -2.41 27.19 43.25
C GLU O 67 -2.89 26.32 42.07
N SER O 68 -4.17 25.95 42.05
CA SER O 68 -4.71 25.24 40.90
C SER O 68 -4.57 26.07 39.64
N CYS O 69 -4.79 27.37 39.75
CA CYS O 69 -4.65 28.24 38.60
C CYS O 69 -3.20 28.34 38.13
N ASN O 70 -2.28 28.40 39.08
CA ASN O 70 -0.86 28.45 38.73
C ASN O 70 -0.45 27.19 37.99
N LEU O 71 -0.91 26.04 38.46
CA LEU O 71 -0.60 24.79 37.80
C LEU O 71 -1.22 24.74 36.40
N PHE O 72 -2.44 25.24 36.27
CA PHE O 72 -3.10 25.33 34.98
C PHE O 72 -2.25 26.13 34.01
N LEU O 73 -1.77 27.29 34.44
CA LEU O 73 -0.97 28.11 33.55
C LEU O 73 0.39 27.51 33.27
N LYS O 74 0.94 26.78 34.22
CA LYS O 74 2.19 26.06 34.00
C LYS O 74 2.06 25.10 32.83
N SER O 75 1.09 24.19 32.92
CA SER O 75 0.94 23.22 31.86
C SER O 75 0.42 23.86 30.58
N LEU O 76 -0.34 24.94 30.68
CA LEU O 76 -0.75 25.65 29.48
C LEU O 76 0.45 26.20 28.74
N LYS O 77 1.41 26.74 29.48
CA LYS O 77 2.64 27.21 28.87
C LYS O 77 3.36 26.07 28.19
N GLU O 78 3.43 24.92 28.84
CA GLU O 78 4.12 23.79 28.25
C GLU O 78 3.46 23.35 26.95
N TRP O 79 2.18 23.00 27.04
CA TRP O 79 1.52 22.28 25.95
C TRP O 79 1.07 23.20 24.82
N ASN O 80 0.76 24.45 25.12
CA ASN O 80 0.30 25.42 24.13
C ASN O 80 1.03 26.74 24.30
N TYR O 81 2.35 26.65 24.34
CA TYR O 81 3.27 27.77 24.39
C TYR O 81 2.93 28.91 23.42
N PRO O 82 2.54 28.65 22.17
CA PRO O 82 2.20 29.77 21.29
C PRO O 82 1.08 30.64 21.82
N LEU O 83 0.00 30.01 22.26
CA LEU O 83 -1.12 30.78 22.79
C LEU O 83 -0.70 31.55 24.02
N PHE O 84 0.03 30.89 24.92
CA PHE O 84 0.45 31.53 26.16
C PHE O 84 1.29 32.77 25.89
N GLN O 85 2.24 32.65 24.97
CA GLN O 85 3.06 33.80 24.63
C GLN O 85 2.25 34.89 23.95
N ASP O 86 1.27 34.51 23.15
CA ASP O 86 0.44 35.51 22.48
C ASP O 86 -0.41 36.27 23.50
N LEU O 87 -0.90 35.55 24.51
CA LEU O 87 -1.70 36.19 25.55
C LEU O 87 -0.85 37.16 26.37
N ASN O 88 0.40 36.79 26.65
CA ASN O 88 1.29 37.65 27.40
C ASN O 88 1.98 38.70 26.53
N GLY O 89 1.52 38.89 25.30
CA GLY O 89 2.13 39.87 24.42
C GLY O 89 3.57 39.58 24.09
N GLN O 90 3.95 38.30 24.13
CA GLN O 90 5.32 37.88 23.88
C GLN O 90 5.42 37.24 22.51
N SER O 91 6.63 37.26 21.97
CA SER O 91 6.91 36.66 20.68
C SER O 91 7.04 35.15 20.82
N LEU O 92 7.27 34.49 19.69
CA LEU O 92 7.57 33.08 19.66
C LEU O 92 9.06 32.87 19.67
N PHE O 93 9.53 32.00 20.57
CA PHE O 93 10.88 31.47 20.51
C PHE O 93 10.83 29.99 20.22
N MET P 4 20.06 14.71 -33.74
CA MET P 4 20.03 14.45 -35.21
C MET P 4 18.82 13.63 -35.61
N ASN P 5 18.26 13.99 -36.76
CA ASN P 5 17.06 13.37 -37.27
C ASN P 5 17.36 12.38 -38.39
N PHE P 6 18.48 12.54 -39.08
CA PHE P 6 18.80 11.66 -40.19
C PHE P 6 18.93 10.22 -39.73
N ILE P 7 19.61 10.00 -38.61
CA ILE P 7 19.69 8.66 -38.04
C ILE P 7 18.29 8.18 -37.70
N LYS P 8 17.55 9.00 -36.97
CA LYS P 8 16.25 8.58 -36.45
C LYS P 8 15.27 8.31 -37.58
N ASP P 9 15.22 9.21 -38.56
CA ASP P 9 14.28 9.07 -39.65
C ASP P 9 14.55 7.81 -40.46
N ASN P 10 15.83 7.47 -40.63
CA ASN P 10 16.24 6.30 -41.40
C ASN P 10 16.59 5.13 -40.51
N SER P 11 16.29 5.19 -39.22
CA SER P 11 16.69 4.13 -38.31
C SER P 11 16.07 2.79 -38.68
N ARG P 12 14.92 2.80 -39.34
CA ARG P 12 14.39 1.57 -39.91
C ARG P 12 15.43 0.89 -40.80
N ALA P 13 15.87 1.63 -41.82
CA ALA P 13 16.83 1.09 -42.76
C ALA P 13 18.15 0.79 -42.09
N LEU P 14 18.60 1.68 -41.22
CA LEU P 14 19.88 1.47 -40.56
C LEU P 14 19.87 0.20 -39.73
N ILE P 15 18.78 -0.05 -39.00
CA ILE P 15 18.71 -1.27 -38.21
C ILE P 15 18.72 -2.47 -39.13
N GLN P 16 17.98 -2.41 -40.22
CA GLN P 16 17.81 -3.60 -41.03
C GLN P 16 18.97 -3.87 -41.98
N ARG P 17 19.83 -2.90 -42.23
CA ARG P 17 20.79 -2.99 -43.32
C ARG P 17 22.25 -2.93 -42.91
N MET P 18 22.60 -2.25 -41.83
CA MET P 18 23.98 -2.24 -41.38
C MET P 18 24.43 -3.65 -41.03
N GLY P 19 25.44 -4.13 -41.74
CA GLY P 19 26.02 -5.40 -41.39
C GLY P 19 26.61 -5.38 -40.00
N MET P 20 26.69 -6.57 -39.41
CA MET P 20 27.40 -6.73 -38.14
C MET P 20 28.79 -6.15 -38.23
N THR P 21 29.46 -6.38 -39.35
CA THR P 21 30.77 -5.81 -39.58
C THR P 21 30.73 -4.31 -39.46
N VAL P 22 29.81 -3.69 -40.19
CA VAL P 22 29.66 -2.24 -40.20
C VAL P 22 29.46 -1.73 -38.79
N ILE P 23 28.67 -2.46 -38.00
CA ILE P 23 28.38 -2.03 -36.65
C ILE P 23 29.64 -2.10 -35.80
N LYS P 24 30.37 -3.20 -35.88
CA LYS P 24 31.58 -3.34 -35.09
C LYS P 24 32.60 -2.27 -35.43
N GLN P 25 32.68 -1.93 -36.70
CA GLN P 25 33.71 -1.02 -37.16
C GLN P 25 33.38 0.41 -36.77
N ILE P 26 32.13 0.79 -36.97
CA ILE P 26 31.66 2.06 -36.47
C ILE P 26 31.95 2.14 -34.99
N THR P 27 31.60 1.08 -34.26
CA THR P 27 31.82 1.03 -32.83
C THR P 27 33.29 1.25 -32.49
N ASP P 28 34.17 0.65 -33.26
CA ASP P 28 35.60 0.81 -33.02
C ASP P 28 36.02 2.26 -33.20
N ASP P 29 35.62 2.87 -34.32
CA ASP P 29 35.95 4.27 -34.56
C ASP P 29 35.43 5.15 -33.42
N LEU P 30 34.22 4.86 -32.97
CA LEU P 30 33.58 5.68 -31.96
C LEU P 30 34.26 5.51 -30.61
N PHE P 31 34.70 4.30 -30.31
CA PHE P 31 35.48 4.06 -29.10
C PHE P 31 36.78 4.83 -29.14
N VAL P 32 37.47 4.79 -30.28
CA VAL P 32 38.71 5.52 -30.42
C VAL P 32 38.45 7.01 -30.29
N TRP P 33 37.33 7.46 -30.82
CA TRP P 33 36.94 8.86 -30.76
C TRP P 33 36.29 9.24 -29.44
N ASN P 34 36.24 8.32 -28.48
CA ASN P 34 35.80 8.62 -27.12
C ASN P 34 34.36 9.12 -27.09
N VAL P 35 33.48 8.38 -27.77
CA VAL P 35 32.04 8.50 -27.58
C VAL P 35 31.42 7.19 -27.14
N LEU P 36 32.23 6.17 -26.92
CA LEU P 36 31.72 4.89 -26.44
C LEU P 36 32.62 4.36 -25.36
N ASN P 37 31.98 3.98 -24.27
CA ASN P 37 32.60 3.20 -23.22
C ASN P 37 32.83 1.80 -23.74
N ARG P 38 34.00 1.24 -23.41
CA ARG P 38 34.28 -0.17 -23.62
C ARG P 38 33.12 -1.08 -23.26
N GLU P 39 32.37 -0.78 -22.20
CA GLU P 39 31.18 -1.60 -21.95
C GLU P 39 30.17 -1.43 -23.06
N GLU P 40 29.92 -0.19 -23.47
CA GLU P 40 28.99 0.04 -24.56
C GLU P 40 29.42 -0.68 -25.81
N VAL P 41 30.72 -0.71 -26.05
CA VAL P 41 31.30 -1.47 -27.15
C VAL P 41 30.95 -2.94 -26.99
N ASN P 42 31.21 -3.49 -25.82
CA ASN P 42 31.02 -4.91 -25.60
C ASN P 42 29.55 -5.30 -25.67
N ILE P 43 28.67 -4.36 -25.33
CA ILE P 43 27.24 -4.68 -25.31
C ILE P 43 26.69 -4.63 -26.72
N ILE P 44 27.18 -3.70 -27.54
CA ILE P 44 26.82 -3.74 -28.94
C ILE P 44 27.35 -5.02 -29.57
N CYS P 45 28.59 -5.37 -29.24
CA CYS P 45 29.24 -6.48 -29.92
C CYS P 45 28.72 -7.83 -29.46
N CYS P 46 28.19 -7.92 -28.24
CA CYS P 46 27.79 -9.21 -27.70
C CYS P 46 26.46 -9.70 -28.25
N GLU P 47 25.68 -8.85 -28.89
CA GLU P 47 24.42 -9.28 -29.47
C GLU P 47 24.70 -10.29 -30.57
N LYS P 48 24.19 -11.51 -30.40
CA LYS P 48 24.29 -12.51 -31.44
C LYS P 48 23.54 -12.11 -32.70
N VAL P 49 22.58 -11.19 -32.58
CA VAL P 49 21.77 -10.73 -33.70
C VAL P 49 22.31 -9.40 -34.18
N GLU P 50 22.41 -9.28 -35.49
CA GLU P 50 22.82 -8.03 -36.13
C GLU P 50 21.93 -6.88 -35.72
N GLN P 51 20.63 -7.05 -35.90
CA GLN P 51 19.72 -5.93 -35.77
C GLN P 51 19.62 -5.46 -34.33
N ASP P 52 19.81 -6.36 -33.36
CA ASP P 52 19.82 -5.93 -31.98
C ASP P 52 21.03 -5.08 -31.67
N ALA P 53 22.19 -5.47 -32.19
CA ALA P 53 23.38 -4.63 -32.08
C ALA P 53 23.14 -3.28 -32.74
N ALA P 54 22.44 -3.29 -33.87
CA ALA P 54 22.12 -2.05 -34.55
C ALA P 54 21.26 -1.16 -33.69
N ARG P 55 20.22 -1.73 -33.08
CA ARG P 55 19.38 -0.95 -32.20
C ARG P 55 20.17 -0.38 -31.05
N GLY P 56 21.02 -1.21 -30.45
CA GLY P 56 21.86 -0.75 -29.36
C GLY P 56 22.64 0.47 -29.74
N ILE P 57 23.38 0.38 -30.85
CA ILE P 57 24.22 1.51 -31.23
C ILE P 57 23.37 2.71 -31.58
N ILE P 58 22.27 2.51 -32.30
CA ILE P 58 21.53 3.67 -32.79
C ILE P 58 20.93 4.43 -31.64
N HIS P 59 20.20 3.74 -30.76
CA HIS P 59 19.57 4.44 -29.66
C HIS P 59 20.61 5.08 -28.76
N MET P 60 21.70 4.37 -28.53
CA MET P 60 22.80 4.92 -27.74
C MET P 60 23.31 6.23 -28.32
N ILE P 61 23.62 6.24 -29.61
CA ILE P 61 24.20 7.43 -30.22
C ILE P 61 23.18 8.56 -30.24
N LEU P 62 21.91 8.24 -30.47
CA LEU P 62 20.90 9.29 -30.46
C LEU P 62 20.83 9.95 -29.10
N LYS P 63 20.98 9.16 -28.04
CA LYS P 63 20.98 9.74 -26.71
C LYS P 63 22.22 10.57 -26.43
N LYS P 64 23.31 10.33 -27.15
CA LYS P 64 24.57 11.00 -26.87
C LYS P 64 24.78 12.28 -27.67
N GLY P 65 23.76 12.75 -28.39
CA GLY P 65 23.79 14.10 -28.92
C GLY P 65 24.28 14.25 -30.35
N SER P 66 24.26 15.51 -30.77
CA SER P 66 24.52 15.88 -32.15
C SER P 66 25.90 15.45 -32.60
N GLU P 67 26.91 15.74 -31.80
CA GLU P 67 28.27 15.42 -32.21
C GLU P 67 28.54 13.92 -32.29
N SER P 68 28.03 13.14 -31.32
CA SER P 68 28.14 11.70 -31.42
C SER P 68 27.45 11.18 -32.67
N CYS P 69 26.31 11.77 -33.00
CA CYS P 69 25.59 11.35 -34.21
C CYS P 69 26.36 11.70 -35.47
N ASN P 70 26.99 12.88 -35.48
CA ASN P 70 27.79 13.27 -36.63
C ASN P 70 28.95 12.33 -36.83
N LEU P 71 29.62 11.94 -35.74
CA LEU P 71 30.71 10.99 -35.84
C LEU P 71 30.23 9.64 -36.32
N PHE P 72 29.08 9.21 -35.83
CA PHE P 72 28.46 7.97 -36.27
C PHE P 72 28.27 7.98 -37.79
N LEU P 73 27.71 9.06 -38.30
CA LEU P 73 27.46 9.13 -39.74
C LEU P 73 28.74 9.25 -40.52
N LYS P 74 29.76 9.90 -39.96
CA LYS P 74 31.06 9.97 -40.59
C LYS P 74 31.61 8.57 -40.85
N SER P 75 31.73 7.79 -39.79
CA SER P 75 32.30 6.46 -39.96
C SER P 75 31.35 5.55 -40.72
N LEU P 76 30.04 5.78 -40.63
CA LEU P 76 29.11 5.00 -41.44
C LEU P 76 29.35 5.24 -42.92
N LYS P 77 29.60 6.49 -43.29
CA LYS P 77 29.92 6.79 -44.66
C LYS P 77 31.19 6.08 -45.07
N GLU P 78 32.20 6.08 -44.21
CA GLU P 78 33.45 5.43 -44.55
C GLU P 78 33.25 3.93 -44.77
N TRP P 79 32.75 3.26 -43.75
CA TRP P 79 32.79 1.80 -43.72
C TRP P 79 31.68 1.16 -44.53
N ASN P 80 30.54 1.82 -44.69
CA ASN P 80 29.40 1.29 -45.44
C ASN P 80 28.84 2.37 -46.36
N TYR P 81 29.73 2.95 -47.14
CA TYR P 81 29.43 3.93 -48.17
C TYR P 81 28.23 3.57 -49.05
N PRO P 82 28.07 2.32 -49.50
CA PRO P 82 26.89 2.00 -50.32
C PRO P 82 25.59 2.30 -49.63
N LEU P 83 25.44 1.85 -48.39
CA LEU P 83 24.21 2.09 -47.65
C LEU P 83 23.99 3.57 -47.47
N PHE P 84 25.04 4.29 -47.07
CA PHE P 84 24.94 5.72 -46.82
C PHE P 84 24.47 6.47 -48.05
N GLN P 85 25.04 6.14 -49.21
CA GLN P 85 24.62 6.80 -50.44
C GLN P 85 23.21 6.40 -50.82
N ASP P 86 22.81 5.16 -50.54
CA ASP P 86 21.44 4.75 -50.86
C ASP P 86 20.44 5.48 -49.99
N LEU P 87 20.79 5.70 -48.72
CA LEU P 87 19.92 6.42 -47.82
C LEU P 87 19.76 7.87 -48.25
N ASN P 88 20.84 8.49 -48.70
CA ASN P 88 20.80 9.87 -49.17
C ASN P 88 20.33 9.99 -50.61
N GLY P 89 19.77 8.93 -51.18
CA GLY P 89 19.29 9.01 -52.55
C GLY P 89 20.37 9.28 -53.56
N GLN P 90 21.61 8.89 -53.24
CA GLN P 90 22.76 9.13 -54.10
C GLN P 90 23.17 7.83 -54.78
N SER P 91 23.86 7.99 -55.90
CA SER P 91 24.37 6.85 -56.65
C SER P 91 25.64 6.33 -55.99
N LEU P 92 26.18 5.28 -56.59
CA LEU P 92 27.46 4.73 -56.21
C LEU P 92 28.56 5.33 -57.07
N PHE P 93 29.61 5.83 -56.42
CA PHE P 93 30.85 6.15 -57.09
C PHE P 93 31.95 5.23 -56.62
N MET Q 4 -29.94 -5.28 49.54
CA MET Q 4 -28.50 -5.68 49.56
C MET Q 4 -27.60 -4.55 49.99
N ASN Q 5 -26.60 -4.91 50.78
CA ASN Q 5 -25.67 -3.96 51.34
C ASN Q 5 -24.33 -3.93 50.61
N PHE Q 6 -23.98 -5.01 49.92
CA PHE Q 6 -22.70 -5.08 49.24
C PHE Q 6 -22.60 -4.00 48.17
N ILE Q 7 -23.67 -3.82 47.40
CA ILE Q 7 -23.70 -2.73 46.43
C ILE Q 7 -23.56 -1.40 47.14
N LYS Q 8 -24.39 -1.20 48.16
CA LYS Q 8 -24.46 0.09 48.83
C LYS Q 8 -23.16 0.43 49.51
N ASP Q 9 -22.60 -0.54 50.23
CA ASP Q 9 -21.37 -0.31 50.98
C ASP Q 9 -20.22 0.04 50.04
N ASN Q 10 -20.17 -0.60 48.88
CA ASN Q 10 -19.12 -0.38 47.90
C ASN Q 10 -19.54 0.56 46.78
N SER Q 11 -20.69 1.22 46.93
CA SER Q 11 -21.19 2.06 45.84
C SER Q 11 -20.24 3.19 45.50
N ARG Q 12 -19.41 3.63 46.45
CA ARG Q 12 -18.34 4.56 46.12
C ARG Q 12 -17.48 4.01 45.00
N ALA Q 13 -16.91 2.83 45.25
CA ALA Q 13 -16.03 2.21 44.27
C ALA Q 13 -16.78 1.86 43.00
N LEU Q 14 -18.00 1.35 43.12
CA LEU Q 14 -18.75 0.96 41.95
C LEU Q 14 -19.02 2.16 41.06
N ILE Q 15 -19.40 3.29 41.66
CA ILE Q 15 -19.64 4.49 40.84
C ILE Q 15 -18.35 4.91 40.16
N GLN Q 16 -17.24 4.87 40.89
CA GLN Q 16 -16.03 5.46 40.34
C GLN Q 16 -15.29 4.54 39.38
N ARG Q 17 -15.58 3.24 39.37
CA ARG Q 17 -14.74 2.28 38.70
C ARG Q 17 -15.41 1.50 37.58
N MET Q 18 -16.72 1.27 37.64
CA MET Q 18 -17.38 0.58 36.54
C MET Q 18 -17.26 1.39 35.27
N GLY Q 19 -16.63 0.80 34.26
CA GLY Q 19 -16.57 1.43 32.97
C GLY Q 19 -17.96 1.62 32.39
N MET Q 20 -18.06 2.61 31.50
CA MET Q 20 -19.27 2.80 30.73
C MET Q 20 -19.68 1.51 30.04
N THR Q 21 -18.70 0.79 29.50
CA THR Q 21 -18.95 -0.50 28.89
C THR Q 21 -19.62 -1.44 29.87
N VAL Q 22 -19.02 -1.57 31.05
CA VAL Q 22 -19.52 -2.45 32.08
C VAL Q 22 -20.96 -2.09 32.41
N ILE Q 23 -21.25 -0.80 32.47
CA ILE Q 23 -22.59 -0.36 32.82
C ILE Q 23 -23.57 -0.76 31.73
N LYS Q 24 -23.22 -0.50 30.47
CA LYS Q 24 -24.11 -0.82 29.38
C LYS Q 24 -24.39 -2.32 29.32
N GLN Q 25 -23.39 -3.11 29.61
CA GLN Q 25 -23.50 -4.56 29.46
C GLN Q 25 -24.33 -5.15 30.57
N ILE Q 26 -24.06 -4.71 31.79
CA ILE Q 26 -24.90 -5.07 32.91
C ILE Q 26 -26.33 -4.70 32.58
N THR Q 27 -26.53 -3.48 32.09
CA THR Q 27 -27.84 -3.00 31.74
C THR Q 27 -28.51 -3.92 30.73
N ASP Q 28 -27.75 -4.39 29.75
CA ASP Q 28 -28.31 -5.27 28.74
C ASP Q 28 -28.76 -6.58 29.37
N ASP Q 29 -27.90 -7.19 30.19
CA ASP Q 29 -28.27 -8.43 30.85
C ASP Q 29 -29.53 -8.25 31.69
N LEU Q 30 -29.60 -7.12 32.37
CA LEU Q 30 -30.71 -6.85 33.28
C LEU Q 30 -32.00 -6.62 32.52
N PHE Q 31 -31.90 -5.95 31.37
CA PHE Q 31 -33.06 -5.79 30.50
C PHE Q 31 -33.56 -7.13 29.99
N VAL Q 32 -32.63 -7.99 29.57
CA VAL Q 32 -33.01 -9.31 29.10
C VAL Q 32 -33.63 -10.09 30.24
N TRP Q 33 -33.12 -9.92 31.44
CA TRP Q 33 -33.62 -10.59 32.62
C TRP Q 33 -34.84 -9.91 33.22
N ASN Q 34 -35.36 -8.87 32.57
CA ASN Q 34 -36.63 -8.25 32.95
C ASN Q 34 -36.57 -7.67 34.37
N VAL Q 35 -35.51 -6.91 34.64
CA VAL Q 35 -35.46 -6.02 35.79
C VAL Q 35 -35.25 -4.58 35.38
N LEU Q 36 -35.22 -4.30 34.09
CA LEU Q 36 -35.07 -2.94 33.61
C LEU Q 36 -36.02 -2.70 32.47
N ASN Q 37 -36.75 -1.60 32.60
CA ASN Q 37 -37.52 -1.04 31.52
C ASN Q 37 -36.58 -0.45 30.49
N ARG Q 38 -36.88 -0.66 29.22
CA ARG Q 38 -36.22 0.02 28.12
C ARG Q 38 -35.98 1.51 28.39
N GLU Q 39 -36.91 2.21 29.04
CA GLU Q 39 -36.61 3.58 29.40
C GLU Q 39 -35.48 3.64 30.41
N GLU Q 40 -35.52 2.79 31.42
CA GLU Q 40 -34.44 2.78 32.40
C GLU Q 40 -33.12 2.48 31.74
N VAL Q 41 -33.13 1.60 30.76
CA VAL Q 41 -31.96 1.31 29.94
C VAL Q 41 -31.48 2.58 29.26
N ASN Q 42 -32.40 3.26 28.58
CA ASN Q 42 -32.03 4.43 27.80
C ASN Q 42 -31.55 5.56 28.69
N ILE Q 43 -32.03 5.63 29.91
CA ILE Q 43 -31.66 6.73 30.79
C ILE Q 43 -30.30 6.47 31.39
N ILE Q 44 -30.00 5.21 31.70
CA ILE Q 44 -28.65 4.88 32.11
C ILE Q 44 -27.70 5.16 30.95
N CYS Q 45 -28.09 4.76 29.74
CA CYS Q 45 -27.18 4.83 28.61
C CYS Q 45 -27.00 6.24 28.09
N CYS Q 46 -27.97 7.12 28.31
CA CYS Q 46 -27.90 8.46 27.74
C CYS Q 46 -26.97 9.38 28.50
N GLU Q 47 -26.56 9.03 29.71
CA GLU Q 47 -25.64 9.88 30.45
C GLU Q 47 -24.31 9.94 29.71
N LYS Q 48 -23.91 11.14 29.30
CA LYS Q 48 -22.61 11.32 28.69
C LYS Q 48 -21.48 11.02 29.66
N VAL Q 49 -21.75 11.03 30.96
CA VAL Q 49 -20.75 10.78 31.98
C VAL Q 49 -20.92 9.35 32.48
N GLU Q 50 -19.80 8.67 32.62
CA GLU Q 50 -19.75 7.32 33.18
C GLU Q 50 -20.39 7.26 34.54
N GLN Q 51 -19.93 8.11 35.44
CA GLN Q 51 -20.29 7.98 36.83
C GLN Q 51 -21.76 8.31 37.05
N ASP Q 52 -22.33 9.19 36.24
CA ASP Q 52 -23.75 9.47 36.36
C ASP Q 52 -24.58 8.26 35.94
N ALA Q 53 -24.17 7.59 34.87
CA ALA Q 53 -24.80 6.33 34.48
C ALA Q 53 -24.68 5.31 35.60
N ALA Q 54 -23.51 5.30 36.25
CA ALA Q 54 -23.30 4.38 37.36
C ALA Q 54 -24.26 4.66 38.49
N ARG Q 55 -24.40 5.93 38.85
CA ARG Q 55 -25.33 6.29 39.90
C ARG Q 55 -26.75 5.88 39.54
N GLY Q 56 -27.14 6.16 38.29
CA GLY Q 56 -28.45 5.77 37.83
C GLY Q 56 -28.72 4.31 38.06
N ILE Q 57 -27.82 3.46 37.55
CA ILE Q 57 -28.06 2.04 37.67
C ILE Q 57 -28.03 1.61 39.13
N ILE Q 58 -27.08 2.13 39.91
CA ILE Q 58 -26.93 1.62 41.27
C ILE Q 58 -28.15 1.95 42.10
N HIS Q 59 -28.55 3.21 42.11
CA HIS Q 59 -29.69 3.59 42.94
C HIS Q 59 -30.95 2.87 42.45
N MET Q 60 -31.10 2.76 41.14
CA MET Q 60 -32.23 2.04 40.57
C MET Q 60 -32.29 0.60 41.08
N ILE Q 61 -31.17 -0.12 40.99
CA ILE Q 61 -31.18 -1.53 41.37
C ILE Q 61 -31.39 -1.66 42.86
N LEU Q 62 -30.83 -0.76 43.66
CA LEU Q 62 -31.04 -0.82 45.09
C LEU Q 62 -32.51 -0.67 45.42
N LYS Q 63 -33.20 0.20 44.70
CA LYS Q 63 -34.62 0.35 44.92
C LYS Q 63 -35.42 -0.87 44.48
N LYS Q 64 -34.89 -1.68 43.57
CA LYS Q 64 -35.63 -2.80 43.01
C LYS Q 64 -35.43 -4.11 43.75
N GLY Q 65 -34.75 -4.09 44.89
CA GLY Q 65 -34.78 -5.22 45.79
C GLY Q 65 -33.63 -6.20 45.66
N SER Q 66 -33.73 -7.21 46.53
CA SER Q 66 -32.66 -8.18 46.72
C SER Q 66 -32.34 -8.93 45.44
N GLU Q 67 -33.38 -9.42 44.76
CA GLU Q 67 -33.14 -10.22 43.58
C GLU Q 67 -32.56 -9.40 42.42
N SER Q 68 -33.04 -8.18 42.21
CA SER Q 68 -32.44 -7.32 41.21
C SER Q 68 -30.97 -7.05 41.54
N CYS Q 69 -30.68 -6.88 42.82
CA CYS Q 69 -29.30 -6.64 43.23
C CYS Q 69 -28.43 -7.85 43.00
N ASN Q 70 -28.97 -9.05 43.27
CA ASN Q 70 -28.23 -10.28 43.03
C ASN Q 70 -27.91 -10.43 41.57
N LEU Q 71 -28.88 -10.16 40.71
CA LEU Q 71 -28.65 -10.23 39.27
C LEU Q 71 -27.60 -9.21 38.82
N PHE Q 72 -27.67 -8.01 39.38
CA PHE Q 72 -26.69 -6.98 39.10
C PHE Q 72 -25.29 -7.48 39.41
N LEU Q 73 -25.11 -8.07 40.59
CA LEU Q 73 -23.79 -8.54 40.97
C LEU Q 73 -23.36 -9.74 40.15
N LYS Q 74 -24.31 -10.57 39.74
CA LYS Q 74 -24.01 -11.69 38.85
C LYS Q 74 -23.36 -11.19 37.57
N SER Q 75 -24.05 -10.31 36.86
CA SER Q 75 -23.50 -9.84 35.61
C SER Q 75 -22.28 -8.94 35.82
N LEU Q 76 -22.20 -8.26 36.97
CA LEU Q 76 -21.01 -7.49 37.26
C LEU Q 76 -19.81 -8.40 37.38
N LYS Q 77 -19.99 -9.54 38.03
CA LYS Q 77 -18.91 -10.50 38.13
C LYS Q 77 -18.51 -10.98 36.75
N GLU Q 78 -19.49 -11.25 35.89
CA GLU Q 78 -19.17 -11.73 34.55
C GLU Q 78 -18.38 -10.69 33.77
N TRP Q 79 -18.94 -9.50 33.61
CA TRP Q 79 -18.43 -8.54 32.66
C TRP Q 79 -17.24 -7.75 33.17
N ASN Q 80 -17.14 -7.55 34.48
CA ASN Q 80 -16.05 -6.79 35.10
C ASN Q 80 -15.51 -7.54 36.30
N TYR Q 81 -15.19 -8.81 36.08
CA TYR Q 81 -14.56 -9.70 37.05
C TYR Q 81 -13.40 -9.07 37.82
N PRO Q 82 -12.49 -8.30 37.19
CA PRO Q 82 -11.41 -7.70 37.98
C PRO Q 82 -11.90 -6.81 39.09
N LEU Q 83 -12.83 -5.92 38.78
CA LEU Q 83 -13.35 -5.02 39.79
C LEU Q 83 -14.04 -5.81 40.90
N PHE Q 84 -14.86 -6.78 40.51
CA PHE Q 84 -15.61 -7.57 41.47
C PHE Q 84 -14.68 -8.28 42.44
N GLN Q 85 -13.62 -8.89 41.91
CA GLN Q 85 -12.67 -9.56 42.78
C GLN Q 85 -11.91 -8.58 43.65
N ASP Q 86 -11.62 -7.39 43.13
CA ASP Q 86 -10.93 -6.39 43.94
C ASP Q 86 -11.81 -5.91 45.08
N LEU Q 87 -13.10 -5.76 44.82
CA LEU Q 87 -14.03 -5.34 45.86
C LEU Q 87 -14.15 -6.39 46.94
N ASN Q 88 -14.17 -7.66 46.56
CA ASN Q 88 -14.26 -8.75 47.51
C ASN Q 88 -12.91 -9.12 48.11
N GLY Q 89 -11.89 -8.30 47.92
CA GLY Q 89 -10.59 -8.61 48.48
C GLY Q 89 -9.98 -9.86 47.93
N GLN Q 90 -10.34 -10.24 46.72
CA GLN Q 90 -9.87 -11.46 46.08
C GLN Q 90 -8.86 -11.13 45.00
N SER Q 91 -8.02 -12.11 44.70
CA SER Q 91 -7.02 -11.98 43.67
C SER Q 91 -7.64 -12.13 42.29
N LEU Q 92 -6.81 -12.01 41.28
CA LEU Q 92 -7.19 -12.28 39.90
C LEU Q 92 -6.85 -13.71 39.55
N PHE Q 93 -7.81 -14.43 39.00
CA PHE Q 93 -7.57 -15.70 38.33
C PHE Q 93 -7.85 -15.57 36.85
N MET R 4 -1.93 -25.89 -38.02
CA MET R 4 -1.53 -27.26 -38.40
C MET R 4 -1.05 -28.07 -37.22
N ASN R 5 -1.44 -29.34 -37.22
CA ASN R 5 -1.13 -30.25 -36.15
C ASN R 5 0.01 -31.20 -36.48
N PHE R 6 0.26 -31.44 -37.77
CA PHE R 6 1.31 -32.36 -38.16
C PHE R 6 2.68 -31.89 -37.67
N ILE R 7 2.95 -30.60 -37.83
CA ILE R 7 4.18 -30.04 -37.29
C ILE R 7 4.20 -30.22 -35.78
N LYS R 8 3.12 -29.81 -35.13
CA LYS R 8 3.10 -29.79 -33.67
C LYS R 8 3.20 -31.19 -33.11
N ASP R 9 2.44 -32.12 -33.67
CA ASP R 9 2.42 -33.48 -33.16
C ASP R 9 3.79 -34.14 -33.29
N ASN R 10 4.49 -33.85 -34.37
CA ASN R 10 5.80 -34.41 -34.65
C ASN R 10 6.93 -33.46 -34.29
N SER R 11 6.63 -32.36 -33.61
CA SER R 11 7.67 -31.37 -33.33
C SER R 11 8.80 -31.94 -32.49
N ARG R 12 8.54 -32.97 -31.70
CA ARG R 12 9.62 -33.70 -31.04
C ARG R 12 10.65 -34.15 -32.06
N ALA R 13 10.19 -34.94 -33.02
CA ALA R 13 11.08 -35.48 -34.03
C ALA R 13 11.68 -34.38 -34.88
N LEU R 14 10.87 -33.40 -35.25
CA LEU R 14 11.36 -32.33 -36.11
C LEU R 14 12.47 -31.56 -35.41
N ILE R 15 12.31 -31.26 -34.13
CA ILE R 15 13.37 -30.56 -33.41
C ILE R 15 14.62 -31.42 -33.37
N GLN R 16 14.46 -32.70 -33.11
CA GLN R 16 15.65 -33.52 -32.86
C GLN R 16 16.34 -33.98 -34.13
N ARG R 17 15.69 -33.92 -35.29
CA ARG R 17 16.17 -34.60 -36.48
C ARG R 17 16.49 -33.68 -37.65
N MET R 18 15.82 -32.54 -37.79
CA MET R 18 16.17 -31.64 -38.89
C MET R 18 17.59 -31.15 -38.73
N GLY R 19 18.42 -31.45 -39.72
CA GLY R 19 19.75 -30.91 -39.72
C GLY R 19 19.75 -29.40 -39.77
N MET R 20 20.85 -28.82 -39.28
CA MET R 20 21.07 -27.39 -39.43
C MET R 20 20.93 -26.97 -40.88
N THR R 21 21.46 -27.78 -41.78
CA THR R 21 21.32 -27.53 -43.21
C THR R 21 19.86 -27.42 -43.58
N VAL R 22 19.10 -28.43 -43.20
CA VAL R 22 17.67 -28.49 -43.52
C VAL R 22 16.98 -27.24 -43.02
N ILE R 23 17.35 -26.80 -41.83
CA ILE R 23 16.71 -25.63 -41.24
C ILE R 23 17.04 -24.40 -42.04
N LYS R 24 18.32 -24.21 -42.38
CA LYS R 24 18.72 -23.03 -43.13
C LYS R 24 18.02 -22.99 -44.48
N GLN R 25 17.87 -24.15 -45.10
CA GLN R 25 17.34 -24.20 -46.46
C GLN R 25 15.85 -23.95 -46.48
N ILE R 26 15.15 -24.59 -45.55
CA ILE R 26 13.74 -24.28 -45.35
C ILE R 26 13.59 -22.80 -45.12
N THR R 27 14.42 -22.24 -44.24
CA THR R 27 14.38 -20.83 -43.93
C THR R 27 14.55 -19.99 -45.18
N ASP R 28 15.46 -20.40 -46.05
CA ASP R 28 15.69 -19.66 -47.28
C ASP R 28 14.45 -19.67 -48.16
N ASP R 29 13.88 -20.85 -48.37
CA ASP R 29 12.67 -20.95 -49.18
C ASP R 29 11.56 -20.09 -48.61
N LEU R 30 11.44 -20.11 -47.29
CA LEU R 30 10.37 -19.38 -46.62
C LEU R 30 10.57 -17.89 -46.72
N PHE R 31 11.82 -17.44 -46.63
CA PHE R 31 12.14 -16.03 -46.83
C PHE R 31 11.79 -15.60 -48.25
N VAL R 32 12.14 -16.42 -49.22
CA VAL R 32 11.83 -16.10 -50.62
C VAL R 32 10.32 -16.08 -50.80
N TRP R 33 9.63 -16.96 -50.11
CA TRP R 33 8.18 -17.05 -50.19
C TRP R 33 7.49 -16.06 -49.27
N ASN R 34 8.24 -15.18 -48.62
CA ASN R 34 7.68 -14.06 -47.86
C ASN R 34 6.79 -14.55 -46.70
N VAL R 35 7.30 -15.50 -45.94
CA VAL R 35 6.75 -15.84 -44.63
C VAL R 35 7.78 -15.66 -43.53
N LEU R 36 8.97 -15.16 -43.85
CA LEU R 36 9.97 -14.91 -42.85
C LEU R 36 10.63 -13.57 -43.11
N ASN R 37 10.68 -12.79 -42.06
CA ASN R 37 11.49 -11.58 -42.01
C ASN R 37 12.94 -11.98 -41.96
N ARG R 38 13.78 -11.26 -42.70
CA ARG R 38 15.23 -11.36 -42.60
C ARG R 38 15.72 -11.45 -41.16
N GLU R 39 15.10 -10.72 -40.21
CA GLU R 39 15.50 -10.92 -38.84
C GLU R 39 15.17 -12.31 -38.37
N GLU R 40 13.97 -12.79 -38.67
CA GLU R 40 13.59 -14.13 -38.28
C GLU R 40 14.55 -15.15 -38.87
N VAL R 41 14.97 -14.91 -40.11
CA VAL R 41 15.98 -15.73 -40.75
C VAL R 41 17.27 -15.70 -39.94
N ASN R 42 17.73 -14.51 -39.60
CA ASN R 42 19.01 -14.38 -38.91
C ASN R 42 18.95 -14.97 -37.52
N ILE R 43 17.78 -14.97 -36.90
CA ILE R 43 17.67 -15.47 -35.54
C ILE R 43 17.62 -16.98 -35.54
N ILE R 44 16.96 -17.56 -36.54
CA ILE R 44 17.04 -19.00 -36.69
C ILE R 44 18.48 -19.39 -36.98
N CYS R 45 19.14 -18.65 -37.86
CA CYS R 45 20.46 -19.06 -38.33
C CYS R 45 21.55 -18.80 -37.30
N CYS R 46 21.34 -17.87 -36.39
CA CYS R 46 22.39 -17.51 -35.44
C CYS R 46 22.53 -18.50 -34.30
N GLU R 47 21.57 -19.37 -34.09
CA GLU R 47 21.69 -20.36 -33.03
C GLU R 47 22.84 -21.29 -33.35
N LYS R 48 23.83 -21.32 -32.46
CA LYS R 48 24.94 -22.26 -32.61
C LYS R 48 24.47 -23.70 -32.48
N VAL R 49 23.31 -23.93 -31.88
CA VAL R 49 22.77 -25.27 -31.68
C VAL R 49 21.71 -25.51 -32.73
N GLU R 50 21.76 -26.70 -33.32
CA GLU R 50 20.76 -27.15 -34.27
C GLU R 50 19.37 -27.09 -33.69
N GLN R 51 19.17 -27.73 -32.56
CA GLN R 51 17.83 -27.92 -32.05
C GLN R 51 17.20 -26.62 -31.61
N ASP R 52 18.00 -25.65 -31.18
CA ASP R 52 17.44 -24.35 -30.83
C ASP R 52 16.96 -23.63 -32.08
N ALA R 53 17.72 -23.69 -33.16
CA ALA R 53 17.25 -23.18 -34.44
C ALA R 53 15.97 -23.87 -34.86
N ALA R 54 15.89 -25.17 -34.62
CA ALA R 54 14.70 -25.93 -34.96
C ALA R 54 13.50 -25.42 -34.17
N ARG R 55 13.69 -25.23 -32.87
CA ARG R 55 12.61 -24.71 -32.05
C ARG R 55 12.17 -23.35 -32.53
N GLY R 56 13.14 -22.48 -32.83
CA GLY R 56 12.82 -21.17 -33.35
C GLY R 56 11.93 -21.24 -34.56
N ILE R 57 12.34 -22.01 -35.57
CA ILE R 57 11.56 -22.06 -36.78
C ILE R 57 10.21 -22.70 -36.51
N ILE R 58 10.16 -23.76 -35.72
CA ILE R 58 8.91 -24.49 -35.60
C ILE R 58 7.87 -23.62 -34.90
N HIS R 59 8.22 -23.07 -33.74
CA HIS R 59 7.25 -22.27 -33.02
C HIS R 59 6.85 -21.06 -33.83
N MET R 60 7.81 -20.44 -34.51
CA MET R 60 7.53 -19.31 -35.38
C MET R 60 6.49 -19.67 -36.43
N ILE R 61 6.70 -20.76 -37.15
CA ILE R 61 5.81 -21.13 -38.24
C ILE R 61 4.44 -21.50 -37.70
N LEU R 62 4.40 -22.17 -36.55
CA LEU R 62 3.11 -22.52 -35.96
C LEU R 62 2.32 -21.28 -35.64
N LYS R 63 2.99 -20.25 -35.18
CA LYS R 63 2.30 -19.00 -34.89
C LYS R 63 1.83 -18.30 -36.16
N LYS R 64 2.45 -18.57 -37.30
CA LYS R 64 2.15 -17.86 -38.53
C LYS R 64 1.08 -18.53 -39.39
N GLY R 65 0.42 -19.57 -38.88
CA GLY R 65 -0.79 -20.05 -39.50
C GLY R 65 -0.64 -21.20 -40.46
N SER R 66 -1.81 -21.60 -40.97
CA SER R 66 -1.93 -22.80 -41.79
C SER R 66 -1.07 -22.73 -43.03
N GLU R 67 -1.14 -21.60 -43.75
CA GLU R 67 -0.41 -21.51 -45.00
C GLU R 67 1.11 -21.48 -44.80
N SER R 68 1.60 -20.78 -43.78
CA SER R 68 3.01 -20.82 -43.46
C SER R 68 3.44 -22.24 -43.13
N CYS R 69 2.59 -22.96 -42.41
CA CYS R 69 2.91 -24.33 -42.05
C CYS R 69 2.94 -25.23 -43.27
N ASN R 70 2.00 -25.03 -44.19
CA ASN R 70 1.97 -25.81 -45.42
C ASN R 70 3.24 -25.58 -46.23
N LEU R 71 3.68 -24.34 -46.33
CA LEU R 71 4.90 -24.02 -47.05
C LEU R 71 6.11 -24.65 -46.36
N PHE R 72 6.12 -24.60 -45.03
CA PHE R 72 7.19 -25.25 -44.26
C PHE R 72 7.28 -26.72 -44.61
N LEU R 73 6.14 -27.41 -44.62
CA LEU R 73 6.18 -28.83 -44.90
C LEU R 73 6.51 -29.11 -46.36
N LYS R 74 6.12 -28.21 -47.26
CA LYS R 74 6.50 -28.34 -48.66
C LYS R 74 8.01 -28.38 -48.81
N SER R 75 8.68 -27.36 -48.31
CA SER R 75 10.12 -27.32 -48.46
C SER R 75 10.80 -28.36 -47.59
N LEU R 76 10.20 -28.75 -46.47
CA LEU R 76 10.76 -29.83 -45.69
C LEU R 76 10.77 -31.13 -46.48
N LYS R 77 9.68 -31.39 -47.21
CA LYS R 77 9.64 -32.55 -48.06
C LYS R 77 10.72 -32.49 -49.11
N GLU R 78 10.92 -31.31 -49.71
CA GLU R 78 11.94 -31.18 -50.74
C GLU R 78 13.33 -31.45 -50.17
N TRP R 79 13.72 -30.69 -49.17
CA TRP R 79 15.10 -30.65 -48.74
C TRP R 79 15.49 -31.81 -47.84
N ASN R 80 14.55 -32.36 -47.09
CA ASN R 80 14.80 -33.47 -46.18
C ASN R 80 13.72 -34.53 -46.32
N TYR R 81 13.51 -34.93 -47.55
CA TYR R 81 12.60 -36.00 -47.94
C TYR R 81 12.70 -37.26 -47.07
N PRO R 82 13.89 -37.73 -46.68
CA PRO R 82 13.94 -38.93 -45.83
C PRO R 82 13.20 -38.75 -44.52
N LEU R 83 13.47 -37.65 -43.83
CA LEU R 83 12.79 -37.40 -42.56
C LEU R 83 11.29 -37.30 -42.76
N PHE R 84 10.88 -36.56 -43.79
CA PHE R 84 9.46 -36.35 -44.04
C PHE R 84 8.75 -37.68 -44.27
N GLN R 85 9.35 -38.55 -45.08
CA GLN R 85 8.74 -39.84 -45.33
C GLN R 85 8.75 -40.70 -44.08
N ASP R 86 9.78 -40.59 -43.26
CA ASP R 86 9.82 -41.37 -42.03
C ASP R 86 8.74 -40.92 -41.06
N LEU R 87 8.50 -39.62 -41.00
CA LEU R 87 7.45 -39.08 -40.14
C LEU R 87 6.08 -39.54 -40.59
N ASN R 88 5.85 -39.58 -41.91
CA ASN R 88 4.58 -40.02 -42.46
C ASN R 88 4.48 -41.53 -42.56
N GLY R 89 5.39 -42.27 -41.93
CA GLY R 89 5.33 -43.73 -41.99
C GLY R 89 5.50 -44.27 -43.38
N GLN R 90 6.18 -43.54 -44.25
CA GLN R 90 6.38 -43.92 -45.64
C GLN R 90 7.81 -44.40 -45.84
N SER R 91 7.98 -45.21 -46.88
CA SER R 91 9.28 -45.73 -47.25
C SER R 91 10.08 -44.66 -47.99
N LEU R 92 11.31 -45.03 -48.35
CA LEU R 92 12.15 -44.21 -49.19
C LEU R 92 11.98 -44.62 -50.64
N PHE R 93 11.75 -43.64 -51.50
CA PHE R 93 11.87 -43.82 -52.94
C PHE R 93 13.01 -42.99 -53.47
N MET S 4 -58.41 13.93 18.52
CA MET S 4 -58.14 12.57 18.00
C MET S 4 -57.85 11.58 19.10
N ASN S 5 -58.39 10.38 18.93
CA ASN S 5 -58.27 9.32 19.91
C ASN S 5 -57.22 8.29 19.54
N PHE S 6 -56.91 8.16 18.24
CA PHE S 6 -55.94 7.16 17.82
C PHE S 6 -54.58 7.41 18.44
N ILE S 7 -54.14 8.66 18.46
CA ILE S 7 -52.89 9.00 19.13
C ILE S 7 -53.01 8.66 20.61
N LYS S 8 -54.08 9.12 21.24
CA LYS S 8 -54.22 8.99 22.68
C LYS S 8 -54.32 7.52 23.08
N ASP S 9 -55.15 6.76 22.37
CA ASP S 9 -55.35 5.37 22.71
C ASP S 9 -54.08 4.57 22.58
N ASN S 10 -53.25 4.88 21.59
CA ASN S 10 -52.01 4.19 21.33
C ASN S 10 -50.80 4.95 21.87
N SER S 11 -51.02 6.00 22.66
CA SER S 11 -49.91 6.82 23.12
C SER S 11 -48.92 6.03 23.96
N ARG S 12 -49.36 4.95 24.60
CA ARG S 12 -48.41 4.04 25.23
C ARG S 12 -47.37 3.57 24.23
N ALA S 13 -47.84 2.94 23.16
CA ALA S 13 -46.95 2.41 22.14
C ALA S 13 -46.16 3.52 21.47
N LEU S 14 -46.83 4.64 21.17
CA LEU S 14 -46.14 5.72 20.49
C LEU S 14 -45.00 6.26 21.32
N ILE S 15 -45.23 6.44 22.63
CA ILE S 15 -44.15 6.92 23.49
C ILE S 15 -43.02 5.92 23.50
N GLN S 16 -43.35 4.64 23.60
CA GLN S 16 -42.29 3.66 23.83
C GLN S 16 -41.56 3.25 22.56
N ARG S 17 -42.11 3.52 21.37
CA ARG S 17 -41.62 2.93 20.14
C ARG S 17 -41.11 3.92 19.10
N MET S 18 -41.63 5.14 19.06
CA MET S 18 -41.10 6.12 18.11
C MET S 18 -39.64 6.40 18.41
N GLY S 19 -38.79 6.11 17.44
CA GLY S 19 -37.39 6.47 17.58
C GLY S 19 -37.21 7.96 17.71
N MET S 20 -36.10 8.34 18.35
CA MET S 20 -35.70 9.74 18.38
C MET S 20 -35.69 10.34 16.98
N THR S 21 -35.18 9.56 16.02
CA THR S 21 -35.18 10.00 14.64
C THR S 21 -36.59 10.32 14.18
N VAL S 22 -37.50 9.38 14.39
CA VAL S 22 -38.88 9.53 13.97
C VAL S 22 -39.46 10.79 14.58
N ILE S 23 -39.13 11.05 15.84
CA ILE S 23 -39.68 12.22 16.52
C ILE S 23 -39.14 13.49 15.89
N LYS S 24 -37.83 13.55 15.66
CA LYS S 24 -37.24 14.75 15.06
C LYS S 24 -37.81 15.02 13.69
N GLN S 25 -38.06 13.96 12.94
CA GLN S 25 -38.49 14.12 11.55
C GLN S 25 -39.93 14.56 11.47
N ILE S 26 -40.78 13.92 12.27
CA ILE S 26 -42.15 14.37 12.42
C ILE S 26 -42.14 15.83 12.81
N THR S 27 -41.32 16.17 13.80
CA THR S 27 -41.22 17.55 14.27
C THR S 27 -40.86 18.48 13.14
N ASP S 28 -39.94 18.06 12.28
CA ASP S 28 -39.53 18.90 11.17
C ASP S 28 -40.69 19.13 10.21
N ASP S 29 -41.38 18.06 9.83
CA ASP S 29 -42.53 18.21 8.94
C ASP S 29 -43.57 19.14 9.54
N LEU S 30 -43.79 18.99 10.84
CA LEU S 30 -44.81 19.75 11.52
C LEU S 30 -44.44 21.22 11.62
N PHE S 31 -43.15 21.50 11.84
CA PHE S 31 -42.67 22.86 11.82
C PHE S 31 -42.84 23.49 10.45
N VAL S 32 -42.52 22.74 9.40
CA VAL S 32 -42.69 23.25 8.05
C VAL S 32 -44.16 23.48 7.77
N TRP S 33 -45.00 22.62 8.29
CA TRP S 33 -46.45 22.72 8.12
C TRP S 33 -47.09 23.70 9.11
N ASN S 34 -46.29 24.39 9.91
CA ASN S 34 -46.77 25.47 10.76
C ASN S 34 -47.79 24.99 11.78
N VAL S 35 -47.45 23.89 12.47
CA VAL S 35 -48.14 23.49 13.69
C VAL S 35 -47.19 23.43 14.87
N LEU S 36 -45.93 23.80 14.68
CA LEU S 36 -44.97 23.81 15.78
C LEU S 36 -44.15 25.07 15.71
N ASN S 37 -44.09 25.73 16.85
CA ASN S 37 -43.16 26.81 17.09
C ASN S 37 -41.76 26.23 17.18
N ARG S 38 -40.80 26.92 16.57
CA ARG S 38 -39.38 26.63 16.75
C ARG S 38 -39.01 26.33 18.20
N GLU S 39 -39.61 27.02 19.18
CA GLU S 39 -39.33 26.62 20.56
C GLU S 39 -39.87 25.23 20.84
N GLU S 40 -41.09 24.95 20.40
CA GLU S 40 -41.66 23.62 20.61
C GLU S 40 -40.77 22.56 19.96
N VAL S 41 -40.24 22.89 18.79
CA VAL S 41 -39.28 22.02 18.12
C VAL S 41 -38.07 21.80 19.02
N ASN S 42 -37.49 22.88 19.51
CA ASN S 42 -36.27 22.78 20.30
C ASN S 42 -36.50 22.04 21.60
N ILE S 43 -37.71 22.13 22.14
CA ILE S 43 -37.98 21.51 23.42
C ILE S 43 -38.20 20.01 23.24
N ILE S 44 -38.85 19.63 22.14
CA ILE S 44 -38.92 18.22 21.83
C ILE S 44 -37.52 17.68 21.58
N CYS S 45 -36.71 18.42 20.84
CA CYS S 45 -35.42 17.92 20.41
C CYS S 45 -34.39 17.92 21.53
N CYS S 46 -34.55 18.77 22.53
CA CYS S 46 -33.55 18.89 23.58
C CYS S 46 -33.60 17.77 24.59
N GLU S 47 -34.69 17.01 24.64
CA GLU S 47 -34.76 15.91 25.58
C GLU S 47 -33.71 14.87 25.23
N LYS S 48 -32.79 14.63 26.18
CA LYS S 48 -31.79 13.58 25.98
C LYS S 48 -32.43 12.20 25.91
N VAL S 49 -33.66 12.05 26.41
CA VAL S 49 -34.36 10.78 26.42
C VAL S 49 -35.36 10.78 25.27
N GLU S 50 -35.40 9.66 24.56
CA GLU S 50 -36.37 9.44 23.49
C GLU S 50 -37.79 9.62 23.99
N GLN S 51 -38.15 8.90 25.03
CA GLN S 51 -39.53 8.81 25.43
C GLN S 51 -40.04 10.14 25.97
N ASP S 52 -39.17 10.94 26.57
CA ASP S 52 -39.59 12.25 27.03
C ASP S 52 -39.90 13.17 25.85
N ALA S 53 -39.06 13.12 24.81
CA ALA S 53 -39.38 13.82 23.58
C ALA S 53 -40.69 13.35 23.00
N ALA S 54 -40.94 12.05 23.08
CA ALA S 54 -42.18 11.49 22.57
C ALA S 54 -43.37 12.05 23.34
N ARG S 55 -43.26 12.07 24.66
CA ARG S 55 -44.33 12.63 25.48
C ARG S 55 -44.57 14.08 25.12
N GLY S 56 -43.49 14.85 25.00
CA GLY S 56 -43.62 16.24 24.62
C GLY S 56 -44.42 16.41 23.36
N ILE S 57 -44.01 15.71 22.30
CA ILE S 57 -44.70 15.90 21.04
C ILE S 57 -46.14 15.41 21.13
N ILE S 58 -46.36 14.28 21.80
CA ILE S 58 -47.71 13.70 21.75
C ILE S 58 -48.68 14.60 22.48
N HIS S 59 -48.36 14.98 23.72
CA HIS S 59 -49.28 15.81 24.47
C HIS S 59 -49.47 17.15 23.78
N MET S 60 -48.40 17.71 23.24
CA MET S 60 -48.49 18.95 22.49
C MET S 60 -49.47 18.84 21.35
N ILE S 61 -49.33 17.81 20.52
CA ILE S 61 -50.18 17.69 19.34
C ILE S 61 -51.62 17.43 19.75
N LEU S 62 -51.82 16.64 20.80
CA LEU S 62 -53.19 16.40 21.26
C LEU S 62 -53.85 17.69 21.68
N LYS S 63 -53.10 18.57 22.31
CA LYS S 63 -53.65 19.86 22.69
C LYS S 63 -53.94 20.74 21.49
N LYS S 64 -53.27 20.52 20.36
CA LYS S 64 -53.40 21.40 19.20
C LYS S 64 -54.47 20.97 18.22
N GLY S 65 -55.28 19.97 18.56
CA GLY S 65 -56.49 19.71 17.82
C GLY S 65 -56.40 18.65 16.73
N SER S 66 -57.56 18.48 16.10
CA SER S 66 -57.77 17.39 15.14
C SER S 66 -56.81 17.50 13.97
N GLU S 67 -56.70 18.68 13.40
CA GLU S 67 -55.86 18.83 12.21
C GLU S 67 -54.37 18.64 12.51
N SER S 68 -53.88 19.17 13.64
CA SER S 68 -52.51 18.91 14.02
C SER S 68 -52.28 17.43 14.23
N CYS S 69 -53.25 16.74 14.80
CA CYS S 69 -53.13 15.31 15.01
C CYS S 69 -53.12 14.54 13.70
N ASN S 70 -53.95 14.97 12.74
CA ASN S 70 -53.97 14.34 11.43
C ASN S 70 -52.63 14.49 10.74
N LEU S 71 -52.05 15.68 10.81
CA LEU S 71 -50.74 15.91 10.22
C LEU S 71 -49.67 15.06 10.90
N PHE S 72 -49.75 14.97 12.22
CA PHE S 72 -48.84 14.11 12.97
C PHE S 72 -48.88 12.69 12.46
N LEU S 73 -50.09 12.16 12.30
CA LEU S 73 -50.21 10.78 11.84
C LEU S 73 -49.79 10.62 10.40
N LYS S 74 -50.01 11.64 9.59
CA LYS S 74 -49.54 11.63 8.20
C LYS S 74 -48.03 11.41 8.14
N SER S 75 -47.29 12.30 8.81
CA SER S 75 -45.85 12.17 8.76
C SER S 75 -45.36 10.96 9.53
N LEU S 76 -46.10 10.52 10.55
CA LEU S 76 -45.72 9.29 11.24
C LEU S 76 -45.80 8.12 10.30
N LYS S 77 -46.85 8.08 9.49
CA LYS S 77 -46.97 7.02 8.50
C LYS S 77 -45.80 7.06 7.53
N GLU S 78 -45.44 8.26 7.09
CA GLU S 78 -44.33 8.38 6.15
C GLU S 78 -43.02 7.88 6.76
N TRP S 79 -42.62 8.47 7.88
CA TRP S 79 -41.27 8.29 8.39
C TRP S 79 -41.10 7.00 9.17
N ASN S 80 -42.15 6.50 9.79
CA ASN S 80 -42.10 5.27 10.58
C ASN S 80 -43.28 4.38 10.25
N TYR S 81 -43.45 4.14 8.96
CA TYR S 81 -44.44 3.23 8.40
C TYR S 81 -44.56 1.89 9.11
N PRO S 82 -43.46 1.24 9.51
CA PRO S 82 -43.62 -0.04 10.23
C PRO S 82 -44.42 0.07 11.50
N LEU S 83 -44.10 1.06 12.33
CA LEU S 83 -44.82 1.25 13.57
C LEU S 83 -46.28 1.55 13.30
N PHE S 84 -46.53 2.45 12.34
CA PHE S 84 -47.90 2.85 12.02
C PHE S 84 -48.74 1.66 11.59
N GLN S 85 -48.18 0.81 10.73
CA GLN S 85 -48.91 -0.36 10.29
C GLN S 85 -49.11 -1.35 11.42
N ASP S 86 -48.12 -1.45 12.33
CA ASP S 86 -48.27 -2.37 13.45
C ASP S 86 -49.37 -1.89 14.40
N LEU S 87 -49.47 -0.57 14.59
CA LEU S 87 -50.50 -0.03 15.45
C LEU S 87 -51.87 -0.25 14.86
N ASN S 88 -52.01 -0.11 13.54
CA ASN S 88 -53.28 -0.33 12.86
C ASN S 88 -53.55 -1.80 12.57
N GLY S 89 -52.77 -2.71 13.16
CA GLY S 89 -53.00 -4.12 12.92
C GLY S 89 -52.78 -4.53 11.49
N GLN S 90 -51.96 -3.80 10.75
CA GLN S 90 -51.69 -4.05 9.35
C GLN S 90 -50.33 -4.68 9.19
N SER S 91 -50.17 -5.38 8.07
CA SER S 91 -48.91 -6.01 7.73
C SER S 91 -47.94 -4.98 7.18
N LEU S 92 -46.75 -5.46 6.85
CA LEU S 92 -45.75 -4.67 6.17
C LEU S 92 -45.85 -4.89 4.66
N PHE S 93 -45.90 -3.80 3.92
CA PHE S 93 -45.70 -3.83 2.47
C PHE S 93 -44.43 -3.10 2.12
N MET T 4 30.67 -37.80 -7.39
CA MET T 4 32.14 -38.03 -7.44
C MET T 4 32.92 -36.75 -7.22
N ASN T 5 34.00 -36.89 -6.46
CA ASN T 5 34.85 -35.78 -6.08
C ASN T 5 36.11 -35.68 -6.92
N PHE T 6 36.56 -36.79 -7.50
CA PHE T 6 37.78 -36.78 -8.28
C PHE T 6 37.67 -35.84 -9.47
N ILE T 7 36.55 -35.87 -10.17
CA ILE T 7 36.32 -34.93 -11.24
C ILE T 7 36.33 -33.51 -10.69
N LYS T 8 35.55 -33.29 -9.65
CA LYS T 8 35.36 -31.94 -9.13
C LYS T 8 36.65 -31.38 -8.58
N ASP T 9 37.39 -32.18 -7.80
CA ASP T 9 38.61 -31.71 -7.19
C ASP T 9 39.65 -31.34 -8.23
N ASN T 10 39.70 -32.11 -9.33
CA ASN T 10 40.65 -31.88 -10.40
C ASN T 10 40.04 -31.15 -11.58
N SER T 11 38.83 -30.61 -11.43
CA SER T 11 38.15 -29.98 -12.55
C SER T 11 38.94 -28.79 -13.09
N ARG T 12 39.75 -28.15 -12.26
CA ARG T 12 40.68 -27.14 -12.78
C ARG T 12 41.53 -27.72 -13.89
N ALA T 13 42.27 -28.78 -13.57
CA ALA T 13 43.15 -29.41 -14.53
C ALA T 13 42.38 -29.99 -15.70
N LEU T 14 41.24 -30.62 -15.41
CA LEU T 14 40.47 -31.24 -16.49
C LEU T 14 39.99 -30.19 -17.48
N ILE T 15 39.50 -29.05 -16.99
CA ILE T 15 39.06 -28.00 -17.89
C ILE T 15 40.25 -27.51 -18.72
N GLN T 16 41.39 -27.33 -18.07
CA GLN T 16 42.48 -26.67 -18.79
C GLN T 16 43.28 -27.60 -19.69
N ARG T 17 43.15 -28.92 -19.53
CA ARG T 17 44.07 -29.86 -20.16
C ARG T 17 43.43 -30.85 -21.13
N MET T 18 42.17 -31.21 -20.94
CA MET T 18 41.53 -32.11 -21.90
C MET T 18 41.46 -31.44 -23.26
N GLY T 19 42.10 -32.06 -24.24
CA GLY T 19 41.99 -31.60 -25.60
C GLY T 19 40.56 -31.64 -26.09
N MET T 20 40.27 -30.78 -27.07
CA MET T 20 39.00 -30.84 -27.76
C MET T 20 38.72 -32.23 -28.26
N THR T 21 39.74 -32.89 -28.79
CA THR T 21 39.62 -34.28 -29.24
C THR T 21 39.14 -35.15 -28.11
N VAL T 22 39.83 -35.08 -26.98
CA VAL T 22 39.51 -35.88 -25.81
C VAL T 22 38.06 -35.65 -25.42
N ILE T 23 37.62 -34.41 -25.48
CA ILE T 23 36.25 -34.09 -25.07
C ILE T 23 35.27 -34.73 -26.04
N LYS T 24 35.50 -34.58 -27.33
CA LYS T 24 34.58 -35.14 -28.33
C LYS T 24 34.49 -36.65 -28.19
N GLN T 25 35.61 -37.28 -27.89
CA GLN T 25 35.67 -38.74 -27.87
C GLN T 25 35.00 -39.29 -26.63
N ILE T 26 35.29 -38.68 -25.50
CA ILE T 26 34.57 -39.00 -24.28
C ILE T 26 33.08 -38.84 -24.53
N THR T 27 32.70 -37.72 -25.13
CA THR T 27 31.32 -37.44 -25.44
C THR T 27 30.71 -38.55 -26.28
N ASP T 28 31.46 -39.04 -27.26
CA ASP T 28 30.95 -40.10 -28.12
C ASP T 28 30.71 -41.36 -27.32
N ASP T 29 31.69 -41.78 -26.52
CA ASP T 29 31.52 -42.96 -25.69
C ASP T 29 30.31 -42.82 -24.79
N LEU T 30 30.14 -41.64 -24.22
CA LEU T 30 29.07 -41.40 -23.27
C LEU T 30 27.72 -41.41 -23.95
N PHE T 31 27.65 -40.88 -25.17
CA PHE T 31 26.43 -40.96 -25.95
C PHE T 31 26.07 -42.40 -26.27
N VAL T 32 27.07 -43.19 -26.66
CA VAL T 32 26.83 -44.59 -26.95
C VAL T 32 26.39 -45.31 -25.70
N TRP T 33 26.95 -44.93 -24.56
CA TRP T 33 26.61 -45.51 -23.28
C TRP T 33 25.36 -44.91 -22.66
N ASN T 34 24.67 -44.02 -23.38
CA ASN T 34 23.36 -43.51 -22.97
C ASN T 34 23.44 -42.77 -21.64
N VAL T 35 24.40 -41.86 -21.53
CA VAL T 35 24.42 -40.85 -20.50
C VAL T 35 24.41 -39.45 -21.08
N LEU T 36 24.33 -39.32 -22.40
CA LEU T 36 24.27 -38.02 -23.03
C LEU T 36 23.23 -38.03 -24.11
N ASN T 37 22.37 -37.03 -24.04
CA ASN T 37 21.47 -36.69 -25.12
C ASN T 37 22.27 -36.11 -26.28
N ARG T 38 21.91 -36.51 -27.49
CA ARG T 38 22.41 -35.89 -28.71
C ARG T 38 22.48 -34.37 -28.63
N GLU T 39 21.51 -33.72 -27.99
CA GLU T 39 21.65 -32.28 -27.80
C GLU T 39 22.84 -31.96 -26.91
N GLU T 40 22.96 -32.69 -25.81
CA GLU T 40 24.09 -32.45 -24.91
C GLU T 40 25.40 -32.66 -25.64
N VAL T 41 25.42 -33.66 -26.52
CA VAL T 41 26.58 -33.90 -27.38
C VAL T 41 26.85 -32.68 -28.24
N ASN T 42 25.81 -32.20 -28.91
CA ASN T 42 25.98 -31.09 -29.85
C ASN T 42 26.37 -29.81 -29.13
N ILE T 43 25.96 -29.66 -27.88
CA ILE T 43 26.23 -28.43 -27.16
C ILE T 43 27.66 -28.45 -26.65
N ILE T 44 28.14 -29.62 -26.22
CA ILE T 44 29.55 -29.73 -25.89
C ILE T 44 30.38 -29.48 -27.15
N CYS T 45 29.96 -30.07 -28.26
CA CYS T 45 30.77 -30.03 -29.47
C CYS T 45 30.74 -28.68 -30.15
N CYS T 46 29.68 -27.89 -29.96
CA CYS T 46 29.55 -26.64 -30.67
C CYS T 46 30.40 -25.52 -30.10
N GLU T 47 30.93 -25.68 -28.90
CA GLU T 47 31.78 -24.65 -28.33
C GLU T 47 33.04 -24.52 -29.16
N LYS T 48 33.25 -23.34 -29.73
CA LYS T 48 34.49 -23.08 -30.47
C LYS T 48 35.71 -23.13 -29.56
N VAL T 49 35.51 -22.99 -28.26
CA VAL T 49 36.60 -23.00 -27.29
C VAL T 49 36.65 -24.37 -26.63
N GLU T 50 37.86 -24.89 -26.50
CA GLU T 50 38.11 -26.14 -25.80
C GLU T 50 37.57 -26.11 -24.39
N GLN T 51 37.98 -25.12 -23.62
CA GLN T 51 37.72 -25.12 -22.20
C GLN T 51 36.25 -24.94 -21.91
N ASP T 52 35.51 -24.24 -22.77
CA ASP T 52 34.08 -24.12 -22.57
C ASP T 52 33.39 -25.46 -22.79
N ALA T 53 33.81 -26.20 -23.82
CA ALA T 53 33.32 -27.56 -24.00
C ALA T 53 33.65 -28.42 -22.79
N ALA T 54 34.83 -28.21 -22.23
CA ALA T 54 35.23 -28.97 -21.06
C ALA T 54 34.33 -28.66 -19.88
N ARG T 55 34.04 -27.38 -19.67
CA ARG T 55 33.14 -27.01 -18.59
C ARG T 55 31.77 -27.62 -18.80
N GLY T 56 31.27 -27.54 -20.03
CA GLY T 56 29.99 -28.14 -20.34
C GLY T 56 29.93 -29.59 -19.92
N ILE T 57 30.89 -30.38 -20.40
CA ILE T 57 30.85 -31.80 -20.12
C ILE T 57 31.04 -32.03 -18.63
N ILE T 58 31.93 -31.31 -17.97
CA ILE T 58 32.25 -31.65 -16.59
C ILE T 58 31.04 -31.37 -15.71
N HIS T 59 30.49 -30.16 -15.79
CA HIS T 59 29.36 -29.83 -14.94
C HIS T 59 28.18 -30.74 -15.24
N MET T 60 27.96 -31.02 -16.53
CA MET T 60 26.90 -31.94 -16.92
C MET T 60 27.06 -33.30 -16.25
N ILE T 61 28.24 -33.89 -16.34
CA ILE T 61 28.44 -35.22 -15.81
C ILE T 61 28.33 -35.21 -14.29
N LEU T 62 28.83 -34.16 -13.65
CA LEU T 62 28.73 -34.07 -12.20
C LEU T 62 27.27 -34.06 -11.78
N LYS T 63 26.44 -33.38 -12.54
CA LYS T 63 25.02 -33.37 -12.22
C LYS T 63 24.36 -34.72 -12.47
N LYS T 64 24.93 -35.56 -13.32
CA LYS T 64 24.30 -36.82 -13.70
C LYS T 64 24.72 -38.00 -12.83
N GLY T 65 25.46 -37.76 -11.75
CA GLY T 65 25.62 -38.78 -10.73
C GLY T 65 26.88 -39.62 -10.84
N SER T 66 26.97 -40.52 -9.85
CA SER T 66 28.16 -41.33 -9.64
C SER T 66 28.49 -42.18 -10.86
N GLU T 67 27.49 -42.87 -11.39
CA GLU T 67 27.74 -43.77 -12.50
C GLU T 67 28.15 -43.04 -13.79
N SER T 68 27.50 -41.90 -14.08
CA SER T 68 27.92 -41.11 -15.22
C SER T 68 29.35 -40.63 -15.04
N CYS T 69 29.71 -40.27 -13.81
CA CYS T 69 31.07 -39.82 -13.54
C CYS T 69 32.07 -40.96 -13.70
N ASN T 70 31.70 -42.16 -13.25
CA ASN T 70 32.57 -43.31 -13.41
C ASN T 70 32.82 -43.61 -14.88
N LEU T 71 31.78 -43.54 -15.68
CA LEU T 71 31.92 -43.76 -17.11
C LEU T 71 32.79 -42.69 -17.76
N PHE T 72 32.60 -41.45 -17.32
CA PHE T 72 33.43 -40.35 -17.80
C PHE T 72 34.90 -40.64 -17.54
N LEU T 73 35.22 -41.06 -16.32
CA LEU T 73 36.62 -41.32 -16.00
C LEU T 73 37.14 -42.55 -16.71
N LYS T 74 36.28 -43.54 -16.95
CA LYS T 74 36.67 -44.70 -17.73
C LYS T 74 37.17 -44.29 -19.10
N SER T 75 36.33 -43.58 -19.84
CA SER T 75 36.73 -43.21 -21.18
C SER T 75 37.83 -42.16 -21.16
N LEU T 76 37.90 -41.33 -20.12
CA LEU T 76 39.01 -40.39 -20.01
C LEU T 76 40.32 -41.14 -19.88
N LYS T 77 40.33 -42.20 -19.10
CA LYS T 77 41.52 -43.01 -18.98
C LYS T 77 41.89 -43.60 -20.32
N GLU T 78 40.90 -44.09 -21.07
CA GLU T 78 41.19 -44.69 -22.36
C GLU T 78 41.79 -43.65 -23.31
N TRP T 79 41.07 -42.58 -23.56
CA TRP T 79 41.39 -41.68 -24.66
C TRP T 79 42.51 -40.70 -24.32
N ASN T 80 42.66 -40.33 -23.06
CA ASN T 80 43.69 -39.39 -22.62
C ASN T 80 44.39 -39.92 -21.38
N TYR T 81 44.85 -41.15 -21.48
CA TYR T 81 45.65 -41.83 -20.48
C TYR T 81 46.77 -40.99 -19.87
N PRO T 82 47.53 -40.20 -20.65
CA PRO T 82 48.58 -39.39 -20.03
C PRO T 82 48.05 -38.43 -18.98
N LEU T 83 47.00 -37.70 -19.32
CA LEU T 83 46.43 -36.75 -18.37
C LEU T 83 45.92 -37.48 -17.14
N PHE T 84 45.20 -38.58 -17.35
CA PHE T 84 44.63 -39.33 -16.25
C PHE T 84 45.70 -39.81 -15.28
N GLN T 85 46.79 -40.34 -15.82
CA GLN T 85 47.87 -40.79 -14.96
C GLN T 85 48.55 -39.63 -14.27
N ASP T 86 48.65 -38.48 -14.94
CA ASP T 86 49.27 -37.33 -14.30
C ASP T 86 48.42 -36.81 -13.16
N LEU T 87 47.09 -36.85 -13.33
CA LEU T 87 46.19 -36.42 -12.28
C LEU T 87 46.28 -37.34 -11.07
N ASN T 88 46.39 -38.64 -11.32
CA ASN T 88 46.50 -39.61 -10.23
C ASN T 88 47.92 -39.75 -9.70
N GLY T 89 48.81 -38.83 -10.07
CA GLY T 89 50.17 -38.92 -9.58
C GLY T 89 50.91 -40.15 -10.04
N GLN T 90 50.51 -40.71 -11.17
CA GLN T 90 51.10 -41.94 -11.70
C GLN T 90 51.99 -41.61 -12.88
N SER T 91 52.92 -42.52 -13.14
CA SER T 91 53.83 -42.39 -14.26
C SER T 91 53.14 -42.79 -15.55
N LEU T 92 53.89 -42.69 -16.64
CA LEU T 92 53.45 -43.16 -17.93
C LEU T 92 53.96 -44.58 -18.15
N PHE T 93 53.05 -45.47 -18.55
CA PHE T 93 53.42 -46.76 -19.09
C PHE T 93 53.02 -46.85 -20.54
N MET U 4 -32.23 50.74 29.00
CA MET U 4 -32.17 50.66 27.51
C MET U 4 -33.43 50.04 26.94
N ASN U 5 -33.85 50.61 25.82
CA ASN U 5 -35.07 50.19 25.15
C ASN U 5 -34.81 49.31 23.95
N PHE U 6 -33.62 49.41 23.34
CA PHE U 6 -33.32 48.62 22.16
C PHE U 6 -33.40 47.13 22.45
N ILE U 7 -32.84 46.70 23.58
CA ILE U 7 -32.97 45.32 23.99
C ILE U 7 -34.44 44.98 24.18
N LYS U 8 -35.14 45.80 24.95
CA LYS U 8 -36.51 45.50 25.33
C LYS U 8 -37.41 45.47 24.11
N ASP U 9 -37.29 46.48 23.25
CA ASP U 9 -38.15 46.58 22.10
C ASP U 9 -37.96 45.40 21.16
N ASN U 10 -36.72 44.92 21.02
CA ASN U 10 -36.39 43.81 20.15
C ASN U 10 -36.25 42.50 20.91
N SER U 11 -36.65 42.46 22.18
CA SER U 11 -36.44 41.26 22.98
C SER U 11 -37.18 40.06 22.41
N ARG U 12 -38.27 40.28 21.68
CA ARG U 12 -38.90 39.19 20.93
C ARG U 12 -37.88 38.51 20.04
N ALA U 13 -37.28 39.28 19.15
CA ALA U 13 -36.31 38.74 18.20
C ALA U 13 -35.09 38.21 18.92
N LEU U 14 -34.61 38.92 19.93
CA LEU U 14 -33.42 38.48 20.63
C LEU U 14 -33.65 37.13 21.30
N ILE U 15 -34.81 36.95 21.93
CA ILE U 15 -35.09 35.67 22.56
C ILE U 15 -35.15 34.59 21.50
N GLN U 16 -35.79 34.87 20.37
CA GLN U 16 -36.04 33.79 19.42
C GLN U 16 -34.85 33.48 18.52
N ARG U 17 -33.86 34.37 18.44
CA ARG U 17 -32.83 34.28 17.42
C ARG U 17 -31.41 34.11 17.93
N MET U 18 -31.07 34.61 19.10
CA MET U 18 -29.73 34.40 19.63
C MET U 18 -29.49 32.93 19.84
N GLY U 19 -28.49 32.39 19.15
CA GLY U 19 -28.09 31.03 19.38
C GLY U 19 -27.61 30.82 20.80
N MET U 20 -27.72 29.57 21.24
CA MET U 20 -27.15 29.17 22.52
C MET U 20 -25.69 29.58 22.60
N THR U 21 -24.96 29.40 21.50
CA THR U 21 -23.57 29.83 21.42
C THR U 21 -23.45 31.31 21.73
N VAL U 22 -24.23 32.10 21.02
CA VAL U 22 -24.21 33.54 21.18
C VAL U 22 -24.46 33.91 22.63
N ILE U 23 -25.39 33.21 23.27
CA ILE U 23 -25.73 33.52 24.64
C ILE U 23 -24.55 33.21 25.56
N LYS U 24 -23.96 32.03 25.38
CA LYS U 24 -22.85 31.64 26.24
C LYS U 24 -21.69 32.60 26.09
N GLN U 25 -21.46 33.08 24.88
CA GLN U 25 -20.30 33.90 24.60
C GLN U 25 -20.48 35.30 25.13
N ILE U 26 -21.66 35.86 24.91
CA ILE U 26 -22.02 37.12 25.53
C ILE U 26 -21.84 37.00 27.02
N THR U 27 -22.36 35.91 27.59
CA THR U 27 -22.27 35.67 29.02
C THR U 27 -20.82 35.67 29.47
N ASP U 28 -19.95 35.05 28.69
CA ASP U 28 -18.54 35.00 29.05
C ASP U 28 -17.94 36.40 29.08
N ASP U 29 -18.18 37.18 28.01
CA ASP U 29 -17.66 38.54 27.97
C ASP U 29 -18.16 39.35 29.16
N LEU U 30 -19.43 39.16 29.50
CA LEU U 30 -20.05 39.93 30.56
C LEU U 30 -19.51 39.54 31.91
N PHE U 31 -19.23 38.25 32.10
CA PHE U 31 -18.59 37.78 33.32
C PHE U 31 -17.21 38.37 33.46
N VAL U 32 -16.44 38.38 32.36
CA VAL U 32 -15.10 38.95 32.40
C VAL U 32 -15.20 40.44 32.68
N TRP U 33 -16.22 41.09 32.14
CA TRP U 33 -16.44 42.51 32.36
C TRP U 33 -17.15 42.82 33.66
N ASN U 34 -17.38 41.81 34.50
CA ASN U 34 -17.89 42.01 35.84
C ASN U 34 -19.26 42.67 35.85
N VAL U 35 -20.17 42.15 35.03
CA VAL U 35 -21.59 42.41 35.14
C VAL U 35 -22.39 41.16 35.37
N LEU U 36 -21.73 40.02 35.52
CA LEU U 36 -22.43 38.78 35.80
C LEU U 36 -21.68 38.01 36.87
N ASN U 37 -22.45 37.60 37.87
CA ASN U 37 -22.01 36.64 38.85
C ASN U 37 -21.89 35.27 38.18
N ARG U 38 -20.84 34.55 38.52
CA ARG U 38 -20.71 33.14 38.15
C ARG U 38 -21.99 32.35 38.32
N GLU U 39 -22.79 32.61 39.35
CA GLU U 39 -24.07 31.94 39.43
C GLU U 39 -24.98 32.37 38.29
N GLU U 40 -25.03 33.66 38.01
CA GLU U 40 -25.86 34.13 36.90
C GLU U 40 -25.41 33.50 35.60
N VAL U 41 -24.09 33.34 35.45
CA VAL U 41 -23.54 32.64 34.30
C VAL U 41 -24.06 31.21 34.25
N ASN U 42 -23.96 30.50 35.37
CA ASN U 42 -24.35 29.10 35.41
C ASN U 42 -25.84 28.92 35.20
N ILE U 43 -26.63 29.91 35.59
CA ILE U 43 -28.07 29.78 35.47
C ILE U 43 -28.50 30.06 34.05
N ILE U 44 -27.85 31.00 33.39
CA ILE U 44 -28.10 31.17 31.96
C ILE U 44 -27.67 29.91 31.22
N CYS U 45 -26.51 29.36 31.58
CA CYS U 45 -25.94 28.27 30.82
C CYS U 45 -26.64 26.95 31.08
N CYS U 46 -27.28 26.80 32.24
CA CYS U 46 -27.87 25.52 32.59
C CYS U 46 -29.20 25.26 31.90
N GLU U 47 -29.82 26.27 31.32
CA GLU U 47 -31.07 26.06 30.62
C GLU U 47 -30.84 25.16 29.42
N LYS U 48 -31.49 24.01 29.41
CA LYS U 48 -31.42 23.12 28.26
C LYS U 48 -32.03 23.75 27.02
N VAL U 49 -32.87 24.77 27.18
CA VAL U 49 -33.53 25.44 26.07
C VAL U 49 -32.81 26.74 25.80
N GLU U 50 -32.58 27.00 24.52
CA GLU U 50 -31.99 28.25 24.06
C GLU U 50 -32.76 29.45 24.55
N GLN U 51 -34.05 29.48 24.27
CA GLN U 51 -34.83 30.68 24.48
C GLN U 51 -34.99 30.98 25.96
N ASP U 52 -34.98 29.97 26.81
CA ASP U 52 -35.04 30.23 28.25
C ASP U 52 -33.76 30.88 28.73
N ALA U 53 -32.61 30.41 28.23
CA ALA U 53 -31.35 31.07 28.51
C ALA U 53 -31.38 32.51 28.02
N ALA U 54 -31.99 32.72 26.85
CA ALA U 54 -32.10 34.06 26.30
C ALA U 54 -32.92 34.95 27.21
N ARG U 55 -34.05 34.44 27.68
CA ARG U 55 -34.88 35.22 28.58
C ARG U 55 -34.11 35.55 29.85
N GLY U 56 -33.41 34.56 30.40
CA GLY U 56 -32.61 34.79 31.59
C GLY U 56 -31.66 35.93 31.42
N ILE U 57 -30.85 35.89 30.35
CA ILE U 57 -29.86 36.92 30.17
C ILE U 57 -30.54 38.25 29.90
N ILE U 58 -31.59 38.28 29.09
CA ILE U 58 -32.15 39.56 28.70
C ILE U 58 -32.74 40.27 29.89
N HIS U 59 -33.61 39.58 30.63
CA HIS U 59 -34.26 40.22 31.77
C HIS U 59 -33.22 40.62 32.80
N MET U 60 -32.22 39.76 33.02
CA MET U 60 -31.14 40.07 33.94
C MET U 60 -30.44 41.36 33.56
N ILE U 61 -30.03 41.48 32.30
CA ILE U 61 -29.27 42.65 31.88
C ILE U 61 -30.13 43.90 31.93
N LEU U 62 -31.41 43.77 31.58
CA LEU U 62 -32.29 44.93 31.65
C LEU U 62 -32.39 45.43 33.07
N LYS U 63 -32.43 44.52 34.03
CA LYS U 63 -32.46 44.94 35.42
C LYS U 63 -31.16 45.57 35.88
N LYS U 64 -30.05 45.28 35.21
CA LYS U 64 -28.74 45.75 35.65
C LYS U 64 -28.33 47.08 35.02
N GLY U 65 -29.21 47.74 34.31
CA GLY U 65 -28.99 49.12 33.95
C GLY U 65 -28.37 49.37 32.59
N SER U 66 -28.22 50.67 32.32
CA SER U 66 -27.81 51.16 31.01
C SER U 66 -26.46 50.60 30.60
N GLU U 67 -25.48 50.67 31.50
CA GLU U 67 -24.14 50.24 31.14
C GLU U 67 -24.05 48.73 30.90
N SER U 68 -24.72 47.92 31.72
CA SER U 68 -24.77 46.49 31.47
C SER U 68 -25.41 46.21 30.12
N CYS U 69 -26.44 46.97 29.79
CA CYS U 69 -27.11 46.78 28.49
C CYS U 69 -26.21 47.17 27.34
N ASN U 70 -25.45 48.26 27.50
CA ASN U 70 -24.52 48.68 26.48
C ASN U 70 -23.46 47.61 26.23
N LEU U 71 -22.94 47.04 27.30
CA LEU U 71 -21.95 45.98 27.17
C LEU U 71 -22.56 44.75 26.50
N PHE U 72 -23.79 44.42 26.87
CA PHE U 72 -24.50 43.32 26.22
C PHE U 72 -24.58 43.53 24.72
N LEU U 73 -24.96 44.73 24.30
CA LEU U 73 -25.09 44.98 22.87
C LEU U 73 -23.74 45.03 22.18
N LYS U 74 -22.70 45.47 22.90
CA LYS U 74 -21.35 45.45 22.36
C LYS U 74 -20.95 44.03 21.97
N SER U 75 -21.01 43.13 22.93
CA SER U 75 -20.59 41.76 22.64
C SER U 75 -21.58 41.07 21.71
N LEU U 76 -22.86 41.45 21.74
CA LEU U 76 -23.80 40.89 20.79
C LEU U 76 -23.41 41.26 19.38
N LYS U 77 -23.00 42.50 19.17
CA LYS U 77 -22.53 42.93 17.87
C LYS U 77 -21.33 42.10 17.45
N GLU U 78 -20.40 41.89 18.39
CA GLU U 78 -19.21 41.12 18.04
C GLU U 78 -19.57 39.70 17.64
N TRP U 79 -20.22 38.98 18.53
CA TRP U 79 -20.35 37.54 18.38
C TRP U 79 -21.47 37.13 17.43
N ASN U 80 -22.51 37.94 17.28
CA ASN U 80 -23.64 37.65 16.40
C ASN U 80 -23.98 38.88 15.59
N TYR U 81 -22.98 39.44 14.94
CA TYR U 81 -23.08 40.55 14.02
C TYR U 81 -24.23 40.45 13.02
N PRO U 82 -24.51 39.28 12.42
CA PRO U 82 -25.64 39.22 11.49
C PRO U 82 -26.96 39.60 12.12
N LEU U 83 -27.25 39.04 13.29
CA LEU U 83 -28.50 39.34 13.96
C LEU U 83 -28.56 40.81 14.32
N PHE U 84 -27.46 41.34 14.86
CA PHE U 84 -27.42 42.73 15.28
C PHE U 84 -27.70 43.67 14.11
N GLN U 85 -27.08 43.40 12.96
CA GLN U 85 -27.32 44.24 11.80
C GLN U 85 -28.74 44.08 11.28
N ASP U 86 -29.30 42.87 11.38
CA ASP U 86 -30.67 42.67 10.93
C ASP U 86 -31.65 43.42 11.82
N LEU U 87 -31.37 43.45 13.12
CA LEU U 87 -32.23 44.18 14.05
C LEU U 87 -32.18 45.67 13.79
N ASN U 88 -31.00 46.19 13.47
CA ASN U 88 -30.83 47.61 13.18
C ASN U 88 -31.18 47.95 11.75
N GLY U 89 -31.81 47.04 11.01
CA GLY U 89 -32.17 47.33 9.64
C GLY U 89 -30.99 47.57 8.75
N GLN U 90 -29.83 47.00 9.09
CA GLN U 90 -28.60 47.19 8.34
C GLN U 90 -28.28 45.93 7.54
N SER U 91 -27.50 46.13 6.49
CA SER U 91 -27.06 45.03 5.65
C SER U 91 -25.92 44.27 6.31
N LEU U 92 -25.46 43.24 5.63
CA LEU U 92 -24.29 42.50 6.03
C LEU U 92 -23.07 43.05 5.32
N PHE U 93 -22.03 43.32 6.08
CA PHE U 93 -20.70 43.57 5.54
C PHE U 93 -19.75 42.47 5.96
N MET V 4 48.09 2.49 -22.15
CA MET V 4 48.74 2.97 -23.41
C MET V 4 47.73 3.46 -24.42
N ASN V 5 48.11 4.54 -25.09
CA ASN V 5 47.25 5.20 -26.05
C ASN V 5 47.62 4.87 -27.49
N PHE V 6 48.86 4.48 -27.74
CA PHE V 6 49.30 4.19 -29.10
C PHE V 6 48.50 3.06 -29.69
N ILE V 7 48.29 2.00 -28.92
CA ILE V 7 47.44 0.90 -29.38
C ILE V 7 46.04 1.43 -29.64
N LYS V 8 45.48 2.13 -28.66
CA LYS V 8 44.09 2.56 -28.74
C LYS V 8 43.87 3.52 -29.89
N ASP V 9 44.77 4.50 -30.01
CA ASP V 9 44.61 5.51 -31.04
C ASP V 9 44.69 4.90 -32.43
N ASN V 10 45.55 3.90 -32.61
CA ASN V 10 45.72 3.24 -33.89
C ASN V 10 44.98 1.92 -33.98
N SER V 11 44.10 1.63 -33.02
CA SER V 11 43.42 0.35 -33.00
C SER V 11 42.57 0.12 -34.24
N ARG V 12 42.12 1.18 -34.89
CA ARG V 12 41.49 1.04 -36.21
C ARG V 12 42.41 0.29 -37.16
N ALA V 13 43.59 0.85 -37.35
CA ALA V 13 44.55 0.27 -38.27
C ALA V 13 45.01 -1.10 -37.79
N LEU V 14 45.25 -1.24 -36.50
CA LEU V 14 45.72 -2.51 -35.98
C LEU V 14 44.69 -3.61 -36.22
N ILE V 15 43.41 -3.31 -35.98
CA ILE V 15 42.39 -4.32 -36.23
C ILE V 15 42.36 -4.67 -37.70
N GLN V 16 42.45 -3.66 -38.57
CA GLN V 16 42.22 -3.94 -39.98
C GLN V 16 43.44 -4.50 -40.70
N ARG V 17 44.63 -4.40 -40.12
CA ARG V 17 45.87 -4.67 -40.85
C ARG V 17 46.71 -5.80 -40.31
N MET V 18 46.68 -6.08 -39.00
CA MET V 18 47.44 -7.21 -38.48
C MET V 18 46.94 -8.49 -39.10
N GLY V 19 47.83 -9.19 -39.80
CA GLY V 19 47.49 -10.50 -40.30
C GLY V 19 47.18 -11.47 -39.18
N MET V 20 46.38 -12.47 -39.53
CA MET V 20 46.13 -13.57 -38.62
C MET V 20 47.44 -14.15 -38.09
N THR V 21 48.42 -14.28 -38.98
CA THR V 21 49.74 -14.74 -38.59
C THR V 21 50.31 -13.86 -37.50
N VAL V 22 50.31 -12.56 -37.76
CA VAL V 22 50.87 -11.59 -36.83
C VAL V 22 50.19 -11.74 -35.49
N ILE V 23 48.88 -11.94 -35.50
CA ILE V 23 48.13 -12.05 -34.25
C ILE V 23 48.55 -13.29 -33.50
N LYS V 24 48.62 -14.43 -34.19
CA LYS V 24 49.00 -15.68 -33.54
C LYS V 24 50.39 -15.59 -32.94
N GLN V 25 51.28 -14.91 -33.64
CA GLN V 25 52.67 -14.88 -33.22
C GLN V 25 52.87 -13.96 -32.04
N ILE V 26 52.25 -12.79 -32.10
CA ILE V 26 52.20 -11.92 -30.95
C ILE V 26 51.65 -12.68 -29.78
N THR V 27 50.54 -13.37 -29.99
CA THR V 27 49.90 -14.16 -28.94
C THR V 27 50.87 -15.16 -28.35
N ASP V 28 51.66 -15.81 -29.19
CA ASP V 28 52.61 -16.79 -28.71
C ASP V 28 53.66 -16.13 -27.81
N ASP V 29 54.25 -15.03 -28.28
CA ASP V 29 55.23 -14.32 -27.48
C ASP V 29 54.65 -13.90 -26.15
N LEU V 30 53.41 -13.44 -26.17
CA LEU V 30 52.77 -12.92 -24.98
C LEU V 30 52.46 -14.05 -24.00
N PHE V 31 52.07 -15.20 -24.52
CA PHE V 31 51.87 -16.38 -23.68
C PHE V 31 53.17 -16.80 -23.02
N VAL V 32 54.25 -16.82 -23.79
CA VAL V 32 55.54 -17.17 -23.24
C VAL V 32 55.96 -16.16 -22.20
N TRP V 33 55.63 -14.90 -22.43
CA TRP V 33 55.95 -13.82 -21.52
C TRP V 33 54.95 -13.69 -20.39
N ASN V 34 53.98 -14.60 -20.29
CA ASN V 34 53.07 -14.68 -19.16
C ASN V 34 52.24 -13.41 -19.00
N VAL V 35 51.66 -12.96 -20.11
CA VAL V 35 50.57 -11.99 -20.10
C VAL V 35 49.31 -12.53 -20.72
N LEU V 36 49.31 -13.79 -21.13
CA LEU V 36 48.12 -14.40 -21.70
C LEU V 36 47.94 -15.79 -21.14
N ASN V 37 46.74 -16.02 -20.67
CA ASN V 37 46.26 -17.35 -20.33
C ASN V 37 46.09 -18.14 -21.62
N ARG V 38 46.49 -19.41 -21.58
CA ARG V 38 46.17 -20.36 -22.64
C ARG V 38 44.75 -20.26 -23.14
N GLU V 39 43.77 -20.00 -22.27
CA GLU V 39 42.43 -19.78 -22.78
C GLU V 39 42.37 -18.52 -23.62
N GLU V 40 42.98 -17.44 -23.15
CA GLU V 40 42.99 -16.21 -23.91
C GLU V 40 43.65 -16.43 -25.26
N VAL V 41 44.71 -17.24 -25.27
CA VAL V 41 45.36 -17.63 -26.51
C VAL V 41 44.37 -18.35 -27.41
N ASN V 42 43.68 -19.34 -26.88
CA ASN V 42 42.78 -20.15 -27.69
C ASN V 42 41.61 -19.34 -28.19
N ILE V 43 41.21 -18.32 -27.45
CA ILE V 43 40.04 -17.54 -27.85
C ILE V 43 40.43 -16.55 -28.92
N ILE V 44 41.63 -15.99 -28.84
CA ILE V 44 42.11 -15.19 -29.95
C ILE V 44 42.25 -16.06 -31.18
N CYS V 45 42.81 -17.25 -31.01
CA CYS V 45 43.15 -18.09 -32.15
C CYS V 45 41.92 -18.74 -32.77
N CYS V 46 40.85 -18.92 -32.02
CA CYS V 46 39.70 -19.65 -32.53
C CYS V 46 38.82 -18.80 -33.44
N GLU V 47 38.99 -17.49 -33.45
CA GLU V 47 38.20 -16.66 -34.34
C GLU V 47 38.54 -16.99 -35.78
N LYS V 48 37.54 -17.44 -36.54
CA LYS V 48 37.73 -17.69 -37.95
C LYS V 48 38.05 -16.41 -38.72
N VAL V 49 37.71 -15.25 -38.15
CA VAL V 49 37.94 -13.96 -38.78
C VAL V 49 39.18 -13.34 -38.17
N GLU V 50 40.01 -12.79 -39.04
CA GLU V 50 41.20 -12.05 -38.63
C GLU V 50 40.85 -10.93 -37.68
N GLN V 51 39.96 -10.06 -38.10
CA GLN V 51 39.73 -8.82 -37.39
C GLN V 51 39.10 -9.07 -36.04
N ASP V 52 38.31 -10.14 -35.90
CA ASP V 52 37.75 -10.46 -34.59
C ASP V 52 38.84 -10.90 -33.63
N ALA V 53 39.77 -11.72 -34.12
CA ALA V 53 40.95 -12.07 -33.33
C ALA V 53 41.72 -10.82 -32.94
N ALA V 54 41.82 -9.87 -33.87
CA ALA V 54 42.53 -8.64 -33.59
C ALA V 54 41.84 -7.86 -32.49
N ARG V 55 40.52 -7.76 -32.56
CA ARG V 55 39.78 -7.07 -31.52
C ARG V 55 39.98 -7.75 -30.17
N GLY V 56 39.91 -9.08 -30.17
CA GLY V 56 40.12 -9.83 -28.95
C GLY V 56 41.44 -9.47 -28.31
N ILE V 57 42.52 -9.57 -29.07
CA ILE V 57 43.82 -9.32 -28.49
C ILE V 57 43.94 -7.87 -28.08
N ILE V 58 43.45 -6.93 -28.89
CA ILE V 58 43.71 -5.53 -28.59
C ILE V 58 42.99 -5.14 -27.31
N HIS V 59 41.70 -5.41 -27.22
CA HIS V 59 40.96 -5.01 -26.05
C HIS V 59 41.50 -5.71 -24.81
N MET V 60 41.85 -6.99 -24.96
CA MET V 60 42.45 -7.74 -23.87
C MET V 60 43.72 -7.06 -23.35
N ILE V 61 44.63 -6.73 -24.25
CA ILE V 61 45.91 -6.16 -23.83
C ILE V 61 45.70 -4.78 -23.23
N LEU V 62 44.77 -4.01 -23.79
CA LEU V 62 44.51 -2.69 -23.23
C LEU V 62 44.02 -2.80 -21.80
N LYS V 63 43.21 -3.82 -21.52
CA LYS V 63 42.75 -4.03 -20.17
C LYS V 63 43.86 -4.49 -19.24
N LYS V 64 44.92 -5.08 -19.77
CA LYS V 64 45.98 -5.66 -18.94
C LYS V 64 47.12 -4.70 -18.65
N GLY V 65 47.00 -3.43 -19.01
CA GLY V 65 47.90 -2.43 -18.51
C GLY V 65 49.08 -2.08 -19.39
N SER V 66 49.85 -1.13 -18.86
CA SER V 66 50.94 -0.51 -19.60
C SER V 66 51.98 -1.53 -20.02
N GLU V 67 52.41 -2.39 -19.09
CA GLU V 67 53.46 -3.34 -19.42
C GLU V 67 53.02 -4.39 -20.44
N SER V 68 51.79 -4.90 -20.32
CA SER V 68 51.27 -5.82 -21.33
C SER V 68 51.22 -5.13 -22.68
N CYS V 69 50.85 -3.86 -22.70
CA CYS V 69 50.80 -3.12 -23.96
C CYS V 69 52.19 -2.92 -24.55
N ASN V 70 53.17 -2.63 -23.70
CA ASN V 70 54.53 -2.47 -24.16
C ASN V 70 55.05 -3.75 -24.78
N LEU V 71 54.77 -4.88 -24.14
CA LEU V 71 55.18 -6.16 -24.69
C LEU V 71 54.49 -6.45 -26.02
N PHE V 72 53.20 -6.11 -26.09
CA PHE V 72 52.46 -6.26 -27.33
C PHE V 72 53.13 -5.50 -28.46
N LEU V 73 53.50 -4.25 -28.21
CA LEU V 73 54.11 -3.45 -29.24
C LEU V 73 55.51 -3.93 -29.57
N LYS V 74 56.22 -4.46 -28.58
CA LYS V 74 57.53 -5.06 -28.82
C LYS V 74 57.44 -6.16 -29.86
N SER V 75 56.60 -7.15 -29.59
CA SER V 75 56.51 -8.27 -30.51
C SER V 75 55.82 -7.85 -31.81
N LEU V 76 54.95 -6.85 -31.77
CA LEU V 76 54.37 -6.35 -33.01
C LEU V 76 55.44 -5.77 -33.90
N LYS V 77 56.38 -5.03 -33.31
CA LYS V 77 57.49 -4.50 -34.07
C LYS V 77 58.30 -5.62 -34.68
N GLU V 78 58.55 -6.67 -33.89
CA GLU V 78 59.34 -7.78 -34.41
C GLU V 78 58.65 -8.45 -35.58
N TRP V 79 57.44 -8.94 -35.37
CA TRP V 79 56.80 -9.84 -36.30
C TRP V 79 56.16 -9.14 -37.48
N ASN V 80 55.72 -7.90 -37.31
CA ASN V 80 55.08 -7.12 -38.37
C ASN V 80 55.64 -5.72 -38.41
N TYR V 81 56.97 -5.65 -38.47
CA TYR V 81 57.74 -4.43 -38.62
C TYR V 81 57.20 -3.46 -39.67
N PRO V 82 56.76 -3.92 -40.86
CA PRO V 82 56.22 -2.96 -41.84
C PRO V 82 55.05 -2.16 -41.31
N LEU V 83 54.08 -2.85 -40.71
CA LEU V 83 52.91 -2.17 -40.18
C LEU V 83 53.31 -1.21 -39.09
N PHE V 84 54.18 -1.65 -38.18
CA PHE V 84 54.60 -0.83 -37.07
C PHE V 84 55.27 0.45 -37.54
N GLN V 85 56.15 0.33 -38.53
CA GLN V 85 56.80 1.52 -39.06
C GLN V 85 55.82 2.41 -39.78
N ASP V 86 54.84 1.83 -40.46
CA ASP V 86 53.84 2.64 -41.15
C ASP V 86 52.98 3.41 -40.17
N LEU V 87 52.65 2.78 -39.05
CA LEU V 87 51.85 3.44 -38.02
C LEU V 87 52.62 4.59 -37.40
N ASN V 88 53.92 4.40 -37.18
CA ASN V 88 54.75 5.45 -36.60
C ASN V 88 55.25 6.45 -37.64
N GLY V 89 54.68 6.43 -38.85
CA GLY V 89 55.11 7.37 -39.87
C GLY V 89 56.54 7.20 -40.28
N GLN V 90 57.09 6.00 -40.13
CA GLN V 90 58.47 5.71 -40.45
C GLN V 90 58.56 4.92 -41.75
N SER V 91 59.72 5.02 -42.37
CA SER V 91 59.99 4.29 -43.60
C SER V 91 60.31 2.84 -43.31
N LEU V 92 60.54 2.08 -44.37
CA LEU V 92 61.01 0.71 -44.27
C LEU V 92 62.53 0.69 -44.35
N PHE V 93 63.15 -0.01 -43.41
CA PHE V 93 64.55 -0.38 -43.51
C PHE V 93 64.67 -1.88 -43.63
N MET W 4 -20.80 22.62 64.01
CA MET W 4 -19.50 23.03 63.41
C MET W 4 -19.57 24.41 62.77
N ASN W 5 -18.50 25.16 62.97
CA ASN W 5 -18.40 26.52 62.49
C ASN W 5 -17.57 26.65 61.23
N PHE W 6 -16.67 25.70 60.98
CA PHE W 6 -15.80 25.78 59.82
C PHE W 6 -16.61 25.76 58.53
N ILE W 7 -17.62 24.87 58.47
CA ILE W 7 -18.51 24.87 57.32
C ILE W 7 -19.22 26.20 57.21
N LYS W 8 -19.82 26.62 58.32
CA LYS W 8 -20.66 27.82 58.31
C LYS W 8 -19.85 29.06 57.98
N ASP W 9 -18.70 29.21 58.61
CA ASP W 9 -17.88 30.39 58.40
C ASP W 9 -17.41 30.49 56.95
N ASN W 10 -17.11 29.36 56.34
CA ASN W 10 -16.64 29.31 54.97
C ASN W 10 -17.74 28.93 53.98
N SER W 11 -18.99 28.91 54.42
CA SER W 11 -20.07 28.47 53.55
C SER W 11 -20.21 29.35 52.32
N ARG W 12 -19.79 30.61 52.40
CA ARG W 12 -19.70 31.43 51.20
C ARG W 12 -18.85 30.74 50.13
N ALA W 13 -17.62 30.45 50.49
CA ALA W 13 -16.69 29.82 49.57
C ALA W 13 -17.16 28.44 49.17
N LEU W 14 -17.67 27.67 50.13
CA LEU W 14 -18.11 26.32 49.83
C LEU W 14 -19.25 26.32 48.83
N ILE W 15 -20.21 27.22 49.00
CA ILE W 15 -21.30 27.30 48.04
C ILE W 15 -20.76 27.68 46.67
N GLN W 16 -19.84 28.63 46.62
CA GLN W 16 -19.46 29.16 45.32
C GLN W 16 -18.42 28.31 44.60
N ARG W 17 -17.74 27.40 45.30
CA ARG W 17 -16.57 26.74 44.75
C ARG W 17 -16.67 25.23 44.61
N MET W 18 -17.44 24.55 45.44
CA MET W 18 -17.59 23.11 45.28
C MET W 18 -18.23 22.80 43.95
N GLY W 19 -17.52 22.06 43.11
CA GLY W 19 -18.09 21.61 41.87
C GLY W 19 -19.29 20.71 42.11
N MET W 20 -20.16 20.68 41.10
CA MET W 20 -21.26 19.73 41.11
C MET W 20 -20.76 18.31 41.36
N THR W 21 -19.64 17.97 40.73
CA THR W 21 -19.02 16.67 40.96
C THR W 21 -18.73 16.47 42.42
N VAL W 22 -18.04 17.45 43.01
CA VAL W 22 -17.65 17.37 44.41
C VAL W 22 -18.88 17.16 45.28
N ILE W 23 -19.97 17.85 44.94
CA ILE W 23 -21.18 17.74 45.73
C ILE W 23 -21.76 16.34 45.62
N LYS W 24 -21.86 15.82 44.40
CA LYS W 24 -22.43 14.50 44.21
C LYS W 24 -21.61 13.44 44.94
N GLN W 25 -20.30 13.61 44.94
CA GLN W 25 -19.42 12.59 45.48
C GLN W 25 -19.45 12.60 47.00
N ILE W 26 -19.39 13.80 47.58
CA ILE W 26 -19.60 13.95 49.00
C ILE W 26 -20.92 13.32 49.36
N THR W 27 -21.97 13.63 48.61
CA THR W 27 -23.29 13.10 48.86
C THR W 27 -23.27 11.58 48.85
N ASP W 28 -22.54 10.99 47.91
CA ASP W 28 -22.47 9.54 47.85
C ASP W 28 -21.82 8.97 49.09
N ASP W 29 -20.67 9.53 49.48
CA ASP W 29 -20.00 9.05 50.68
C ASP W 29 -20.90 9.16 51.89
N LEU W 30 -21.64 10.26 51.98
CA LEU W 30 -22.48 10.53 53.12
C LEU W 30 -23.67 9.59 53.15
N PHE W 31 -24.22 9.27 51.99
CA PHE W 31 -25.28 8.27 51.90
C PHE W 31 -24.79 6.91 52.35
N VAL W 32 -23.59 6.53 51.90
CA VAL W 32 -23.03 5.26 52.30
C VAL W 32 -22.78 5.26 53.80
N TRP W 33 -22.37 6.40 54.33
CA TRP W 33 -22.11 6.55 55.75
C TRP W 33 -23.36 6.81 56.56
N ASN W 34 -24.54 6.78 55.93
CA ASN W 34 -25.82 6.84 56.63
C ASN W 34 -25.97 8.15 57.40
N VAL W 35 -25.70 9.26 56.72
CA VAL W 35 -26.12 10.58 57.16
C VAL W 35 -27.01 11.27 56.16
N LEU W 36 -27.35 10.59 55.07
CA LEU W 36 -28.25 11.16 54.09
C LEU W 36 -29.25 10.12 53.64
N ASN W 37 -30.50 10.52 53.68
CA ASN W 37 -31.59 9.80 53.08
C ASN W 37 -31.46 9.90 51.56
N ARG W 38 -31.70 8.79 50.87
CA ARG W 38 -31.84 8.77 49.43
C ARG W 38 -32.65 9.94 48.89
N GLU W 39 -33.70 10.38 49.58
CA GLU W 39 -34.39 11.57 49.11
C GLU W 39 -33.48 12.77 49.21
N GLU W 40 -32.79 12.93 50.33
CA GLU W 40 -31.88 14.05 50.49
C GLU W 40 -30.82 14.03 49.40
N VAL W 41 -30.36 12.83 49.06
CA VAL W 41 -29.43 12.65 47.96
C VAL W 41 -30.05 13.17 46.67
N ASN W 42 -31.27 12.71 46.38
CA ASN W 42 -31.91 13.07 45.12
C ASN W 42 -32.22 14.55 45.04
N ILE W 43 -32.45 15.18 46.19
CA ILE W 43 -32.81 16.59 46.18
C ILE W 43 -31.58 17.43 45.99
N ILE W 44 -30.45 17.03 46.58
CA ILE W 44 -29.21 17.70 46.28
C ILE W 44 -28.88 17.53 44.81
N CYS W 45 -29.05 16.31 44.30
CA CYS W 45 -28.60 16.00 42.95
C CYS W 45 -29.51 16.59 41.89
N CYS W 46 -30.78 16.83 42.20
CA CYS W 46 -31.72 17.28 41.19
C CYS W 46 -31.58 18.76 40.86
N GLU W 47 -30.89 19.53 41.68
CA GLU W 47 -30.71 20.94 41.38
C GLU W 47 -29.89 21.08 40.10
N LYS W 48 -30.49 21.71 39.09
CA LYS W 48 -29.75 21.99 37.86
C LYS W 48 -28.61 22.96 38.09
N VAL W 49 -28.64 23.71 39.19
CA VAL W 49 -27.62 24.68 39.52
C VAL W 49 -26.69 24.08 40.56
N GLU W 50 -25.39 24.27 40.35
CA GLU W 50 -24.37 23.85 41.28
C GLU W 50 -24.60 24.44 42.65
N GLN W 51 -24.72 25.76 42.72
CA GLN W 51 -24.71 26.44 44.00
C GLN W 51 -25.95 26.12 44.80
N ASP W 52 -27.08 25.85 44.15
CA ASP W 52 -28.26 25.46 44.89
C ASP W 52 -28.09 24.09 45.52
N ALA W 53 -27.49 23.15 44.78
CA ALA W 53 -27.13 21.87 45.37
C ALA W 53 -26.19 22.07 46.54
N ALA W 54 -25.26 23.00 46.41
CA ALA W 54 -24.32 23.27 47.49
C ALA W 54 -25.05 23.78 48.71
N ARG W 55 -25.97 24.70 48.52
CA ARG W 55 -26.75 25.22 49.65
C ARG W 55 -27.53 24.10 50.30
N GLY W 56 -28.16 23.26 49.49
CA GLY W 56 -28.90 22.13 50.02
C GLY W 56 -28.06 21.29 50.93
N ILE W 57 -26.91 20.85 50.43
CA ILE W 57 -26.08 19.95 51.24
C ILE W 57 -25.57 20.69 52.46
N ILE W 58 -25.15 21.95 52.32
CA ILE W 58 -24.49 22.59 53.45
C ILE W 58 -25.49 22.80 54.57
N HIS W 59 -26.63 23.40 54.29
CA HIS W 59 -27.60 23.65 55.34
C HIS W 59 -28.07 22.35 55.96
N MET W 60 -28.29 21.33 55.11
CA MET W 60 -28.68 20.03 55.60
C MET W 60 -27.67 19.48 56.60
N ILE W 61 -26.39 19.48 56.24
CA ILE W 61 -25.38 18.89 57.10
C ILE W 61 -25.24 19.70 58.38
N LEU W 62 -25.34 21.02 58.28
CA LEU W 62 -25.25 21.85 59.48
C LEU W 62 -26.36 21.50 60.45
N LYS W 63 -27.55 21.23 59.93
CA LYS W 63 -28.64 20.83 60.79
C LYS W 63 -28.44 19.45 61.39
N LYS W 64 -27.62 18.60 60.79
CA LYS W 64 -27.46 17.23 61.22
C LYS W 64 -26.32 17.03 62.20
N GLY W 65 -25.69 18.10 62.68
CA GLY W 65 -24.82 18.00 63.83
C GLY W 65 -23.34 17.84 63.52
N SER W 66 -22.61 17.78 64.63
CA SER W 66 -21.14 17.80 64.60
C SER W 66 -20.59 16.64 63.79
N GLU W 67 -21.07 15.44 64.06
CA GLU W 67 -20.53 14.27 63.39
C GLU W 67 -20.82 14.25 61.89
N SER W 68 -22.04 14.63 61.48
CA SER W 68 -22.34 14.76 60.07
C SER W 68 -21.42 15.78 59.42
N CYS W 69 -21.15 16.88 60.12
CA CYS W 69 -20.28 17.91 59.58
C CYS W 69 -18.84 17.40 59.45
N ASN W 70 -18.39 16.63 60.44
CA ASN W 70 -17.04 16.08 60.38
C ASN W 70 -16.91 15.14 59.20
N LEU W 71 -17.91 14.31 58.96
CA LEU W 71 -17.88 13.41 57.82
C LEU W 71 -17.90 14.19 56.51
N PHE W 72 -18.70 15.24 56.46
CA PHE W 72 -18.73 16.12 55.29
C PHE W 72 -17.35 16.65 54.98
N LEU W 73 -16.66 17.16 56.00
CA LEU W 73 -15.34 17.72 55.77
C LEU W 73 -14.32 16.65 55.43
N LYS W 74 -14.49 15.45 55.98
CA LYS W 74 -13.62 14.33 55.63
C LYS W 74 -13.67 14.07 54.13
N SER W 75 -14.87 13.82 53.61
CA SER W 75 -14.96 13.51 52.20
C SER W 75 -14.68 14.74 51.34
N LEU W 76 -14.94 15.94 51.85
CA LEU W 76 -14.57 17.14 51.10
C LEU W 76 -13.08 17.21 50.92
N LYS W 77 -12.33 16.88 51.97
CA LYS W 77 -10.88 16.83 51.87
C LYS W 77 -10.45 15.82 50.83
N GLU W 78 -11.09 14.65 50.85
CA GLU W 78 -10.71 13.62 49.89
C GLU W 78 -10.97 14.08 48.46
N TRP W 79 -12.21 14.43 48.15
CA TRP W 79 -12.63 14.59 46.77
C TRP W 79 -12.25 15.95 46.19
N ASN W 80 -12.13 16.98 47.01
CA ASN W 80 -11.78 18.33 46.56
C ASN W 80 -10.73 18.92 47.47
N TYR W 81 -9.66 18.16 47.66
CA TYR W 81 -8.46 18.55 48.40
C TYR W 81 -7.96 19.96 48.10
N PRO W 82 -7.93 20.40 46.83
CA PRO W 82 -7.45 21.77 46.58
C PRO W 82 -8.26 22.82 47.28
N LEU W 83 -9.58 22.74 47.19
CA LEU W 83 -10.44 23.71 47.84
C LEU W 83 -10.24 23.67 49.34
N PHE W 84 -10.21 22.45 49.90
CA PHE W 84 -10.08 22.29 51.34
C PHE W 84 -8.79 22.92 51.85
N GLN W 85 -7.69 22.69 51.14
CA GLN W 85 -6.43 23.27 51.55
C GLN W 85 -6.44 24.79 51.38
N ASP W 86 -7.12 25.29 50.35
CA ASP W 86 -7.19 26.73 50.15
C ASP W 86 -8.00 27.39 51.26
N LEU W 87 -9.06 26.72 51.69
CA LEU W 87 -9.87 27.25 52.78
C LEU W 87 -9.10 27.29 54.08
N ASN W 88 -8.28 26.26 54.34
CA ASN W 88 -7.48 26.20 55.54
C ASN W 88 -6.17 26.98 55.42
N GLY W 89 -6.03 27.80 54.39
CA GLY W 89 -4.82 28.58 54.22
C GLY W 89 -3.59 27.72 54.02
N GLN W 90 -3.76 26.53 53.47
CA GLN W 90 -2.67 25.58 53.26
C GLN W 90 -2.32 25.53 51.78
N SER W 91 -1.09 25.11 51.52
CA SER W 91 -0.60 24.95 50.17
C SER W 91 -1.14 23.66 49.57
N LEU W 92 -0.77 23.43 48.31
CA LEU W 92 -1.04 22.19 47.63
C LEU W 92 0.14 21.25 47.77
N PHE W 93 -0.13 20.02 48.18
CA PHE W 93 0.82 18.93 48.08
C PHE W 93 0.33 17.90 47.09
N MET X 4 16.53 -4.96 -55.16
CA MET X 4 16.40 -5.90 -56.31
C MET X 4 15.75 -7.20 -55.91
N ASN X 5 14.90 -7.69 -56.81
CA ASN X 5 14.13 -8.90 -56.59
C ASN X 5 14.71 -10.10 -57.30
N PHE X 6 15.47 -9.89 -58.38
CA PHE X 6 16.02 -11.00 -59.14
C PHE X 6 16.93 -11.85 -58.27
N ILE X 7 17.79 -11.20 -57.49
CA ILE X 7 18.63 -11.94 -56.55
C ILE X 7 17.76 -12.69 -55.57
N LYS X 8 16.82 -11.98 -54.95
CA LYS X 8 16.02 -12.55 -53.89
C LYS X 8 15.16 -13.68 -54.39
N ASP X 9 14.50 -13.48 -55.53
CA ASP X 9 13.61 -14.50 -56.06
C ASP X 9 14.36 -15.77 -56.41
N ASN X 10 15.59 -15.63 -56.92
CA ASN X 10 16.41 -16.76 -57.30
C ASN X 10 17.45 -17.11 -56.27
N SER X 11 17.36 -16.54 -55.07
CA SER X 11 18.39 -16.76 -54.06
C SER X 11 18.49 -18.23 -53.68
N ARG X 12 17.41 -19.00 -53.82
CA ARG X 12 17.51 -20.45 -53.67
C ARG X 12 18.60 -21.00 -54.58
N ALA X 13 18.42 -20.77 -55.88
CA ALA X 13 19.36 -21.28 -56.86
C ALA X 13 20.74 -20.68 -56.67
N LEU X 14 20.80 -19.38 -56.40
CA LEU X 14 22.10 -18.73 -56.24
C LEU X 14 22.87 -19.32 -55.07
N ILE X 15 22.19 -19.56 -53.95
CA ILE X 15 22.88 -20.17 -52.82
C ILE X 15 23.36 -21.56 -53.18
N GLN X 16 22.53 -22.33 -53.87
CA GLN X 16 22.87 -23.72 -54.07
C GLN X 16 23.84 -23.96 -55.21
N ARG X 17 24.03 -22.99 -56.11
CA ARG X 17 24.72 -23.22 -57.37
C ARG X 17 25.98 -22.41 -57.59
N MET X 18 26.09 -21.22 -57.03
CA MET X 18 27.33 -20.46 -57.18
C MET X 18 28.48 -21.22 -56.54
N GLY X 19 29.47 -21.55 -57.35
CA GLY X 19 30.67 -22.15 -56.82
C GLY X 19 31.38 -21.22 -55.85
N MET X 20 32.15 -21.84 -54.95
CA MET X 20 33.02 -21.07 -54.09
C MET X 20 33.90 -20.12 -54.88
N THR X 21 34.40 -20.60 -56.02
CA THR X 21 35.18 -19.76 -56.92
C THR X 21 34.38 -18.54 -57.32
N VAL X 22 33.18 -18.77 -57.81
CA VAL X 22 32.31 -17.70 -58.28
C VAL X 22 32.11 -16.69 -57.17
N ILE X 23 31.93 -17.17 -55.95
CA ILE X 23 31.67 -16.28 -54.83
C ILE X 23 32.90 -15.43 -54.56
N LYS X 24 34.07 -16.06 -54.51
CA LYS X 24 35.30 -15.32 -54.22
C LYS X 24 35.55 -14.26 -55.29
N GLN X 25 35.24 -14.59 -56.52
CA GLN X 25 35.58 -13.70 -57.64
C GLN X 25 34.64 -12.52 -57.68
N ILE X 26 33.34 -12.79 -57.52
CA ILE X 26 32.37 -11.73 -57.36
C ILE X 26 32.81 -10.83 -56.22
N THR X 27 33.17 -11.44 -55.10
CA THR X 27 33.61 -10.70 -53.94
C THR X 27 34.78 -9.79 -54.28
N ASP X 28 35.72 -10.30 -55.06
CA ASP X 28 36.89 -9.50 -55.43
C ASP X 28 36.47 -8.30 -56.26
N ASP X 29 35.63 -8.52 -57.28
CA ASP X 29 35.17 -7.42 -58.11
C ASP X 29 34.45 -6.38 -57.26
N LEU X 30 33.65 -6.85 -56.32
CA LEU X 30 32.84 -5.96 -55.49
C LEU X 30 33.71 -5.16 -54.54
N PHE X 31 34.76 -5.79 -54.01
CA PHE X 31 35.72 -5.09 -53.18
C PHE X 31 36.43 -4.01 -53.97
N VAL X 32 36.84 -4.34 -55.19
CA VAL X 32 37.51 -3.35 -56.04
C VAL X 32 36.54 -2.23 -56.36
N TRP X 33 35.28 -2.56 -56.56
CA TRP X 33 34.25 -1.59 -56.85
C TRP X 33 33.70 -0.90 -55.61
N ASN X 34 34.28 -1.16 -54.44
CA ASN X 34 33.97 -0.43 -53.22
C ASN X 34 32.51 -0.58 -52.82
N VAL X 35 32.02 -1.82 -52.82
CA VAL X 35 30.78 -2.19 -52.16
C VAL X 35 31.01 -3.23 -51.09
N LEU X 36 32.24 -3.63 -50.83
CA LEU X 36 32.54 -4.58 -49.80
C LEU X 36 33.75 -4.12 -49.02
N ASN X 37 33.57 -4.12 -47.70
CA ASN X 37 34.66 -3.98 -46.77
C ASN X 37 35.50 -5.24 -46.79
N ARG X 38 36.82 -5.07 -46.75
CA ARG X 38 37.75 -6.17 -46.54
C ARG X 38 37.29 -7.16 -45.47
N GLU X 39 36.67 -6.69 -44.38
CA GLU X 39 36.12 -7.66 -43.44
C GLU X 39 35.00 -8.46 -44.07
N GLU X 40 34.10 -7.79 -44.78
CA GLU X 40 33.02 -8.49 -45.44
C GLU X 40 33.56 -9.52 -46.42
N VAL X 41 34.64 -9.15 -47.10
CA VAL X 41 35.34 -10.06 -47.99
C VAL X 41 35.83 -11.27 -47.21
N ASN X 42 36.51 -11.02 -46.10
CA ASN X 42 37.11 -12.11 -45.33
C ASN X 42 36.05 -13.00 -44.71
N ILE X 43 34.89 -12.45 -44.41
CA ILE X 43 33.86 -13.23 -43.76
C ILE X 43 33.14 -14.09 -44.77
N ILE X 44 32.94 -13.58 -45.98
CA ILE X 44 32.44 -14.43 -47.04
C ILE X 44 33.45 -15.53 -47.32
N CYS X 45 34.73 -15.18 -47.39
CA CYS X 45 35.74 -16.14 -47.81
C CYS X 45 36.08 -17.16 -46.74
N CYS X 46 35.85 -16.83 -45.48
CA CYS X 46 36.26 -17.73 -44.41
C CYS X 46 35.31 -18.89 -44.20
N GLU X 47 34.11 -18.84 -44.76
CA GLU X 47 33.18 -19.95 -44.63
C GLU X 47 33.76 -21.17 -45.32
N LYS X 48 33.98 -22.24 -44.56
CA LYS X 48 34.42 -23.48 -45.14
C LYS X 48 33.38 -24.09 -46.06
N VAL X 49 32.12 -23.67 -45.94
CA VAL X 49 31.03 -24.18 -46.75
C VAL X 49 30.73 -23.16 -47.84
N GLU X 50 30.53 -23.67 -49.04
CA GLU X 50 30.14 -22.86 -50.18
C GLU X 50 28.87 -22.10 -49.91
N GLN X 51 27.82 -22.81 -49.52
CA GLN X 51 26.50 -22.22 -49.46
C GLN X 51 26.41 -21.19 -48.35
N ASP X 52 27.18 -21.35 -47.27
CA ASP X 52 27.18 -20.33 -46.24
C ASP X 52 27.82 -19.04 -46.73
N ALA X 53 28.92 -19.16 -47.48
CA ALA X 53 29.51 -18.01 -48.14
C ALA X 53 28.50 -17.36 -49.08
N ALA X 54 27.74 -18.18 -49.78
CA ALA X 54 26.73 -17.67 -50.69
C ALA X 54 25.68 -16.88 -49.95
N ARG X 55 25.20 -17.43 -48.83
CA ARG X 55 24.22 -16.71 -48.03
C ARG X 55 24.78 -15.40 -47.54
N GLY X 56 26.02 -15.42 -47.05
CA GLY X 56 26.66 -14.21 -46.60
C GLY X 56 26.64 -13.13 -47.65
N ILE X 57 27.14 -13.46 -48.85
CA ILE X 57 27.20 -12.45 -49.88
C ILE X 57 25.81 -12.01 -50.29
N ILE X 58 24.87 -12.94 -50.43
CA ILE X 58 23.58 -12.57 -50.99
C ILE X 58 22.86 -11.63 -50.04
N HIS X 59 22.73 -12.02 -48.77
CA HIS X 59 22.01 -11.18 -47.84
C HIS X 59 22.70 -9.84 -47.69
N MET X 60 24.04 -9.85 -47.64
CA MET X 60 24.80 -8.62 -47.57
C MET X 60 24.47 -7.68 -48.73
N ILE X 61 24.52 -8.19 -49.95
CA ILE X 61 24.30 -7.34 -51.12
C ILE X 61 22.86 -6.85 -51.15
N LEU X 62 21.92 -7.70 -50.75
CA LEU X 62 20.53 -7.27 -50.74
C LEU X 62 20.35 -6.11 -49.78
N LYS X 63 21.03 -6.15 -48.65
CA LYS X 63 20.95 -5.05 -47.72
C LYS X 63 21.61 -3.78 -48.24
N LYS X 64 22.54 -3.90 -49.18
CA LYS X 64 23.31 -2.75 -49.65
C LYS X 64 22.70 -2.07 -50.86
N GLY X 65 21.49 -2.45 -51.26
CA GLY X 65 20.75 -1.64 -52.21
C GLY X 65 20.86 -2.04 -53.67
N SER X 66 20.12 -1.26 -54.46
CA SER X 66 19.93 -1.56 -55.88
C SER X 66 21.25 -1.58 -56.62
N GLU X 67 22.08 -0.58 -56.42
CA GLU X 67 23.32 -0.50 -57.17
C GLU X 67 24.31 -1.61 -56.80
N SER X 68 24.43 -1.95 -55.51
CA SER X 68 25.25 -3.07 -55.12
C SER X 68 24.74 -4.36 -55.75
N CYS X 69 23.43 -4.50 -55.83
CA CYS X 69 22.84 -5.69 -56.43
C CYS X 69 23.11 -5.74 -57.93
N ASN X 70 23.04 -4.59 -58.59
CA ASN X 70 23.33 -4.53 -60.02
C ASN X 70 24.76 -4.93 -60.29
N LEU X 71 25.69 -4.44 -59.48
CA LEU X 71 27.09 -4.81 -59.63
C LEU X 71 27.30 -6.29 -59.38
N PHE X 72 26.62 -6.83 -58.37
CA PHE X 72 26.67 -8.25 -58.09
C PHE X 72 26.27 -9.06 -59.31
N LEU X 73 25.16 -8.68 -59.93
CA LEU X 73 24.69 -9.43 -61.09
C LEU X 73 25.59 -9.23 -62.29
N LYS X 74 26.20 -8.05 -62.41
CA LYS X 74 27.17 -7.81 -63.47
C LYS X 74 28.30 -8.81 -63.40
N SER X 75 28.98 -8.86 -62.26
CA SER X 75 30.10 -9.77 -62.15
C SER X 75 29.65 -11.22 -62.12
N LEU X 76 28.45 -11.50 -61.64
CA LEU X 76 27.94 -12.86 -61.71
C LEU X 76 27.79 -13.31 -63.14
N LYS X 77 27.30 -12.42 -63.99
CA LYS X 77 27.19 -12.73 -65.41
C LYS X 77 28.56 -13.00 -65.98
N GLU X 78 29.55 -12.19 -65.62
CA GLU X 78 30.89 -12.38 -66.15
C GLU X 78 31.45 -13.73 -65.73
N TRP X 79 31.54 -13.95 -64.43
CA TRP X 79 32.32 -15.06 -63.90
C TRP X 79 31.59 -16.40 -63.96
N ASN X 80 30.26 -16.39 -63.89
CA ASN X 80 29.46 -17.61 -63.92
C ASN X 80 28.29 -17.43 -64.88
N TYR X 81 28.62 -17.02 -66.09
CA TYR X 81 27.70 -16.88 -67.21
C TYR X 81 26.74 -18.05 -67.39
N PRO X 82 27.17 -19.31 -67.26
CA PRO X 82 26.21 -20.42 -67.43
C PRO X 82 25.06 -20.35 -66.44
N LEU X 83 25.37 -20.14 -65.17
CA LEU X 83 24.31 -20.07 -64.16
C LEU X 83 23.40 -18.90 -64.45
N PHE X 84 23.98 -17.74 -64.76
CA PHE X 84 23.20 -16.55 -65.01
C PHE X 84 22.22 -16.74 -66.15
N GLN X 85 22.69 -17.35 -67.24
CA GLN X 85 21.81 -17.60 -68.37
C GLN X 85 20.76 -18.63 -68.03
N ASP X 86 21.10 -19.62 -67.20
CA ASP X 86 20.12 -20.63 -66.81
C ASP X 86 19.03 -20.01 -65.95
N LEU X 87 19.41 -19.08 -65.08
CA LEU X 87 18.44 -18.41 -64.23
C LEU X 87 17.50 -17.55 -65.05
N ASN X 88 18.03 -16.87 -66.07
CA ASN X 88 17.22 -16.04 -66.93
C ASN X 88 16.52 -16.83 -68.04
N GLY X 89 16.51 -18.15 -67.94
CA GLY X 89 15.85 -18.95 -68.96
C GLY X 89 16.47 -18.82 -70.32
N GLN X 90 17.75 -18.50 -70.39
CA GLN X 90 18.47 -18.29 -71.64
C GLN X 90 19.39 -19.47 -71.91
N SER X 91 19.70 -19.64 -73.19
CA SER X 91 20.60 -20.69 -73.62
C SER X 91 22.05 -20.30 -73.35
N LEU X 92 22.94 -21.21 -73.68
CA LEU X 92 24.37 -20.96 -73.65
C LEU X 92 24.84 -20.48 -75.01
N PHE X 93 25.58 -19.38 -75.02
CA PHE X 93 26.36 -18.97 -76.17
C PHE X 93 27.83 -19.04 -75.86
N MET Y 4 -58.57 0.80 48.46
CA MET Y 4 -57.51 -0.24 48.50
C MET Y 4 -56.48 0.03 49.56
N ASN Y 5 -56.07 -1.05 50.22
CA ASN Y 5 -55.12 -0.98 51.32
C ASN Y 5 -53.71 -1.37 50.91
N PHE Y 6 -53.57 -2.17 49.85
CA PHE Y 6 -52.25 -2.62 49.43
C PHE Y 6 -51.36 -1.45 49.06
N ILE Y 7 -51.90 -0.48 48.32
CA ILE Y 7 -51.16 0.72 48.01
C ILE Y 7 -50.80 1.44 49.30
N LYS Y 8 -51.80 1.66 50.14
CA LYS Y 8 -51.61 2.47 51.34
C LYS Y 8 -50.63 1.82 52.28
N ASP Y 9 -50.80 0.52 52.52
CA ASP Y 9 -49.95 -0.18 53.46
C ASP Y 9 -48.50 -0.17 53.02
N ASN Y 10 -48.26 -0.28 51.71
CA ASN Y 10 -46.92 -0.30 51.15
C ASN Y 10 -46.52 1.04 50.57
N SER Y 11 -47.28 2.10 50.85
CA SER Y 11 -46.98 3.39 50.25
C SER Y 11 -45.62 3.92 50.66
N ARG Y 12 -45.11 3.50 51.81
CA ARG Y 12 -43.72 3.80 52.16
C ARG Y 12 -42.78 3.32 51.05
N ALA Y 13 -42.84 2.02 50.77
CA ALA Y 13 -41.98 1.42 49.77
C ALA Y 13 -42.26 1.99 48.40
N LEU Y 14 -43.54 2.17 48.06
CA LEU Y 14 -43.89 2.68 46.75
C LEU Y 14 -43.33 4.07 46.53
N ILE Y 15 -43.44 4.93 47.54
CA ILE Y 15 -42.88 6.27 47.39
C ILE Y 15 -41.38 6.19 47.22
N GLN Y 16 -40.72 5.34 48.00
CA GLN Y 16 -39.27 5.38 48.00
C GLN Y 16 -38.63 4.62 46.84
N ARG Y 17 -39.37 3.75 46.15
CA ARG Y 17 -38.78 2.79 45.23
C ARG Y 17 -39.24 2.93 43.78
N MET Y 18 -40.45 3.40 43.52
CA MET Y 18 -40.87 3.59 42.14
C MET Y 18 -39.98 4.61 41.46
N GLY Y 19 -39.30 4.19 40.41
CA GLY Y 19 -38.52 5.12 39.62
C GLY Y 19 -39.41 6.18 38.99
N MET Y 20 -38.78 7.32 38.71
CA MET Y 20 -39.45 8.36 37.95
C MET Y 20 -40.03 7.80 36.66
N THR Y 21 -39.27 6.93 36.00
CA THR Y 21 -39.76 6.26 34.81
C THR Y 21 -41.05 5.53 35.08
N VAL Y 22 -41.03 4.70 36.12
CA VAL Y 22 -42.17 3.89 36.49
C VAL Y 22 -43.37 4.80 36.73
N ILE Y 23 -43.15 5.93 37.36
CA ILE Y 23 -44.24 6.84 37.68
C ILE Y 23 -44.82 7.41 36.39
N LYS Y 24 -43.95 7.89 35.50
CA LYS Y 24 -44.42 8.48 34.25
C LYS Y 24 -45.21 7.48 33.43
N GLN Y 25 -44.77 6.22 33.45
CA GLN Y 25 -45.36 5.21 32.60
C GLN Y 25 -46.71 4.78 33.13
N ILE Y 26 -46.77 4.55 34.44
CA ILE Y 26 -48.04 4.30 35.09
C ILE Y 26 -48.98 5.44 34.76
N THR Y 27 -48.50 6.67 34.92
CA THR Y 27 -49.29 7.85 34.64
C THR Y 27 -49.84 7.82 33.22
N ASP Y 28 -49.00 7.42 32.28
CA ASP Y 28 -49.44 7.37 30.89
C ASP Y 28 -50.56 6.35 30.71
N ASP Y 29 -50.37 5.15 31.24
CA ASP Y 29 -51.41 4.12 31.14
C ASP Y 29 -52.71 4.61 31.76
N LEU Y 30 -52.60 5.29 32.89
CA LEU Y 30 -53.76 5.74 33.62
C LEU Y 30 -54.48 6.85 32.88
N PHE Y 31 -53.72 7.74 32.24
CA PHE Y 31 -54.31 8.77 31.40
C PHE Y 31 -55.05 8.15 30.23
N VAL Y 32 -54.44 7.16 29.59
CA VAL Y 32 -55.10 6.48 28.48
C VAL Y 32 -56.35 5.78 28.97
N TRP Y 33 -56.29 5.23 30.17
CA TRP Y 33 -57.42 4.54 30.77
C TRP Y 33 -58.41 5.48 31.43
N ASN Y 34 -58.21 6.79 31.31
CA ASN Y 34 -59.17 7.79 31.75
C ASN Y 34 -59.43 7.71 33.24
N VAL Y 35 -58.35 7.66 34.02
CA VAL Y 35 -58.40 7.93 35.45
C VAL Y 35 -57.51 9.10 35.84
N LEU Y 36 -56.89 9.76 34.87
CA LEU Y 36 -56.08 10.92 35.15
C LEU Y 36 -56.35 12.01 34.14
N ASN Y 37 -56.61 13.18 34.67
CA ASN Y 37 -56.65 14.41 33.91
C ASN Y 37 -55.24 14.75 33.46
N ARG Y 38 -55.10 15.19 32.22
CA ARG Y 38 -53.86 15.77 31.72
C ARG Y 38 -53.19 16.71 32.71
N GLU Y 39 -53.96 17.50 33.46
CA GLU Y 39 -53.31 18.30 34.50
C GLU Y 39 -52.70 17.42 35.57
N GLU Y 40 -53.45 16.41 36.01
CA GLU Y 40 -52.91 15.51 37.02
C GLU Y 40 -51.64 14.83 36.51
N VAL Y 41 -51.64 14.49 35.22
CA VAL Y 41 -50.46 13.96 34.57
C VAL Y 41 -49.31 14.95 34.68
N ASN Y 42 -49.57 16.20 34.29
CA ASN Y 42 -48.51 17.20 34.26
C ASN Y 42 -48.00 17.52 35.65
N ILE Y 43 -48.85 17.38 36.66
CA ILE Y 43 -48.45 17.74 38.00
C ILE Y 43 -47.62 16.63 38.59
N ILE Y 44 -47.96 15.38 38.30
CA ILE Y 44 -47.08 14.29 38.70
C ILE Y 44 -45.74 14.44 37.98
N CYS Y 45 -45.78 14.75 36.69
CA CYS Y 45 -44.57 14.75 35.89
C CYS Y 45 -43.68 15.94 36.17
N CYS Y 46 -44.24 17.05 36.64
CA CYS Y 46 -43.46 18.26 36.82
C CYS Y 46 -42.60 18.24 38.06
N GLU Y 47 -42.84 17.33 38.99
CA GLU Y 47 -42.01 17.26 40.19
C GLU Y 47 -40.59 16.88 39.79
N LYS Y 48 -39.64 17.76 40.09
CA LYS Y 48 -38.24 17.46 39.86
C LYS Y 48 -37.76 16.30 40.72
N VAL Y 49 -38.48 15.99 41.80
CA VAL Y 49 -38.11 14.91 42.71
C VAL Y 49 -38.98 13.71 42.40
N GLU Y 50 -38.34 12.54 42.36
CA GLU Y 50 -39.03 11.28 42.19
C GLU Y 50 -40.11 11.07 43.24
N GLN Y 51 -39.72 11.17 44.49
CA GLN Y 51 -40.60 10.76 45.56
C GLN Y 51 -41.79 11.70 45.69
N ASP Y 52 -41.64 12.96 45.33
CA ASP Y 52 -42.79 13.86 45.34
C ASP Y 52 -43.79 13.49 44.26
N ALA Y 53 -43.30 13.15 43.08
CA ALA Y 53 -44.17 12.62 42.04
C ALA Y 53 -44.86 11.36 42.52
N ALA Y 54 -44.14 10.52 43.25
CA ALA Y 54 -44.72 9.30 43.77
C ALA Y 54 -45.84 9.61 44.75
N ARG Y 55 -45.60 10.55 45.64
CA ARG Y 55 -46.65 10.93 46.59
C ARG Y 55 -47.86 11.47 45.85
N GLY Y 56 -47.62 12.33 44.86
CA GLY Y 56 -48.72 12.86 44.08
C GLY Y 56 -49.58 11.77 43.51
N ILE Y 57 -48.96 10.82 42.80
CA ILE Y 57 -49.75 9.79 42.16
C ILE Y 57 -50.42 8.92 43.21
N ILE Y 58 -49.73 8.58 44.29
CA ILE Y 58 -50.30 7.60 45.20
C ILE Y 58 -51.51 8.19 45.89
N HIS Y 59 -51.38 9.38 46.48
CA HIS Y 59 -52.50 9.97 47.18
C HIS Y 59 -53.66 10.22 46.22
N MET Y 60 -53.34 10.68 45.01
CA MET Y 60 -54.35 10.90 43.99
C MET Y 60 -55.14 9.63 43.72
N ILE Y 61 -54.45 8.52 43.46
CA ILE Y 61 -55.13 7.29 43.10
C ILE Y 61 -55.93 6.76 44.28
N LEU Y 62 -55.39 6.90 45.49
CA LEU Y 62 -56.13 6.45 46.66
C LEU Y 62 -57.44 7.19 46.79
N LYS Y 63 -57.42 8.48 46.48
CA LYS Y 63 -58.65 9.25 46.53
C LYS Y 63 -59.62 8.86 45.43
N LYS Y 64 -59.15 8.28 44.33
CA LYS Y 64 -60.00 7.98 43.19
C LYS Y 64 -60.60 6.58 43.22
N GLY Y 65 -60.45 5.86 44.32
CA GLY Y 65 -61.24 4.67 44.52
C GLY Y 65 -60.59 3.36 44.11
N SER Y 66 -61.39 2.30 44.35
CA SER Y 66 -60.92 0.93 44.20
C SER Y 66 -60.47 0.64 42.79
N GLU Y 67 -61.28 1.02 41.81
CA GLU Y 67 -60.94 0.70 40.42
C GLU Y 67 -59.71 1.44 39.93
N SER Y 68 -59.57 2.73 40.27
CA SER Y 68 -58.36 3.45 39.93
C SER Y 68 -57.14 2.80 40.57
N CYS Y 69 -57.30 2.32 41.81
CA CYS Y 69 -56.19 1.66 42.49
C CYS Y 69 -55.85 0.34 41.83
N ASN Y 70 -56.86 -0.40 41.39
CA ASN Y 70 -56.62 -1.67 40.70
C ASN Y 70 -55.86 -1.44 39.41
N LEU Y 71 -56.24 -0.41 38.66
CA LEU Y 71 -55.55 -0.08 37.43
C LEU Y 71 -54.11 0.34 37.71
N PHE Y 72 -53.92 1.13 38.76
CA PHE Y 72 -52.58 1.52 39.18
C PHE Y 72 -51.71 0.31 39.42
N LEU Y 73 -52.22 -0.66 40.16
CA LEU Y 73 -51.43 -1.84 40.47
C LEU Y 73 -51.22 -2.71 39.25
N LYS Y 74 -52.19 -2.72 38.33
CA LYS Y 74 -52.03 -3.44 37.07
C LYS Y 74 -50.81 -2.94 36.32
N SER Y 75 -50.79 -1.64 36.04
CA SER Y 75 -49.68 -1.10 35.28
C SER Y 75 -48.39 -1.10 36.10
N LEU Y 76 -48.48 -1.01 37.42
CA LEU Y 76 -47.28 -1.12 38.23
C LEU Y 76 -46.66 -2.49 38.08
N LYS Y 77 -47.50 -3.53 38.06
CA LYS Y 77 -46.99 -4.86 37.83
C LYS Y 77 -46.32 -4.96 36.47
N GLU Y 78 -46.93 -4.37 35.46
CA GLU Y 78 -46.35 -4.43 34.13
C GLU Y 78 -44.99 -3.74 34.08
N TRP Y 79 -44.96 -2.47 34.44
CA TRP Y 79 -43.80 -1.63 34.17
C TRP Y 79 -42.69 -1.80 35.19
N ASN Y 80 -43.00 -2.17 36.42
CA ASN Y 80 -42.02 -2.36 37.48
C ASN Y 80 -42.31 -3.64 38.24
N TYR Y 81 -42.44 -4.72 37.48
CA TYR Y 81 -42.60 -6.08 37.97
C TYR Y 81 -41.67 -6.46 39.12
N PRO Y 82 -40.39 -6.09 39.09
CA PRO Y 82 -39.52 -6.46 40.24
C PRO Y 82 -40.01 -5.90 41.55
N LEU Y 83 -40.34 -4.61 41.58
CA LEU Y 83 -40.82 -4.01 42.81
C LEU Y 83 -42.11 -4.66 43.26
N PHE Y 84 -43.03 -4.86 42.33
CA PHE Y 84 -44.33 -5.44 42.65
C PHE Y 84 -44.17 -6.82 43.27
N GLN Y 85 -43.31 -7.65 42.69
CA GLN Y 85 -43.09 -8.97 43.24
C GLN Y 85 -42.40 -8.90 44.59
N ASP Y 86 -41.51 -7.93 44.78
CA ASP Y 86 -40.84 -7.80 46.06
C ASP Y 86 -41.82 -7.37 47.14
N LEU Y 87 -42.76 -6.50 46.79
CA LEU Y 87 -43.76 -6.06 47.75
C LEU Y 87 -44.67 -7.21 48.15
N ASN Y 88 -45.04 -8.06 47.19
CA ASN Y 88 -45.89 -9.20 47.46
C ASN Y 88 -45.12 -10.40 48.00
N GLY Y 89 -43.86 -10.21 48.40
CA GLY Y 89 -43.09 -11.31 48.93
C GLY Y 89 -42.85 -12.41 47.93
N GLN Y 90 -42.85 -12.09 46.65
CA GLN Y 90 -42.68 -13.06 45.58
C GLN Y 90 -41.30 -12.93 44.99
N SER Y 91 -40.86 -14.02 44.37
CA SER Y 91 -39.57 -14.06 43.71
C SER Y 91 -39.66 -13.39 42.35
N LEU Y 92 -38.52 -13.35 41.67
CA LEU Y 92 -38.43 -12.88 40.30
C LEU Y 92 -38.56 -14.06 39.35
N PHE Y 93 -39.44 -13.92 38.37
CA PHE Y 93 -39.47 -14.81 37.21
C PHE Y 93 -39.11 -14.03 35.97
N MET Z 4 18.12 -47.16 -36.07
CA MET Z 4 19.10 -48.28 -36.05
C MET Z 4 20.10 -48.14 -34.93
N ASN Z 5 20.42 -49.28 -34.34
CA ASN Z 5 21.33 -49.34 -33.20
C ASN Z 5 22.72 -49.80 -33.58
N PHE Z 6 22.84 -50.54 -34.69
CA PHE Z 6 24.16 -51.05 -35.09
C PHE Z 6 25.13 -49.91 -35.35
N ILE Z 7 24.67 -48.88 -36.05
CA ILE Z 7 25.51 -47.70 -36.25
C ILE Z 7 25.86 -47.10 -34.90
N LYS Z 8 24.85 -46.86 -34.09
CA LYS Z 8 25.04 -46.14 -32.84
C LYS Z 8 25.93 -46.91 -31.90
N ASP Z 9 25.67 -48.21 -31.76
CA ASP Z 9 26.44 -49.03 -30.83
C ASP Z 9 27.90 -49.08 -31.22
N ASN Z 10 28.18 -49.12 -32.52
CA ASN Z 10 29.54 -49.19 -33.03
C ASN Z 10 30.06 -47.85 -33.50
N SER Z 11 29.35 -46.76 -33.20
CA SER Z 11 29.75 -45.46 -33.69
C SER Z 11 31.14 -45.05 -33.20
N ARG Z 12 31.57 -45.57 -32.05
CA ARG Z 12 32.96 -45.39 -31.64
C ARG Z 12 33.91 -45.85 -32.73
N ALA Z 13 33.77 -47.12 -33.10
CA ALA Z 13 34.64 -47.71 -34.11
C ALA Z 13 34.44 -47.04 -35.45
N LEU Z 14 33.19 -46.77 -35.82
CA LEU Z 14 32.94 -46.15 -37.11
C LEU Z 14 33.59 -44.79 -37.22
N ILE Z 15 33.50 -43.99 -36.16
CA ILE Z 15 34.15 -42.68 -36.20
C ILE Z 15 35.65 -42.85 -36.33
N GLN Z 16 36.21 -43.78 -35.58
CA GLN Z 16 37.67 -43.85 -35.52
C GLN Z 16 38.30 -44.58 -36.70
N ARG Z 17 37.53 -45.34 -37.47
CA ARG Z 17 38.09 -46.28 -38.43
C ARG Z 17 37.72 -46.03 -39.88
N MET Z 18 36.54 -45.47 -40.16
CA MET Z 18 36.20 -45.16 -41.54
C MET Z 18 37.18 -44.16 -42.11
N GLY Z 19 37.87 -44.56 -43.17
CA GLY Z 19 38.73 -43.64 -43.86
C GLY Z 19 37.95 -42.49 -44.45
N MET Z 20 38.65 -41.37 -44.64
CA MET Z 20 38.09 -40.24 -45.36
C MET Z 20 37.51 -40.68 -46.70
N THR Z 21 38.25 -41.56 -47.39
CA THR Z 21 37.77 -42.11 -48.64
C THR Z 21 36.43 -42.78 -48.45
N VAL Z 22 36.36 -43.68 -47.48
CA VAL Z 22 35.14 -44.42 -47.20
C VAL Z 22 34.00 -43.46 -46.95
N ILE Z 23 34.26 -42.38 -46.23
CA ILE Z 23 33.23 -41.43 -45.91
C ILE Z 23 32.74 -40.74 -47.17
N LYS Z 24 33.67 -40.28 -48.00
CA LYS Z 24 33.29 -39.57 -49.22
C LYS Z 24 32.47 -40.46 -50.12
N GLN Z 25 32.83 -41.74 -50.17
CA GLN Z 25 32.20 -42.66 -51.12
C GLN Z 25 30.82 -43.04 -50.67
N ILE Z 26 30.69 -43.34 -49.38
CA ILE Z 26 29.38 -43.54 -48.79
C ILE Z 26 28.52 -42.33 -49.07
N THR Z 27 29.08 -41.15 -48.82
CA THR Z 27 28.37 -39.91 -49.05
C THR Z 27 27.89 -39.81 -50.49
N ASP Z 28 28.73 -40.21 -51.43
CA ASP Z 28 28.36 -40.14 -52.83
C ASP Z 28 27.18 -41.07 -53.12
N ASP Z 29 27.27 -42.32 -52.66
CA ASP Z 29 26.17 -43.25 -52.86
C ASP Z 29 24.88 -42.73 -52.27
N LEU Z 30 24.99 -42.12 -51.08
CA LEU Z 30 23.83 -41.64 -50.37
C LEU Z 30 23.21 -40.45 -51.06
N PHE Z 31 24.05 -39.58 -51.62
CA PHE Z 31 23.57 -38.45 -52.41
C PHE Z 31 22.83 -38.95 -53.65
N VAL Z 32 23.40 -39.94 -54.32
CA VAL Z 32 22.74 -40.50 -55.50
C VAL Z 32 21.44 -41.15 -55.11
N TRP Z 33 21.42 -41.77 -53.94
CA TRP Z 33 20.22 -42.42 -53.43
C TRP Z 33 19.26 -41.46 -52.74
N ASN Z 34 19.55 -40.16 -52.78
CA ASN Z 34 18.63 -39.13 -52.31
C ASN Z 34 18.30 -39.29 -50.83
N VAL Z 35 19.35 -39.45 -50.02
CA VAL Z 35 19.27 -39.28 -48.58
C VAL Z 35 20.20 -38.19 -48.08
N LEU Z 36 20.91 -37.51 -48.98
CA LEU Z 36 21.79 -36.43 -48.59
C LEU Z 36 21.60 -35.27 -49.55
N ASN Z 37 21.41 -34.11 -48.94
CA ASN Z 37 21.49 -32.85 -49.63
C ASN Z 37 22.93 -32.58 -50.00
N ARG Z 38 23.15 -32.06 -51.21
CA ARG Z 38 24.43 -31.53 -51.62
C ARG Z 38 25.12 -30.70 -50.54
N GLU Z 39 24.37 -29.90 -49.77
CA GLU Z 39 25.03 -29.22 -48.67
C GLU Z 39 25.53 -30.21 -47.64
N GLU Z 40 24.72 -31.19 -47.29
CA GLU Z 40 25.16 -32.18 -46.32
C GLU Z 40 26.39 -32.91 -46.82
N VAL Z 41 26.42 -33.16 -48.13
CA VAL Z 41 27.60 -33.74 -48.76
C VAL Z 41 28.80 -32.82 -48.56
N ASN Z 42 28.64 -31.55 -48.87
CA ASN Z 42 29.76 -30.62 -48.81
C ASN Z 42 30.23 -30.41 -47.38
N ILE Z 43 29.33 -30.56 -46.42
CA ILE Z 43 29.70 -30.31 -45.03
C ILE Z 43 30.43 -31.52 -44.47
N ILE Z 44 30.02 -32.72 -44.87
CA ILE Z 44 30.81 -33.88 -44.52
C ILE Z 44 32.18 -33.78 -45.16
N CYS Z 45 32.22 -33.39 -46.43
CA CYS Z 45 33.47 -33.42 -47.18
C CYS Z 45 34.42 -32.30 -46.80
N CYS Z 46 33.90 -31.20 -46.28
CA CYS Z 46 34.75 -30.05 -45.99
C CYS Z 46 35.56 -30.20 -44.72
N GLU Z 47 35.22 -31.15 -43.86
CA GLU Z 47 36.00 -31.35 -42.64
C GLU Z 47 37.40 -31.80 -43.01
N LYS Z 48 38.39 -30.99 -42.62
CA LYS Z 48 39.78 -31.38 -42.82
C LYS Z 48 40.15 -32.62 -42.02
N VAL Z 49 39.38 -32.95 -40.99
CA VAL Z 49 39.63 -34.10 -40.14
C VAL Z 49 38.70 -35.23 -40.55
N GLU Z 50 39.27 -36.42 -40.64
CA GLU Z 50 38.51 -37.62 -40.92
C GLU Z 50 37.38 -37.83 -39.93
N GLN Z 51 37.73 -37.83 -38.66
CA GLN Z 51 36.77 -38.25 -37.65
C GLN Z 51 35.64 -37.25 -37.51
N ASP Z 52 35.89 -35.97 -37.78
CA ASP Z 52 34.80 -35.00 -37.75
C ASP Z 52 33.82 -35.23 -38.88
N ALA Z 53 34.34 -35.54 -40.07
CA ALA Z 53 33.48 -35.95 -41.18
C ALA Z 53 32.68 -37.19 -40.81
N ALA Z 54 33.33 -38.11 -40.11
CA ALA Z 54 32.65 -39.32 -39.68
C ALA Z 54 31.50 -39.00 -38.74
N ARG Z 55 31.76 -38.13 -37.77
CA ARG Z 55 30.71 -37.74 -36.84
C ARG Z 55 29.57 -37.08 -37.58
N GLY Z 56 29.90 -36.18 -38.50
CA GLY Z 56 28.87 -35.53 -39.30
C GLY Z 56 27.97 -36.53 -39.97
N ILE Z 57 28.55 -37.46 -40.71
CA ILE Z 57 27.73 -38.41 -41.45
C ILE Z 57 26.96 -39.29 -40.48
N ILE Z 58 27.59 -39.75 -39.41
CA ILE Z 58 26.92 -40.73 -38.57
C ILE Z 58 25.72 -40.11 -37.89
N HIS Z 59 25.90 -38.97 -37.23
CA HIS Z 59 24.79 -38.35 -36.53
C HIS Z 59 23.70 -37.96 -37.51
N MET Z 60 24.10 -37.46 -38.68
CA MET Z 60 23.13 -37.11 -39.71
C MET Z 60 22.28 -38.31 -40.10
N ILE Z 61 22.92 -39.44 -40.40
CA ILE Z 61 22.17 -40.60 -40.86
C ILE Z 61 21.30 -41.15 -39.76
N LEU Z 62 21.78 -41.12 -38.52
CA LEU Z 62 20.97 -41.60 -37.41
C LEU Z 62 19.71 -40.78 -37.28
N LYS Z 63 19.82 -39.47 -37.50
CA LYS Z 63 18.64 -38.63 -37.45
C LYS Z 63 17.69 -38.88 -38.61
N LYS Z 64 18.17 -39.42 -39.73
CA LYS Z 64 17.36 -39.59 -40.91
C LYS Z 64 16.67 -40.95 -40.99
N GLY Z 65 16.73 -41.75 -39.95
CA GLY Z 65 15.85 -42.90 -39.85
C GLY Z 65 16.42 -44.23 -40.32
N SER Z 66 15.57 -45.23 -40.18
CA SER Z 66 15.94 -46.63 -40.39
C SER Z 66 16.44 -46.85 -41.81
N GLU Z 67 15.70 -46.36 -42.80
CA GLU Z 67 16.06 -46.62 -44.17
C GLU Z 67 17.36 -45.92 -44.58
N SER Z 68 17.57 -44.67 -44.15
CA SER Z 68 18.84 -44.01 -44.40
C SER Z 68 19.98 -44.78 -43.76
N CYS Z 69 19.75 -45.32 -42.56
CA CYS Z 69 20.78 -46.10 -41.89
C CYS Z 69 21.07 -47.40 -42.62
N ASN Z 70 20.03 -48.04 -43.14
CA ASN Z 70 20.22 -49.27 -43.90
C ASN Z 70 21.05 -49.01 -45.13
N LEU Z 71 20.75 -47.92 -45.84
CA LEU Z 71 21.52 -47.57 -47.02
C LEU Z 71 22.97 -47.25 -46.66
N PHE Z 72 23.17 -46.56 -45.54
CA PHE Z 72 24.51 -46.27 -45.05
C PHE Z 72 25.29 -47.55 -44.86
N LEU Z 73 24.69 -48.53 -44.20
CA LEU Z 73 25.39 -49.77 -43.94
C LEU Z 73 25.59 -50.58 -45.21
N LYS Z 74 24.66 -50.47 -46.16
CA LYS Z 74 24.83 -51.11 -47.45
C LYS Z 74 26.11 -50.65 -48.13
N SER Z 75 26.22 -49.34 -48.32
CA SER Z 75 27.40 -48.83 -49.01
C SER Z 75 28.64 -48.96 -48.15
N LEU Z 76 28.50 -48.94 -46.82
CA LEU Z 76 29.65 -49.19 -45.97
C LEU Z 76 30.21 -50.58 -46.19
N LYS Z 77 29.31 -51.55 -46.31
CA LYS Z 77 29.74 -52.91 -46.61
C LYS Z 77 30.45 -52.96 -47.94
N GLU Z 78 29.92 -52.27 -48.94
CA GLU Z 78 30.55 -52.29 -50.25
C GLU Z 78 31.96 -51.69 -50.19
N TRP Z 79 32.05 -50.44 -49.75
CA TRP Z 79 33.27 -49.68 -49.93
C TRP Z 79 34.33 -49.99 -48.88
N ASN Z 80 33.93 -50.39 -47.69
CA ASN Z 80 34.86 -50.72 -46.60
C ASN Z 80 34.46 -52.03 -45.94
N TYR Z 81 34.30 -53.04 -46.77
CA TYR Z 81 34.03 -54.41 -46.39
C TYR Z 81 34.88 -54.92 -45.23
N PRO Z 82 36.19 -54.64 -45.18
CA PRO Z 82 36.98 -55.13 -44.03
C PRO Z 82 36.48 -54.63 -42.70
N LEU Z 83 36.23 -53.33 -42.60
CA LEU Z 83 35.74 -52.76 -41.36
C LEU Z 83 34.39 -53.36 -41.00
N PHE Z 84 33.50 -53.45 -41.98
CA PHE Z 84 32.16 -53.96 -41.75
C PHE Z 84 32.20 -55.38 -41.20
N GLN Z 85 33.02 -56.23 -41.80
CA GLN Z 85 33.14 -57.59 -41.32
C GLN Z 85 33.78 -57.65 -39.95
N ASP Z 86 34.73 -56.75 -39.68
CA ASP Z 86 35.34 -56.74 -38.36
C ASP Z 86 34.36 -56.32 -37.29
N LEU Z 87 33.49 -55.36 -37.62
CA LEU Z 87 32.47 -54.92 -36.67
C LEU Z 87 31.47 -56.03 -36.38
N ASN Z 88 31.10 -56.79 -37.41
CA ASN Z 88 30.16 -57.90 -37.24
C ASN Z 88 30.85 -59.17 -36.75
N GLY Z 89 32.08 -59.09 -36.30
CA GLY Z 89 32.77 -60.26 -35.81
C GLY Z 89 32.97 -61.33 -36.86
N GLN Z 90 33.04 -60.92 -38.13
CA GLN Z 90 33.19 -61.84 -39.25
C GLN Z 90 34.61 -61.77 -39.79
N SER Z 91 35.01 -62.85 -40.45
CA SER Z 91 36.32 -62.93 -41.07
C SER Z 91 36.33 -62.16 -42.38
N LEU Z 92 37.50 -62.15 -43.01
CA LEU Z 92 37.65 -61.60 -44.34
C LEU Z 92 37.50 -62.71 -45.37
N PHE Z 93 36.67 -62.46 -46.38
CA PHE Z 93 36.64 -63.26 -47.59
C PHE Z 93 37.09 -62.44 -48.77
N MET AA 4 -63.59 41.54 26.94
CA MET AA 4 -63.69 40.53 25.85
C MET AA 4 -64.24 39.22 26.36
N ASN AA 5 -65.08 38.62 25.53
CA ASN AA 5 -65.76 37.39 25.85
C ASN AA 5 -65.13 36.17 25.19
N PHE AA 6 -64.42 36.37 24.08
CA PHE AA 6 -63.82 35.25 23.38
C PHE AA 6 -62.82 34.51 24.25
N ILE AA 7 -61.98 35.27 24.96
CA ILE AA 7 -61.07 34.65 25.91
C ILE AA 7 -61.86 33.90 26.97
N LYS AA 8 -62.82 34.59 27.57
CA LYS AA 8 -63.54 34.05 28.70
C LYS AA 8 -64.35 32.82 28.31
N ASP AA 9 -65.05 32.91 27.18
CA ASP AA 9 -65.89 31.81 26.75
C ASP AA 9 -65.07 30.56 26.45
N ASN AA 10 -63.88 30.74 25.90
CA ASN AA 10 -63.00 29.65 25.54
C ASN AA 10 -61.89 29.44 26.56
N SER AA 11 -61.98 30.08 27.72
CA SER AA 11 -60.92 29.98 28.70
C SER AA 11 -60.70 28.56 29.18
N ARG AA 12 -61.73 27.71 29.12
CA ARG AA 12 -61.53 26.28 29.36
C ARG AA 12 -60.44 25.74 28.45
N ALA AA 13 -60.66 25.88 27.15
CA ALA AA 13 -59.74 25.36 26.18
C ALA AA 13 -58.39 26.07 26.28
N LEU AA 14 -58.41 27.38 26.46
CA LEU AA 14 -57.16 28.12 26.53
C LEU AA 14 -56.31 27.66 27.71
N ILE AA 15 -56.94 27.44 28.86
CA ILE AA 15 -56.18 26.96 30.02
C ILE AA 15 -55.62 25.59 29.71
N GLN AA 16 -56.42 24.72 29.10
CA GLN AA 16 -55.98 23.34 28.98
C GLN AA 16 -55.04 23.09 27.82
N ARG AA 17 -54.95 24.01 26.85
CA ARG AA 17 -54.28 23.73 25.59
C ARG AA 17 -53.08 24.61 25.28
N MET AA 18 -53.03 25.84 25.77
CA MET AA 18 -51.85 26.67 25.52
C MET AA 18 -50.64 26.03 26.17
N GLY AA 19 -49.65 25.71 25.34
CA GLY AA 19 -48.40 25.22 25.86
C GLY AA 19 -47.72 26.25 26.75
N MET AA 20 -46.89 25.74 27.65
CA MET AA 20 -46.04 26.62 28.45
C MET AA 20 -45.26 27.57 27.56
N THR AA 21 -44.76 27.06 26.43
CA THR AA 21 -44.06 27.89 25.47
C THR AA 21 -44.95 29.03 25.01
N VAL AA 22 -46.15 28.68 24.57
CA VAL AA 22 -47.09 29.66 24.07
C VAL AA 22 -47.34 30.73 25.12
N ILE AA 23 -47.45 30.32 26.38
CA ILE AA 23 -47.72 31.26 27.45
C ILE AA 23 -46.54 32.20 27.62
N LYS AA 24 -45.33 31.66 27.67
CA LYS AA 24 -44.15 32.49 27.87
C LYS AA 24 -44.01 33.49 26.74
N GLN AA 25 -44.33 33.07 25.52
CA GLN AA 25 -44.09 33.90 24.35
C GLN AA 25 -45.11 35.01 24.26
N ILE AA 26 -46.37 34.66 24.49
CA ILE AA 26 -47.40 35.67 24.62
C ILE AA 26 -46.99 36.67 25.68
N THR AA 27 -46.56 36.16 26.83
CA THR AA 27 -46.13 37.00 27.92
C THR AA 27 -45.03 37.96 27.49
N ASP AA 28 -44.08 37.46 26.70
CA ASP AA 28 -42.99 38.30 26.23
C ASP AA 28 -43.51 39.42 25.36
N ASP AA 29 -44.35 39.07 24.37
CA ASP AA 29 -44.92 40.10 23.49
C ASP AA 29 -45.68 41.14 24.30
N LEU AA 30 -46.41 40.69 25.30
CA LEU AA 30 -47.25 41.57 26.10
C LEU AA 30 -46.41 42.48 26.97
N PHE AA 31 -45.31 41.95 27.50
CA PHE AA 31 -44.37 42.77 28.25
C PHE AA 31 -43.75 43.84 27.36
N VAL AA 32 -43.36 43.46 26.16
CA VAL AA 32 -42.80 44.43 25.22
C VAL AA 32 -43.84 45.46 24.86
N TRP AA 33 -45.09 45.04 24.74
CA TRP AA 33 -46.19 45.92 24.42
C TRP AA 33 -46.74 46.66 25.63
N ASN AA 34 -46.10 46.51 26.79
CA ASN AA 34 -46.42 47.30 27.97
C ASN AA 34 -47.86 47.08 28.43
N VAL AA 35 -48.26 45.82 28.53
CA VAL AA 35 -49.46 45.41 29.25
C VAL AA 35 -49.13 44.45 30.38
N LEU AA 36 -47.86 44.16 30.62
CA LEU AA 36 -47.47 43.29 31.71
C LEU AA 36 -46.27 43.88 32.41
N ASN AA 37 -46.41 43.95 33.73
CA ASN AA 37 -45.30 44.22 34.62
C ASN AA 37 -44.38 43.02 34.64
N ARG AA 38 -43.08 43.27 34.62
CA ARG AA 38 -42.07 42.25 34.87
C ARG AA 38 -42.43 41.32 36.01
N GLU AA 39 -43.05 41.80 37.08
CA GLU AA 39 -43.50 40.87 38.10
C GLU AA 39 -44.58 39.96 37.57
N GLU AA 40 -45.55 40.53 36.85
CA GLU AA 40 -46.60 39.71 36.28
C GLU AA 40 -46.02 38.66 35.35
N VAL AA 41 -45.00 39.06 34.60
CA VAL AA 41 -44.26 38.13 33.75
C VAL AA 41 -43.68 37.01 34.59
N ASN AA 42 -42.96 37.37 35.66
CA ASN AA 42 -42.28 36.39 36.48
C ASN AA 42 -43.26 35.47 37.18
N ILE AA 43 -44.45 35.96 37.48
CA ILE AA 43 -45.40 35.16 38.23
C ILE AA 43 -46.09 34.19 37.29
N ILE AA 44 -46.36 34.61 36.06
CA ILE AA 44 -46.84 33.65 35.08
C ILE AA 44 -45.77 32.60 34.83
N CYS AA 45 -44.51 33.03 34.70
CA CYS AA 45 -43.45 32.13 34.29
C CYS AA 45 -43.02 31.20 35.41
N CYS AA 46 -43.23 31.59 36.67
CA CYS AA 46 -42.72 30.78 37.78
C CYS AA 46 -43.59 29.58 38.08
N GLU AA 47 -44.81 29.52 37.56
CA GLU AA 47 -45.66 28.36 37.80
C GLU AA 47 -45.03 27.13 37.17
N LYS AA 48 -44.71 26.15 37.99
CA LYS AA 48 -44.21 24.89 37.47
C LYS AA 48 -45.24 24.16 36.62
N VAL AA 49 -46.51 24.50 36.77
CA VAL AA 49 -47.60 23.88 36.03
C VAL AA 49 -48.00 24.80 34.89
N GLU AA 50 -48.19 24.21 33.72
CA GLU AA 50 -48.67 24.91 32.55
C GLU AA 50 -49.98 25.61 32.82
N GLN AA 51 -50.96 24.86 33.30
CA GLN AA 51 -52.32 25.36 33.36
C GLN AA 51 -52.45 26.46 34.41
N ASP AA 52 -51.64 26.42 35.46
CA ASP AA 52 -51.68 27.51 36.43
C ASP AA 52 -51.13 28.79 35.82
N ALA AA 53 -50.05 28.70 35.06
CA ALA AA 53 -49.56 29.84 34.31
C ALA AA 53 -50.63 30.36 33.36
N ALA AA 54 -51.36 29.44 32.74
CA ALA AA 54 -52.43 29.84 31.84
C ALA AA 54 -53.51 30.60 32.57
N ARG AA 55 -53.91 30.10 33.72
CA ARG AA 55 -54.92 30.79 34.52
C ARG AA 55 -54.43 32.17 34.90
N GLY AA 56 -53.18 32.26 35.34
CA GLY AA 56 -52.61 33.54 35.70
C GLY AA 56 -52.74 34.54 34.58
N ILE AA 57 -52.25 34.17 33.40
CA ILE AA 57 -52.27 35.11 32.30
C ILE AA 57 -53.71 35.43 31.91
N ILE AA 58 -54.58 34.43 31.87
CA ILE AA 58 -55.91 34.69 31.33
C ILE AA 58 -56.68 35.64 32.24
N HIS AA 59 -56.73 35.32 33.54
CA HIS AA 59 -57.47 36.18 34.44
C HIS AA 59 -56.87 37.58 34.48
N MET AA 60 -55.54 37.64 34.48
CA MET AA 60 -54.86 38.93 34.44
C MET AA 60 -55.28 39.76 33.25
N ILE AA 61 -55.24 39.18 32.05
CA ILE AA 61 -55.55 39.94 30.86
C ILE AA 61 -57.02 40.33 30.84
N LEU AA 62 -57.89 39.45 31.32
CA LEU AA 62 -59.30 39.79 31.35
C LEU AA 62 -59.53 41.00 32.24
N LYS AA 63 -58.81 41.07 33.35
CA LYS AA 63 -58.93 42.22 34.21
C LYS AA 63 -58.37 43.50 33.59
N LYS AA 64 -57.47 43.38 32.63
CA LYS AA 64 -56.80 44.54 32.05
C LYS AA 64 -57.48 45.11 30.82
N GLY AA 65 -58.67 44.62 30.49
CA GLY AA 65 -59.50 45.32 29.53
C GLY AA 65 -59.41 44.83 28.10
N SER AA 66 -60.22 45.51 27.27
CA SER AA 66 -60.44 45.11 25.89
C SER AA 66 -59.13 45.11 25.10
N GLU AA 67 -58.36 46.19 25.21
CA GLU AA 67 -57.15 46.30 24.42
C GLU AA 67 -56.09 45.28 24.82
N SER AA 68 -55.91 45.03 26.13
CA SER AA 68 -55.00 43.99 26.56
C SER AA 68 -55.44 42.64 26.03
N CYS AA 69 -56.76 42.40 26.01
CA CYS AA 69 -57.28 41.14 25.49
C CYS AA 69 -57.05 41.01 23.99
N ASN AA 70 -57.22 42.10 23.27
CA ASN AA 70 -56.98 42.09 21.82
C ASN AA 70 -55.53 41.77 21.53
N LEU AA 71 -54.61 42.37 22.29
CA LEU AA 71 -53.20 42.08 22.10
C LEU AA 71 -52.88 40.63 22.44
N PHE AA 72 -53.49 40.13 23.50
CA PHE AA 72 -53.34 38.73 23.87
C PHE AA 72 -53.72 37.82 22.71
N LEU AA 73 -54.87 38.08 22.12
CA LEU AA 73 -55.33 37.23 21.02
C LEU AA 73 -54.48 37.40 19.78
N LYS AA 74 -53.96 38.61 19.56
CA LYS AA 74 -53.04 38.85 18.46
C LYS AA 74 -51.84 37.92 18.55
N SER AA 75 -51.13 37.99 19.67
CA SER AA 75 -49.94 37.16 19.79
C SER AA 75 -50.30 35.70 19.93
N LEU AA 76 -51.47 35.38 20.47
CA LEU AA 76 -51.89 33.97 20.51
C LEU AA 76 -52.05 33.43 19.11
N LYS AA 77 -52.63 34.24 18.22
CA LYS AA 77 -52.75 33.83 16.83
C LYS AA 77 -51.38 33.60 16.22
N GLU AA 78 -50.44 34.51 16.50
CA GLU AA 78 -49.11 34.35 15.94
C GLU AA 78 -48.45 33.08 16.42
N TRP AA 79 -48.31 32.94 17.74
CA TRP AA 79 -47.44 31.93 18.30
C TRP AA 79 -48.08 30.55 18.36
N ASN AA 80 -49.40 30.47 18.46
CA ASN AA 80 -50.13 29.20 18.54
C ASN AA 80 -51.34 29.24 17.62
N TYR AA 81 -51.08 29.60 16.38
CA TYR AA 81 -52.03 29.61 15.28
C TYR AA 81 -52.92 28.37 15.20
N PRO AA 82 -52.40 27.15 15.39
CA PRO AA 82 -53.30 25.98 15.34
C PRO AA 82 -54.41 26.04 16.35
N LEU AA 83 -54.08 26.34 17.60
CA LEU AA 83 -55.09 26.42 18.63
C LEU AA 83 -56.10 27.50 18.32
N PHE AA 84 -55.60 28.67 17.90
CA PHE AA 84 -56.47 29.80 17.61
C PHE AA 84 -57.47 29.46 16.51
N GLN AA 85 -56.99 28.82 15.45
CA GLN AA 85 -57.89 28.45 14.37
C GLN AA 85 -58.86 27.36 14.81
N ASP AA 86 -58.43 26.46 15.68
CA ASP AA 86 -59.33 25.42 16.17
C ASP AA 86 -60.43 26.02 17.03
N LEU AA 87 -60.08 27.02 17.84
CA LEU AA 87 -61.08 27.68 18.68
C LEU AA 87 -62.08 28.44 17.83
N ASN AA 88 -61.64 29.07 16.75
CA ASN AA 88 -62.53 29.79 15.86
C ASN AA 88 -63.21 28.89 14.85
N GLY AA 89 -63.13 27.58 15.02
CA GLY AA 89 -63.77 26.67 14.08
C GLY AA 89 -63.20 26.76 12.69
N GLN AA 90 -61.94 27.16 12.56
CA GLN AA 90 -61.28 27.33 11.28
C GLN AA 90 -60.30 26.19 11.04
N SER AA 91 -60.01 25.96 9.77
CA SER AA 91 -59.06 24.94 9.38
C SER AA 91 -57.63 25.45 9.58
N LEU AA 92 -56.69 24.57 9.25
CA LEU AA 92 -55.29 24.92 9.24
C LEU AA 92 -54.88 25.34 7.83
N PHE AA 93 -54.22 26.48 7.72
CA PHE AA 93 -53.50 26.86 6.51
C PHE AA 93 -52.02 26.90 6.78
N MET BA 4 56.51 -28.84 -17.89
CA MET BA 4 57.86 -28.49 -18.41
C MET BA 4 57.90 -27.09 -18.95
N ASN BA 5 59.01 -26.42 -18.68
CA ASN BA 5 59.22 -25.04 -19.07
C ASN BA 5 60.10 -24.90 -20.29
N PHE BA 6 60.96 -25.88 -20.56
CA PHE BA 6 61.87 -25.80 -21.68
C PHE BA 6 61.11 -25.67 -22.99
N ILE BA 7 60.07 -26.48 -23.16
CA ILE BA 7 59.22 -26.35 -24.34
C ILE BA 7 58.59 -24.97 -24.38
N LYS BA 8 57.99 -24.57 -23.26
CA LYS BA 8 57.22 -23.34 -23.22
C LYS BA 8 58.12 -22.13 -23.45
N ASP BA 9 59.26 -22.11 -22.77
CA ASP BA 9 60.17 -20.98 -22.88
C ASP BA 9 60.70 -20.81 -24.30
N ASN BA 10 60.95 -21.92 -24.97
CA ASN BA 10 61.47 -21.92 -26.32
C ASN BA 10 60.40 -22.16 -27.37
N SER BA 11 59.12 -22.11 -26.98
CA SER BA 11 58.05 -22.43 -27.91
C SER BA 11 58.02 -21.47 -29.08
N ARG BA 12 58.52 -20.25 -28.92
CA ARG BA 12 58.71 -19.36 -30.06
C ARG BA 12 59.55 -20.04 -31.13
N ALA BA 13 60.76 -20.45 -30.74
CA ALA BA 13 61.67 -21.07 -31.67
C ALA BA 13 61.12 -22.40 -32.18
N LEU BA 14 60.53 -23.18 -31.28
CA LEU BA 14 60.02 -24.48 -31.69
C LEU BA 14 58.92 -24.33 -32.73
N ILE BA 15 58.02 -23.37 -32.54
CA ILE BA 15 56.97 -23.16 -33.53
C ILE BA 15 57.58 -22.75 -34.84
N GLN BA 16 58.56 -21.85 -34.80
CA GLN BA 16 59.04 -21.28 -36.05
C GLN BA 16 60.04 -22.15 -36.79
N ARG BA 17 60.63 -23.16 -36.13
CA ARG BA 17 61.79 -23.86 -36.67
C ARG BA 17 61.59 -25.34 -36.92
N MET BA 18 60.73 -26.02 -36.15
CA MET BA 18 60.50 -27.43 -36.41
C MET BA 18 59.89 -27.60 -37.79
N GLY BA 19 60.59 -28.33 -38.64
CA GLY BA 19 60.04 -28.67 -39.93
C GLY BA 19 58.77 -29.49 -39.80
N MET BA 20 57.94 -29.41 -40.83
CA MET BA 20 56.78 -30.27 -40.93
C MET BA 20 57.17 -31.73 -40.76
N THR BA 21 58.29 -32.12 -41.35
CA THR BA 21 58.81 -33.46 -41.20
C THR BA 21 59.03 -33.78 -39.74
N VAL BA 22 59.76 -32.90 -39.06
CA VAL BA 22 60.08 -33.08 -37.66
C VAL BA 22 58.81 -33.26 -36.85
N ILE BA 23 57.78 -32.48 -37.18
CA ILE BA 23 56.53 -32.54 -36.44
C ILE BA 23 55.87 -33.88 -36.66
N LYS BA 24 55.79 -34.33 -37.92
CA LYS BA 24 55.14 -35.60 -38.22
C LYS BA 24 55.85 -36.74 -37.53
N GLN BA 25 57.16 -36.67 -37.46
CA GLN BA 25 57.96 -37.78 -36.95
C GLN BA 25 57.86 -37.86 -35.45
N ILE BA 26 57.98 -36.71 -34.80
CA ILE BA 26 57.72 -36.64 -33.37
C ILE BA 26 56.34 -37.20 -33.09
N THR BA 27 55.36 -36.76 -33.87
CA THR BA 27 53.99 -37.21 -33.70
C THR BA 27 53.91 -38.72 -33.80
N ASP BA 28 54.64 -39.30 -34.75
CA ASP BA 28 54.62 -40.76 -34.91
C ASP BA 28 55.18 -41.45 -33.68
N ASP BA 29 56.34 -40.99 -33.22
CA ASP BA 29 56.94 -41.58 -32.02
C ASP BA 29 55.98 -41.49 -30.85
N LEU BA 30 55.33 -40.35 -30.72
CA LEU BA 30 54.45 -40.09 -29.59
C LEU BA 30 53.20 -40.95 -29.66
N PHE BA 31 52.68 -41.16 -30.86
CA PHE BA 31 51.56 -42.06 -31.05
C PHE BA 31 51.94 -43.48 -30.68
N VAL BA 32 53.12 -43.92 -31.11
CA VAL BA 32 53.58 -45.26 -30.76
C VAL BA 32 53.78 -45.37 -29.26
N TRP BA 33 54.25 -44.29 -28.65
CA TRP BA 33 54.46 -44.25 -27.21
C TRP BA 33 53.19 -43.95 -26.43
N ASN BA 34 52.04 -43.87 -27.10
CA ASN BA 34 50.74 -43.75 -26.44
C ASN BA 34 50.63 -42.49 -25.60
N VAL BA 35 51.01 -41.36 -26.19
CA VAL BA 35 50.67 -40.05 -25.67
C VAL BA 35 49.87 -39.23 -26.67
N LEU BA 36 49.52 -39.82 -27.82
CA LEU BA 36 48.71 -39.13 -28.80
C LEU BA 36 47.66 -40.07 -29.34
N ASN BA 37 46.44 -39.58 -29.31
CA ASN BA 37 45.33 -40.17 -30.01
C ASN BA 37 45.54 -40.00 -31.50
N ARG BA 38 45.23 -41.04 -32.27
CA ARG BA 38 45.16 -40.96 -33.71
C ARG BA 38 44.45 -39.71 -34.21
N GLU BA 39 43.40 -39.25 -33.54
CA GLU BA 39 42.82 -37.98 -33.94
C GLU BA 39 43.80 -36.84 -33.73
N GLU BA 40 44.45 -36.82 -32.59
CA GLU BA 40 45.43 -35.77 -32.32
C GLU BA 40 46.53 -35.80 -33.38
N VAL BA 41 46.93 -37.01 -33.77
CA VAL BA 41 47.88 -37.17 -34.85
C VAL BA 41 47.35 -36.54 -36.12
N ASN BA 42 46.11 -36.89 -36.49
CA ASN BA 42 45.55 -36.41 -37.74
C ASN BA 42 45.34 -34.92 -37.73
N ILE BA 43 45.12 -34.34 -36.56
CA ILE BA 43 44.85 -32.91 -36.49
C ILE BA 43 46.14 -32.13 -36.57
N ILE BA 44 47.21 -32.66 -35.97
CA ILE BA 44 48.51 -32.06 -36.19
C ILE BA 44 48.89 -32.17 -37.65
N CYS BA 45 48.66 -33.34 -38.25
CA CYS BA 45 49.14 -33.58 -39.60
C CYS BA 45 48.31 -32.88 -40.65
N CYS BA 46 47.05 -32.57 -40.37
CA CYS BA 46 46.18 -31.99 -41.39
C CYS BA 46 46.43 -30.51 -41.61
N GLU BA 47 47.14 -29.84 -40.72
CA GLU BA 47 47.43 -28.43 -40.93
C GLU BA 47 48.31 -28.26 -42.16
N LYS BA 48 47.79 -27.53 -43.14
CA LYS BA 48 48.59 -27.23 -44.32
C LYS BA 48 49.79 -26.36 -43.99
N VAL BA 49 49.77 -25.67 -42.84
CA VAL BA 49 50.84 -24.80 -42.43
C VAL BA 49 51.69 -25.53 -41.39
N GLU BA 50 52.99 -25.42 -41.55
CA GLU BA 50 53.95 -25.97 -40.60
C GLU BA 50 53.70 -25.45 -39.20
N GLN BA 51 53.66 -24.14 -39.05
CA GLN BA 51 53.69 -23.54 -37.74
C GLN BA 51 52.39 -23.81 -37.00
N ASP BA 52 51.27 -23.96 -37.71
CA ASP BA 52 50.03 -24.32 -37.04
C ASP BA 52 50.09 -25.73 -36.49
N ALA BA 53 50.65 -26.65 -37.26
CA ALA BA 53 50.90 -28.00 -36.75
C ALA BA 53 51.81 -27.94 -35.53
N ALA BA 54 52.80 -27.07 -35.57
CA ALA BA 54 53.71 -26.92 -34.45
C ALA BA 54 52.97 -26.45 -33.22
N ARG BA 55 52.12 -25.45 -33.38
CA ARG BA 55 51.33 -24.96 -32.25
C ARG BA 55 50.45 -26.06 -31.70
N GLY BA 56 49.80 -26.80 -32.59
CA GLY BA 56 48.96 -27.91 -32.16
C GLY BA 56 49.71 -28.86 -31.27
N ILE BA 57 50.85 -29.35 -31.76
CA ILE BA 57 51.58 -30.34 -30.99
C ILE BA 57 52.09 -29.73 -29.70
N ILE BA 58 52.60 -28.49 -29.74
CA ILE BA 58 53.25 -27.95 -28.55
C ILE BA 58 52.23 -27.75 -27.45
N HIS BA 59 51.14 -27.06 -27.74
CA HIS BA 59 50.15 -26.81 -26.71
C HIS BA 59 49.56 -28.12 -26.20
N MET BA 60 49.32 -29.05 -27.10
CA MET BA 60 48.82 -30.36 -26.72
C MET BA 60 49.75 -31.04 -25.72
N ILE BA 61 51.04 -31.11 -26.04
CA ILE BA 61 51.97 -31.82 -25.18
C ILE BA 61 52.11 -31.10 -23.84
N LEU BA 62 52.10 -29.76 -23.87
CA LEU BA 62 52.20 -29.03 -22.61
C LEU BA 62 51.03 -29.36 -21.71
N LYS BA 63 49.85 -29.51 -22.29
CA LYS BA 63 48.70 -29.88 -21.49
C LYS BA 63 48.78 -31.30 -20.97
N LYS BA 64 49.56 -32.17 -21.61
CA LYS BA 64 49.60 -33.58 -21.25
C LYS BA 64 50.70 -33.92 -20.24
N GLY BA 65 51.37 -32.93 -19.68
CA GLY BA 65 52.19 -33.15 -18.51
C GLY BA 65 53.67 -33.40 -18.77
N SER BA 66 54.36 -33.58 -17.64
CA SER BA 66 55.82 -33.66 -17.63
C SER BA 66 56.32 -34.81 -18.48
N GLU BA 67 55.74 -35.99 -18.30
CA GLU BA 67 56.24 -37.15 -19.04
C GLU BA 67 56.01 -37.05 -20.54
N SER BA 68 54.84 -36.56 -20.96
CA SER BA 68 54.60 -36.33 -22.39
C SER BA 68 55.61 -35.33 -22.93
N CYS BA 69 55.92 -34.30 -22.15
CA CYS BA 69 56.89 -33.31 -22.58
C CYS BA 69 58.29 -33.90 -22.69
N ASN BA 70 58.66 -34.76 -21.74
CA ASN BA 70 59.96 -35.40 -21.79
C ASN BA 70 60.09 -36.27 -23.03
N LEU BA 71 59.03 -37.02 -23.35
CA LEU BA 71 59.04 -37.84 -24.55
C LEU BA 71 59.13 -36.98 -25.80
N PHE BA 72 58.41 -35.87 -25.81
CA PHE BA 72 58.48 -34.92 -26.92
C PHE BA 72 59.91 -34.47 -27.15
N LEU BA 73 60.59 -34.08 -26.08
CA LEU BA 73 61.96 -33.60 -26.23
C LEU BA 73 62.91 -34.72 -26.59
N LYS BA 74 62.64 -35.94 -26.13
CA LYS BA 74 63.44 -37.09 -26.53
C LYS BA 74 63.44 -37.25 -28.03
N SER BA 75 62.25 -37.38 -28.60
CA SER BA 75 62.19 -37.59 -30.04
C SER BA 75 62.59 -36.34 -30.81
N LEU BA 76 62.39 -35.15 -30.23
CA LEU BA 76 62.87 -33.94 -30.88
C LEU BA 76 64.38 -33.97 -31.01
N LYS BA 77 65.05 -34.41 -29.95
CA LYS BA 77 66.50 -34.55 -30.01
C LYS BA 77 66.89 -35.53 -31.09
N GLU BA 78 66.18 -36.64 -31.18
CA GLU BA 78 66.53 -37.65 -32.19
C GLU BA 78 66.37 -37.08 -33.59
N TRP BA 79 65.16 -36.62 -33.92
CA TRP BA 79 64.81 -36.34 -35.30
C TRP BA 79 65.30 -34.99 -35.79
N ASN BA 80 65.45 -34.02 -34.89
CA ASN BA 80 65.91 -32.68 -35.24
C ASN BA 80 66.97 -32.22 -34.25
N TYR BA 81 67.97 -33.05 -34.07
CA TYR BA 81 69.16 -32.80 -33.27
C TYR BA 81 69.78 -31.41 -33.47
N PRO BA 82 69.88 -30.89 -34.70
CA PRO BA 82 70.46 -29.55 -34.85
C PRO BA 82 69.70 -28.49 -34.10
N LEU BA 83 68.38 -28.48 -34.26
CA LEU BA 83 67.57 -27.49 -33.57
C LEU BA 83 67.69 -27.64 -32.07
N PHE BA 84 67.63 -28.87 -31.58
CA PHE BA 84 67.70 -29.14 -30.16
C PHE BA 84 68.99 -28.64 -29.56
N GLN BA 85 70.10 -28.90 -30.24
CA GLN BA 85 71.39 -28.43 -29.75
C GLN BA 85 71.48 -26.91 -29.83
N ASP BA 86 70.88 -26.31 -30.85
CA ASP BA 86 70.91 -24.85 -30.95
C ASP BA 86 70.11 -24.21 -29.83
N LEU BA 87 68.98 -24.83 -29.47
CA LEU BA 87 68.17 -24.30 -28.38
C LEU BA 87 68.90 -24.40 -27.06
N ASN BA 88 69.62 -25.50 -26.84
CA ASN BA 88 70.37 -25.68 -25.61
C ASN BA 88 71.73 -24.99 -25.65
N GLY BA 89 71.97 -24.12 -26.62
CA GLY BA 89 73.24 -23.43 -26.68
C GLY BA 89 74.41 -24.35 -26.90
N GLN BA 90 74.18 -25.50 -27.52
CA GLN BA 90 75.21 -26.49 -27.76
C GLN BA 90 75.61 -26.49 -29.22
N SER BA 91 76.82 -26.97 -29.46
CA SER BA 91 77.36 -27.08 -30.81
C SER BA 91 76.77 -28.29 -31.51
N LEU BA 92 77.17 -28.46 -32.76
CA LEU BA 92 76.84 -29.64 -33.54
C LEU BA 92 77.96 -30.67 -33.41
N PHE BA 93 77.57 -31.90 -33.09
CA PHE BA 93 78.46 -33.05 -33.23
C PHE BA 93 77.93 -33.98 -34.30
N MET CA 4 -31.40 53.02 58.20
CA MET CA 4 -30.83 53.46 56.89
C MET CA 4 -31.92 53.83 55.90
N ASN CA 5 -31.64 54.89 55.15
CA ASN CA 5 -32.57 55.43 54.19
C ASN CA 5 -32.24 55.03 52.75
N PHE CA 6 -30.97 54.71 52.48
CA PHE CA 6 -30.58 54.36 51.13
C PHE CA 6 -31.32 53.14 50.63
N ILE CA 7 -31.44 52.12 51.48
CA ILE CA 7 -32.23 50.94 51.12
C ILE CA 7 -33.67 51.36 50.88
N LYS CA 8 -34.23 52.09 51.84
CA LYS CA 8 -35.64 52.42 51.80
C LYS CA 8 -35.97 53.30 50.61
N ASP CA 9 -35.16 54.32 50.38
CA ASP CA 9 -35.41 55.26 49.30
C ASP CA 9 -35.35 54.57 47.95
N ASN CA 10 -34.44 53.62 47.80
CA ASN CA 10 -34.26 52.88 46.56
C ASN CA 10 -34.92 51.52 46.58
N SER CA 11 -35.75 51.23 47.58
CA SER CA 11 -36.33 49.92 47.71
C SER CA 11 -37.21 49.56 46.52
N ARG CA 12 -37.77 50.55 45.82
CA ARG CA 12 -38.42 50.28 44.56
C ARG CA 12 -37.50 49.54 43.61
N ALA CA 13 -36.36 50.17 43.33
CA ALA CA 13 -35.40 49.59 42.41
C ALA CA 13 -34.84 48.28 42.95
N LEU CA 14 -34.54 48.24 44.24
CA LEU CA 14 -33.97 47.03 44.81
C LEU CA 14 -34.93 45.86 44.68
N ILE CA 15 -36.21 46.08 44.95
CA ILE CA 15 -37.17 45.00 44.81
C ILE CA 15 -37.23 44.56 43.36
N GLN CA 16 -37.25 45.51 42.44
CA GLN CA 16 -37.51 45.14 41.05
C GLN CA 16 -36.29 44.60 40.32
N ARG CA 17 -35.08 44.82 40.84
CA ARG CA 17 -33.86 44.60 40.07
C ARG CA 17 -32.92 43.55 40.65
N MET CA 18 -32.89 43.35 41.97
CA MET CA 18 -32.04 42.31 42.52
C MET CA 18 -32.46 40.96 42.00
N GLY CA 19 -31.56 40.28 41.32
CA GLY CA 19 -31.83 38.93 40.90
C GLY CA 19 -32.05 38.01 42.08
N MET CA 20 -32.78 36.93 41.83
CA MET CA 20 -32.92 35.88 42.82
C MET CA 20 -31.56 35.42 43.32
N THR CA 21 -30.60 35.30 42.39
CA THR CA 21 -29.24 34.95 42.75
C THR CA 21 -28.69 35.93 43.76
N VAL CA 22 -28.78 37.21 43.43
CA VAL CA 22 -28.26 38.27 44.28
C VAL CA 22 -28.88 38.17 45.66
N ILE CA 23 -30.17 37.86 45.72
CA ILE CA 23 -30.86 37.80 46.99
C ILE CA 23 -30.32 36.63 47.80
N LYS CA 24 -30.21 35.45 47.17
CA LYS CA 24 -29.73 34.28 47.88
C LYS CA 24 -28.33 34.50 48.41
N GLN CA 25 -27.51 35.19 47.64
CA GLN CA 25 -26.10 35.33 47.99
C GLN CA 25 -25.93 36.33 49.12
N ILE CA 26 -26.62 37.46 49.01
CA ILE CA 26 -26.68 38.39 50.11
C ILE CA 26 -27.13 37.67 51.35
N THR CA 27 -28.20 36.90 51.22
CA THR CA 27 -28.75 36.14 52.34
C THR CA 27 -27.69 35.24 52.95
N ASP CA 28 -26.90 34.59 52.11
CA ASP CA 28 -25.85 33.70 52.62
C ASP CA 28 -24.83 34.49 53.42
N ASP CA 29 -24.33 35.58 52.86
CA ASP CA 29 -23.37 36.41 53.58
C ASP CA 29 -23.92 36.87 54.91
N LEU CA 30 -25.19 37.25 54.91
CA LEU CA 30 -25.82 37.79 56.10
C LEU CA 30 -26.01 36.72 57.15
N PHE CA 31 -26.34 35.51 56.72
CA PHE CA 31 -26.44 34.38 57.64
C PHE CA 31 -25.09 34.08 58.26
N VAL CA 32 -24.04 34.09 57.45
CA VAL CA 32 -22.70 33.85 57.97
C VAL CA 32 -22.32 34.95 58.93
N TRP CA 33 -22.73 36.17 58.63
CA TRP CA 33 -22.45 37.32 59.47
C TRP CA 33 -23.42 37.46 60.63
N ASN CA 34 -24.32 36.49 60.81
CA ASN CA 34 -25.18 36.43 62.00
C ASN CA 34 -26.08 37.65 62.11
N VAL CA 35 -26.74 37.99 61.00
CA VAL CA 35 -27.88 38.89 61.02
C VAL CA 35 -29.14 38.23 60.47
N LEU CA 36 -29.06 36.94 60.13
CA LEU CA 36 -30.22 36.23 59.66
C LEU CA 36 -30.29 34.87 60.30
N ASN CA 37 -31.46 34.59 60.83
CA ASN CA 37 -31.83 33.26 61.27
C ASN CA 37 -32.00 32.38 60.05
N ARG CA 38 -31.52 31.14 60.13
CA ARG CA 38 -31.81 30.10 59.15
C ARG CA 38 -33.26 30.09 58.71
N GLU CA 39 -34.21 30.34 59.61
CA GLU CA 39 -35.59 30.44 59.14
C GLU CA 39 -35.76 31.64 58.22
N GLU CA 40 -35.21 32.78 58.61
CA GLU CA 40 -35.30 33.96 57.77
C GLU CA 40 -34.69 33.70 56.41
N VAL CA 41 -33.58 32.96 56.41
CA VAL CA 41 -32.94 32.53 55.17
C VAL CA 41 -33.92 31.71 54.35
N ASN CA 42 -34.53 30.70 54.97
CA ASN CA 42 -35.40 29.79 54.25
C ASN CA 42 -36.64 30.49 53.75
N ILE CA 43 -37.08 31.53 54.44
CA ILE CA 43 -38.31 32.20 54.06
C ILE CA 43 -38.04 33.14 52.91
N ILE CA 44 -36.88 33.78 52.91
CA ILE CA 44 -36.48 34.55 51.73
C ILE CA 44 -36.33 33.61 50.55
N CYS CA 45 -35.69 32.47 50.76
CA CYS CA 45 -35.34 31.58 49.66
C CYS CA 45 -36.55 30.82 49.13
N CYS CA 46 -37.57 30.62 49.95
CA CYS CA 46 -38.69 29.79 49.52
C CYS CA 46 -39.65 30.52 48.60
N GLU CA 47 -39.58 31.84 48.50
CA GLU CA 47 -40.45 32.56 47.60
C GLU CA 47 -40.15 32.17 46.17
N LYS CA 48 -41.14 31.60 45.49
CA LYS CA 48 -40.99 31.28 44.08
C LYS CA 48 -40.80 32.53 43.23
N VAL CA 49 -41.18 33.69 43.74
CA VAL CA 49 -41.07 34.95 43.03
C VAL CA 49 -39.86 35.70 43.55
N GLU CA 50 -39.08 36.24 42.61
CA GLU CA 50 -37.94 37.07 42.92
C GLU CA 50 -38.32 38.24 43.82
N GLN CA 51 -39.29 39.01 43.38
CA GLN CA 51 -39.58 40.27 44.03
C GLN CA 51 -40.14 40.07 45.42
N ASP CA 52 -40.85 38.97 45.65
CA ASP CA 52 -41.32 38.69 47.00
C ASP CA 52 -40.17 38.38 47.94
N ALA CA 53 -39.20 37.60 47.46
CA ALA CA 53 -37.99 37.37 48.22
C ALA CA 53 -37.28 38.69 48.51
N ALA CA 54 -37.28 39.58 47.52
CA ALA CA 54 -36.65 40.87 47.69
C ALA CA 54 -37.34 41.66 48.77
N ARG CA 55 -38.67 41.68 48.75
CA ARG CA 55 -39.41 42.39 49.78
C ARG CA 55 -39.12 41.80 51.15
N GLY CA 56 -39.10 40.48 51.24
CA GLY CA 56 -38.78 39.82 52.49
C GLY CA 56 -37.48 40.31 53.06
N ILE CA 57 -36.42 40.22 52.25
CA ILE CA 57 -35.12 40.59 52.76
C ILE CA 57 -35.07 42.07 53.08
N ILE CA 58 -35.66 42.92 52.23
CA ILE CA 58 -35.48 44.35 52.44
C ILE CA 58 -36.17 44.78 53.72
N HIS CA 59 -37.44 44.42 53.88
CA HIS CA 59 -38.17 44.85 55.07
C HIS CA 59 -37.52 44.26 56.31
N MET CA 60 -37.09 43.00 56.23
CA MET CA 60 -36.40 42.36 57.34
C MET CA 60 -35.17 43.15 57.76
N ILE CA 61 -34.31 43.49 56.80
CA ILE CA 61 -33.06 44.16 57.14
C ILE CA 61 -33.34 45.56 57.65
N LEU CA 62 -34.34 46.23 57.10
CA LEU CA 62 -34.67 47.56 57.59
C LEU CA 62 -35.09 47.50 59.04
N LYS CA 63 -35.83 46.46 59.41
CA LYS CA 63 -36.22 46.31 60.80
C LYS CA 63 -35.04 45.98 61.70
N LYS CA 64 -33.97 45.42 61.16
CA LYS CA 64 -32.85 44.97 61.97
C LYS CA 64 -31.75 46.01 62.16
N GLY CA 65 -31.98 47.24 61.73
CA GLY CA 65 -31.13 48.33 62.14
C GLY CA 65 -30.00 48.71 61.19
N SER CA 66 -29.28 49.73 61.63
CA SER CA 66 -28.25 50.37 60.82
C SER CA 66 -27.17 49.39 60.40
N GLU CA 67 -26.65 48.63 61.36
CA GLU CA 67 -25.55 47.72 61.05
C GLU CA 67 -25.97 46.59 60.11
N SER CA 68 -27.15 46.01 60.31
CA SER CA 68 -27.65 45.00 59.37
C SER CA 68 -27.79 45.59 57.99
N CYS CA 69 -28.24 46.84 57.91
CA CYS CA 69 -28.40 47.49 56.61
C CYS CA 69 -27.05 47.75 55.96
N ASN CA 70 -26.06 48.14 56.75
CA ASN CA 70 -24.73 48.37 56.22
C ASN CA 70 -24.15 47.09 55.65
N LEU CA 71 -24.33 45.98 56.38
CA LEU CA 71 -23.85 44.70 55.89
C LEU CA 71 -24.58 44.29 54.61
N PHE CA 72 -25.89 44.54 54.56
CA PHE CA 72 -26.66 44.27 53.37
C PHE CA 72 -26.09 45.00 52.17
N LEU CA 73 -25.80 46.28 52.34
CA LEU CA 73 -25.28 47.05 51.22
C LEU CA 73 -23.86 46.65 50.87
N LYS CA 74 -23.08 46.22 51.85
CA LYS CA 74 -21.75 45.70 51.60
C LYS CA 74 -21.80 44.52 50.63
N SER CA 75 -22.56 43.50 51.00
CA SER CA 75 -22.62 42.33 50.15
C SER CA 75 -23.37 42.62 48.86
N LEU CA 76 -24.32 43.57 48.87
CA LEU CA 76 -24.97 43.94 47.63
C LEU CA 76 -23.98 44.54 46.66
N LYS CA 77 -23.07 45.37 47.17
CA LYS CA 77 -22.03 45.92 46.33
C LYS CA 77 -21.17 44.83 45.76
N GLU CA 78 -20.81 43.85 46.58
CA GLU CA 78 -19.97 42.76 46.10
C GLU CA 78 -20.67 41.98 45.01
N TRP CA 79 -21.83 41.43 45.30
CA TRP CA 79 -22.44 40.42 44.45
C TRP CA 79 -23.18 41.01 43.26
N ASN CA 80 -23.69 42.23 43.38
CA ASN CA 80 -24.42 42.89 42.30
C ASN CA 80 -23.95 44.33 42.16
N TYR CA 81 -22.64 44.47 42.04
CA TYR CA 81 -21.95 45.73 41.78
C TYR CA 81 -22.60 46.59 40.69
N PRO CA 82 -23.05 46.04 39.56
CA PRO CA 82 -23.69 46.90 38.55
C PRO CA 82 -24.90 47.64 39.08
N LEU CA 83 -25.79 46.93 39.76
CA LEU CA 83 -26.98 47.57 40.29
C LEU CA 83 -26.60 48.63 41.30
N PHE CA 84 -25.67 48.28 42.20
CA PHE CA 84 -25.26 49.21 43.25
C PHE CA 84 -24.71 50.49 42.67
N GLN CA 85 -23.85 50.38 41.67
CA GLN CA 85 -23.31 51.57 41.03
C GLN CA 85 -24.37 52.35 40.29
N ASP CA 86 -25.34 51.66 39.70
CA ASP CA 86 -26.40 52.36 38.99
C ASP CA 86 -27.29 53.13 39.97
N LEU CA 87 -27.53 52.55 41.15
CA LEU CA 87 -28.32 53.23 42.16
C LEU CA 87 -27.62 54.46 42.68
N ASN CA 88 -26.30 54.38 42.86
CA ASN CA 88 -25.51 55.51 43.33
C ASN CA 88 -25.13 56.47 42.22
N GLY CA 89 -25.74 56.34 41.04
CA GLY CA 89 -25.42 57.23 39.95
C GLY CA 89 -23.99 57.14 39.48
N GLN CA 90 -23.36 55.98 39.67
CA GLN CA 90 -21.97 55.77 39.32
C GLN CA 90 -21.88 54.90 38.07
N SER CA 91 -20.75 55.02 37.39
CA SER CA 91 -20.49 54.26 36.20
C SER CA 91 -20.06 52.84 36.57
N LEU CA 92 -19.81 52.04 35.54
CA LEU CA 92 -19.26 50.71 35.70
C LEU CA 92 -17.74 50.78 35.55
N PHE CA 93 -17.05 50.18 36.51
CA PHE CA 93 -15.62 49.90 36.38
C PHE CA 93 -15.41 48.41 36.35
N MET DA 4 48.26 1.99 -51.42
CA MET DA 4 48.36 1.99 -52.91
C MET DA 4 47.10 1.49 -53.56
N ASN DA 5 46.76 2.15 -54.67
CA ASN DA 5 45.54 1.86 -55.41
C ASN DA 5 45.79 1.03 -56.65
N PHE DA 6 47.01 1.09 -57.20
CA PHE DA 6 47.32 0.35 -58.42
C PHE DA 6 47.12 -1.14 -58.22
N ILE DA 7 47.61 -1.67 -57.09
CA ILE DA 7 47.38 -3.07 -56.78
C ILE DA 7 45.89 -3.32 -56.67
N LYS DA 8 45.21 -2.50 -55.88
CA LYS DA 8 43.81 -2.74 -55.57
C LYS DA 8 42.95 -2.63 -56.81
N ASP DA 9 43.19 -1.59 -57.61
CA ASP DA 9 42.38 -1.37 -58.80
C ASP DA 9 42.53 -2.51 -59.79
N ASN DA 10 43.74 -3.05 -59.90
CA ASN DA 10 44.03 -4.13 -60.83
C ASN DA 10 44.06 -5.48 -60.15
N SER DA 11 43.61 -5.57 -58.90
CA SER DA 11 43.71 -6.83 -58.17
C SER DA 11 42.91 -7.94 -58.84
N ARG DA 12 41.87 -7.60 -59.60
CA ARG DA 12 41.21 -8.60 -60.43
C ARG DA 12 42.23 -9.31 -61.32
N ALA DA 13 42.91 -8.52 -62.14
CA ALA DA 13 43.87 -9.06 -63.08
C ALA DA 13 45.03 -9.72 -62.35
N LEU DA 14 45.52 -9.09 -61.28
CA LEU DA 14 46.64 -9.65 -60.57
C LEU DA 14 46.30 -11.01 -59.99
N ILE DA 15 45.10 -11.16 -59.41
CA ILE DA 15 44.72 -12.46 -58.87
C ILE DA 15 44.64 -13.47 -60.00
N GLN DA 16 44.07 -13.08 -61.14
CA GLN DA 16 43.79 -14.09 -62.16
C GLN DA 16 45.00 -14.41 -63.02
N ARG DA 17 46.04 -13.59 -63.02
CA ARG DA 17 47.10 -13.69 -64.01
C ARG DA 17 48.49 -13.98 -63.46
N MET DA 18 48.80 -13.57 -62.24
CA MET DA 18 50.10 -13.90 -61.67
C MET DA 18 50.26 -15.40 -61.55
N GLY DA 19 51.25 -15.94 -62.23
CA GLY DA 19 51.55 -17.35 -62.07
C GLY DA 19 51.95 -17.67 -60.65
N MET DA 20 51.75 -18.94 -60.29
CA MET DA 20 52.25 -19.44 -59.02
C MET DA 20 53.72 -19.13 -58.86
N THR DA 21 54.48 -19.30 -59.94
CA THR DA 21 55.89 -18.96 -59.94
C THR DA 21 56.09 -17.52 -59.53
N VAL DA 22 55.39 -16.63 -60.22
CA VAL DA 22 55.50 -15.20 -59.98
C VAL DA 22 55.22 -14.90 -58.52
N ILE DA 23 54.21 -15.58 -57.97
CA ILE DA 23 53.83 -15.33 -56.59
C ILE DA 23 54.95 -15.77 -55.65
N LYS DA 24 55.48 -16.98 -55.87
CA LYS DA 24 56.54 -17.48 -55.00
C LYS DA 24 57.76 -16.59 -55.04
N GLN DA 25 58.06 -16.06 -56.21
CA GLN DA 25 59.28 -15.29 -56.41
C GLN DA 25 59.16 -13.92 -55.79
N ILE DA 26 58.03 -13.27 -56.03
CA ILE DA 26 57.72 -12.04 -55.34
C ILE DA 26 57.83 -12.26 -53.84
N THR DA 27 57.21 -13.34 -53.37
CA THR DA 27 57.24 -13.67 -51.96
C THR DA 27 58.67 -13.79 -51.45
N ASP DA 28 59.53 -14.41 -52.24
CA ASP DA 28 60.92 -14.58 -51.83
C ASP DA 28 61.60 -13.22 -51.70
N ASP DA 29 61.46 -12.37 -52.71
CA ASP DA 29 62.06 -11.05 -52.66
C ASP DA 29 61.56 -10.29 -51.44
N LEU DA 30 60.28 -10.40 -51.16
CA LEU DA 30 59.66 -9.66 -50.08
C LEU DA 30 60.12 -10.17 -48.73
N PHE DA 31 60.31 -11.48 -48.62
CA PHE DA 31 60.86 -12.05 -47.40
C PHE DA 31 62.28 -11.57 -47.18
N VAL DA 32 63.08 -11.55 -48.24
CA VAL DA 32 64.45 -11.05 -48.12
C VAL DA 32 64.45 -9.58 -47.75
N TRP DA 33 63.48 -8.84 -48.28
CA TRP DA 33 63.35 -7.43 -48.00
C TRP DA 33 62.61 -7.15 -46.70
N ASN DA 34 62.27 -8.19 -45.93
CA ASN DA 34 61.72 -8.04 -44.59
C ASN DA 34 60.39 -7.29 -44.60
N VAL DA 35 59.50 -7.71 -45.49
CA VAL DA 35 58.09 -7.36 -45.42
C VAL DA 35 57.20 -8.57 -45.29
N LEU DA 36 57.78 -9.76 -45.19
CA LEU DA 36 57.00 -10.96 -45.01
C LEU DA 36 57.65 -11.83 -43.96
N ASN DA 37 56.83 -12.25 -43.03
CA ASN DA 37 57.16 -13.30 -42.09
C ASN DA 37 57.21 -14.63 -42.83
N ARG DA 38 58.20 -15.44 -42.50
CA ARG DA 38 58.27 -16.82 -42.95
C ARG DA 38 56.92 -17.54 -42.88
N GLU DA 39 56.11 -17.28 -41.86
CA GLU DA 39 54.78 -17.88 -41.87
C GLU DA 39 53.95 -17.33 -43.02
N GLU DA 40 53.99 -16.02 -43.22
CA GLU DA 40 53.25 -15.43 -44.32
C GLU DA 40 53.71 -16.01 -45.64
N VAL DA 41 55.02 -16.24 -45.77
CA VAL DA 41 55.57 -16.92 -46.92
C VAL DA 41 54.95 -18.30 -47.07
N ASN DA 42 54.97 -19.08 -46.00
CA ASN DA 42 54.50 -20.45 -46.06
C ASN DA 42 53.01 -20.52 -46.34
N ILE DA 43 52.27 -19.51 -45.92
CA ILE DA 43 50.83 -19.54 -46.10
C ILE DA 43 50.48 -19.15 -47.52
N ILE DA 44 51.21 -18.21 -48.10
CA ILE DA 44 51.03 -17.95 -49.51
C ILE DA 44 51.41 -19.18 -50.31
N CYS DA 45 52.51 -19.82 -49.95
CA CYS DA 45 53.05 -20.91 -50.75
C CYS DA 45 52.25 -22.19 -50.60
N CYS DA 46 51.56 -22.36 -49.47
CA CYS DA 46 50.87 -23.63 -49.22
C CYS DA 46 49.56 -23.76 -49.98
N GLU DA 47 49.03 -22.68 -50.52
CA GLU DA 47 47.80 -22.76 -51.28
C GLU DA 47 48.02 -23.61 -52.52
N LYS DA 48 47.30 -24.71 -52.63
CA LYS DA 48 47.37 -25.53 -53.82
C LYS DA 48 46.85 -24.80 -55.05
N VAL DA 49 46.06 -23.74 -54.85
CA VAL DA 49 45.50 -22.95 -55.94
C VAL DA 49 46.31 -21.69 -56.11
N GLU DA 50 46.60 -21.37 -57.36
CA GLU DA 50 47.29 -20.14 -57.72
C GLU DA 50 46.57 -18.92 -57.19
N GLN DA 51 45.31 -18.80 -57.52
CA GLN DA 51 44.59 -17.57 -57.26
C GLN DA 51 44.40 -17.34 -55.78
N ASP DA 52 44.30 -18.39 -54.99
CA ASP DA 52 44.20 -18.21 -53.54
C ASP DA 52 45.50 -17.67 -52.97
N ALA DA 53 46.63 -18.19 -53.45
CA ALA DA 53 47.92 -17.63 -53.08
C ALA DA 53 48.00 -16.17 -53.49
N ALA DA 54 47.45 -15.85 -54.67
CA ALA DA 54 47.46 -14.48 -55.13
C ALA DA 54 46.65 -13.59 -54.20
N ARG DA 55 45.48 -14.05 -53.81
CA ARG DA 55 44.66 -13.27 -52.89
C ARG DA 55 45.40 -13.07 -51.58
N GLY DA 56 46.00 -14.13 -51.06
CA GLY DA 56 46.76 -14.03 -49.84
C GLY DA 56 47.80 -12.94 -49.91
N ILE DA 57 48.64 -12.97 -50.93
CA ILE DA 57 49.70 -11.99 -51.01
C ILE DA 57 49.13 -10.61 -51.22
N ILE DA 58 48.10 -10.47 -52.07
CA ILE DA 58 47.65 -9.13 -52.41
C ILE DA 58 47.04 -8.46 -51.19
N HIS DA 59 46.10 -9.13 -50.53
CA HIS DA 59 45.47 -8.52 -49.38
C HIS DA 59 46.49 -8.25 -48.29
N MET DA 60 47.41 -9.18 -48.09
CA MET DA 60 48.47 -8.99 -47.11
C MET DA 60 49.27 -7.74 -47.39
N ILE DA 61 49.73 -7.56 -48.62
CA ILE DA 61 50.58 -6.43 -48.94
C ILE DA 61 49.79 -5.13 -48.85
N LEU DA 62 48.52 -5.16 -49.25
CA LEU DA 62 47.71 -3.96 -49.14
C LEU DA 62 47.59 -3.52 -47.69
N LYS DA 63 47.46 -4.49 -46.79
CA LYS DA 63 47.39 -4.15 -45.38
C LYS DA 63 48.72 -3.63 -44.84
N LYS DA 64 49.84 -3.95 -45.48
CA LYS DA 64 51.15 -3.60 -44.97
C LYS DA 64 51.67 -2.27 -45.49
N GLY DA 65 50.85 -1.51 -46.20
CA GLY DA 65 51.18 -0.12 -46.47
C GLY DA 65 51.86 0.17 -47.80
N SER DA 66 52.12 1.47 -47.97
CA SER DA 66 52.61 2.00 -49.23
C SER DA 66 53.94 1.38 -49.62
N GLU DA 67 54.88 1.34 -48.68
CA GLU DA 67 56.20 0.83 -49.02
C GLU DA 67 56.21 -0.65 -49.35
N SER DA 68 55.45 -1.46 -48.60
CA SER DA 68 55.33 -2.87 -48.95
C SER DA 68 54.72 -3.03 -50.33
N CYS DA 69 53.75 -2.18 -50.66
CA CYS DA 69 53.13 -2.25 -51.97
C CYS DA 69 54.11 -1.85 -53.07
N ASN DA 70 54.93 -0.84 -52.81
CA ASN DA 70 55.92 -0.41 -53.79
C ASN DA 70 56.91 -1.53 -54.05
N LEU DA 71 57.36 -2.21 -53.00
CA LEU DA 71 58.28 -3.31 -53.16
C LEU DA 71 57.62 -4.46 -53.93
N PHE DA 72 56.36 -4.73 -53.64
CA PHE DA 72 55.60 -5.74 -54.36
C PHE DA 72 55.61 -5.44 -55.85
N LEU DA 73 55.32 -4.19 -56.21
CA LEU DA 73 55.27 -3.85 -57.62
C LEU DA 73 56.65 -3.85 -58.25
N LYS DA 74 57.67 -3.52 -57.48
CA LYS DA 74 59.04 -3.60 -57.96
C LYS DA 74 59.36 -5.01 -58.42
N SER DA 75 59.21 -5.97 -57.52
CA SER DA 75 59.56 -7.33 -57.89
C SER DA 75 58.56 -7.90 -58.88
N LEU DA 76 57.32 -7.44 -58.88
CA LEU DA 76 56.38 -7.88 -59.90
C LEU DA 76 56.85 -7.46 -61.28
N LYS DA 77 57.34 -6.23 -61.38
CA LYS DA 77 57.89 -5.77 -62.65
C LYS DA 77 59.07 -6.64 -63.06
N GLU DA 78 59.93 -6.97 -62.12
CA GLU DA 78 61.09 -7.79 -62.45
C GLU DA 78 60.66 -9.16 -62.96
N TRP DA 79 59.92 -9.89 -62.14
CA TRP DA 79 59.71 -11.31 -62.38
C TRP DA 79 58.61 -11.59 -63.40
N ASN DA 80 57.63 -10.71 -63.53
CA ASN DA 80 56.53 -10.86 -64.47
C ASN DA 80 56.28 -9.57 -65.22
N TYR DA 81 57.35 -9.04 -65.80
CA TYR DA 81 57.35 -7.87 -66.65
C TYR DA 81 56.24 -7.84 -67.70
N PRO DA 82 55.92 -8.95 -68.37
CA PRO DA 82 54.82 -8.88 -69.35
C PRO DA 82 53.51 -8.46 -68.75
N LEU DA 83 53.14 -9.07 -67.63
CA LEU DA 83 51.88 -8.72 -66.98
C LEU DA 83 51.90 -7.27 -66.53
N PHE DA 84 53.00 -6.85 -65.93
CA PHE DA 84 53.12 -5.49 -65.42
C PHE DA 84 52.94 -4.47 -66.54
N GLN DA 85 53.59 -4.71 -67.67
CA GLN DA 85 53.45 -3.79 -68.79
C GLN DA 85 52.05 -3.83 -69.38
N ASP DA 86 51.41 -5.00 -69.37
CA ASP DA 86 50.05 -5.09 -69.89
C ASP DA 86 49.08 -4.33 -68.99
N LEU DA 87 49.30 -4.39 -67.68
CA LEU DA 87 48.46 -3.67 -66.75
C LEU DA 87 48.62 -2.17 -66.91
N ASN DA 88 49.83 -1.71 -67.14
CA ASN DA 88 50.09 -0.29 -67.34
C ASN DA 88 49.84 0.16 -68.76
N GLY DA 89 49.18 -0.67 -69.58
CA GLY DA 89 48.89 -0.28 -70.94
C GLY DA 89 50.13 -0.06 -71.78
N GLN DA 90 51.23 -0.72 -71.43
CA GLN DA 90 52.50 -0.57 -72.11
C GLN DA 90 52.77 -1.79 -72.98
N SER DA 91 53.61 -1.59 -73.98
CA SER DA 91 54.01 -2.66 -74.87
C SER DA 91 55.07 -3.53 -74.21
N LEU DA 92 55.49 -4.55 -74.95
CA LEU DA 92 56.60 -5.39 -74.55
C LEU DA 92 57.89 -4.87 -75.18
N PHE DA 93 58.91 -4.72 -74.35
CA PHE DA 93 60.27 -4.52 -74.83
C PHE DA 93 61.12 -5.70 -74.44
N MET EA 4 -45.63 12.71 76.02
CA MET EA 4 -44.15 12.56 75.92
C MET EA 4 -43.44 13.89 76.04
N ASN EA 5 -42.31 13.85 76.75
CA ASN EA 5 -41.54 15.03 77.03
C ASN EA 5 -40.31 15.15 76.14
N PHE EA 6 -39.82 14.04 75.60
CA PHE EA 6 -38.62 14.06 74.77
C PHE EA 6 -38.83 14.93 73.55
N ILE EA 7 -39.98 14.78 72.89
CA ILE EA 7 -40.31 15.64 71.77
C ILE EA 7 -40.36 17.09 72.23
N LYS EA 8 -41.11 17.34 73.29
CA LYS EA 8 -41.36 18.70 73.75
C LYS EA 8 -40.07 19.36 74.19
N ASP EA 9 -39.27 18.65 74.99
CA ASP EA 9 -38.05 19.22 75.52
C ASP EA 9 -37.08 19.59 74.41
N ASN EA 10 -37.02 18.77 73.37
CA ASN EA 10 -36.13 18.97 72.24
C ASN EA 10 -36.83 19.59 71.05
N SER EA 11 -38.06 20.07 71.22
CA SER EA 11 -38.80 20.60 70.08
C SER EA 11 -38.12 21.80 69.45
N ARG EA 12 -37.30 22.53 70.20
CA ARG EA 12 -36.47 23.55 69.59
C ARG EA 12 -35.62 22.95 68.47
N ALA EA 13 -34.82 21.95 68.84
CA ALA EA 13 -33.94 21.31 67.87
C ALA EA 13 -34.73 20.63 66.78
N LEU EA 14 -35.81 19.94 67.15
CA LEU EA 14 -36.58 19.23 66.14
C LEU EA 14 -37.16 20.18 65.12
N ILE EA 15 -37.68 21.32 65.56
CA ILE EA 15 -38.22 22.28 64.61
C ILE EA 15 -37.10 22.79 63.70
N GLN EA 16 -35.94 23.08 64.28
CA GLN EA 16 -34.93 23.74 63.49
C GLN EA 16 -34.11 22.80 62.62
N ARG EA 17 -34.15 21.50 62.86
CA ARG EA 17 -33.21 20.57 62.25
C ARG EA 17 -33.83 19.50 61.38
N MET EA 18 -35.06 19.07 61.63
CA MET EA 18 -35.68 18.09 60.75
C MET EA 18 -35.83 18.66 59.35
N GLY EA 19 -35.20 18.01 58.40
CA GLY EA 19 -35.40 18.39 57.01
C GLY EA 19 -36.84 18.23 56.59
N MET EA 20 -37.21 19.02 55.58
CA MET EA 20 -38.51 18.85 54.93
C MET EA 20 -38.72 17.41 54.54
N THR EA 21 -37.68 16.77 53.99
CA THR EA 21 -37.74 15.36 53.65
C THR EA 21 -38.13 14.53 54.85
N VAL EA 22 -37.40 14.72 55.94
CA VAL EA 22 -37.63 13.97 57.16
C VAL EA 22 -39.07 14.14 57.60
N ILE EA 23 -39.59 15.35 57.48
CA ILE EA 23 -40.95 15.62 57.92
C ILE EA 23 -41.94 14.87 57.05
N LYS EA 24 -41.76 14.95 55.73
CA LYS EA 24 -42.68 14.27 54.82
C LYS EA 24 -42.68 12.78 55.04
N GLN EA 25 -41.52 12.23 55.33
CA GLN EA 25 -41.37 10.78 55.44
C GLN EA 25 -41.97 10.27 56.73
N ILE EA 26 -41.66 10.97 57.82
CA ILE EA 26 -42.32 10.69 59.09
C ILE EA 26 -43.82 10.74 58.89
N THR EA 27 -44.28 11.80 58.23
CA THR EA 27 -45.70 11.99 57.97
C THR EA 27 -46.27 10.80 57.22
N ASP EA 28 -45.53 10.29 56.24
CA ASP EA 28 -46.01 9.15 55.47
C ASP EA 28 -46.14 7.92 56.35
N ASP EA 29 -45.12 7.62 57.14
CA ASP EA 29 -45.18 6.48 58.04
C ASP EA 29 -46.36 6.60 58.99
N LEU EA 30 -46.58 7.81 59.49
CA LEU EA 30 -47.62 8.05 60.47
C LEU EA 30 -49.00 7.92 59.85
N PHE EA 31 -49.15 8.37 58.60
CA PHE EA 31 -50.39 8.17 57.87
C PHE EA 31 -50.67 6.71 57.66
N VAL EA 32 -49.64 5.95 57.27
CA VAL EA 32 -49.82 4.51 57.07
C VAL EA 32 -50.17 3.86 58.39
N TRP EA 33 -49.59 4.34 59.47
CA TRP EA 33 -49.84 3.82 60.81
C TRP EA 33 -51.10 4.39 61.43
N ASN EA 34 -51.87 5.19 60.69
CA ASN EA 34 -53.18 5.65 61.13
C ASN EA 34 -53.10 6.48 62.41
N VAL EA 35 -52.18 7.44 62.41
CA VAL EA 35 -52.19 8.52 63.39
C VAL EA 35 -52.30 9.87 62.72
N LEU EA 36 -52.43 9.92 61.41
CA LEU EA 36 -52.60 11.18 60.70
C LEU EA 36 -53.68 11.03 59.66
N ASN EA 37 -54.59 11.99 59.71
CA ASN EA 37 -55.55 12.21 58.66
C ASN EA 37 -54.83 12.76 57.43
N ARG EA 38 -55.21 12.26 56.25
CA ARG EA 38 -54.79 12.84 54.99
C ARG EA 38 -54.80 14.35 54.98
N GLU EA 39 -55.79 15.00 55.61
CA GLU EA 39 -55.72 16.44 55.70
C GLU EA 39 -54.53 16.88 56.53
N GLU EA 40 -54.32 16.24 57.67
CA GLU EA 40 -53.17 16.58 58.50
C GLU EA 40 -51.89 16.41 57.72
N VAL EA 41 -51.83 15.36 56.91
CA VAL EA 41 -50.70 15.13 56.02
C VAL EA 41 -50.54 16.31 55.08
N ASN EA 42 -51.63 16.69 54.42
CA ASN EA 42 -51.55 17.74 53.42
C ASN EA 42 -51.21 19.09 54.03
N ILE EA 43 -51.59 19.29 55.29
CA ILE EA 43 -51.35 20.58 55.92
C ILE EA 43 -49.91 20.66 56.38
N ILE EA 44 -49.35 19.56 56.86
CA ILE EA 44 -47.92 19.55 57.13
C ILE EA 44 -47.16 19.75 55.83
N CYS EA 45 -47.58 19.09 54.77
CA CYS EA 45 -46.81 19.09 53.53
C CYS EA 45 -46.95 20.40 52.77
N CYS EA 46 -48.04 21.13 52.96
CA CYS EA 46 -48.28 22.33 52.17
C CYS EA 46 -47.46 23.52 52.64
N GLU EA 47 -46.90 23.48 53.84
CA GLU EA 47 -46.08 24.58 54.30
C GLU EA 47 -44.86 24.72 53.41
N LYS EA 48 -44.73 25.89 52.75
CA LYS EA 48 -43.55 26.16 51.96
C LYS EA 48 -42.30 26.24 52.82
N VAL EA 49 -42.44 26.45 54.12
CA VAL EA 49 -41.32 26.55 55.05
C VAL EA 49 -41.17 25.23 55.78
N GLU EA 50 -39.93 24.79 55.89
CA GLU EA 50 -39.59 23.60 56.65
C GLU EA 50 -40.07 23.68 58.08
N GLN EA 51 -39.69 24.74 58.76
CA GLN EA 51 -39.89 24.81 60.19
C GLN EA 51 -41.37 24.94 60.54
N ASP EA 52 -42.17 25.53 59.66
CA ASP EA 52 -43.60 25.59 59.92
C ASP EA 52 -44.22 24.21 59.81
N ALA EA 53 -43.80 23.43 58.81
CA ALA EA 53 -44.22 22.03 58.73
C ALA EA 53 -43.79 21.27 59.97
N ALA EA 54 -42.60 21.57 60.47
CA ALA EA 54 -42.11 20.92 61.67
C ALA EA 54 -42.99 21.25 62.86
N ARG EA 55 -43.33 22.51 63.01
CA ARG EA 55 -44.21 22.91 64.10
C ARG EA 55 -45.55 22.22 63.99
N GLY EA 56 -46.11 22.18 62.78
CA GLY EA 56 -47.36 21.50 62.56
C GLY EA 56 -47.32 20.07 63.05
N ILE EA 57 -46.33 19.32 62.59
CA ILE EA 57 -46.29 17.92 62.97
C ILE EA 57 -46.03 17.78 64.45
N ILE EA 58 -45.15 18.59 65.02
CA ILE EA 58 -44.77 18.36 66.41
C ILE EA 58 -45.95 18.62 67.32
N HIS EA 59 -46.57 19.79 67.18
CA HIS EA 59 -47.68 20.11 68.06
C HIS EA 59 -48.82 19.12 67.86
N MET EA 60 -49.07 18.74 66.62
CA MET EA 60 -50.09 17.75 66.33
C MET EA 60 -49.83 16.45 67.06
N ILE EA 61 -48.62 15.93 66.96
CA ILE EA 61 -48.32 14.63 67.56
C ILE EA 61 -48.38 14.73 69.07
N LEU EA 62 -47.91 15.85 69.63
CA LEU EA 62 -47.97 16.02 71.07
C LEU EA 62 -49.40 15.97 71.56
N LYS EA 63 -50.31 16.56 70.79
CA LYS EA 63 -51.71 16.51 71.17
C LYS EA 63 -52.30 15.12 71.03
N LYS EA 64 -51.71 14.26 70.21
CA LYS EA 64 -52.28 12.94 69.93
C LYS EA 64 -51.76 11.85 70.86
N GLY EA 65 -51.00 12.19 71.88
CA GLY EA 65 -50.73 11.26 72.95
C GLY EA 65 -49.44 10.48 72.85
N SER EA 66 -49.26 9.64 73.88
CA SER EA 66 -48.01 8.91 74.08
C SER EA 66 -47.69 8.02 72.91
N GLU EA 67 -48.67 7.24 72.47
CA GLU EA 67 -48.40 6.28 71.40
C GLU EA 67 -48.09 6.95 70.06
N SER EA 68 -48.81 8.03 69.72
CA SER EA 68 -48.48 8.78 68.52
C SER EA 68 -47.08 9.34 68.61
N CYS EA 69 -46.69 9.80 69.80
CA CYS EA 69 -45.35 10.34 69.99
C CYS EA 69 -44.29 9.25 69.86
N ASN EA 70 -44.57 8.06 70.38
CA ASN EA 70 -43.65 6.95 70.27
C ASN EA 70 -43.43 6.58 68.81
N LEU EA 71 -44.52 6.53 68.05
CA LEU EA 71 -44.40 6.23 66.63
C LEU EA 71 -43.62 7.31 65.89
N PHE EA 72 -43.87 8.56 66.25
CA PHE EA 72 -43.12 9.68 65.68
C PHE EA 72 -41.64 9.48 65.89
N LEU EA 73 -41.25 9.16 67.11
CA LEU EA 73 -39.82 9.00 67.39
C LEU EA 73 -39.25 7.76 66.74
N LYS EA 74 -40.07 6.72 66.59
CA LYS EA 74 -39.64 5.52 65.87
C LYS EA 74 -39.22 5.88 64.46
N SER EA 75 -40.13 6.48 63.70
CA SER EA 75 -39.80 6.81 62.33
C SER EA 75 -38.76 7.91 62.24
N LEU EA 76 -38.71 8.81 63.23
CA LEU EA 76 -37.65 9.81 63.24
C LEU EA 76 -36.29 9.14 63.35
N LYS EA 77 -36.19 8.13 64.21
CA LYS EA 77 -34.95 7.39 64.31
C LYS EA 77 -34.59 6.75 63.00
N GLU EA 78 -35.59 6.16 62.33
CA GLU EA 78 -35.31 5.51 61.06
C GLU EA 78 -34.80 6.50 60.02
N TRP EA 79 -35.59 7.52 59.75
CA TRP EA 79 -35.37 8.36 58.58
C TRP EA 79 -34.30 9.43 58.81
N ASN EA 80 -34.11 9.88 60.05
CA ASN EA 80 -33.13 10.91 60.38
C ASN EA 80 -32.36 10.50 61.62
N TYR EA 81 -31.82 9.29 61.57
CA TYR EA 81 -30.95 8.70 62.58
C TYR EA 81 -29.86 9.64 63.09
N PRO EA 82 -29.18 10.43 62.24
CA PRO EA 82 -28.16 11.33 62.77
C PRO EA 82 -28.69 12.32 63.77
N LEU EA 83 -29.80 12.97 63.44
CA LEU EA 83 -30.40 13.94 64.35
C LEU EA 83 -30.81 13.27 65.64
N PHE EA 84 -31.47 12.11 65.52
CA PHE EA 84 -31.96 11.41 66.69
C PHE EA 84 -30.82 11.05 67.64
N GLN EA 85 -29.72 10.54 67.09
CA GLN EA 85 -28.59 10.21 67.93
C GLN EA 85 -27.95 11.45 68.53
N ASP EA 86 -27.94 12.56 67.79
CA ASP EA 86 -27.36 13.78 68.32
C ASP EA 86 -28.21 14.32 69.46
N LEU EA 87 -29.52 14.20 69.36
CA LEU EA 87 -30.41 14.65 70.42
C LEU EA 87 -30.23 13.81 71.66
N ASN EA 88 -30.05 12.50 71.49
CA ASN EA 88 -29.85 11.60 72.63
C ASN EA 88 -28.39 11.58 73.11
N GLY EA 89 -27.57 12.52 72.66
CA GLY EA 89 -26.19 12.55 73.09
C GLY EA 89 -25.41 11.32 72.68
N GLN EA 90 -25.81 10.66 71.60
CA GLN EA 90 -25.18 9.45 71.12
C GLN EA 90 -24.35 9.75 69.88
N SER EA 91 -23.38 8.88 69.64
CA SER EA 91 -22.52 8.99 68.48
C SER EA 91 -23.24 8.47 67.25
N LEU EA 92 -22.54 8.55 66.12
CA LEU EA 92 -23.00 7.97 64.87
C LEU EA 92 -22.42 6.57 64.72
N PHE EA 93 -23.28 5.61 64.41
CA PHE EA 93 -22.86 4.31 63.94
C PHE EA 93 -23.30 4.11 62.51
#